data_8ZJM
#
_entry.id   8ZJM
#
_cell.length_a   1.00
_cell.length_b   1.00
_cell.length_c   1.00
_cell.angle_alpha   90.00
_cell.angle_beta   90.00
_cell.angle_gamma   90.00
#
_symmetry.space_group_name_H-M   'P 1'
#
loop_
_entity.id
_entity.type
_entity.pdbx_description
1 polymer 'Engulfment and cell motility protein 1'
2 polymer 'Dedicator of cytokinesis protein 5'
3 polymer 'Ras-related C3 botulinum toxin substrate 1'
#
loop_
_entity_poly.entity_id
_entity_poly.type
_entity_poly.pdbx_seq_one_letter_code
_entity_poly.pdbx_strand_id
1 'polypeptide(L)'
;GGSGGSMPPPADIVKVAIEWPGAYPKLMEIDQKKPLSAIIKEVCDGWSLANHEYFALQHADSSNFYITEKNRNEIKNGTI
LRLTTSPAQNAQQLHERIQSSSMDAKLEALKDLASLSRDVTFAQEFINLDGISLLTQMVESGTERYQKLQKIMKPCFGDM
LSFTLTAFVELMDHGIVSWDTFSVAFIKKIASFVNKSAIDISILQRSLAILESMVLNSHDLYQKVAQEITIGQLIPHLQG
SDQEIQTYTIAVINALFLKAPDERRQEMANILAQKQLRSIILTHVIRAQRAINNEMAHQLYVLQVLTFNLLEDRMMTKMD
PQDQAQRDIIFELRRIAFDAESEPNNSSGSMEKRKSMYTRDYKKLGFINHVNPAMDFTQTPPGMLALDNMLYFAKHHQDA
YIRIVLENSSREDKHECPFGRSSIELTKMLCEILKVGELPSETCNDFHPMFFTHDRSFEEFFCICIQLLNKTWKEMRATS
EDFNKVMQVVKEQVMRALTTKPSSLDQFKSKLQNLSYTEILKIRQSERMNQEDFQSRPILELKEKIQPEILELIKQQRLN
RLVEGTCFRKLNARRRQDKFWYCRLSPNHKVLHYGDLEESPQGEVPHDSLQDKLPVADIKAVVTGKDCPHMKEKGALKQN
KEVLELAFSILYDSNCQLNFIAPDKHEYCIWTDGLNALLGKDMMSDLTRNDLDTLLSMEIKLRLLDLENIQIPDAPPPIP
KEPSNYDFVYDCN
;
A,D
2 'polypeptide(L)'
;GGSGGSMARWIPTKRQKYGVAIYNYNASQDVELSLQIGDTVHILEMYEGWYRGYTLQNKSKKGIFPETYIHLKEATVEDL
GQHETVIPGELPLVQELTSTLREWAVIWRKLYVNNKLTLFRQLQQMTYSLIEWRSQILSGTLPKDELAELKKKVTAKIDH
GNRMLGLDLVVRDDNGNILDPDETSTIALFKAHEVASKRIEEKIQEEKSILQNLDLRGQSIFSTIHTYGLYVNFKNFVCN
IGEDAELFMALYDPDQSTFISENYLIRWGSNGMPKEIEKLNNLQAVFTDLSSMDLIRPRVSLVCQIVRVGHMELKEGKKH
TCGLRRPFGVAVMDITDIIHGKVDDEEKQHFIPFQQIAMETYIRQRQLIMSPLITSHVIGENEPLTSVLNKVIAAKEVNH
KGQGLWVSLKLLPGDLTQVQKNFSHLVDRSTAIARKMGFPEIILPGDVRNDIYVTLIHGEFDKGKKKTPKNVEVTMSVHD
EEGKLLEKAIHPGAGYEGISEYKSVVYYQVKQPCWYETVKVSIAIEEVTRCHIRFTFRHRSSQETRDKSERAFGVAFVKL
MNPDGTTLQDGRHDLVVYKGDNKKMEDAKFYLTLPGTKMEMEEKELQASKNLVTFTPSKDSTKDSFQIATLICSTKLTQN
VDLLGLLNWRSNSQNIKHNLKKLMEVDGGEIVKFLQDTLDALFNIMMEMSDSETYDFLVFDALVFIISLIGDIKFQHFNP
VLETYIYKHFSATLAYVKLSKVLNFYVANADDSSKTELLFAALKALKYLFRFIIQSRVLYLRFYGQSKDGDEFNNSIRQL
FLAFNMLMDRPLEEAVKIKGAALKYLPSIINDVKLVFDPVELSVLFCKFIQSIPDNQLVRQKLNCMTKIVESTLFRQSEC
REVLLPLLTDQLSGQLDDNSNKPDHEASSQLLSNILEVLDRKDVGATAVHIQLIMERLLRRINRTVIGMNRQSPHIGSFV
ACMIALLQQMDDSHYSHYISTFKTRQDIIDFLMETFIMFKDLIGKNVYAKDWMVMNMTQNRVFLRAINQFAEVLTRFFMD
QASFELQLWNNYFHLAVAFLTHESLQLETFSQAKRNKIVKKYGDMRKEIGFRIRDMWYNLGPHKIKFIPSMVGPILEVTL
TPEVELRKATIPIFFDMMQCEFNFSGNGNFHMFENELITKLDQEVEGGRGDEQYKVLLEKLLLEHCRKHKYLSSSGEVFA
LLVSSLLENLLDYRTIIMQDESKENRMSCTVNVLNFYKEKKREDIYIRYLYKLRDLHRDCENYTEAAYTLLLHAELLQWS
DKPCVPHLLQRDSYYVYTQQELKEKLYQEIISYFDKGKMWEKAIKLSKELAETYESKVFDYEGLGNLLKKRASFYENIIK
AMRPQPEYFAVGYYGQGFPSFLRNKIFIYRGKEYERREDFSLRLLTQFPNAEKMTSTTPPGEDIKSSPKQYMQCFTVKPV
MSLPPSYKDKPVPEQILNYYRANEVQQFRYSRPFRKGEKDPDNEFATMWIERTTYTTAYTFPGILKWFEVKQISTEEISP
LENAIETMELTNERISNCVQQHAWDRSLSVHPLSMLLSGIVDPAVMGGFSNYEKAFFTEKYLQEHPEDQEKVELLKRLIA
LQMPLLTEGIRIHGEKLTEQLKPLHERLSSCFRELKEKVEKHYGVITL
;
B,E
3 'polypeptide(L)'
;GSSGSSGMQAIKCVVVGDGAVAKTCLLISYTTNAFPGEYIPTVFDNYSANVMVDGKPVNLGLWDTAGQEDYDRLRPLSYP
QTDVFLICFSLVSPASFENVRAKWYPEVRHHCPNTPIILVGTKLDLRDDKDTIEKLKEKKLTPITYPQGLAMAKEIGAVK
YLECSALTQRGLKTVFDEAIRAVL
;
C,F
#
# COMPACT_ATOMS: atom_id res chain seq x y z
N SER A 536 89.64 -16.95 28.98
CA SER A 536 88.21 -16.65 29.12
C SER A 536 87.50 -17.74 29.90
N ARG A 537 88.26 -18.71 30.39
CA ARG A 537 87.66 -19.84 31.09
C ARG A 537 86.89 -19.43 32.33
N PRO A 538 87.44 -18.64 33.26
CA PRO A 538 86.58 -18.12 34.34
C PRO A 538 85.46 -17.27 33.80
N ILE A 539 85.74 -16.48 32.77
CA ILE A 539 84.71 -15.65 32.15
C ILE A 539 83.60 -16.53 31.60
N LEU A 540 83.95 -17.62 30.93
CA LEU A 540 82.93 -18.52 30.41
C LEU A 540 82.16 -19.22 31.53
N GLU A 541 82.86 -19.58 32.61
CA GLU A 541 82.18 -20.15 33.78
C GLU A 541 81.13 -19.19 34.29
N LEU A 542 81.56 -17.96 34.59
CA LEU A 542 80.65 -16.90 35.02
C LEU A 542 79.51 -16.66 34.04
N LYS A 543 79.80 -16.73 32.74
CA LYS A 543 78.80 -16.42 31.74
C LYS A 543 77.76 -17.52 31.65
N GLU A 544 78.20 -18.73 31.32
CA GLU A 544 77.28 -19.82 31.09
C GLU A 544 76.67 -20.34 32.39
N LYS A 545 77.19 -19.90 33.54
CA LYS A 545 76.56 -20.31 34.78
C LYS A 545 75.30 -19.52 35.05
N ILE A 546 75.29 -18.22 34.74
CA ILE A 546 74.07 -17.41 34.90
C ILE A 546 73.35 -17.47 33.56
N GLN A 547 72.62 -18.55 33.36
CA GLN A 547 71.69 -18.70 32.25
C GLN A 547 70.30 -18.12 32.53
N PRO A 548 69.71 -18.39 33.70
CA PRO A 548 68.26 -18.66 33.78
C PRO A 548 67.38 -17.89 32.82
N GLU A 549 67.60 -16.58 32.74
CA GLU A 549 66.63 -15.69 32.13
C GLU A 549 66.66 -15.70 30.61
N ILE A 550 67.72 -16.21 29.99
CA ILE A 550 67.86 -16.06 28.55
C ILE A 550 66.98 -17.02 27.78
N LEU A 551 67.09 -18.32 28.07
CA LEU A 551 66.16 -19.27 27.49
C LEU A 551 64.75 -18.96 27.96
N GLU A 552 64.62 -18.44 29.18
CA GLU A 552 63.33 -17.99 29.69
C GLU A 552 62.68 -16.96 28.78
N LEU A 553 63.42 -15.91 28.45
CA LEU A 553 62.88 -14.85 27.62
C LEU A 553 62.66 -15.33 26.19
N ILE A 554 63.52 -16.21 25.69
CA ILE A 554 63.30 -16.74 24.34
C ILE A 554 61.99 -17.51 24.29
N LYS A 555 61.77 -18.38 25.28
CA LYS A 555 60.50 -19.10 25.35
C LYS A 555 59.32 -18.16 25.54
N GLN A 556 59.51 -17.11 26.33
CA GLN A 556 58.46 -16.12 26.48
C GLN A 556 58.10 -15.50 25.15
N GLN A 557 59.11 -15.15 24.36
CA GLN A 557 58.87 -14.59 23.04
C GLN A 557 58.14 -15.59 22.16
N ARG A 558 58.49 -16.87 22.26
CA ARG A 558 57.80 -17.89 21.49
C ARG A 558 56.33 -17.95 21.89
N LEU A 559 56.06 -17.86 23.20
CA LEU A 559 54.70 -17.83 23.71
C LEU A 559 53.94 -16.66 23.12
N ASN A 560 54.57 -15.49 23.10
CA ASN A 560 53.94 -14.32 22.50
C ASN A 560 53.66 -14.55 21.03
N ARG A 561 54.56 -15.25 20.35
CA ARG A 561 54.35 -15.57 18.94
C ARG A 561 53.11 -16.41 18.76
N LEU A 562 52.91 -17.41 19.62
CA LEU A 562 51.70 -18.23 19.49
C LEU A 562 50.45 -17.42 19.83
N VAL A 563 50.54 -16.56 20.86
CA VAL A 563 49.37 -15.79 21.25
C VAL A 563 48.94 -14.86 20.13
N GLU A 564 49.90 -14.13 19.54
CA GLU A 564 49.58 -13.30 18.40
C GLU A 564 49.11 -14.16 17.23
N GLY A 565 49.79 -15.28 16.98
CA GLY A 565 49.39 -16.21 15.94
C GLY A 565 49.30 -15.60 14.56
N THR A 566 48.89 -16.40 13.59
CA THR A 566 48.72 -15.94 12.22
C THR A 566 47.76 -16.90 11.52
N CYS A 567 47.62 -16.74 10.21
CA CYS A 567 46.82 -17.68 9.43
C CYS A 567 47.65 -18.92 9.19
N PHE A 568 47.23 -20.04 9.77
CA PHE A 568 47.86 -21.33 9.56
C PHE A 568 47.35 -21.94 8.26
N ARG A 569 47.90 -23.10 7.91
CA ARG A 569 47.47 -23.84 6.74
C ARG A 569 46.78 -25.13 7.16
N LYS A 570 45.68 -25.43 6.49
CA LYS A 570 44.99 -26.71 6.65
C LYS A 570 45.74 -27.78 5.85
N LEU A 571 45.11 -28.93 5.70
CA LEU A 571 45.68 -30.03 4.94
C LEU A 571 45.25 -29.91 3.48
N ASN A 572 46.23 -29.91 2.57
CA ASN A 572 45.98 -30.02 1.13
C ASN A 572 44.90 -29.04 0.67
N ALA A 573 45.10 -27.77 1.02
CA ALA A 573 44.10 -26.74 0.71
C ALA A 573 44.10 -26.52 -0.80
N ARG A 574 43.40 -27.42 -1.51
CA ARG A 574 43.38 -27.43 -2.96
C ARG A 574 42.01 -27.12 -3.54
N ARG A 575 40.99 -27.89 -3.17
CA ARG A 575 39.66 -27.74 -3.77
C ARG A 575 38.90 -26.63 -3.04
N ARG A 576 39.37 -25.41 -3.28
CA ARG A 576 38.83 -24.20 -2.64
C ARG A 576 38.79 -24.38 -1.13
N GLN A 577 39.93 -24.73 -0.56
CA GLN A 577 40.07 -24.95 0.87
C GLN A 577 40.98 -23.90 1.47
N ASP A 578 40.71 -23.52 2.71
CA ASP A 578 41.35 -22.37 3.32
C ASP A 578 42.76 -22.73 3.77
N LYS A 579 43.73 -22.46 2.92
CA LYS A 579 45.13 -22.50 3.31
C LYS A 579 45.48 -21.39 4.28
N PHE A 580 44.58 -20.45 4.50
CA PHE A 580 44.74 -19.46 5.56
C PHE A 580 43.55 -19.56 6.52
N TRP A 581 43.88 -19.65 7.80
CA TRP A 581 42.94 -19.69 8.92
C TRP A 581 43.80 -19.61 10.18
N TYR A 582 43.28 -18.95 11.21
CA TYR A 582 44.16 -18.52 12.28
C TYR A 582 44.11 -19.51 13.42
N CYS A 583 45.14 -19.45 14.28
CA CYS A 583 45.18 -20.23 15.52
C CYS A 583 45.86 -19.35 16.56
N ARG A 584 45.07 -18.61 17.33
CA ARG A 584 45.59 -17.69 18.33
C ARG A 584 45.61 -18.38 19.68
N LEU A 585 46.77 -18.38 20.33
CA LEU A 585 46.83 -18.76 21.72
C LEU A 585 46.19 -17.67 22.56
N SER A 586 45.46 -18.11 23.58
CA SER A 586 44.53 -17.21 24.27
C SER A 586 45.29 -16.04 24.89
N PRO A 587 44.63 -14.89 25.04
CA PRO A 587 45.11 -13.93 26.04
C PRO A 587 45.19 -14.57 27.41
N ASN A 588 44.22 -15.42 27.77
CA ASN A 588 44.34 -16.25 28.95
C ASN A 588 45.40 -17.32 28.81
N HIS A 589 45.92 -17.52 27.59
CA HIS A 589 46.91 -18.57 27.31
C HIS A 589 46.33 -19.95 27.63
N LYS A 590 45.01 -20.08 27.52
CA LYS A 590 44.31 -21.30 27.88
C LYS A 590 43.47 -21.87 26.73
N VAL A 591 43.14 -21.07 25.73
CA VAL A 591 42.37 -21.54 24.59
C VAL A 591 43.15 -21.20 23.34
N LEU A 592 42.97 -22.01 22.30
CA LEU A 592 43.57 -21.73 21.01
C LEU A 592 42.48 -21.31 20.04
N HIS A 593 42.65 -20.13 19.44
CA HIS A 593 41.65 -19.58 18.54
C HIS A 593 41.96 -20.11 17.14
N TYR A 594 41.73 -21.40 16.95
CA TYR A 594 41.90 -22.00 15.64
C TYR A 594 40.54 -22.33 15.06
N GLY A 595 40.31 -21.91 13.83
CA GLY A 595 39.00 -22.12 13.23
C GLY A 595 39.07 -21.97 11.74
N ASP A 596 38.17 -22.68 11.07
CA ASP A 596 38.21 -22.79 9.62
C ASP A 596 37.79 -21.44 9.03
N LEU A 597 38.67 -20.47 9.22
CA LEU A 597 38.50 -19.11 8.74
C LEU A 597 39.02 -19.00 7.31
N GLU A 598 38.70 -17.87 6.70
CA GLU A 598 38.84 -17.71 5.26
C GLU A 598 40.26 -17.32 4.89
N GLU A 599 40.46 -17.05 3.61
CA GLU A 599 41.75 -16.61 3.09
C GLU A 599 41.99 -15.17 3.52
N SER A 600 42.57 -14.98 4.70
CA SER A 600 42.80 -13.63 5.22
C SER A 600 44.27 -13.27 5.01
N PRO A 601 44.61 -12.49 3.97
CA PRO A 601 46.01 -12.11 3.78
C PRO A 601 46.57 -11.26 4.91
N GLN A 602 45.71 -10.55 5.65
CA GLN A 602 46.20 -9.80 6.80
C GLN A 602 46.74 -10.73 7.87
N GLY A 603 46.10 -11.88 8.05
CA GLY A 603 46.46 -12.77 9.12
C GLY A 603 45.29 -13.04 10.04
N GLU A 604 45.54 -12.99 11.34
CA GLU A 604 44.52 -13.37 12.30
C GLU A 604 43.36 -12.38 12.32
N VAL A 605 42.15 -12.93 12.31
CA VAL A 605 40.93 -12.17 12.62
C VAL A 605 40.53 -12.54 14.05
N PRO A 606 40.39 -11.57 14.94
CA PRO A 606 40.15 -11.86 16.36
C PRO A 606 38.68 -12.17 16.65
N HIS A 607 38.41 -13.42 16.97
CA HIS A 607 37.11 -13.84 17.48
C HIS A 607 37.28 -15.26 18.03
N ASP A 608 36.27 -15.71 18.77
CA ASP A 608 36.23 -17.11 19.20
C ASP A 608 36.10 -17.99 17.96
N SER A 609 37.20 -18.63 17.58
CA SER A 609 37.34 -19.28 16.29
C SER A 609 36.35 -20.45 16.18
N LEU A 610 36.30 -21.03 14.98
CA LEU A 610 35.43 -22.18 14.77
C LEU A 610 35.77 -23.31 15.73
N GLN A 611 37.01 -23.35 16.21
CA GLN A 611 37.38 -24.24 17.32
C GLN A 611 38.14 -23.36 18.31
N ASP A 612 37.41 -22.63 19.13
CA ASP A 612 38.03 -21.68 20.04
C ASP A 612 38.78 -22.33 21.18
N LYS A 613 38.56 -23.62 21.44
CA LYS A 613 39.10 -24.24 22.64
C LYS A 613 40.21 -25.23 22.26
N LEU A 614 41.30 -25.16 23.01
CA LEU A 614 42.33 -26.18 23.01
C LEU A 614 43.05 -26.11 24.33
N PRO A 615 42.49 -26.70 25.39
CA PRO A 615 43.16 -26.66 26.70
C PRO A 615 44.48 -27.41 26.65
N VAL A 616 45.41 -27.01 27.51
CA VAL A 616 46.73 -27.63 27.51
C VAL A 616 46.80 -28.84 28.44
N ALA A 617 45.84 -28.98 29.36
CA ALA A 617 45.88 -30.09 30.31
C ALA A 617 45.84 -31.45 29.63
N ASP A 618 45.37 -31.51 28.38
CA ASP A 618 45.26 -32.77 27.66
C ASP A 618 46.21 -32.85 26.47
N ILE A 619 46.99 -31.81 26.20
CA ILE A 619 47.88 -31.82 25.05
C ILE A 619 49.02 -32.77 25.36
N LYS A 620 48.95 -33.99 24.82
CA LYS A 620 50.02 -34.95 25.05
C LYS A 620 51.33 -34.46 24.45
N ALA A 621 51.31 -34.10 23.18
CA ALA A 621 52.48 -33.63 22.46
C ALA A 621 52.00 -33.06 21.13
N VAL A 622 52.95 -32.82 20.23
CA VAL A 622 52.66 -32.59 18.82
C VAL A 622 53.55 -33.52 18.01
N VAL A 623 52.94 -34.31 17.13
CA VAL A 623 53.73 -35.08 16.18
C VAL A 623 54.25 -34.13 15.12
N THR A 624 55.55 -34.24 14.84
CA THR A 624 56.25 -33.35 13.93
C THR A 624 56.99 -34.19 12.91
N GLY A 625 56.95 -33.76 11.65
CA GLY A 625 57.57 -34.53 10.58
C GLY A 625 56.73 -35.73 10.17
N LYS A 626 57.40 -36.83 9.81
CA LYS A 626 56.68 -38.01 9.34
C LYS A 626 55.74 -38.59 10.39
N ASP A 627 55.96 -38.28 11.67
CA ASP A 627 55.12 -38.82 12.73
C ASP A 627 53.68 -38.34 12.63
N CYS A 628 53.41 -37.30 11.87
CA CYS A 628 52.06 -36.76 11.76
C CYS A 628 51.11 -37.76 11.10
N PRO A 629 49.90 -37.95 11.62
CA PRO A 629 48.92 -38.77 10.90
C PRO A 629 48.58 -38.22 9.53
N HIS A 630 48.58 -36.88 9.37
CA HIS A 630 48.30 -36.32 8.05
C HIS A 630 49.46 -36.55 7.09
N MET A 631 50.63 -36.90 7.62
CA MET A 631 51.76 -37.31 6.78
C MET A 631 51.74 -38.80 6.46
N LYS A 632 50.92 -39.56 7.17
CA LYS A 632 50.74 -40.99 6.90
C LYS A 632 49.51 -41.26 6.04
N GLU A 633 48.79 -40.23 5.62
CA GLU A 633 47.60 -40.41 4.79
C GLU A 633 48.00 -40.85 3.39
N LYS A 634 47.34 -41.90 2.90
CA LYS A 634 47.57 -42.40 1.55
C LYS A 634 46.35 -42.21 0.66
N GLY A 635 45.27 -41.65 1.20
CA GLY A 635 44.07 -41.37 0.45
C GLY A 635 44.16 -40.06 -0.31
N ALA A 636 43.03 -39.39 -0.46
CA ALA A 636 42.99 -38.13 -1.19
C ALA A 636 43.75 -37.03 -0.46
N LEU A 637 43.89 -37.13 0.86
CA LEU A 637 44.60 -36.14 1.66
C LEU A 637 46.08 -36.45 1.82
N LYS A 638 46.66 -37.25 0.92
CA LYS A 638 48.07 -37.57 1.02
C LYS A 638 48.91 -36.32 0.90
N GLN A 639 49.52 -35.92 2.01
CA GLN A 639 50.41 -34.77 2.01
C GLN A 639 51.62 -35.08 1.12
N ASN A 640 52.03 -34.09 0.33
CA ASN A 640 53.10 -34.28 -0.63
C ASN A 640 54.46 -34.29 0.08
N LYS A 641 55.52 -34.29 -0.71
CA LYS A 641 56.88 -34.32 -0.17
C LYS A 641 57.40 -32.95 0.23
N GLU A 642 56.67 -31.88 -0.07
CA GLU A 642 57.11 -30.52 0.25
C GLU A 642 56.58 -30.02 1.59
N VAL A 643 55.92 -30.88 2.36
CA VAL A 643 55.33 -30.51 3.64
C VAL A 643 55.92 -31.32 4.79
N LEU A 644 57.00 -32.07 4.55
CA LEU A 644 57.60 -32.88 5.61
C LEU A 644 58.03 -32.01 6.78
N GLU A 645 58.69 -30.88 6.50
CA GLU A 645 58.98 -29.92 7.56
C GLU A 645 57.76 -29.10 7.95
N LEU A 646 56.73 -29.07 7.11
CA LEU A 646 55.46 -28.43 7.46
C LEU A 646 54.53 -29.39 8.19
N ALA A 647 55.09 -30.44 8.76
CA ALA A 647 54.33 -31.51 9.38
C ALA A 647 54.29 -31.29 10.88
N PHE A 648 53.11 -30.96 11.40
CA PHE A 648 52.93 -30.87 12.83
C PHE A 648 51.44 -30.98 13.14
N SER A 649 51.10 -31.92 14.02
CA SER A 649 49.73 -32.19 14.40
C SER A 649 49.69 -32.33 15.92
N ILE A 650 48.95 -31.43 16.58
CA ILE A 650 48.95 -31.40 18.03
C ILE A 650 48.23 -32.62 18.56
N LEU A 651 48.85 -33.30 19.52
CA LEU A 651 48.26 -34.49 20.12
C LEU A 651 47.37 -34.05 21.28
N TYR A 652 46.05 -34.14 21.07
CA TYR A 652 45.05 -33.87 22.08
C TYR A 652 43.91 -34.85 21.82
N ASP A 653 43.32 -35.35 22.91
CA ASP A 653 42.28 -36.37 22.88
C ASP A 653 42.80 -37.71 22.39
N SER A 654 44.09 -37.79 22.06
CA SER A 654 44.81 -38.99 21.61
C SER A 654 44.34 -39.51 20.25
N ASN A 655 43.31 -38.93 19.68
CA ASN A 655 42.77 -39.42 18.41
C ASN A 655 42.69 -38.34 17.35
N CYS A 656 42.25 -37.13 17.71
CA CYS A 656 42.10 -36.03 16.78
C CYS A 656 43.31 -35.11 16.89
N GLN A 657 44.05 -35.01 15.80
CA GLN A 657 45.29 -34.24 15.76
C GLN A 657 45.08 -33.01 14.91
N LEU A 658 45.55 -31.87 15.41
CA LEU A 658 45.45 -30.62 14.66
C LEU A 658 46.46 -30.71 13.52
N ASN A 659 46.06 -31.46 12.49
CA ASN A 659 46.91 -31.78 11.36
C ASN A 659 47.18 -30.51 10.58
N PHE A 660 48.39 -29.98 10.70
CA PHE A 660 48.69 -28.65 10.22
C PHE A 660 49.82 -28.67 9.21
N ILE A 661 49.86 -27.59 8.43
CA ILE A 661 50.90 -27.33 7.43
C ILE A 661 51.41 -25.91 7.67
N ALA A 662 52.72 -25.72 7.56
CA ALA A 662 53.35 -24.43 7.79
C ALA A 662 53.69 -23.75 6.47
N PRO A 663 53.82 -22.42 6.47
CA PRO A 663 54.27 -21.73 5.24
C PRO A 663 55.78 -21.82 5.02
N ASP A 664 56.61 -21.84 6.07
CA ASP A 664 58.01 -22.18 5.89
C ASP A 664 58.57 -22.75 7.18
N LYS A 665 59.84 -23.17 7.12
CA LYS A 665 60.45 -23.94 8.19
C LYS A 665 60.50 -23.17 9.50
N HIS A 666 60.88 -21.89 9.43
CA HIS A 666 61.23 -21.16 10.64
C HIS A 666 60.03 -20.98 11.55
N GLU A 667 58.91 -20.53 10.99
CA GLU A 667 57.70 -20.38 11.81
C GLU A 667 57.16 -21.73 12.26
N TYR A 668 57.40 -22.78 11.48
CA TYR A 668 57.06 -24.12 11.94
C TYR A 668 57.83 -24.47 13.19
N CYS A 669 59.14 -24.26 13.17
CA CYS A 669 59.97 -24.51 14.33
C CYS A 669 59.56 -23.63 15.48
N ILE A 670 59.14 -22.40 15.20
CA ILE A 670 58.70 -21.49 16.25
C ILE A 670 57.37 -21.95 16.83
N TRP A 671 56.47 -22.42 15.99
CA TRP A 671 55.20 -22.92 16.48
C TRP A 671 55.41 -24.08 17.42
N THR A 672 56.19 -25.07 16.96
CA THR A 672 56.48 -26.21 17.83
C THR A 672 57.29 -25.79 19.05
N ASP A 673 58.14 -24.76 18.91
CA ASP A 673 58.83 -24.23 20.08
C ASP A 673 57.83 -23.71 21.10
N GLY A 674 56.95 -22.81 20.68
CA GLY A 674 56.00 -22.24 21.61
C GLY A 674 55.09 -23.29 22.19
N LEU A 675 54.74 -24.30 21.40
CA LEU A 675 53.91 -25.38 21.93
C LEU A 675 54.68 -26.16 22.98
N ASN A 676 55.97 -26.40 22.75
CA ASN A 676 56.80 -27.02 23.77
C ASN A 676 56.92 -26.13 24.99
N ALA A 677 56.81 -24.81 24.78
CA ALA A 677 56.77 -23.88 25.90
C ALA A 677 55.49 -24.03 26.70
N LEU A 678 54.38 -24.26 26.00
CA LEU A 678 53.15 -24.67 26.69
C LEU A 678 53.38 -25.98 27.43
N LEU A 679 54.08 -26.91 26.80
CA LEU A 679 54.58 -28.09 27.51
C LEU A 679 55.73 -27.76 28.47
N GLY A 680 56.29 -26.56 28.37
CA GLY A 680 57.37 -26.16 29.26
C GLY A 680 58.63 -26.96 29.06
N LYS A 681 59.02 -27.21 27.81
CA LYS A 681 60.20 -28.00 27.50
C LYS A 681 61.08 -27.18 26.54
N ASP A 682 62.07 -27.85 25.96
CA ASP A 682 63.08 -27.15 25.16
C ASP A 682 62.49 -26.58 23.88
N MET A 683 63.24 -25.68 23.26
CA MET A 683 62.84 -25.04 22.03
C MET A 683 63.62 -25.67 20.88
N MET A 684 62.91 -26.13 19.86
CA MET A 684 63.51 -26.89 18.77
C MET A 684 63.47 -26.10 17.47
N SER A 685 63.80 -24.82 17.55
CA SER A 685 64.17 -24.03 16.39
C SER A 685 65.67 -23.80 16.41
N ASP A 686 66.31 -24.02 15.26
CA ASP A 686 67.72 -23.66 15.11
C ASP A 686 67.93 -22.19 15.43
N LEU A 687 67.03 -21.34 14.94
CA LEU A 687 67.10 -19.91 15.21
C LEU A 687 66.91 -19.61 16.69
N THR A 688 66.19 -20.45 17.43
CA THR A 688 66.08 -20.26 18.87
C THR A 688 67.43 -20.39 19.55
N ARG A 689 68.18 -21.44 19.22
CA ARG A 689 69.52 -21.61 19.76
C ARG A 689 70.45 -20.49 19.28
N ASN A 690 70.25 -20.02 18.04
CA ASN A 690 70.94 -18.82 17.58
C ASN A 690 70.70 -17.65 18.52
N ASP A 691 69.43 -17.37 18.82
CA ASP A 691 69.10 -16.26 19.70
C ASP A 691 69.71 -16.45 21.06
N LEU A 692 69.62 -17.65 21.63
CA LEU A 692 70.14 -17.86 22.97
C LEU A 692 71.64 -17.64 23.01
N ASP A 693 72.38 -18.22 22.07
CA ASP A 693 73.83 -18.05 22.10
C ASP A 693 74.22 -16.60 21.88
N THR A 694 73.55 -15.90 20.95
CA THR A 694 73.94 -14.53 20.67
C THR A 694 73.58 -13.61 21.84
N LEU A 695 72.45 -13.87 22.50
CA LEU A 695 72.10 -13.06 23.67
C LEU A 695 73.06 -13.32 24.82
N LEU A 696 73.47 -14.58 24.99
CA LEU A 696 74.46 -14.88 26.03
C LEU A 696 75.76 -14.17 25.75
N SER A 697 76.21 -14.21 24.50
CA SER A 697 77.47 -13.55 24.13
C SER A 697 77.38 -12.04 24.32
N MET A 698 76.29 -11.43 23.85
CA MET A 698 76.12 -9.99 24.03
C MET A 698 76.06 -9.62 25.50
N GLU A 699 75.34 -10.42 26.31
CA GLU A 699 75.18 -10.09 27.71
C GLU A 699 76.51 -10.17 28.44
N ILE A 700 77.22 -11.28 28.29
CA ILE A 700 78.53 -11.37 28.94
C ILE A 700 79.44 -10.27 28.43
N LYS A 701 79.30 -9.90 27.15
CA LYS A 701 80.02 -8.74 26.64
C LYS A 701 79.68 -7.49 27.42
N LEU A 702 78.40 -7.29 27.70
CA LEU A 702 77.93 -6.04 28.28
C LEU A 702 78.01 -6.03 29.80
N ARG A 703 78.59 -7.06 30.40
CA ARG A 703 78.90 -7.03 31.81
C ARG A 703 80.37 -6.73 32.07
N LEU A 704 81.27 -7.39 31.33
CA LEU A 704 82.71 -7.53 31.53
C LEU A 704 83.46 -6.23 31.48
N LEU A 705 82.77 -5.10 31.35
CA LEU A 705 83.45 -3.85 31.06
C LEU A 705 84.39 -3.44 32.19
N ASP A 706 83.94 -3.59 33.44
CA ASP A 706 84.67 -2.96 34.53
C ASP A 706 85.95 -3.72 34.86
N LEU A 707 85.91 -5.05 34.83
CA LEU A 707 87.13 -5.85 34.99
C LEU A 707 88.05 -5.76 33.81
N GLU A 708 87.83 -4.90 32.82
CA GLU A 708 88.88 -4.63 31.86
C GLU A 708 90.12 -4.14 32.58
N ASN A 709 91.28 -4.60 32.11
CA ASN A 709 92.57 -4.41 32.77
C ASN A 709 92.70 -5.24 34.04
N ILE A 710 91.77 -6.15 34.31
CA ILE A 710 91.86 -7.02 35.47
C ILE A 710 91.52 -8.43 35.00
N GLN A 711 91.96 -9.43 35.77
CA GLN A 711 91.70 -10.81 35.46
C GLN A 711 90.88 -11.48 36.56
N ILE A 712 90.03 -12.42 36.14
CA ILE A 712 89.29 -13.27 37.06
C ILE A 712 90.08 -14.57 37.20
N PRO A 713 90.70 -14.84 38.35
CA PRO A 713 91.35 -16.14 38.52
C PRO A 713 90.31 -17.25 38.42
N ASP A 714 90.71 -18.35 37.79
CA ASP A 714 89.79 -19.48 37.60
C ASP A 714 89.23 -19.95 38.93
N ALA A 715 90.09 -20.14 39.92
CA ALA A 715 89.62 -20.16 41.28
C ALA A 715 89.26 -18.74 41.67
N PRO A 716 88.03 -18.48 42.12
CA PRO A 716 87.63 -17.12 42.46
C PRO A 716 88.57 -16.56 43.51
N PRO A 717 88.87 -15.26 43.44
CA PRO A 717 89.83 -14.70 44.38
C PRO A 717 89.37 -14.94 45.80
N PRO A 718 90.31 -15.15 46.72
CA PRO A 718 89.93 -15.55 48.08
C PRO A 718 89.00 -14.53 48.71
N ILE A 719 87.97 -15.05 49.37
CA ILE A 719 87.04 -14.23 50.13
C ILE A 719 87.79 -13.77 51.38
N PRO A 720 87.96 -12.47 51.58
CA PRO A 720 88.72 -12.01 52.76
C PRO A 720 87.97 -12.40 54.02
N LYS A 721 88.71 -12.83 55.02
CA LYS A 721 88.07 -13.24 56.26
C LYS A 721 87.32 -12.06 56.85
N GLU A 722 86.00 -12.14 56.83
CA GLU A 722 85.21 -11.06 57.39
C GLU A 722 85.42 -11.01 58.90
N PRO A 723 85.34 -9.84 59.50
CA PRO A 723 85.34 -9.76 60.96
C PRO A 723 84.17 -10.56 61.51
N SER A 724 84.50 -11.61 62.27
CA SER A 724 83.47 -12.56 62.72
C SER A 724 82.37 -11.86 63.51
N ASN A 725 82.73 -10.85 64.29
CA ASN A 725 81.72 -10.00 64.89
C ASN A 725 80.95 -9.25 63.82
N TYR A 726 79.62 -9.26 63.95
CA TYR A 726 78.76 -8.53 63.04
C TYR A 726 78.79 -7.05 63.32
N ASP A 727 79.56 -6.63 64.33
CA ASP A 727 79.63 -5.25 64.80
C ASP A 727 79.90 -4.27 63.67
N PHE A 728 78.96 -3.35 63.46
CA PHE A 728 79.15 -2.25 62.52
C PHE A 728 79.39 -1.02 63.35
N VAL A 729 80.64 -0.53 63.37
CA VAL A 729 80.95 0.68 64.13
C VAL A 729 80.12 1.85 63.62
N TYR A 730 80.02 1.99 62.30
CA TYR A 730 79.07 2.93 61.73
C TYR A 730 77.78 2.19 61.41
N ASP A 731 76.67 2.90 61.54
CA ASP A 731 75.35 2.28 61.45
C ASP A 731 75.11 1.68 60.07
N CYS A 732 74.11 0.79 60.00
CA CYS A 732 73.78 0.13 58.76
C CYS A 732 73.27 1.13 57.73
N ASN A 733 73.62 0.86 56.47
CA ASN A 733 73.20 1.66 55.32
C ASN A 733 73.77 3.08 55.35
N MET B 7 82.81 -6.24 60.89
CA MET B 7 82.75 -5.42 59.69
C MET B 7 82.66 -3.95 60.12
N ALA B 8 83.71 -3.48 60.77
CA ALA B 8 83.67 -2.21 61.48
C ALA B 8 84.03 -1.06 60.53
N ARG B 9 84.23 0.12 61.11
CA ARG B 9 84.91 1.25 60.46
C ARG B 9 84.28 1.55 59.10
N TRP B 10 83.11 2.15 59.15
CA TRP B 10 82.46 2.60 57.93
C TRP B 10 82.39 4.12 57.93
N ILE B 11 82.71 4.72 56.79
CA ILE B 11 82.91 6.17 56.74
C ILE B 11 82.30 6.75 55.47
N PRO B 12 81.54 7.84 55.56
CA PRO B 12 80.99 8.48 54.35
C PRO B 12 82.09 9.24 53.61
N THR B 13 82.35 8.82 52.37
CA THR B 13 83.43 9.38 51.57
C THR B 13 83.04 9.25 50.10
N LYS B 14 83.68 10.04 49.25
CA LYS B 14 83.39 10.07 47.82
C LYS B 14 84.63 9.81 46.96
N ARG B 15 85.64 9.16 47.53
CA ARG B 15 86.87 8.79 46.81
C ARG B 15 86.85 7.35 46.33
N GLN B 16 85.68 6.83 46.01
CA GLN B 16 85.49 5.40 45.80
C GLN B 16 84.52 5.09 44.66
N LYS B 17 84.04 6.11 43.94
CA LYS B 17 82.84 5.98 43.13
C LYS B 17 82.91 4.76 42.22
N TYR B 18 84.04 4.57 41.55
CA TYR B 18 84.26 3.38 40.74
C TYR B 18 84.48 2.17 41.66
N GLY B 19 83.38 1.72 42.24
CA GLY B 19 83.38 0.40 42.84
C GLY B 19 83.60 -0.61 41.76
N VAL B 20 84.57 -1.50 41.92
CA VAL B 20 84.94 -2.46 40.89
C VAL B 20 84.92 -3.86 41.51
N ALA B 21 84.30 -4.80 40.80
CA ALA B 21 84.15 -6.16 41.29
C ALA B 21 85.39 -6.99 40.94
N ILE B 22 85.26 -8.31 41.07
CA ILE B 22 86.19 -9.22 40.41
C ILE B 22 85.41 -10.22 39.55
N TYR B 23 84.38 -10.83 40.12
CA TYR B 23 83.65 -11.90 39.45
C TYR B 23 82.19 -11.84 39.89
N ASN B 24 81.42 -12.87 39.55
CA ASN B 24 80.07 -12.93 40.10
C ASN B 24 80.21 -13.10 41.60
N TYR B 25 80.08 -11.98 42.30
CA TYR B 25 80.55 -11.87 43.66
C TYR B 25 79.88 -12.89 44.56
N ASN B 26 80.56 -13.21 45.65
CA ASN B 26 79.96 -14.02 46.70
C ASN B 26 78.72 -13.34 47.26
N ALA B 27 77.95 -14.05 48.05
CA ALA B 27 76.82 -13.47 48.77
C ALA B 27 77.22 -13.11 50.19
N SER B 28 78.44 -12.59 50.35
CA SER B 28 79.03 -12.44 51.67
C SER B 28 78.19 -11.58 52.60
N GLN B 29 77.32 -10.73 52.05
CA GLN B 29 76.46 -9.90 52.87
C GLN B 29 75.04 -9.92 52.33
N ASP B 30 74.11 -9.59 53.22
CA ASP B 30 72.68 -9.55 52.93
C ASP B 30 72.36 -8.63 51.75
N VAL B 31 73.13 -7.57 51.56
CA VAL B 31 72.95 -6.65 50.45
C VAL B 31 73.92 -6.91 49.31
N GLU B 32 74.42 -8.14 49.19
CA GLU B 32 75.35 -8.52 48.13
C GLU B 32 74.90 -9.79 47.44
N LEU B 33 75.36 -9.94 46.20
CA LEU B 33 74.93 -11.01 45.33
C LEU B 33 76.11 -11.46 44.48
N SER B 34 75.81 -12.21 43.41
CA SER B 34 76.77 -12.48 42.34
C SER B 34 76.86 -11.18 41.54
N LEU B 35 77.52 -10.19 42.14
CA LEU B 35 77.38 -8.81 41.72
C LEU B 35 77.82 -8.63 40.26
N GLN B 36 77.10 -7.74 39.57
CA GLN B 36 77.35 -7.51 38.16
C GLN B 36 78.73 -6.89 37.97
N ILE B 37 79.41 -7.32 36.91
CA ILE B 37 80.80 -6.94 36.72
C ILE B 37 80.93 -5.42 36.61
N GLY B 38 80.07 -4.80 35.80
CA GLY B 38 80.10 -3.37 35.67
C GLY B 38 79.26 -2.67 36.72
N ASP B 39 79.40 -3.07 37.98
CA ASP B 39 78.77 -2.35 39.09
C ASP B 39 79.74 -1.35 39.69
N THR B 40 79.83 -0.20 39.03
CA THR B 40 80.43 0.97 39.64
C THR B 40 79.52 1.38 40.79
N VAL B 41 79.93 1.08 42.02
CA VAL B 41 79.06 1.24 43.17
C VAL B 41 79.47 2.51 43.91
N HIS B 42 78.50 3.40 44.12
CA HIS B 42 78.75 4.60 44.90
C HIS B 42 78.72 4.22 46.37
N ILE B 43 79.90 4.07 46.94
CA ILE B 43 80.04 3.49 48.28
C ILE B 43 79.84 4.60 49.31
N LEU B 44 78.82 4.45 50.15
CA LEU B 44 78.51 5.43 51.18
C LEU B 44 79.31 5.22 52.46
N GLU B 45 79.95 4.07 52.62
CA GLU B 45 80.65 3.72 53.85
C GLU B 45 82.04 3.20 53.50
N MET B 46 83.04 3.71 54.20
CA MET B 46 84.45 3.38 53.93
C MET B 46 84.95 2.43 55.00
N TYR B 47 85.19 1.18 54.63
CA TYR B 47 85.95 0.26 55.46
C TYR B 47 87.20 -0.18 54.71
N GLU B 48 88.22 -0.57 55.48
CA GLU B 48 89.48 -0.97 54.88
C GLU B 48 89.29 -2.10 53.89
N GLY B 49 88.91 -3.27 54.40
CA GLY B 49 88.78 -4.46 53.58
C GLY B 49 87.45 -4.62 52.88
N TRP B 50 86.50 -3.70 53.08
CA TRP B 50 85.17 -3.89 52.53
C TRP B 50 84.57 -2.54 52.20
N TYR B 51 83.54 -2.56 51.36
CA TYR B 51 82.92 -1.32 50.89
C TYR B 51 81.44 -1.57 50.62
N ARG B 52 80.59 -0.72 51.19
CA ARG B 52 79.14 -0.84 51.07
C ARG B 52 78.51 0.49 50.68
N GLY B 53 77.75 0.50 49.60
CA GLY B 53 77.14 1.74 49.14
C GLY B 53 76.31 1.54 47.89
N TYR B 54 75.81 2.66 47.37
CA TYR B 54 74.87 2.65 46.26
C TYR B 54 75.49 1.97 45.04
N THR B 55 74.92 0.84 44.64
CA THR B 55 75.45 0.10 43.51
C THR B 55 75.10 0.80 42.20
N LEU B 56 75.71 0.31 41.12
CA LEU B 56 75.37 0.84 39.80
C LEU B 56 73.96 0.41 39.40
N GLN B 57 73.64 -0.88 39.59
CA GLN B 57 72.28 -1.33 39.35
C GLN B 57 71.30 -0.64 40.29
N ASN B 58 71.65 -0.52 41.57
CA ASN B 58 70.80 0.11 42.55
C ASN B 58 71.57 1.25 43.21
N LYS B 59 71.30 2.47 42.77
CA LYS B 59 71.86 3.66 43.37
C LYS B 59 71.11 4.05 44.65
N SER B 60 70.26 3.15 45.17
CA SER B 60 69.54 3.41 46.40
C SER B 60 69.79 2.36 47.47
N LYS B 61 70.71 1.43 47.27
CA LYS B 61 70.94 0.33 48.20
C LYS B 61 72.43 0.06 48.34
N LYS B 62 72.87 -0.21 49.56
CA LYS B 62 74.27 -0.51 49.81
C LYS B 62 74.58 -1.95 49.43
N GLY B 63 75.88 -2.25 49.34
CA GLY B 63 76.34 -3.63 49.32
C GLY B 63 77.76 -3.77 49.83
N ILE B 64 77.98 -4.56 50.87
CA ILE B 64 79.31 -4.64 51.49
C ILE B 64 80.20 -5.49 50.59
N PHE B 65 81.12 -4.83 49.90
CA PHE B 65 81.95 -5.51 48.91
C PHE B 65 83.39 -5.52 49.41
N PRO B 66 84.06 -6.67 49.36
CA PRO B 66 85.43 -6.74 49.87
C PRO B 66 86.36 -5.84 49.08
N GLU B 67 87.30 -5.20 49.79
CA GLU B 67 88.32 -4.44 49.11
C GLU B 67 89.23 -5.33 48.29
N THR B 68 89.43 -6.58 48.74
CA THR B 68 90.14 -7.53 47.89
C THR B 68 89.40 -7.73 46.58
N TYR B 69 88.10 -7.48 46.58
CA TYR B 69 87.34 -7.48 45.33
C TYR B 69 87.11 -6.07 44.81
N ILE B 70 87.00 -5.09 45.70
CA ILE B 70 86.93 -3.69 45.28
C ILE B 70 88.25 -3.28 44.64
N HIS B 71 88.24 -3.07 43.33
CA HIS B 71 89.34 -2.41 42.64
C HIS B 71 89.00 -0.91 42.67
N LEU B 72 89.11 -0.35 43.88
CA LEU B 72 88.66 1.01 44.11
C LEU B 72 89.38 2.00 43.21
N LYS B 73 88.63 2.93 42.66
CA LYS B 73 89.20 4.03 41.90
C LYS B 73 88.69 5.32 42.52
N GLU B 74 89.61 6.24 42.80
CA GLU B 74 89.23 7.53 43.37
C GLU B 74 88.43 8.37 42.39
N ALA B 75 88.36 7.95 41.12
CA ALA B 75 87.71 8.75 40.10
C ALA B 75 86.24 8.98 40.44
N THR B 76 85.83 10.24 40.30
CA THR B 76 84.42 10.62 40.37
C THR B 76 83.89 10.62 38.93
N VAL B 77 82.71 11.21 38.70
CA VAL B 77 82.13 11.21 37.36
C VAL B 77 83.04 11.92 36.37
N GLU B 78 83.59 13.07 36.77
CA GLU B 78 84.50 13.82 35.91
C GLU B 78 85.93 13.40 36.21
N ASP B 79 86.67 13.02 35.15
CA ASP B 79 88.03 12.54 35.29
C ASP B 79 89.06 13.66 35.26
N LEU B 80 88.63 14.92 35.41
CA LEU B 80 89.55 16.04 35.45
C LEU B 80 89.66 16.70 36.82
N GLY B 81 88.72 16.42 37.73
CA GLY B 81 88.82 16.97 39.07
C GLY B 81 90.07 16.50 39.80
N GLN B 82 90.35 15.20 39.73
CA GLN B 82 91.61 14.64 40.16
C GLN B 82 92.51 14.29 38.97
N HIS B 83 92.20 14.84 37.80
CA HIS B 83 92.93 14.57 36.55
C HIS B 83 93.02 13.07 36.28
N GLU B 84 91.92 12.37 36.52
CA GLU B 84 91.83 10.97 36.12
C GLU B 84 91.78 10.81 34.61
N THR B 85 91.62 11.90 33.87
CA THR B 85 91.72 11.83 32.42
C THR B 85 93.08 11.30 32.02
N VAL B 86 93.08 10.30 31.14
CA VAL B 86 94.32 9.91 30.47
C VAL B 86 94.81 11.04 29.57
N ILE B 87 93.94 12.00 29.26
CA ILE B 87 94.28 13.18 28.48
C ILE B 87 93.16 14.19 28.71
N PRO B 88 93.49 15.44 29.04
CA PRO B 88 92.46 16.38 29.50
C PRO B 88 91.39 16.63 28.45
N GLY B 89 90.16 16.83 28.92
CA GLY B 89 89.04 17.17 28.06
C GLY B 89 88.47 16.02 27.26
N GLU B 90 88.75 14.78 27.63
CA GLU B 90 88.25 13.63 26.89
C GLU B 90 87.37 12.72 27.74
N LEU B 91 87.88 12.22 28.87
CA LEU B 91 87.25 11.12 29.61
C LEU B 91 85.80 11.36 30.02
N PRO B 92 85.31 12.59 30.09
CA PRO B 92 83.85 12.76 29.98
C PRO B 92 83.26 11.94 28.84
N LEU B 93 84.01 11.74 27.76
CA LEU B 93 83.54 10.88 26.68
C LEU B 93 83.33 9.45 27.16
N VAL B 94 84.24 8.92 27.98
CA VAL B 94 84.09 7.51 28.35
C VAL B 94 82.86 7.34 29.24
N GLN B 95 82.62 8.28 30.17
CA GLN B 95 81.45 8.16 31.03
C GLN B 95 80.16 8.35 30.25
N GLU B 96 80.14 9.30 29.31
CA GLU B 96 78.93 9.47 28.53
C GLU B 96 78.68 8.24 27.69
N LEU B 97 79.73 7.63 27.14
CA LEU B 97 79.53 6.44 26.33
C LEU B 97 79.02 5.29 27.18
N THR B 98 79.50 5.19 28.42
CA THR B 98 78.99 4.15 29.31
C THR B 98 77.50 4.33 29.55
N SER B 99 77.09 5.54 29.96
CA SER B 99 75.65 5.78 30.13
C SER B 99 74.90 5.62 28.81
N THR B 100 75.57 5.92 27.71
CA THR B 100 74.99 5.74 26.40
C THR B 100 74.62 4.28 26.19
N LEU B 101 75.57 3.39 26.44
CA LEU B 101 75.29 1.98 26.27
C LEU B 101 74.29 1.49 27.31
N ARG B 102 74.27 2.15 28.48
CA ARG B 102 73.21 1.89 29.43
C ARG B 102 71.85 2.03 28.77
N GLU B 103 71.64 3.13 28.06
CA GLU B 103 70.35 3.29 27.39
C GLU B 103 70.27 2.44 26.12
N TRP B 104 71.41 2.16 25.50
CA TRP B 104 71.41 1.19 24.40
C TRP B 104 70.84 -0.13 24.87
N ALA B 105 71.02 -0.47 26.14
CA ALA B 105 70.49 -1.72 26.65
C ALA B 105 68.98 -1.78 26.42
N VAL B 106 68.28 -0.75 26.89
CA VAL B 106 66.84 -0.71 26.68
C VAL B 106 66.52 -0.68 25.19
N ILE B 107 67.30 0.07 24.42
CA ILE B 107 66.96 0.19 23.01
C ILE B 107 66.95 -1.19 22.36
N TRP B 108 68.04 -1.95 22.52
CA TRP B 108 68.08 -3.19 21.74
C TRP B 108 67.15 -4.22 22.34
N ARG B 109 67.08 -4.28 23.68
CA ARG B 109 66.19 -5.25 24.31
C ARG B 109 64.77 -5.03 23.83
N LYS B 110 64.42 -3.80 23.48
CA LYS B 110 63.16 -3.61 22.78
C LYS B 110 63.26 -3.99 21.32
N LEU B 111 64.41 -3.77 20.69
CA LEU B 111 64.52 -3.96 19.24
C LEU B 111 64.29 -5.40 18.81
N TYR B 112 64.39 -6.35 19.72
CA TYR B 112 63.99 -7.72 19.40
C TYR B 112 62.50 -7.94 19.58
N VAL B 113 61.87 -7.21 20.50
CA VAL B 113 60.44 -7.36 20.71
C VAL B 113 59.69 -7.02 19.43
N ASN B 114 60.07 -5.92 18.79
CA ASN B 114 59.56 -5.56 17.49
C ASN B 114 60.49 -6.13 16.43
N ASN B 115 59.92 -6.81 15.44
CA ASN B 115 60.73 -7.41 14.38
C ASN B 115 61.22 -6.31 13.46
N LYS B 116 62.24 -5.59 13.94
CA LYS B 116 62.87 -4.51 13.21
C LYS B 116 64.35 -4.82 13.02
N LEU B 117 64.64 -6.07 12.67
CA LEU B 117 65.97 -6.62 12.85
C LEU B 117 67.04 -5.90 12.04
N THR B 118 66.67 -5.21 10.94
CA THR B 118 67.67 -4.49 10.16
C THR B 118 68.29 -3.36 10.97
N LEU B 119 67.45 -2.50 11.54
CA LEU B 119 67.94 -1.41 12.35
C LEU B 119 68.61 -1.94 13.60
N PHE B 120 68.11 -3.05 14.12
CA PHE B 120 68.71 -3.64 15.31
C PHE B 120 70.11 -4.19 15.02
N ARG B 121 70.32 -4.75 13.83
CA ARG B 121 71.64 -5.27 13.50
C ARG B 121 72.62 -4.15 13.16
N GLN B 122 72.16 -3.12 12.45
CA GLN B 122 73.06 -1.98 12.25
C GLN B 122 73.36 -1.30 13.58
N LEU B 123 72.41 -1.38 14.53
CA LEU B 123 72.66 -0.96 15.90
C LEU B 123 73.76 -1.80 16.53
N GLN B 124 73.72 -3.12 16.32
CA GLN B 124 74.76 -3.97 16.89
C GLN B 124 76.12 -3.63 16.31
N GLN B 125 76.19 -3.38 15.01
CA GLN B 125 77.50 -3.16 14.39
C GLN B 125 78.06 -1.78 14.74
N MET B 126 77.21 -0.76 14.78
CA MET B 126 77.60 0.47 15.47
C MET B 126 78.00 0.23 16.91
N THR B 127 77.36 -0.73 17.59
CA THR B 127 77.70 -1.00 18.98
C THR B 127 79.10 -1.59 19.10
N TYR B 128 79.44 -2.50 18.19
CA TYR B 128 80.78 -3.06 18.19
C TYR B 128 81.80 -1.99 17.84
N SER B 129 81.48 -1.13 16.87
CA SER B 129 82.38 -0.03 16.52
C SER B 129 82.59 0.89 17.71
N LEU B 130 81.53 1.18 18.46
CA LEU B 130 81.69 2.11 19.58
C LEU B 130 82.41 1.44 20.74
N ILE B 131 82.19 0.16 20.98
CA ILE B 131 82.91 -0.46 22.10
C ILE B 131 84.40 -0.55 21.77
N GLU B 132 84.74 -0.80 20.50
CA GLU B 132 86.17 -0.81 20.16
C GLU B 132 86.78 0.58 20.20
N TRP B 133 86.06 1.60 19.72
CA TRP B 133 86.55 2.96 19.83
C TRP B 133 86.69 3.36 21.30
N ARG B 134 85.72 2.96 22.11
CA ARG B 134 85.78 3.15 23.56
C ARG B 134 87.02 2.49 24.14
N SER B 135 87.33 1.28 23.68
CA SER B 135 88.50 0.58 24.18
C SER B 135 89.79 1.29 23.78
N GLN B 136 89.90 1.73 22.53
CA GLN B 136 91.14 2.38 22.14
C GLN B 136 91.31 3.70 22.88
N ILE B 137 90.20 4.37 23.20
CA ILE B 137 90.25 5.65 23.89
C ILE B 137 90.06 5.48 25.39
N LEU B 138 90.15 4.25 25.89
CA LEU B 138 90.46 4.05 27.30
C LEU B 138 91.73 4.79 27.66
N SER B 139 92.67 4.83 26.73
CA SER B 139 93.90 5.60 26.82
C SER B 139 93.86 6.78 25.86
N GLY B 140 94.88 7.63 25.95
CA GLY B 140 94.98 8.78 25.09
C GLY B 140 95.96 8.57 23.95
N THR B 141 96.12 7.30 23.55
CA THR B 141 97.15 6.94 22.58
C THR B 141 96.95 7.66 21.25
N LEU B 142 95.72 7.71 20.77
CA LEU B 142 95.45 8.35 19.49
C LEU B 142 95.76 9.84 19.60
N PRO B 143 96.11 10.49 18.48
CA PRO B 143 96.34 11.93 18.51
C PRO B 143 95.08 12.68 18.87
N LYS B 144 95.27 13.87 19.46
CA LYS B 144 94.11 14.70 19.80
C LYS B 144 93.27 15.01 18.58
N ASP B 145 93.86 14.98 17.39
CA ASP B 145 93.06 15.01 16.16
C ASP B 145 92.09 13.85 16.15
N GLU B 146 92.58 12.64 16.40
CA GLU B 146 91.70 11.48 16.50
C GLU B 146 90.78 11.61 17.69
N LEU B 147 91.24 12.24 18.78
CA LEU B 147 90.37 12.42 19.94
C LEU B 147 89.15 13.26 19.60
N ALA B 148 89.37 14.42 18.98
CA ALA B 148 88.25 15.27 18.59
C ALA B 148 87.43 14.60 17.49
N GLU B 149 88.09 13.92 16.56
CA GLU B 149 87.36 13.24 15.50
C GLU B 149 86.43 12.19 16.07
N LEU B 150 86.91 11.40 17.02
CA LEU B 150 86.09 10.35 17.61
C LEU B 150 85.07 10.93 18.57
N LYS B 151 85.37 12.06 19.22
CA LYS B 151 84.35 12.81 19.92
C LYS B 151 83.21 13.14 18.97
N LYS B 152 83.54 13.68 17.80
CA LYS B 152 82.54 14.01 16.81
C LYS B 152 81.76 12.78 16.38
N LYS B 153 82.47 11.69 16.09
CA LYS B 153 81.78 10.50 15.60
C LYS B 153 80.91 9.88 16.69
N VAL B 154 81.39 9.87 17.93
CA VAL B 154 80.58 9.29 19.00
C VAL B 154 79.33 10.11 19.20
N THR B 155 79.45 11.44 19.22
CA THR B 155 78.26 12.28 19.30
C THR B 155 77.35 12.00 18.12
N ALA B 156 77.95 11.82 16.93
CA ALA B 156 77.17 11.60 15.72
C ALA B 156 76.33 10.33 15.85
N LYS B 157 76.97 9.22 16.20
CA LYS B 157 76.25 7.96 16.30
C LYS B 157 75.25 7.99 17.46
N ILE B 158 75.59 8.66 18.55
CA ILE B 158 74.70 8.72 19.71
C ILE B 158 73.42 9.44 19.33
N ASP B 159 73.56 10.69 18.89
CA ASP B 159 72.37 11.44 18.50
C ASP B 159 71.74 10.84 17.26
N HIS B 160 72.47 10.00 16.53
CA HIS B 160 71.87 9.27 15.42
C HIS B 160 70.89 8.23 15.93
N GLY B 161 71.29 7.49 16.96
CA GLY B 161 70.35 6.63 17.65
C GLY B 161 69.18 7.39 18.22
N ASN B 162 69.46 8.55 18.82
CA ASN B 162 68.39 9.39 19.37
C ASN B 162 67.42 9.79 18.27
N ARG B 163 67.96 10.25 17.13
CA ARG B 163 67.14 10.62 15.99
C ARG B 163 66.30 9.46 15.52
N MET B 164 66.91 8.28 15.40
CA MET B 164 66.15 7.11 15.04
C MET B 164 65.10 6.78 16.08
N LEU B 165 65.28 7.24 17.32
CA LEU B 165 64.38 6.86 18.41
C LEU B 165 63.74 8.05 19.11
N GLY B 166 63.85 9.25 18.54
CA GLY B 166 63.16 10.38 19.13
C GLY B 166 63.60 10.64 20.55
N LEU B 167 64.91 10.66 20.76
CA LEU B 167 65.44 10.85 22.09
C LEU B 167 66.01 12.26 22.23
N ASP B 168 66.60 12.52 23.38
CA ASP B 168 67.12 13.84 23.70
C ASP B 168 68.16 14.28 22.68
N LEU B 169 68.48 15.56 22.73
CA LEU B 169 69.51 16.14 21.86
C LEU B 169 70.61 16.71 22.73
N VAL B 170 71.83 16.23 22.51
CA VAL B 170 73.00 16.69 23.25
C VAL B 170 73.84 17.57 22.34
N VAL B 171 74.19 18.75 22.83
CA VAL B 171 74.89 19.76 22.05
C VAL B 171 76.18 20.10 22.76
N ARG B 172 76.91 21.08 22.23
CA ARG B 172 78.35 21.24 22.46
C ARG B 172 79.11 20.07 21.83
N ASP B 173 79.03 20.03 20.50
CA ASP B 173 79.54 18.94 19.67
C ASP B 173 80.88 18.37 20.16
N ASP B 174 81.78 19.23 20.62
CA ASP B 174 83.07 18.80 21.12
C ASP B 174 83.13 18.94 22.64
N ASN B 175 84.28 18.56 23.19
CA ASN B 175 84.59 18.66 24.62
C ASN B 175 83.38 18.33 25.49
N GLY B 176 82.92 17.09 25.37
CA GLY B 176 82.00 16.52 26.32
C GLY B 176 80.55 16.89 26.13
N ASN B 177 80.22 17.69 25.12
CA ASN B 177 78.82 18.00 24.80
C ASN B 177 78.08 18.61 25.98
N ILE B 178 78.77 19.42 26.77
CA ILE B 178 78.19 20.00 27.97
C ILE B 178 78.21 21.52 27.95
N LEU B 179 79.27 22.11 27.38
CA LEU B 179 79.52 23.53 27.56
C LEU B 179 78.34 24.38 27.09
N ASP B 180 77.86 24.14 25.88
CA ASP B 180 76.63 24.81 25.46
C ASP B 180 75.44 24.36 26.29
N PRO B 181 75.22 23.07 26.55
CA PRO B 181 74.11 22.71 27.43
C PRO B 181 74.40 23.04 28.88
N ASP B 182 75.43 23.86 29.11
CA ASP B 182 75.71 24.42 30.42
C ASP B 182 75.08 25.79 30.59
N GLU B 183 73.94 26.03 29.96
CA GLU B 183 73.14 27.25 30.11
C GLU B 183 74.03 28.49 30.14
N THR B 184 74.92 28.57 29.15
CA THR B 184 75.82 29.72 29.07
C THR B 184 75.10 30.97 28.58
N SER B 185 74.25 30.83 27.59
CA SER B 185 73.55 31.97 26.98
C SER B 185 72.18 31.50 26.50
N THR B 186 71.55 32.27 25.62
CA THR B 186 70.33 31.84 24.96
C THR B 186 70.52 31.71 23.46
N ILE B 187 70.94 32.78 22.80
CA ILE B 187 71.01 32.77 21.35
C ILE B 187 72.14 31.88 20.89
N ALA B 188 73.29 31.92 21.57
CA ALA B 188 74.32 30.96 21.23
C ALA B 188 73.77 29.56 21.41
N LEU B 189 73.06 29.33 22.51
CA LEU B 189 72.34 28.09 22.70
C LEU B 189 71.27 27.91 21.64
N PHE B 190 70.57 28.99 21.27
CA PHE B 190 69.53 28.85 20.26
C PHE B 190 70.10 28.31 18.96
N LYS B 191 71.12 28.97 18.43
CA LYS B 191 71.70 28.55 17.17
C LYS B 191 72.50 27.27 17.33
N ALA B 192 72.90 26.95 18.56
CA ALA B 192 73.53 25.65 18.78
C ALA B 192 72.51 24.54 18.64
N HIS B 193 71.31 24.72 19.18
CA HIS B 193 70.25 23.74 18.95
C HIS B 193 69.80 23.77 17.50
N GLU B 194 69.94 24.92 16.86
CA GLU B 194 69.77 24.98 15.43
C GLU B 194 70.82 24.14 14.72
N VAL B 195 72.06 24.19 15.21
CA VAL B 195 73.11 23.30 14.73
C VAL B 195 72.70 21.86 14.93
N ALA B 196 72.10 21.58 16.07
CA ALA B 196 71.65 20.22 16.36
C ALA B 196 70.63 19.77 15.32
N SER B 197 69.64 20.61 15.03
CA SER B 197 68.67 20.24 14.01
C SER B 197 69.30 20.20 12.63
N LYS B 198 70.33 21.00 12.39
CA LYS B 198 71.02 20.94 11.12
C LYS B 198 71.73 19.61 10.95
N ARG B 199 72.36 19.13 12.00
CA ARG B 199 72.95 17.81 11.94
C ARG B 199 71.88 16.74 11.90
N ILE B 200 70.73 17.02 12.51
CA ILE B 200 69.58 16.13 12.42
C ILE B 200 69.22 15.91 10.95
N GLU B 201 69.07 17.00 10.23
CA GLU B 201 68.72 16.89 8.82
C GLU B 201 69.87 16.30 8.01
N GLU B 202 71.11 16.69 8.32
CA GLU B 202 72.26 16.10 7.65
C GLU B 202 72.20 14.58 7.72
N LYS B 203 72.13 14.03 8.92
CA LYS B 203 72.09 12.58 9.04
C LYS B 203 70.81 12.02 8.47
N ILE B 204 69.65 12.45 8.98
CA ILE B 204 68.39 11.85 8.56
C ILE B 204 68.18 11.90 7.06
N GLN B 205 68.92 12.76 6.36
CA GLN B 205 68.91 12.76 4.91
C GLN B 205 70.09 11.99 4.33
N GLU B 206 71.13 11.77 5.11
CA GLU B 206 72.37 11.19 4.61
C GLU B 206 72.53 9.71 4.93
N GLU B 207 71.65 9.13 5.74
CA GLU B 207 71.70 7.67 5.89
C GLU B 207 71.50 7.02 4.54
N LYS B 208 70.47 7.47 3.81
CA LYS B 208 70.20 6.99 2.46
C LYS B 208 71.21 7.50 1.45
N SER B 209 72.09 8.42 1.84
CA SER B 209 73.08 8.99 0.93
C SER B 209 74.45 8.33 1.06
N ILE B 210 74.77 7.81 2.22
CA ILE B 210 76.05 7.17 2.49
C ILE B 210 75.91 5.68 2.76
N LEU B 211 74.97 5.31 3.64
CA LEU B 211 74.71 3.89 3.86
C LEU B 211 74.13 3.24 2.62
N GLN B 212 73.47 4.02 1.76
CA GLN B 212 72.89 3.52 0.53
C GLN B 212 73.66 3.96 -0.72
N ASN B 213 73.87 5.27 -0.90
CA ASN B 213 74.55 5.78 -2.09
C ASN B 213 76.05 5.88 -1.85
N LEU B 214 76.80 5.90 -2.97
CA LEU B 214 78.25 5.87 -2.92
C LEU B 214 78.94 7.03 -3.61
N ASP B 215 78.25 7.78 -4.47
CA ASP B 215 78.87 8.90 -5.17
C ASP B 215 78.64 10.24 -4.50
N LEU B 216 77.47 10.46 -3.89
CA LEU B 216 77.21 11.74 -3.25
C LEU B 216 78.12 11.92 -2.04
N ARG B 217 78.43 10.83 -1.32
CA ARG B 217 79.37 10.92 -0.22
C ARG B 217 80.75 11.35 -0.70
N GLY B 218 81.21 10.77 -1.81
CA GLY B 218 82.48 11.17 -2.38
C GLY B 218 82.47 12.62 -2.82
N GLN B 219 81.36 13.07 -3.41
CA GLN B 219 81.24 14.47 -3.83
C GLN B 219 81.28 15.41 -2.63
N SER B 220 80.59 15.05 -1.55
CA SER B 220 80.60 15.89 -0.35
C SER B 220 82.00 15.97 0.24
N ILE B 221 82.71 14.84 0.28
CA ILE B 221 84.10 14.86 0.77
C ILE B 221 84.98 15.71 -0.14
N PHE B 222 84.82 15.56 -1.46
CA PHE B 222 85.69 16.23 -2.40
C PHE B 222 85.41 17.72 -2.51
N SER B 223 84.22 18.15 -2.06
CA SER B 223 83.96 19.58 -1.94
C SER B 223 84.80 20.22 -0.83
N THR B 224 85.41 19.41 0.04
CA THR B 224 86.25 19.92 1.12
C THR B 224 87.73 19.78 0.83
N ILE B 225 88.11 18.97 -0.15
CA ILE B 225 89.51 18.68 -0.45
C ILE B 225 89.76 18.99 -1.92
N HIS B 226 90.91 19.63 -2.20
CA HIS B 226 91.19 20.11 -3.54
C HIS B 226 92.37 19.44 -4.22
N THR B 227 93.44 19.15 -3.50
CA THR B 227 94.57 18.43 -4.07
C THR B 227 94.37 16.94 -3.89
N TYR B 228 94.73 16.15 -4.90
CA TYR B 228 94.52 14.71 -4.87
C TYR B 228 95.73 14.00 -5.45
N GLY B 229 95.87 12.73 -5.09
CA GLY B 229 96.91 11.88 -5.64
C GLY B 229 96.38 10.55 -6.14
N LEU B 230 96.54 10.29 -7.42
CA LEU B 230 96.12 9.01 -8.00
C LEU B 230 97.19 7.96 -7.72
N TYR B 231 96.92 7.07 -6.78
CA TYR B 231 97.85 6.00 -6.45
C TYR B 231 97.86 4.98 -7.57
N VAL B 232 98.98 4.92 -8.30
CA VAL B 232 99.16 3.97 -9.38
C VAL B 232 100.23 2.98 -8.93
N ASN B 233 99.88 1.70 -8.92
CA ASN B 233 100.79 0.63 -8.52
C ASN B 233 101.04 -0.27 -9.71
N PHE B 234 102.13 -0.01 -10.42
CA PHE B 234 102.54 -0.85 -11.54
C PHE B 234 102.95 -2.22 -11.01
N LYS B 235 102.34 -3.27 -11.57
CA LYS B 235 102.61 -4.63 -11.12
C LYS B 235 103.69 -5.31 -11.96
N ASN B 236 103.45 -5.43 -13.26
CA ASN B 236 104.39 -6.06 -14.18
C ASN B 236 104.03 -5.64 -15.59
N PHE B 237 105.04 -5.46 -16.43
CA PHE B 237 104.87 -4.98 -17.79
C PHE B 237 104.97 -6.14 -18.77
N VAL B 238 103.97 -6.28 -19.63
CA VAL B 238 103.99 -7.28 -20.69
C VAL B 238 103.99 -6.53 -22.01
N CYS B 239 105.09 -6.65 -22.75
CA CYS B 239 105.24 -6.00 -24.04
C CYS B 239 106.47 -6.57 -24.75
N ASN B 240 106.34 -6.92 -26.02
CA ASN B 240 107.40 -7.57 -26.77
C ASN B 240 108.26 -6.49 -27.44
N ILE B 241 109.32 -6.09 -26.77
CA ILE B 241 110.16 -4.97 -27.21
C ILE B 241 111.54 -5.45 -27.65
N GLY B 242 112.16 -6.33 -26.87
CA GLY B 242 113.47 -6.84 -27.19
C GLY B 242 114.61 -5.87 -26.94
N GLU B 243 114.33 -4.73 -26.33
CA GLU B 243 115.34 -3.71 -26.05
C GLU B 243 114.99 -3.04 -24.73
N ASP B 244 115.88 -2.16 -24.28
CA ASP B 244 115.56 -1.34 -23.12
C ASP B 244 114.34 -0.48 -23.40
N ALA B 245 113.38 -0.49 -22.49
CA ALA B 245 112.13 0.21 -22.66
C ALA B 245 112.01 1.31 -21.62
N GLU B 246 111.86 2.55 -22.09
CA GLU B 246 111.52 3.68 -21.24
C GLU B 246 110.01 3.81 -21.21
N LEU B 247 109.44 3.74 -20.00
CA LEU B 247 107.99 3.76 -19.83
C LEU B 247 107.64 5.04 -19.09
N PHE B 248 107.12 6.02 -19.84
CA PHE B 248 106.78 7.33 -19.29
C PHE B 248 105.32 7.32 -18.87
N MET B 249 105.07 7.32 -17.57
CA MET B 249 103.72 7.28 -17.03
C MET B 249 103.31 8.65 -16.50
N ALA B 250 102.19 9.16 -17.02
CA ALA B 250 101.66 10.44 -16.57
C ALA B 250 100.16 10.44 -16.79
N LEU B 251 99.49 11.38 -16.15
CA LEU B 251 98.07 11.59 -16.36
C LEU B 251 97.84 12.31 -17.68
N TYR B 252 96.73 12.01 -18.33
CA TYR B 252 96.38 12.65 -19.59
C TYR B 252 94.93 13.09 -19.57
N ASP B 253 94.66 14.18 -20.27
CA ASP B 253 93.31 14.64 -20.54
C ASP B 253 93.09 14.61 -22.04
N PRO B 254 92.49 13.53 -22.58
CA PRO B 254 92.20 13.50 -24.02
C PRO B 254 91.36 14.67 -24.48
N ASP B 255 90.49 15.19 -23.62
CA ASP B 255 89.76 16.41 -23.96
C ASP B 255 90.70 17.59 -24.14
N GLN B 256 91.70 17.72 -23.26
CA GLN B 256 92.64 18.83 -23.31
C GLN B 256 93.88 18.53 -24.13
N SER B 257 94.26 17.25 -24.28
CA SER B 257 95.44 16.84 -25.05
C SER B 257 96.71 17.50 -24.54
N THR B 258 96.80 17.70 -23.23
CA THR B 258 98.02 18.17 -22.58
C THR B 258 98.23 17.36 -21.32
N PHE B 259 99.49 17.25 -20.91
CA PHE B 259 99.85 16.45 -19.74
C PHE B 259 99.33 17.08 -18.46
N ILE B 260 98.69 16.26 -17.63
CA ILE B 260 98.28 16.72 -16.31
C ILE B 260 99.45 16.71 -15.33
N SER B 261 100.17 15.60 -15.27
CA SER B 261 101.33 15.46 -14.40
C SER B 261 102.55 15.06 -15.23
N GLU B 262 103.71 15.08 -14.59
CA GLU B 262 104.95 14.70 -15.25
C GLU B 262 104.97 13.21 -15.57
N ASN B 263 105.78 12.85 -16.57
CA ASN B 263 105.87 11.47 -17.03
C ASN B 263 106.74 10.66 -16.08
N TYR B 264 106.15 9.74 -15.34
CA TYR B 264 106.92 8.85 -14.47
C TYR B 264 107.64 7.83 -15.33
N LEU B 265 108.97 7.87 -15.31
CA LEU B 265 109.78 7.03 -16.18
C LEU B 265 110.01 5.67 -15.53
N ILE B 266 109.76 4.61 -16.29
CA ILE B 266 110.11 3.24 -15.89
C ILE B 266 111.11 2.70 -16.89
N ARG B 267 112.28 2.30 -16.41
CA ARG B 267 113.29 1.69 -17.25
C ARG B 267 113.06 0.18 -17.27
N TRP B 268 112.72 -0.34 -18.44
CA TRP B 268 112.38 -1.74 -18.59
C TRP B 268 113.46 -2.43 -19.41
N GLY B 269 113.97 -3.55 -18.90
CA GLY B 269 115.09 -4.21 -19.50
C GLY B 269 114.73 -5.01 -20.74
N SER B 270 115.75 -5.62 -21.33
CA SER B 270 115.60 -6.42 -22.54
C SER B 270 115.46 -7.91 -22.26
N ASN B 271 115.37 -8.32 -21.00
CA ASN B 271 115.25 -9.73 -20.64
C ASN B 271 113.97 -10.05 -19.88
N GLY B 272 112.91 -9.28 -20.07
CA GLY B 272 111.61 -9.56 -19.47
C GLY B 272 111.40 -8.96 -18.10
N MET B 273 112.45 -8.55 -17.42
CA MET B 273 112.54 -7.89 -16.12
C MET B 273 112.84 -6.41 -16.30
N PRO B 274 112.45 -5.56 -15.36
CA PRO B 274 112.77 -4.13 -15.48
C PRO B 274 114.27 -3.90 -15.47
N LYS B 275 114.68 -2.82 -16.15
CA LYS B 275 116.08 -2.41 -16.07
C LYS B 275 116.46 -2.12 -14.62
N GLU B 276 115.59 -1.43 -13.89
CA GLU B 276 115.72 -1.31 -12.44
C GLU B 276 115.04 -2.53 -11.83
N ILE B 277 115.82 -3.58 -11.57
CA ILE B 277 115.27 -4.84 -11.09
C ILE B 277 114.59 -4.69 -9.75
N GLU B 278 115.01 -3.72 -8.94
CA GLU B 278 114.42 -3.48 -7.63
C GLU B 278 113.07 -2.81 -7.67
N LYS B 279 112.62 -2.36 -8.84
CA LYS B 279 111.41 -1.55 -8.94
C LYS B 279 110.14 -2.35 -9.24
N LEU B 280 110.26 -3.54 -9.82
CA LEU B 280 109.08 -4.25 -10.29
C LEU B 280 108.07 -4.49 -9.17
N ASN B 281 108.56 -4.69 -7.95
CA ASN B 281 107.67 -4.81 -6.79
C ASN B 281 107.36 -3.45 -6.15
N ASN B 282 107.95 -2.37 -6.65
CA ASN B 282 107.81 -1.05 -6.05
C ASN B 282 107.56 0.02 -7.10
N LEU B 283 107.11 -0.38 -8.29
CA LEU B 283 106.75 0.58 -9.34
C LEU B 283 105.44 1.28 -8.99
N GLN B 284 105.53 2.18 -8.01
CA GLN B 284 104.40 2.94 -7.53
C GLN B 284 104.61 4.42 -7.83
N ALA B 285 103.65 5.03 -8.53
CA ALA B 285 103.69 6.44 -8.83
C ALA B 285 102.34 7.06 -8.49
N VAL B 286 102.38 8.13 -7.70
CA VAL B 286 101.17 8.86 -7.31
C VAL B 286 101.26 10.24 -7.95
N PHE B 287 100.24 10.58 -8.74
CA PHE B 287 100.20 11.84 -9.46
C PHE B 287 99.47 12.85 -8.57
N THR B 288 100.20 13.84 -8.07
CA THR B 288 99.70 14.76 -7.07
C THR B 288 99.47 16.14 -7.68
N ASP B 289 99.18 17.11 -6.81
CA ASP B 289 98.74 18.45 -7.18
C ASP B 289 97.46 18.41 -8.01
N LEU B 290 96.77 17.27 -8.04
CA LEU B 290 95.53 17.15 -8.81
C LEU B 290 94.47 18.00 -8.14
N SER B 291 94.25 19.19 -8.68
CA SER B 291 93.25 20.10 -8.17
C SER B 291 91.87 19.48 -8.27
N SER B 292 90.90 20.10 -7.60
CA SER B 292 89.53 19.62 -7.67
C SER B 292 89.00 19.68 -9.11
N MET B 293 89.52 20.61 -9.91
CA MET B 293 89.17 20.63 -11.33
C MET B 293 89.85 19.48 -12.07
N ASP B 294 91.00 18.99 -11.58
CA ASP B 294 91.57 17.78 -12.16
C ASP B 294 90.63 16.60 -12.05
N LEU B 295 89.74 16.61 -11.04
CA LEU B 295 88.71 15.59 -10.96
C LEU B 295 87.65 15.78 -12.05
N ILE B 296 87.15 17.00 -12.21
CA ILE B 296 85.97 17.24 -13.04
C ILE B 296 86.26 17.14 -14.52
N ARG B 297 87.48 16.82 -14.91
CA ARG B 297 87.81 16.66 -16.32
C ARG B 297 86.94 15.56 -16.92
N PRO B 298 86.22 15.84 -18.01
CA PRO B 298 85.26 14.83 -18.53
C PRO B 298 85.91 13.53 -18.94
N ARG B 299 87.14 13.55 -19.43
CA ARG B 299 87.88 12.35 -19.77
C ARG B 299 89.31 12.48 -19.28
N VAL B 300 89.71 11.60 -18.36
CA VAL B 300 91.09 11.47 -17.92
C VAL B 300 91.55 10.08 -18.28
N SER B 301 92.73 10.00 -18.92
CA SER B 301 93.26 8.74 -19.40
C SER B 301 94.67 8.54 -18.84
N LEU B 302 94.93 7.35 -18.31
CA LEU B 302 96.26 6.99 -17.83
C LEU B 302 97.10 6.57 -19.03
N VAL B 303 98.28 7.17 -19.18
CA VAL B 303 99.08 7.06 -20.38
C VAL B 303 100.49 6.59 -20.04
N CYS B 304 100.97 5.59 -20.76
CA CYS B 304 102.33 5.08 -20.64
C CYS B 304 103.02 5.18 -21.98
N GLN B 305 104.13 5.92 -22.03
CA GLN B 305 104.89 6.09 -23.27
C GLN B 305 105.97 5.01 -23.32
N ILE B 306 105.81 4.05 -24.23
CA ILE B 306 106.74 2.93 -24.37
C ILE B 306 107.78 3.30 -25.41
N VAL B 307 109.03 3.40 -24.98
CA VAL B 307 110.13 3.82 -25.84
C VAL B 307 111.20 2.74 -25.81
N ARG B 308 111.43 2.09 -26.94
CA ARG B 308 112.52 1.13 -27.07
C ARG B 308 113.84 1.88 -27.15
N VAL B 309 114.80 1.48 -26.33
CA VAL B 309 116.10 2.12 -26.27
C VAL B 309 117.14 1.12 -26.76
N GLY B 310 117.88 1.48 -27.80
CA GLY B 310 118.88 0.59 -28.35
C GLY B 310 119.18 0.81 -29.81
N HIS B 311 119.13 -0.26 -30.61
CA HIS B 311 119.50 -0.19 -32.01
C HIS B 311 118.43 0.49 -32.84
N MET B 312 118.84 0.98 -34.01
CA MET B 312 117.92 1.54 -34.97
C MET B 312 117.12 0.51 -35.73
N GLU B 313 117.67 -0.69 -35.92
CA GLU B 313 117.09 -1.68 -36.79
C GLU B 313 117.34 -3.07 -36.22
N LEU B 314 116.34 -3.95 -36.36
CA LEU B 314 116.45 -5.33 -35.89
C LEU B 314 116.93 -6.22 -37.04
N LYS B 315 118.21 -6.05 -37.36
CA LYS B 315 118.88 -6.86 -38.38
C LYS B 315 120.11 -7.51 -37.76
N GLU B 316 120.25 -8.82 -37.97
CA GLU B 316 121.38 -9.58 -37.46
C GLU B 316 122.47 -9.66 -38.53
N GLY B 317 123.72 -9.70 -38.07
CA GLY B 317 124.85 -9.80 -38.96
C GLY B 317 125.89 -8.72 -38.76
N LYS B 318 125.46 -7.54 -38.35
CA LYS B 318 126.35 -6.42 -38.15
C LYS B 318 125.94 -5.63 -36.90
N LYS B 319 126.91 -4.96 -36.32
CA LYS B 319 126.68 -4.17 -35.12
C LYS B 319 125.88 -2.92 -35.45
N HIS B 320 125.05 -2.49 -34.49
CA HIS B 320 124.25 -1.28 -34.62
C HIS B 320 124.48 -0.38 -33.42
N THR B 321 124.09 0.88 -33.57
CA THR B 321 124.30 1.86 -32.51
C THR B 321 123.39 1.57 -31.31
N CYS B 322 123.94 1.76 -30.11
CA CYS B 322 123.19 1.64 -28.87
C CYS B 322 122.94 3.03 -28.31
N GLY B 323 122.08 3.08 -27.28
CA GLY B 323 121.73 4.36 -26.68
C GLY B 323 120.82 5.22 -27.50
N LEU B 324 120.05 4.63 -28.41
CA LEU B 324 119.12 5.36 -29.28
C LEU B 324 117.70 4.98 -28.92
N ARG B 325 116.84 5.99 -28.83
CA ARG B 325 115.45 5.81 -28.43
C ARG B 325 114.56 5.86 -29.66
N ARG B 326 113.67 4.88 -29.79
CA ARG B 326 112.77 4.83 -30.92
C ARG B 326 111.33 4.69 -30.44
N PRO B 327 110.36 5.15 -31.22
CA PRO B 327 108.96 5.04 -30.79
C PRO B 327 108.47 3.61 -30.88
N PHE B 328 107.83 3.15 -29.81
CA PHE B 328 107.29 1.79 -29.75
C PHE B 328 105.78 1.77 -29.67
N GLY B 329 105.19 2.43 -28.67
CA GLY B 329 103.75 2.47 -28.55
C GLY B 329 103.35 3.18 -27.28
N VAL B 330 102.03 3.35 -27.13
CA VAL B 330 101.43 3.98 -25.96
C VAL B 330 100.19 3.19 -25.56
N ALA B 331 100.01 3.00 -24.26
CA ALA B 331 98.84 2.30 -23.73
C ALA B 331 97.99 3.28 -22.92
N VAL B 332 96.72 3.38 -23.27
CA VAL B 332 95.81 4.38 -22.71
C VAL B 332 94.52 3.69 -22.30
N MET B 333 94.04 3.99 -21.08
CA MET B 333 92.76 3.52 -20.59
C MET B 333 92.02 4.69 -19.95
N ASP B 334 90.69 4.67 -20.06
CA ASP B 334 89.87 5.74 -19.48
C ASP B 334 89.83 5.58 -17.97
N ILE B 335 90.64 6.36 -17.29
CA ILE B 335 90.69 6.37 -15.84
C ILE B 335 89.82 7.51 -15.28
N THR B 336 88.85 7.98 -16.06
CA THR B 336 88.04 9.12 -15.68
C THR B 336 87.28 8.87 -14.38
N ASP B 337 86.73 7.66 -14.22
CA ASP B 337 85.89 7.39 -13.07
C ASP B 337 86.69 7.30 -11.78
N ILE B 338 87.90 6.73 -11.85
CA ILE B 338 88.71 6.51 -10.66
C ILE B 338 89.06 7.83 -9.99
N ILE B 339 89.47 8.82 -10.79
CA ILE B 339 89.76 10.14 -10.25
C ILE B 339 88.47 10.88 -9.91
N HIS B 340 87.33 10.47 -10.48
CA HIS B 340 86.04 11.01 -10.09
C HIS B 340 85.47 10.39 -8.82
N GLY B 341 86.27 9.62 -8.08
CA GLY B 341 85.77 8.96 -6.90
C GLY B 341 84.70 7.93 -7.17
N LYS B 342 84.82 7.19 -8.27
CA LYS B 342 83.84 6.18 -8.62
C LYS B 342 84.39 4.77 -8.47
N VAL B 343 85.61 4.52 -8.96
CA VAL B 343 86.28 3.24 -8.81
C VAL B 343 87.52 3.44 -7.96
N ASP B 344 87.57 2.76 -6.81
CA ASP B 344 88.66 2.95 -5.85
C ASP B 344 88.76 1.67 -5.02
N ASP B 345 89.74 0.82 -5.36
CA ASP B 345 89.94 -0.43 -4.66
C ASP B 345 91.35 -0.96 -4.92
N GLU B 346 91.99 -1.45 -3.87
CA GLU B 346 93.37 -1.90 -3.96
C GLU B 346 93.51 -3.10 -4.89
N GLU B 347 92.57 -4.04 -4.80
CA GLU B 347 92.72 -5.32 -5.49
C GLU B 347 92.68 -5.18 -7.01
N LYS B 348 91.90 -4.22 -7.52
CA LYS B 348 91.67 -4.13 -8.95
C LYS B 348 92.94 -3.70 -9.66
N GLN B 349 93.63 -4.65 -10.28
CA GLN B 349 94.81 -4.38 -11.10
C GLN B 349 94.31 -4.11 -12.51
N HIS B 350 93.82 -2.88 -12.73
CA HIS B 350 93.32 -2.50 -14.04
C HIS B 350 94.40 -2.69 -15.09
N PHE B 351 94.01 -3.26 -16.23
CA PHE B 351 94.93 -3.55 -17.32
C PHE B 351 94.74 -2.51 -18.40
N ILE B 352 95.84 -1.92 -18.85
CA ILE B 352 95.82 -0.92 -19.92
C ILE B 352 96.30 -1.60 -21.20
N PRO B 353 95.42 -1.83 -22.17
CA PRO B 353 95.86 -2.46 -23.42
C PRO B 353 96.88 -1.59 -24.14
N PHE B 354 97.88 -2.25 -24.74
CA PHE B 354 99.00 -1.57 -25.36
C PHE B 354 98.92 -1.66 -26.88
N GLN B 355 99.09 -0.52 -27.54
CA GLN B 355 99.14 -0.45 -29.01
C GLN B 355 100.57 -0.14 -29.44
N GLN B 356 101.13 -1.01 -30.27
CA GLN B 356 102.40 -0.74 -30.91
C GLN B 356 102.16 -0.06 -32.25
N ILE B 357 103.19 0.61 -32.75
CA ILE B 357 103.09 1.24 -34.07
C ILE B 357 102.89 0.15 -35.11
N ALA B 358 102.05 0.43 -36.09
CA ALA B 358 101.65 -0.57 -37.07
C ALA B 358 102.82 -0.95 -37.97
N MET B 359 103.47 -2.07 -37.67
CA MET B 359 104.48 -2.66 -38.53
C MET B 359 103.88 -3.70 -39.49
N GLU B 360 102.54 -3.75 -39.56
CA GLU B 360 101.84 -4.79 -40.30
C GLU B 360 102.06 -4.56 -41.80
N THR B 361 103.16 -5.14 -42.29
CA THR B 361 103.53 -5.03 -43.71
C THR B 361 104.12 -6.35 -44.20
N TYR B 362 103.80 -7.46 -43.53
CA TYR B 362 104.43 -8.75 -43.83
C TYR B 362 103.39 -9.84 -43.99
N ILE B 363 102.21 -9.66 -43.40
CA ILE B 363 101.21 -10.73 -43.35
C ILE B 363 100.52 -10.88 -44.69
N ARG B 364 99.82 -9.85 -45.15
CA ARG B 364 99.03 -9.93 -46.36
C ARG B 364 99.87 -9.83 -47.63
N GLN B 365 101.18 -9.66 -47.50
CA GLN B 365 102.06 -9.51 -48.65
C GLN B 365 102.15 -10.77 -49.51
N ARG B 366 101.69 -11.91 -49.01
CA ARG B 366 101.83 -13.17 -49.74
C ARG B 366 100.70 -13.43 -50.73
N GLN B 367 99.65 -12.60 -50.75
CA GLN B 367 98.50 -12.82 -51.63
C GLN B 367 98.18 -11.55 -52.40
N LEU B 368 98.87 -11.35 -53.53
CA LEU B 368 98.59 -10.26 -54.47
C LEU B 368 99.12 -10.70 -55.83
N ILE B 369 98.21 -11.15 -56.71
CA ILE B 369 98.60 -11.72 -57.99
C ILE B 369 97.76 -11.09 -59.11
N MET B 370 98.28 -11.20 -60.33
CA MET B 370 97.65 -10.94 -61.62
C MET B 370 97.56 -9.46 -61.99
N SER B 371 97.94 -8.53 -61.11
CA SER B 371 97.91 -7.12 -61.48
C SER B 371 98.81 -6.29 -60.57
N PRO B 372 100.13 -6.49 -60.61
CA PRO B 372 101.03 -5.72 -59.75
C PRO B 372 101.38 -4.38 -60.37
N LEU B 373 100.79 -3.30 -59.84
CA LEU B 373 101.21 -1.93 -60.15
C LEU B 373 101.10 -1.14 -58.85
N ILE B 374 102.18 -1.12 -58.08
CA ILE B 374 102.21 -0.42 -56.79
C ILE B 374 103.62 0.10 -56.56
N THR B 375 103.72 1.37 -56.18
CA THR B 375 104.98 2.00 -55.82
C THR B 375 104.83 2.63 -54.44
N SER B 376 105.37 1.96 -53.42
CA SER B 376 105.24 2.41 -52.05
C SER B 376 106.39 1.84 -51.22
N HIS B 377 106.40 2.19 -49.94
CA HIS B 377 107.46 1.73 -49.04
C HIS B 377 106.91 1.39 -47.67
N VAL B 378 107.82 1.16 -46.70
CA VAL B 378 107.45 0.69 -45.37
C VAL B 378 107.52 1.84 -44.38
N ILE B 379 106.45 2.05 -43.64
CA ILE B 379 106.38 3.04 -42.57
C ILE B 379 105.78 2.34 -41.36
N GLY B 380 106.63 1.84 -40.47
CA GLY B 380 106.16 1.17 -39.27
C GLY B 380 106.92 1.63 -38.04
N GLU B 381 107.86 2.56 -38.23
CA GLU B 381 108.62 3.14 -37.14
C GLU B 381 108.69 4.65 -37.18
N ASN B 382 108.21 5.29 -38.25
CA ASN B 382 108.28 6.74 -38.37
C ASN B 382 107.26 7.45 -37.50
N GLU B 383 106.17 6.78 -37.15
CA GLU B 383 105.06 7.45 -36.46
C GLU B 383 105.50 7.89 -35.06
N PRO B 384 105.32 9.16 -34.71
CA PRO B 384 105.61 9.60 -33.35
C PRO B 384 104.64 8.98 -32.35
N LEU B 385 105.10 8.88 -31.11
CA LEU B 385 104.28 8.30 -30.06
C LEU B 385 103.02 9.11 -29.79
N THR B 386 102.99 10.37 -30.19
CA THR B 386 101.77 11.17 -30.04
C THR B 386 100.63 10.60 -30.87
N SER B 387 100.94 10.14 -32.09
CA SER B 387 99.89 9.57 -32.93
C SER B 387 99.31 8.30 -32.32
N VAL B 388 100.18 7.43 -31.78
CA VAL B 388 99.68 6.22 -31.13
C VAL B 388 98.90 6.56 -29.87
N LEU B 389 99.37 7.58 -29.15
CA LEU B 389 98.64 8.09 -27.99
C LEU B 389 97.23 8.51 -28.39
N ASN B 390 97.11 9.30 -29.45
CA ASN B 390 95.81 9.76 -29.92
C ASN B 390 94.96 8.59 -30.37
N LYS B 391 95.57 7.61 -31.05
CA LYS B 391 94.82 6.43 -31.48
C LYS B 391 94.22 5.70 -30.30
N VAL B 392 95.04 5.39 -29.29
CA VAL B 392 94.54 4.58 -28.18
C VAL B 392 93.55 5.39 -27.35
N ILE B 393 93.72 6.71 -27.31
CA ILE B 393 92.69 7.56 -26.73
C ILE B 393 91.37 7.37 -27.47
N ALA B 394 91.41 7.39 -28.81
CA ALA B 394 90.21 7.12 -29.58
C ALA B 394 89.85 5.64 -29.52
N ALA B 395 90.84 4.76 -29.62
CA ALA B 395 90.60 3.31 -29.59
C ALA B 395 90.65 2.85 -28.13
N LYS B 396 89.49 2.87 -27.46
CA LYS B 396 89.40 2.31 -26.12
C LYS B 396 89.92 0.88 -26.08
N GLU B 397 89.41 0.02 -26.94
CA GLU B 397 89.90 -1.34 -27.05
C GLU B 397 91.08 -1.35 -28.00
N VAL B 398 92.13 -2.07 -27.62
CA VAL B 398 93.36 -2.13 -28.40
C VAL B 398 93.58 -3.58 -28.81
N ASN B 399 94.03 -3.77 -30.06
CA ASN B 399 94.45 -5.09 -30.50
C ASN B 399 95.82 -5.42 -29.89
N HIS B 400 95.86 -5.45 -28.56
CA HIS B 400 97.14 -5.50 -27.84
C HIS B 400 97.78 -6.88 -27.89
N LYS B 401 96.99 -7.93 -28.18
CA LYS B 401 97.49 -9.31 -28.26
C LYS B 401 98.22 -9.71 -26.98
N GLY B 402 97.61 -9.42 -25.83
CA GLY B 402 98.18 -9.78 -24.56
C GLY B 402 99.34 -8.93 -24.10
N GLN B 403 99.49 -7.72 -24.64
CA GLN B 403 100.54 -6.80 -24.24
C GLN B 403 99.94 -5.60 -23.54
N GLY B 404 100.67 -5.07 -22.56
CA GLY B 404 100.19 -3.91 -21.84
C GLY B 404 100.89 -3.80 -20.51
N LEU B 405 100.33 -2.94 -19.66
CA LEU B 405 100.84 -2.73 -18.32
C LEU B 405 99.72 -2.93 -17.31
N TRP B 406 100.02 -3.69 -16.26
CA TRP B 406 99.05 -4.06 -15.23
C TRP B 406 99.23 -3.12 -14.05
N VAL B 407 98.18 -2.36 -13.72
CA VAL B 407 98.28 -1.30 -12.73
C VAL B 407 97.05 -1.33 -11.82
N SER B 408 97.27 -1.15 -10.52
CA SER B 408 96.18 -0.95 -9.56
C SER B 408 96.08 0.54 -9.28
N LEU B 409 94.89 1.10 -9.52
CA LEU B 409 94.70 2.54 -9.51
C LEU B 409 93.78 2.93 -8.36
N LYS B 410 94.22 3.92 -7.59
CA LYS B 410 93.40 4.45 -6.51
C LYS B 410 93.62 5.95 -6.43
N LEU B 411 92.52 6.69 -6.36
CA LEU B 411 92.54 8.12 -6.10
C LEU B 411 92.58 8.34 -4.60
N LEU B 412 93.51 9.18 -4.15
CA LEU B 412 93.63 9.38 -2.73
C LEU B 412 93.27 10.81 -2.36
N PRO B 413 92.48 11.00 -1.31
CA PRO B 413 92.13 12.35 -0.88
C PRO B 413 93.35 13.11 -0.37
N GLY B 414 93.31 14.42 -0.58
CA GLY B 414 94.35 15.28 -0.04
C GLY B 414 95.62 15.30 -0.87
N ASP B 415 96.55 16.12 -0.39
CA ASP B 415 97.85 16.32 -1.03
C ASP B 415 98.78 15.20 -0.56
N LEU B 416 100.09 15.37 -0.73
CA LEU B 416 101.04 14.33 -0.36
C LEU B 416 100.86 13.86 1.09
N THR B 417 100.51 14.77 1.99
CA THR B 417 100.42 14.43 3.41
C THR B 417 99.27 13.44 3.67
N GLN B 418 98.07 13.75 3.17
CA GLN B 418 96.95 12.85 3.35
C GLN B 418 97.16 11.54 2.60
N VAL B 419 97.92 11.59 1.50
CA VAL B 419 98.30 10.36 0.81
C VAL B 419 99.17 9.49 1.71
N GLN B 420 100.10 10.11 2.42
CA GLN B 420 101.07 9.34 3.22
C GLN B 420 100.54 8.92 4.59
N LYS B 421 99.54 9.62 5.16
CA LYS B 421 99.14 9.34 6.52
C LYS B 421 97.91 8.45 6.65
N ASN B 422 97.18 8.20 5.58
CA ASN B 422 96.16 7.15 5.59
C ASN B 422 96.48 5.99 4.66
N PHE B 423 97.43 6.16 3.73
CA PHE B 423 97.78 5.11 2.77
C PHE B 423 99.28 4.96 2.67
N SER B 424 99.97 5.03 3.81
CA SER B 424 101.40 4.72 3.82
C SER B 424 101.65 3.29 3.38
N HIS B 425 100.70 2.39 3.65
CA HIS B 425 100.81 1.03 3.15
C HIS B 425 100.79 0.99 1.64
N LEU B 426 99.78 1.61 1.02
CA LEU B 426 99.70 1.68 -0.43
C LEU B 426 100.80 2.58 -0.99
N VAL B 427 100.97 3.75 -0.39
CA VAL B 427 101.92 4.75 -0.88
C VAL B 427 102.93 4.97 0.23
N ASP B 428 104.01 4.20 0.18
CA ASP B 428 105.13 4.46 1.07
C ASP B 428 106.00 5.58 0.51
N ARG B 429 107.11 5.85 1.19
CA ARG B 429 108.00 6.90 0.74
C ARG B 429 108.74 6.54 -0.54
N SER B 430 108.91 5.24 -0.82
CA SER B 430 109.58 4.83 -2.05
C SER B 430 108.71 5.03 -3.28
N THR B 431 107.41 5.27 -3.09
CA THR B 431 106.52 5.51 -4.22
C THR B 431 106.94 6.79 -4.95
N ALA B 432 107.02 6.70 -6.27
CA ALA B 432 107.36 7.86 -7.08
C ALA B 432 106.28 8.94 -6.95
N ILE B 433 106.71 10.19 -6.96
CA ILE B 433 105.83 11.34 -6.83
C ILE B 433 105.87 12.14 -8.13
N ALA B 434 104.70 12.43 -8.69
CA ALA B 434 104.58 13.25 -9.87
C ALA B 434 103.75 14.49 -9.55
N ARG B 435 104.27 15.65 -9.93
CA ARG B 435 103.58 16.91 -9.73
C ARG B 435 102.76 17.24 -10.96
N LYS B 436 101.61 17.86 -10.73
CA LYS B 436 100.74 18.21 -11.86
C LYS B 436 101.38 19.29 -12.71
N MET B 437 101.22 19.16 -14.03
CA MET B 437 101.73 20.15 -14.96
C MET B 437 100.86 21.40 -14.89
N GLY B 438 101.15 22.27 -13.94
CA GLY B 438 100.34 23.42 -13.65
C GLY B 438 100.45 23.76 -12.17
N PHE B 439 99.32 24.15 -11.59
CA PHE B 439 99.31 24.55 -10.19
C PHE B 439 98.03 24.06 -9.52
N PRO B 440 98.13 23.58 -8.29
CA PRO B 440 96.92 23.19 -7.56
C PRO B 440 96.09 24.40 -7.14
N GLU B 441 94.83 24.14 -6.81
CA GLU B 441 93.90 25.22 -6.47
C GLU B 441 94.26 25.92 -5.17
N ILE B 442 95.08 25.30 -4.33
CA ILE B 442 95.57 25.95 -3.12
C ILE B 442 97.07 26.06 -3.25
N ILE B 443 97.55 27.27 -3.50
CA ILE B 443 98.97 27.56 -3.56
C ILE B 443 99.42 27.94 -2.15
N LEU B 444 100.08 27.02 -1.48
CA LEU B 444 100.59 27.33 -0.15
C LEU B 444 101.64 28.41 -0.28
N PRO B 445 101.51 29.53 0.43
CA PRO B 445 102.56 30.55 0.39
C PRO B 445 103.91 29.97 0.74
N GLY B 446 104.81 29.92 -0.25
CA GLY B 446 106.05 29.20 -0.10
C GLY B 446 106.10 27.85 -0.77
N ASP B 447 105.21 27.57 -1.72
CA ASP B 447 105.30 26.33 -2.49
C ASP B 447 106.47 26.42 -3.44
N VAL B 448 107.68 26.49 -2.89
CA VAL B 448 108.89 26.80 -3.64
C VAL B 448 109.16 25.65 -4.62
N ARG B 449 109.07 25.95 -5.91
CA ARG B 449 109.34 24.99 -6.95
C ARG B 449 110.11 25.66 -8.08
N ASN B 450 110.85 24.84 -8.81
CA ASN B 450 111.49 25.25 -10.06
C ASN B 450 111.28 24.18 -11.10
N ASP B 451 110.09 23.60 -11.12
CA ASP B 451 109.76 22.52 -12.04
C ASP B 451 109.55 23.10 -13.43
N ILE B 452 110.65 23.42 -14.11
CA ILE B 452 110.63 23.88 -15.49
C ILE B 452 110.54 22.64 -16.36
N TYR B 453 109.58 22.61 -17.27
CA TYR B 453 109.33 21.43 -18.09
C TYR B 453 109.51 21.78 -19.56
N VAL B 454 110.34 20.99 -20.24
CA VAL B 454 110.66 21.20 -21.64
C VAL B 454 110.03 20.05 -22.43
N THR B 455 108.85 20.29 -23.00
CA THR B 455 108.16 19.32 -23.82
C THR B 455 108.75 19.40 -25.22
N LEU B 456 109.57 18.42 -25.58
CA LEU B 456 110.24 18.45 -26.88
C LEU B 456 109.22 18.19 -27.96
N ILE B 457 108.52 19.25 -28.36
CA ILE B 457 107.38 19.12 -29.26
C ILE B 457 107.81 18.46 -30.56
N HIS B 458 108.68 19.12 -31.32
CA HIS B 458 109.14 18.58 -32.59
C HIS B 458 110.29 19.43 -33.10
N GLY B 459 110.93 18.93 -34.14
CA GLY B 459 111.98 19.67 -34.82
C GLY B 459 112.20 19.11 -36.21
N GLU B 460 112.26 19.98 -37.21
CA GLU B 460 112.55 19.56 -38.58
C GLU B 460 114.01 19.86 -38.87
N PHE B 461 114.67 18.93 -39.56
CA PHE B 461 116.11 19.00 -39.77
C PHE B 461 116.41 18.60 -41.20
N ASP B 462 117.14 19.46 -41.91
CA ASP B 462 117.41 19.25 -43.33
C ASP B 462 118.36 18.06 -43.53
N LYS B 463 118.06 17.27 -44.57
CA LYS B 463 118.93 16.15 -44.92
C LYS B 463 120.24 16.63 -45.53
N GLY B 464 120.20 17.69 -46.33
CA GLY B 464 121.40 18.08 -47.07
C GLY B 464 121.53 17.26 -48.33
N LYS B 465 122.75 16.82 -48.62
CA LYS B 465 122.99 15.98 -49.78
C LYS B 465 122.55 14.55 -49.58
N LYS B 466 122.44 14.09 -48.34
CA LYS B 466 122.17 12.69 -48.05
C LYS B 466 120.70 12.36 -48.32
N LYS B 467 120.47 11.23 -48.98
CA LYS B 467 119.12 10.84 -49.36
C LYS B 467 118.29 10.40 -48.16
N THR B 468 118.86 9.56 -47.30
CA THR B 468 118.10 9.06 -46.18
C THR B 468 117.75 10.20 -45.22
N PRO B 469 116.52 10.25 -44.71
CA PRO B 469 116.18 11.27 -43.73
C PRO B 469 116.98 11.07 -42.45
N LYS B 470 117.23 12.18 -41.77
CA LYS B 470 118.17 12.17 -40.66
C LYS B 470 117.51 11.69 -39.37
N ASN B 471 118.12 10.67 -38.76
CA ASN B 471 117.67 10.15 -37.46
C ASN B 471 118.14 11.11 -36.39
N VAL B 472 117.40 12.20 -36.23
CA VAL B 472 117.79 13.27 -35.34
C VAL B 472 117.46 12.89 -33.91
N GLU B 473 118.43 13.07 -33.01
CA GLU B 473 118.23 12.84 -31.59
C GLU B 473 118.46 14.16 -30.87
N VAL B 474 117.40 14.70 -30.25
CA VAL B 474 117.51 15.96 -29.55
C VAL B 474 118.13 15.71 -28.19
N THR B 475 119.45 15.76 -28.12
CA THR B 475 120.17 15.63 -26.86
C THR B 475 120.18 16.99 -26.16
N MET B 476 119.02 17.37 -25.65
CA MET B 476 118.88 18.65 -24.98
C MET B 476 119.81 18.70 -23.76
N SER B 477 120.44 19.85 -23.58
CA SER B 477 121.37 20.03 -22.48
C SER B 477 121.13 21.39 -21.86
N VAL B 478 121.38 21.50 -20.57
CA VAL B 478 121.21 22.74 -19.84
C VAL B 478 122.59 23.32 -19.58
N HIS B 479 122.79 24.56 -20.00
CA HIS B 479 124.07 25.23 -19.83
C HIS B 479 123.85 26.61 -19.22
N ASP B 480 124.88 27.10 -18.57
CA ASP B 480 124.87 28.46 -18.06
C ASP B 480 125.44 29.39 -19.13
N GLU B 481 125.74 30.63 -18.76
CA GLU B 481 126.21 31.62 -19.72
C GLU B 481 127.54 31.24 -20.38
N GLU B 482 128.32 30.35 -19.77
CA GLU B 482 129.57 29.89 -20.37
C GLU B 482 129.45 28.52 -21.01
N GLY B 483 128.25 27.94 -21.05
CA GLY B 483 128.01 26.73 -21.81
C GLY B 483 128.39 25.44 -21.12
N LYS B 484 128.87 25.48 -19.89
CA LYS B 484 129.18 24.25 -19.18
C LYS B 484 127.90 23.46 -18.93
N LEU B 485 128.02 22.14 -19.00
CA LEU B 485 126.85 21.28 -18.90
C LEU B 485 126.34 21.25 -17.47
N LEU B 486 125.15 21.80 -17.24
CA LEU B 486 124.55 21.74 -15.92
C LEU B 486 124.12 20.31 -15.64
N GLU B 487 124.67 19.73 -14.57
CA GLU B 487 124.34 18.37 -14.20
C GLU B 487 123.00 18.33 -13.49
N LYS B 488 122.29 17.20 -13.65
CA LYS B 488 121.04 16.89 -12.95
C LYS B 488 119.91 17.81 -13.35
N ALA B 489 120.12 18.76 -14.26
CA ALA B 489 119.10 19.76 -14.56
C ALA B 489 117.85 19.12 -15.17
N ILE B 490 118.02 18.35 -16.23
CA ILE B 490 116.90 17.78 -16.96
C ILE B 490 116.55 16.42 -16.36
N HIS B 491 115.28 16.23 -16.02
CA HIS B 491 114.77 14.96 -15.58
C HIS B 491 113.79 14.45 -16.61
N PRO B 492 113.86 13.18 -17.00
CA PRO B 492 112.84 12.64 -17.92
C PRO B 492 111.44 12.71 -17.34
N GLY B 493 111.30 12.82 -16.03
CA GLY B 493 109.99 13.02 -15.42
C GLY B 493 110.01 12.58 -13.96
N ALA B 494 108.89 12.01 -13.54
CA ALA B 494 108.71 11.61 -12.15
C ALA B 494 109.54 10.38 -11.80
N GLY B 495 109.94 10.31 -10.54
CA GLY B 495 110.57 9.11 -10.00
C GLY B 495 111.86 8.70 -10.66
N TYR B 496 112.50 9.59 -11.41
CA TYR B 496 113.72 9.25 -12.13
C TYR B 496 114.79 10.30 -11.86
N GLU B 497 116.04 9.84 -11.79
CA GLU B 497 117.15 10.74 -11.56
C GLU B 497 117.37 11.64 -12.77
N GLY B 498 117.53 12.93 -12.53
CA GLY B 498 117.71 13.87 -13.62
C GLY B 498 119.00 13.64 -14.37
N ILE B 499 118.92 13.78 -15.68
CA ILE B 499 120.04 13.51 -16.57
C ILE B 499 120.52 14.83 -17.17
N SER B 500 121.84 15.00 -17.20
CA SER B 500 122.43 16.25 -17.67
C SER B 500 122.00 16.54 -19.10
N GLU B 501 121.95 15.51 -19.94
CA GLU B 501 121.48 15.63 -21.31
C GLU B 501 120.35 14.64 -21.53
N TYR B 502 119.19 15.14 -21.92
CA TYR B 502 118.03 14.30 -22.20
C TYR B 502 118.02 13.99 -23.70
N LYS B 503 118.43 12.76 -24.04
CA LYS B 503 118.43 12.32 -25.43
C LYS B 503 116.99 12.04 -25.86
N SER B 504 116.58 12.62 -26.98
CA SER B 504 115.21 12.44 -27.44
C SER B 504 115.07 11.14 -28.22
N VAL B 505 113.82 10.84 -28.59
CA VAL B 505 113.53 9.65 -29.36
C VAL B 505 114.16 9.79 -30.74
N VAL B 506 115.05 8.86 -31.08
CA VAL B 506 115.70 8.86 -32.38
C VAL B 506 114.73 8.19 -33.36
N TYR B 507 114.26 8.96 -34.34
CA TYR B 507 113.21 8.49 -35.23
C TYR B 507 113.79 7.87 -36.49
N TYR B 508 113.09 6.85 -36.99
CA TYR B 508 113.59 5.99 -38.06
C TYR B 508 113.46 6.71 -39.40
N GLN B 509 114.42 7.57 -39.71
CA GLN B 509 114.43 8.35 -40.94
C GLN B 509 113.14 9.17 -41.09
N VAL B 510 112.95 10.11 -40.17
CA VAL B 510 111.80 10.99 -40.16
C VAL B 510 112.26 12.40 -40.47
N LYS B 511 111.68 13.00 -41.51
CA LYS B 511 112.03 14.37 -41.87
C LYS B 511 111.62 15.36 -40.79
N GLN B 512 110.44 15.17 -40.20
CA GLN B 512 109.89 16.07 -39.18
C GLN B 512 109.57 15.23 -37.94
N PRO B 513 110.58 14.87 -37.15
CA PRO B 513 110.31 14.09 -35.94
C PRO B 513 109.61 14.92 -34.88
N CYS B 514 108.64 14.30 -34.22
CA CYS B 514 107.91 14.91 -33.11
C CYS B 514 108.08 14.05 -31.87
N TRP B 515 108.47 14.68 -30.77
CA TRP B 515 108.70 13.96 -29.51
C TRP B 515 107.65 14.27 -28.46
N TYR B 516 107.36 15.56 -28.24
CA TYR B 516 106.40 16.00 -27.23
C TYR B 516 106.76 15.42 -25.87
N GLU B 517 108.05 15.31 -25.60
CA GLU B 517 108.55 14.61 -24.42
C GLU B 517 108.53 15.57 -23.24
N THR B 518 107.41 15.61 -22.53
CA THR B 518 107.25 16.46 -21.35
C THR B 518 108.15 15.93 -20.25
N VAL B 519 109.28 16.60 -20.05
CA VAL B 519 110.31 16.12 -19.12
C VAL B 519 110.67 17.25 -18.17
N LYS B 520 111.09 16.87 -16.97
CA LYS B 520 111.34 17.80 -15.89
C LYS B 520 112.72 18.42 -16.03
N VAL B 521 112.82 19.72 -15.77
CA VAL B 521 114.10 20.41 -15.66
C VAL B 521 114.05 21.22 -14.37
N SER B 522 114.69 20.71 -13.32
CA SER B 522 114.68 21.33 -11.99
C SER B 522 116.06 21.89 -11.70
N ILE B 523 116.25 23.15 -12.02
CA ILE B 523 117.44 23.91 -11.66
C ILE B 523 117.12 24.71 -10.40
N ALA B 524 118.14 25.05 -9.62
CA ALA B 524 117.93 25.97 -8.51
C ALA B 524 117.37 27.28 -9.05
N ILE B 525 116.35 27.80 -8.35
CA ILE B 525 115.63 28.96 -8.85
C ILE B 525 116.55 30.16 -9.00
N GLU B 526 117.61 30.21 -8.19
CA GLU B 526 118.62 31.25 -8.40
C GLU B 526 119.62 30.84 -9.48
N GLU B 527 119.84 29.54 -9.65
CA GLU B 527 120.77 29.08 -10.67
C GLU B 527 120.17 29.16 -12.07
N VAL B 528 118.86 28.95 -12.20
CA VAL B 528 118.21 29.14 -13.49
C VAL B 528 118.35 30.59 -13.93
N THR B 529 118.54 31.51 -12.98
CA THR B 529 118.76 32.91 -13.34
C THR B 529 120.06 33.13 -14.11
N ARG B 530 120.93 32.12 -14.14
CA ARG B 530 122.17 32.24 -14.90
C ARG B 530 122.39 31.01 -15.77
N CYS B 531 121.31 30.36 -16.20
CA CYS B 531 121.44 29.13 -16.97
C CYS B 531 120.43 29.15 -18.12
N HIS B 532 120.72 28.31 -19.11
CA HIS B 532 119.85 28.14 -20.27
C HIS B 532 119.85 26.66 -20.65
N ILE B 533 119.05 26.30 -21.64
CA ILE B 533 118.97 24.91 -22.10
C ILE B 533 119.36 24.88 -23.57
N ARG B 534 120.42 24.14 -23.89
CA ARG B 534 120.91 24.00 -25.24
C ARG B 534 120.52 22.64 -25.80
N PHE B 535 120.12 22.63 -27.07
CA PHE B 535 119.52 21.45 -27.67
C PHE B 535 120.40 21.01 -28.83
N THR B 536 121.13 19.91 -28.64
CA THR B 536 122.05 19.39 -29.64
C THR B 536 121.38 18.27 -30.42
N PHE B 537 121.51 18.31 -31.74
CA PHE B 537 120.88 17.36 -32.63
C PHE B 537 121.95 16.60 -33.40
N ARG B 538 121.91 15.28 -33.31
CA ARG B 538 122.85 14.40 -33.99
C ARG B 538 122.10 13.44 -34.89
N HIS B 539 122.63 13.23 -36.09
CA HIS B 539 122.07 12.24 -37.01
C HIS B 539 122.58 10.88 -36.60
N ARG B 540 121.68 10.05 -36.04
CA ARG B 540 122.05 8.75 -35.51
C ARG B 540 121.78 7.70 -36.59
N SER B 541 122.75 7.53 -37.48
CA SER B 541 122.60 6.56 -38.57
C SER B 541 122.51 5.15 -38.02
N SER B 542 122.12 4.22 -38.90
CA SER B 542 121.93 2.84 -38.48
C SER B 542 123.24 2.11 -38.22
N GLN B 543 124.37 2.62 -38.72
CA GLN B 543 125.66 2.00 -38.49
C GLN B 543 126.40 2.72 -37.37
N GLU B 544 126.95 1.95 -36.45
CA GLU B 544 127.53 2.52 -35.23
C GLU B 544 128.75 3.37 -35.52
N THR B 545 129.61 2.92 -36.44
CA THR B 545 130.76 3.73 -36.84
C THR B 545 130.31 5.02 -37.49
N ARG B 546 129.31 4.95 -38.36
CA ARG B 546 128.76 6.16 -38.97
C ARG B 546 128.13 7.07 -37.93
N ASP B 547 127.45 6.49 -36.93
CA ASP B 547 126.88 7.28 -35.86
C ASP B 547 127.96 8.05 -35.11
N LYS B 548 129.01 7.35 -34.68
CA LYS B 548 130.08 8.00 -33.93
C LYS B 548 130.89 8.95 -34.79
N SER B 549 130.86 8.77 -36.12
CA SER B 549 131.52 9.68 -37.04
C SER B 549 130.61 10.80 -37.52
N GLU B 550 129.32 10.74 -37.22
CA GLU B 550 128.38 11.81 -37.56
C GLU B 550 128.35 12.82 -36.43
N ARG B 551 128.70 14.06 -36.73
CA ARG B 551 128.73 15.12 -35.75
C ARG B 551 127.35 15.75 -35.60
N ALA B 552 127.22 16.66 -34.65
CA ALA B 552 125.96 17.38 -34.44
C ALA B 552 125.78 18.33 -35.61
N PHE B 553 124.98 17.93 -36.59
CA PHE B 553 124.76 18.76 -37.77
C PHE B 553 124.11 20.08 -37.41
N GLY B 554 123.32 20.11 -36.35
CA GLY B 554 122.71 21.34 -35.88
C GLY B 554 122.48 21.27 -34.39
N VAL B 555 122.51 22.45 -33.75
CA VAL B 555 122.29 22.58 -32.33
C VAL B 555 121.40 23.80 -32.09
N ALA B 556 120.37 23.63 -31.27
CA ALA B 556 119.54 24.74 -30.82
C ALA B 556 119.78 24.99 -29.35
N PHE B 557 119.13 26.01 -28.81
CA PHE B 557 119.22 26.35 -27.40
C PHE B 557 118.07 27.28 -27.06
N VAL B 558 117.92 27.55 -25.78
CA VAL B 558 116.90 28.49 -25.29
C VAL B 558 117.38 29.09 -23.98
N LYS B 559 117.27 30.41 -23.86
CA LYS B 559 117.69 31.11 -22.66
C LYS B 559 116.55 31.06 -21.64
N LEU B 560 116.75 30.31 -20.55
CA LEU B 560 115.75 30.25 -19.50
C LEU B 560 115.48 31.61 -18.87
N MET B 561 116.42 32.54 -18.94
CA MET B 561 116.18 33.92 -18.54
C MET B 561 115.90 34.77 -19.78
N ASN B 562 114.78 35.47 -19.74
CA ASN B 562 114.58 36.53 -20.70
C ASN B 562 115.53 37.67 -20.38
N PRO B 563 115.94 38.44 -21.39
CA PRO B 563 116.82 39.58 -21.11
C PRO B 563 116.21 40.63 -20.21
N ASP B 564 114.90 40.64 -20.02
CA ASP B 564 114.21 41.60 -19.16
C ASP B 564 114.19 41.17 -17.70
N GLY B 565 115.11 40.30 -17.29
CA GLY B 565 115.15 39.86 -15.91
C GLY B 565 114.03 38.91 -15.54
N THR B 566 113.41 38.27 -16.51
CA THR B 566 112.33 37.33 -16.27
C THR B 566 112.75 35.95 -16.77
N THR B 567 112.20 34.92 -16.15
CA THR B 567 112.49 33.57 -16.61
C THR B 567 111.78 33.30 -17.93
N LEU B 568 112.06 32.11 -18.48
CA LEU B 568 111.49 31.73 -19.77
C LEU B 568 109.97 31.68 -19.68
N GLN B 569 109.30 32.28 -20.67
CA GLN B 569 107.85 32.39 -20.65
C GLN B 569 107.19 31.02 -20.82
N ASP B 570 105.96 30.92 -20.35
CA ASP B 570 105.18 29.71 -20.50
C ASP B 570 104.72 29.55 -21.94
N GLY B 571 104.17 28.38 -22.25
CA GLY B 571 103.72 28.11 -23.59
C GLY B 571 104.84 27.54 -24.45
N ARG B 572 104.69 27.75 -25.76
CA ARG B 572 105.57 27.12 -26.74
C ARG B 572 106.52 28.14 -27.35
N HIS B 573 107.77 27.73 -27.54
CA HIS B 573 108.78 28.56 -28.20
C HIS B 573 109.54 27.70 -29.19
N ASP B 574 109.70 28.21 -30.41
CA ASP B 574 110.33 27.48 -31.51
C ASP B 574 111.83 27.75 -31.50
N LEU B 575 112.59 26.80 -30.97
CA LEU B 575 114.04 26.92 -30.95
C LEU B 575 114.59 26.84 -32.38
N VAL B 576 115.66 27.56 -32.63
CA VAL B 576 116.27 27.63 -33.95
C VAL B 576 117.47 26.72 -33.98
N VAL B 577 117.46 25.76 -34.90
CA VAL B 577 118.61 24.91 -35.14
C VAL B 577 119.63 25.72 -35.93
N TYR B 578 120.90 25.61 -35.52
CA TYR B 578 121.96 26.43 -36.11
C TYR B 578 122.99 25.53 -36.78
N LYS B 579 123.20 25.74 -38.08
CA LYS B 579 124.22 25.04 -38.84
C LYS B 579 125.43 25.94 -39.01
N GLY B 580 126.58 25.33 -39.15
CA GLY B 580 127.82 26.08 -39.32
C GLY B 580 128.94 25.42 -38.54
N ASP B 581 129.87 26.25 -38.08
CA ASP B 581 131.00 25.75 -37.30
C ASP B 581 130.52 25.13 -36.00
N ASN B 582 130.89 23.86 -35.80
CA ASN B 582 130.54 23.17 -34.56
C ASN B 582 131.24 23.80 -33.36
N LYS B 583 132.53 24.14 -33.51
CA LYS B 583 133.25 24.79 -32.43
C LYS B 583 132.65 26.15 -32.10
N LYS B 584 132.11 26.83 -33.12
CA LYS B 584 131.41 28.08 -32.87
C LYS B 584 130.09 27.84 -32.14
N MET B 585 129.42 26.72 -32.45
CA MET B 585 128.13 26.46 -31.83
C MET B 585 128.28 25.79 -30.47
N GLU B 586 129.43 25.17 -30.20
CA GLU B 586 129.71 24.60 -28.89
C GLU B 586 130.21 25.64 -27.90
N ASP B 587 130.46 26.87 -28.34
CA ASP B 587 130.93 27.94 -27.48
C ASP B 587 129.76 28.86 -27.13
N ALA B 588 129.47 28.97 -25.83
CA ALA B 588 128.34 29.79 -25.40
C ALA B 588 128.52 31.25 -25.78
N LYS B 589 129.72 31.79 -25.59
CA LYS B 589 129.98 33.20 -25.90
C LYS B 589 129.72 33.55 -27.36
N PHE B 590 129.48 32.57 -28.21
CA PHE B 590 129.10 32.81 -29.59
C PHE B 590 127.62 32.59 -29.84
N TYR B 591 127.11 31.39 -29.54
CA TYR B 591 125.71 31.08 -29.87
C TYR B 591 124.73 31.70 -28.88
N LEU B 592 125.14 31.92 -27.62
CA LEU B 592 124.26 32.63 -26.70
C LEU B 592 124.08 34.08 -27.11
N THR B 593 125.14 34.72 -27.59
CA THR B 593 125.00 36.03 -28.21
C THR B 593 124.10 35.95 -29.43
N LEU B 594 124.18 34.86 -30.20
CA LEU B 594 123.18 34.60 -31.21
C LEU B 594 121.85 34.28 -30.56
N PRO B 595 120.73 34.51 -31.25
CA PRO B 595 119.44 34.19 -30.67
C PRO B 595 119.08 32.72 -30.79
N GLY B 596 118.10 32.31 -29.99
CA GLY B 596 117.75 30.91 -29.88
C GLY B 596 116.39 30.51 -30.42
N THR B 597 115.43 31.43 -30.36
CA THR B 597 114.09 31.19 -30.87
C THR B 597 113.80 32.14 -32.02
N LYS B 598 112.70 31.87 -32.72
CA LYS B 598 112.33 32.70 -33.87
C LYS B 598 112.06 34.13 -33.45
N MET B 599 111.36 34.32 -32.33
CA MET B 599 111.10 35.66 -31.83
C MET B 599 112.41 36.39 -31.54
N GLU B 600 113.42 35.67 -31.02
CA GLU B 600 114.67 36.32 -30.67
C GLU B 600 115.44 36.78 -31.90
N MET B 601 115.53 35.96 -32.95
CA MET B 601 116.27 36.43 -34.12
C MET B 601 115.48 37.49 -34.85
N GLU B 602 114.15 37.42 -34.78
CA GLU B 602 113.34 38.50 -35.34
C GLU B 602 113.63 39.82 -34.64
N GLU B 603 113.70 39.80 -33.30
CA GLU B 603 114.06 41.00 -32.55
C GLU B 603 115.45 41.48 -32.95
N LYS B 604 116.42 40.56 -33.05
CA LYS B 604 117.79 40.96 -33.37
C LYS B 604 117.88 41.53 -34.79
N GLU B 605 117.17 40.93 -35.74
CA GLU B 605 117.18 41.43 -37.10
C GLU B 605 116.57 42.81 -37.19
N LEU B 606 115.43 43.02 -36.51
CA LEU B 606 114.79 44.33 -36.55
C LEU B 606 115.66 45.38 -35.85
N GLN B 607 116.34 44.99 -34.77
CA GLN B 607 117.29 45.89 -34.12
C GLN B 607 118.44 46.25 -35.05
N ALA B 608 118.98 45.26 -35.77
CA ALA B 608 120.09 45.49 -36.67
C ALA B 608 119.67 46.25 -37.92
N SER B 609 118.38 46.27 -38.24
CA SER B 609 117.92 46.96 -39.44
C SER B 609 118.11 48.47 -39.33
N LYS B 610 117.79 49.04 -38.17
CA LYS B 610 117.91 50.49 -38.02
C LYS B 610 119.36 50.93 -37.87
N ASN B 611 120.23 50.04 -37.40
CA ASN B 611 121.65 50.35 -37.22
C ASN B 611 122.44 49.49 -38.20
N LEU B 612 122.66 50.02 -39.40
CA LEU B 612 123.38 49.30 -40.45
C LEU B 612 124.88 49.57 -40.28
N VAL B 613 125.44 48.97 -39.24
CA VAL B 613 126.86 49.08 -38.93
C VAL B 613 127.36 47.67 -38.65
N THR B 614 128.06 47.07 -39.61
CA THR B 614 128.61 45.71 -39.49
C THR B 614 127.51 44.71 -39.10
N PHE B 615 126.36 44.83 -39.74
CA PHE B 615 125.20 43.99 -39.44
C PHE B 615 124.74 43.32 -40.73
N THR B 616 125.35 42.19 -41.07
CA THR B 616 124.89 41.35 -42.17
C THR B 616 124.13 40.19 -41.58
N PRO B 617 122.90 39.93 -42.02
CA PRO B 617 122.12 38.83 -41.43
C PRO B 617 122.86 37.51 -41.57
N SER B 618 122.91 36.76 -40.47
CA SER B 618 123.60 35.49 -40.48
C SER B 618 122.86 34.51 -41.39
N LYS B 619 123.58 34.00 -42.39
CA LYS B 619 123.03 32.98 -43.28
C LYS B 619 122.85 31.65 -42.58
N ASP B 620 123.39 31.50 -41.37
CA ASP B 620 123.30 30.27 -40.60
C ASP B 620 121.91 30.06 -39.99
N SER B 621 121.02 31.04 -40.10
CA SER B 621 119.65 30.87 -39.63
C SER B 621 118.89 29.93 -40.55
N THR B 622 119.25 28.65 -40.52
CA THR B 622 118.70 27.67 -41.44
C THR B 622 117.24 27.38 -41.11
N LYS B 623 116.54 26.79 -42.09
CA LYS B 623 115.13 26.45 -41.90
C LYS B 623 114.94 25.41 -40.81
N ASP B 624 115.99 24.68 -40.44
CA ASP B 624 115.89 23.70 -39.38
C ASP B 624 115.45 24.38 -38.09
N SER B 625 114.46 23.79 -37.44
CA SER B 625 113.88 24.37 -36.23
C SER B 625 113.64 23.26 -35.22
N PHE B 626 113.40 23.67 -33.98
CA PHE B 626 112.99 22.77 -32.91
C PHE B 626 111.98 23.48 -32.03
N GLN B 627 110.97 22.74 -31.58
CA GLN B 627 109.88 23.31 -30.81
C GLN B 627 109.83 22.69 -29.42
N ILE B 628 109.62 23.55 -28.42
CA ILE B 628 109.44 23.12 -27.04
C ILE B 628 108.20 23.78 -26.49
N ALA B 629 107.54 23.10 -25.56
CA ALA B 629 106.41 23.64 -24.81
C ALA B 629 106.87 23.88 -23.38
N THR B 630 106.77 25.12 -22.93
CA THR B 630 107.26 25.51 -21.61
C THR B 630 106.07 25.85 -20.72
N LEU B 631 106.06 25.26 -19.53
CA LEU B 631 105.09 25.58 -18.48
C LEU B 631 105.89 25.55 -17.17
N ILE B 632 106.46 26.70 -16.80
CA ILE B 632 107.33 26.78 -15.64
C ILE B 632 106.43 26.85 -14.40
N CYS B 633 106.40 25.75 -13.64
CA CYS B 633 105.66 25.70 -12.38
C CYS B 633 106.63 26.10 -11.28
N SER B 634 106.67 27.40 -10.99
CA SER B 634 107.56 27.95 -9.98
C SER B 634 106.80 28.93 -9.12
N THR B 635 107.31 29.14 -7.91
CA THR B 635 106.77 30.13 -6.99
C THR B 635 107.69 31.32 -6.82
N LYS B 636 108.91 31.25 -7.34
CA LYS B 636 109.83 32.38 -7.37
C LYS B 636 110.10 32.91 -8.75
N LEU B 637 110.16 32.05 -9.77
CA LEU B 637 110.38 32.51 -11.13
C LEU B 637 109.20 33.33 -11.63
N THR B 638 109.51 34.40 -12.35
CA THR B 638 108.50 35.31 -12.87
C THR B 638 108.60 35.41 -14.38
N GLN B 639 107.46 35.27 -15.06
CA GLN B 639 107.36 35.45 -16.51
C GLN B 639 106.47 36.66 -16.76
N ASN B 640 107.06 37.85 -16.64
CA ASN B 640 106.40 39.07 -17.08
C ASN B 640 107.37 40.24 -17.00
N VAL B 641 107.40 41.07 -18.04
CA VAL B 641 108.21 42.28 -18.00
C VAL B 641 107.65 43.25 -16.97
N ASP B 642 106.32 43.26 -16.81
CA ASP B 642 105.67 44.28 -16.00
C ASP B 642 106.06 44.18 -14.52
N LEU B 643 106.12 42.96 -13.97
CA LEU B 643 106.46 42.82 -12.56
C LEU B 643 107.89 43.29 -12.29
N LEU B 644 108.84 42.86 -13.13
CA LEU B 644 110.23 43.29 -12.96
C LEU B 644 110.35 44.80 -13.07
N GLY B 645 109.64 45.40 -14.03
CA GLY B 645 109.68 46.84 -14.18
C GLY B 645 109.10 47.59 -12.98
N LEU B 646 107.99 47.08 -12.44
CA LEU B 646 107.36 47.75 -11.31
C LEU B 646 108.18 47.61 -10.04
N LEU B 647 108.76 46.42 -9.82
CA LEU B 647 109.69 46.28 -8.71
C LEU B 647 110.90 47.19 -8.91
N ASN B 648 111.36 47.32 -10.14
CA ASN B 648 112.46 48.21 -10.50
C ASN B 648 111.97 49.58 -10.96
N TRP B 649 110.82 50.02 -10.44
CA TRP B 649 110.25 51.29 -10.88
C TRP B 649 111.18 52.46 -10.62
N ARG B 650 112.05 52.34 -9.61
CA ARG B 650 112.94 53.44 -9.27
C ARG B 650 113.90 53.74 -10.42
N SER B 651 114.50 52.70 -10.98
CA SER B 651 115.29 52.84 -12.20
C SER B 651 114.43 52.94 -13.44
N ASN B 652 113.16 52.56 -13.34
CA ASN B 652 112.20 52.65 -14.44
C ASN B 652 111.23 53.80 -14.19
N SER B 653 111.75 54.92 -13.66
CA SER B 653 110.89 56.01 -13.20
C SER B 653 110.07 56.61 -14.34
N GLN B 654 110.61 56.60 -15.55
CA GLN B 654 109.84 57.06 -16.70
C GLN B 654 108.63 56.15 -16.95
N ASN B 655 108.66 54.95 -16.40
CA ASN B 655 107.64 53.94 -16.66
C ASN B 655 106.66 53.81 -15.50
N ILE B 656 106.81 54.60 -14.43
CA ILE B 656 105.99 54.42 -13.24
C ILE B 656 104.51 54.54 -13.59
N LYS B 657 104.16 55.59 -14.35
CA LYS B 657 102.77 55.78 -14.73
C LYS B 657 102.27 54.60 -15.58
N HIS B 658 103.08 54.18 -16.55
CA HIS B 658 102.71 53.04 -17.38
C HIS B 658 102.76 51.72 -16.61
N ASN B 659 103.72 51.58 -15.70
CA ASN B 659 103.78 50.37 -14.88
C ASN B 659 102.58 50.25 -13.95
N LEU B 660 102.10 51.37 -13.42
CA LEU B 660 100.94 51.36 -12.53
C LEU B 660 99.68 50.86 -13.20
N LYS B 661 99.61 50.91 -14.53
CA LYS B 661 98.48 50.37 -15.27
C LYS B 661 98.79 49.01 -15.88
N LYS B 662 100.05 48.75 -16.23
CA LYS B 662 100.44 47.44 -16.68
C LYS B 662 100.49 46.42 -15.56
N LEU B 663 100.43 46.88 -14.31
CA LEU B 663 100.36 45.96 -13.19
C LEU B 663 99.06 45.16 -13.21
N MET B 664 98.03 45.68 -13.89
CA MET B 664 96.77 44.96 -13.98
C MET B 664 96.90 43.64 -14.74
N GLU B 665 97.67 43.63 -15.82
CA GLU B 665 97.78 42.43 -16.65
C GLU B 665 98.78 41.43 -16.10
N VAL B 666 99.44 41.76 -14.99
CA VAL B 666 100.33 40.79 -14.36
C VAL B 666 99.50 39.68 -13.75
N ASP B 667 99.93 38.43 -13.97
CA ASP B 667 99.22 37.30 -13.41
C ASP B 667 99.31 37.30 -11.90
N GLY B 668 98.16 37.05 -11.26
CA GLY B 668 98.13 36.98 -9.81
C GLY B 668 99.05 35.92 -9.25
N GLY B 669 99.13 34.77 -9.93
CA GLY B 669 100.06 33.74 -9.50
C GLY B 669 101.49 34.24 -9.48
N GLU B 670 101.86 35.04 -10.47
CA GLU B 670 103.14 35.72 -10.46
C GLU B 670 103.14 36.88 -9.47
N ILE B 671 101.98 37.48 -9.23
CA ILE B 671 101.90 38.65 -8.34
C ILE B 671 102.26 38.25 -6.92
N VAL B 672 101.65 37.19 -6.40
CA VAL B 672 101.91 36.79 -5.02
C VAL B 672 103.27 36.14 -4.86
N LYS B 673 104.00 35.93 -5.96
CA LYS B 673 105.39 35.52 -5.82
C LYS B 673 106.23 36.64 -5.20
N PHE B 674 105.90 37.89 -5.52
CA PHE B 674 106.63 39.05 -5.03
C PHE B 674 105.64 40.13 -4.59
N LEU B 675 104.55 39.70 -3.96
CA LEU B 675 103.57 40.63 -3.41
C LEU B 675 104.22 41.66 -2.49
N GLN B 676 105.09 41.20 -1.59
CA GLN B 676 105.82 42.12 -0.71
C GLN B 676 106.55 43.20 -1.50
N ASP B 677 107.35 42.79 -2.48
CA ASP B 677 108.16 43.74 -3.22
C ASP B 677 107.30 44.66 -4.05
N THR B 678 106.20 44.14 -4.60
CA THR B 678 105.27 44.98 -5.36
C THR B 678 104.65 46.04 -4.47
N LEU B 679 104.23 45.65 -3.27
CA LEU B 679 103.67 46.62 -2.33
C LEU B 679 104.71 47.68 -1.96
N ASP B 680 105.92 47.25 -1.63
CA ASP B 680 106.96 48.21 -1.28
C ASP B 680 107.25 49.14 -2.44
N ALA B 681 107.29 48.58 -3.65
CA ALA B 681 107.45 49.40 -4.83
C ALA B 681 106.38 50.48 -4.89
N LEU B 682 105.10 50.09 -4.77
CA LEU B 682 104.01 51.04 -4.95
C LEU B 682 104.01 52.08 -3.83
N PHE B 683 104.34 51.65 -2.62
CA PHE B 683 104.30 52.56 -1.48
C PHE B 683 105.40 53.59 -1.58
N ASN B 684 106.62 53.13 -1.91
CA ASN B 684 107.73 54.05 -2.13
C ASN B 684 107.48 54.94 -3.33
N ILE B 685 106.72 54.47 -4.32
CA ILE B 685 106.28 55.35 -5.41
C ILE B 685 105.46 56.50 -4.84
N MET B 686 104.30 56.17 -4.26
CA MET B 686 103.40 57.23 -3.85
C MET B 686 103.90 58.00 -2.62
N MET B 687 105.07 57.66 -2.07
CA MET B 687 105.78 58.56 -1.17
C MET B 687 106.77 59.45 -1.93
N GLU B 688 107.56 58.85 -2.83
CA GLU B 688 108.60 59.60 -3.52
C GLU B 688 108.05 60.68 -4.43
N MET B 689 106.83 60.51 -4.94
CA MET B 689 106.11 61.57 -5.63
C MET B 689 104.66 61.59 -5.16
N SER B 690 104.48 61.60 -3.84
CA SER B 690 103.18 61.88 -3.26
C SER B 690 102.63 63.21 -3.72
N ASP B 691 103.51 64.18 -3.98
CA ASP B 691 103.09 65.47 -4.51
C ASP B 691 102.40 65.30 -5.85
N SER B 692 102.96 64.46 -6.72
CA SER B 692 102.33 64.10 -7.99
C SER B 692 101.18 63.17 -7.66
N GLU B 693 100.00 63.75 -7.40
CA GLU B 693 98.84 62.94 -7.05
C GLU B 693 98.36 62.07 -8.19
N THR B 694 98.82 62.30 -9.42
CA THR B 694 98.55 61.33 -10.48
C THR B 694 99.16 59.98 -10.16
N TYR B 695 100.42 60.00 -9.72
CA TYR B 695 101.06 58.76 -9.31
C TYR B 695 100.44 58.17 -8.07
N ASP B 696 100.04 59.00 -7.11
CA ASP B 696 99.33 58.48 -5.93
C ASP B 696 98.02 57.83 -6.32
N PHE B 697 97.29 58.44 -7.26
CA PHE B 697 96.03 57.87 -7.72
C PHE B 697 96.24 56.54 -8.41
N LEU B 698 97.27 56.46 -9.26
CA LEU B 698 97.52 55.22 -9.98
C LEU B 698 98.04 54.14 -9.04
N VAL B 699 98.86 54.51 -8.07
CA VAL B 699 99.27 53.55 -7.06
C VAL B 699 98.08 53.07 -6.27
N PHE B 700 97.18 53.98 -5.91
CA PHE B 700 95.93 53.62 -5.26
C PHE B 700 95.18 52.59 -6.09
N ASP B 701 94.98 52.90 -7.38
CA ASP B 701 94.19 52.04 -8.25
C ASP B 701 94.83 50.67 -8.39
N ALA B 702 96.14 50.65 -8.61
CA ALA B 702 96.85 49.38 -8.77
C ALA B 702 96.80 48.55 -7.50
N LEU B 703 97.02 49.18 -6.35
CA LEU B 703 96.95 48.48 -5.07
C LEU B 703 95.56 47.91 -4.83
N VAL B 704 94.53 48.71 -5.12
CA VAL B 704 93.16 48.26 -4.92
C VAL B 704 92.86 47.05 -5.80
N PHE B 705 93.32 47.11 -7.06
CA PHE B 705 93.13 45.98 -7.96
C PHE B 705 93.88 44.75 -7.46
N ILE B 706 95.07 44.93 -6.88
CA ILE B 706 95.83 43.79 -6.35
C ILE B 706 95.11 43.16 -5.17
N ILE B 707 94.62 43.97 -4.22
CA ILE B 707 93.94 43.40 -3.06
C ILE B 707 92.65 42.70 -3.48
N SER B 708 91.93 43.26 -4.45
CA SER B 708 90.77 42.56 -4.97
C SER B 708 91.16 41.21 -5.57
N LEU B 709 92.26 41.16 -6.32
CA LEU B 709 92.72 39.90 -6.89
C LEU B 709 93.11 38.91 -5.81
N ILE B 710 93.80 39.39 -4.77
CA ILE B 710 94.29 38.50 -3.73
C ILE B 710 93.14 37.94 -2.91
N GLY B 711 92.07 38.73 -2.73
CA GLY B 711 90.88 38.22 -2.08
C GLY B 711 90.32 36.94 -2.68
N ASP B 712 90.81 36.54 -3.84
CA ASP B 712 90.42 35.27 -4.46
C ASP B 712 90.79 34.10 -3.55
N ILE B 713 90.07 32.99 -3.74
CA ILE B 713 90.35 31.77 -2.99
C ILE B 713 91.73 31.24 -3.33
N LYS B 714 92.14 31.36 -4.61
CA LYS B 714 93.51 31.02 -4.98
C LYS B 714 94.52 31.80 -4.15
N PHE B 715 94.19 33.04 -3.77
CA PHE B 715 95.15 33.94 -3.17
C PHE B 715 94.75 34.30 -1.74
N GLN B 716 93.71 33.66 -1.22
CA GLN B 716 93.32 33.86 0.17
C GLN B 716 94.37 33.32 1.13
N HIS B 717 95.28 32.48 0.65
CA HIS B 717 96.40 32.01 1.45
C HIS B 717 97.53 33.03 1.52
N PHE B 718 97.70 33.83 0.46
CA PHE B 718 98.64 34.93 0.49
C PHE B 718 98.04 36.20 1.08
N ASN B 719 96.73 36.22 1.28
CA ASN B 719 96.15 37.28 2.11
C ASN B 719 96.78 37.33 3.49
N PRO B 720 97.04 36.20 4.18
CA PRO B 720 97.92 36.27 5.35
C PRO B 720 99.30 36.82 5.03
N VAL B 721 99.85 36.51 3.86
CA VAL B 721 101.11 37.13 3.46
C VAL B 721 100.92 38.62 3.25
N LEU B 722 99.76 39.02 2.72
CA LEU B 722 99.50 40.44 2.51
C LEU B 722 99.43 41.19 3.84
N GLU B 723 98.72 40.63 4.82
CA GLU B 723 98.68 41.25 6.14
C GLU B 723 100.05 41.15 6.83
N THR B 724 100.82 40.11 6.51
CA THR B 724 102.20 40.06 6.95
C THR B 724 102.97 41.27 6.47
N TYR B 725 102.81 41.62 5.19
CA TYR B 725 103.40 42.85 4.69
C TYR B 725 102.84 44.06 5.43
N ILE B 726 101.52 44.07 5.67
CA ILE B 726 100.89 45.21 6.32
C ILE B 726 101.57 45.49 7.65
N TYR B 727 101.66 44.46 8.49
CA TYR B 727 102.20 44.65 9.83
C TYR B 727 103.71 44.74 9.87
N LYS B 728 104.41 44.20 8.87
CA LYS B 728 105.86 44.06 8.96
C LYS B 728 106.61 44.74 7.84
N HIS B 729 106.28 44.43 6.58
CA HIS B 729 107.13 44.80 5.46
C HIS B 729 106.73 46.12 4.82
N PHE B 730 105.73 46.79 5.38
CA PHE B 730 105.30 48.10 4.88
C PHE B 730 106.33 49.17 5.23
N SER B 731 106.49 50.13 4.32
CA SER B 731 107.58 51.10 4.45
C SER B 731 107.19 52.54 4.07
N ALA B 732 105.90 52.84 3.96
CA ALA B 732 105.46 54.15 3.46
C ALA B 732 105.01 55.02 4.64
N THR B 733 105.77 56.07 4.92
CA THR B 733 105.50 56.87 6.12
C THR B 733 104.34 57.84 5.95
N LEU B 734 103.89 58.10 4.72
CA LEU B 734 102.75 58.99 4.52
C LEU B 734 101.63 58.33 3.75
N ALA B 735 101.71 57.03 3.49
CA ALA B 735 100.63 56.34 2.79
C ALA B 735 99.30 56.49 3.49
N TYR B 736 99.32 56.75 4.79
CA TYR B 736 98.07 57.04 5.48
C TYR B 736 97.46 58.33 4.94
N VAL B 737 98.24 59.41 4.93
CA VAL B 737 97.76 60.67 4.34
C VAL B 737 97.39 60.44 2.88
N LYS B 738 98.29 59.84 2.11
CA LYS B 738 98.10 59.78 0.68
C LYS B 738 96.87 58.97 0.33
N LEU B 739 96.71 57.79 0.93
CA LEU B 739 95.60 56.93 0.56
C LEU B 739 94.29 57.40 1.16
N SER B 740 94.29 57.90 2.41
CA SER B 740 93.07 58.48 2.94
C SER B 740 92.64 59.67 2.11
N LYS B 741 93.62 60.42 1.60
CA LYS B 741 93.38 61.54 0.70
C LYS B 741 92.74 61.07 -0.60
N VAL B 742 93.35 60.07 -1.24
CA VAL B 742 92.85 59.58 -2.53
C VAL B 742 91.45 59.02 -2.37
N LEU B 743 91.21 58.28 -1.29
CA LEU B 743 89.89 57.69 -1.11
C LEU B 743 88.86 58.71 -0.64
N ASN B 744 89.29 59.76 0.05
CA ASN B 744 88.39 60.88 0.30
C ASN B 744 87.99 61.53 -1.02
N PHE B 745 88.93 61.64 -1.95
CA PHE B 745 88.60 62.08 -3.29
C PHE B 745 87.61 61.11 -3.94
N TYR B 746 87.85 59.81 -3.81
CA TYR B 746 86.98 58.82 -4.43
C TYR B 746 85.55 58.94 -3.92
N VAL B 747 85.41 59.15 -2.61
CA VAL B 747 84.08 59.29 -2.03
C VAL B 747 83.42 60.60 -2.43
N ALA B 748 84.16 61.71 -2.31
CA ALA B 748 83.59 63.00 -2.66
C ALA B 748 83.30 63.10 -4.15
N ASN B 749 83.85 62.20 -4.95
CA ASN B 749 83.64 62.16 -6.40
C ASN B 749 83.15 60.78 -6.83
N ALA B 750 82.20 60.21 -6.08
CA ALA B 750 81.74 58.85 -6.35
C ALA B 750 80.79 58.79 -7.55
N ASP B 751 79.98 59.83 -7.75
CA ASP B 751 79.02 59.82 -8.85
C ASP B 751 79.71 59.70 -10.20
N ASP B 752 80.98 60.09 -10.29
CA ASP B 752 81.77 59.83 -11.48
C ASP B 752 81.80 58.33 -11.76
N SER B 753 81.50 57.97 -13.02
CA SER B 753 81.48 56.57 -13.41
C SER B 753 82.86 56.02 -13.72
N SER B 754 83.90 56.85 -13.70
CA SER B 754 85.28 56.38 -13.77
C SER B 754 85.91 56.24 -12.40
N LYS B 755 85.47 57.04 -11.44
CA LYS B 755 85.78 56.83 -10.04
C LYS B 755 84.79 55.88 -9.37
N THR B 756 83.68 55.57 -10.03
CA THR B 756 82.69 54.67 -9.44
C THR B 756 83.28 53.29 -9.22
N GLU B 757 83.88 52.69 -10.26
CA GLU B 757 84.49 51.37 -10.10
C GLU B 757 85.68 51.46 -9.15
N LEU B 758 86.42 52.57 -9.19
CA LEU B 758 87.58 52.73 -8.34
C LEU B 758 87.16 52.78 -6.88
N LEU B 759 86.14 53.60 -6.57
CA LEU B 759 85.62 53.65 -5.21
C LEU B 759 85.02 52.32 -4.81
N PHE B 760 84.34 51.63 -5.72
CA PHE B 760 83.77 50.32 -5.40
C PHE B 760 84.85 49.32 -4.99
N ALA B 761 85.87 49.17 -5.84
CA ALA B 761 86.92 48.21 -5.56
C ALA B 761 87.70 48.58 -4.30
N ALA B 762 87.75 49.89 -3.98
CA ALA B 762 88.28 50.29 -2.68
C ALA B 762 87.33 49.90 -1.55
N LEU B 763 86.02 49.93 -1.82
CA LEU B 763 85.02 49.64 -0.81
C LEU B 763 85.06 48.17 -0.38
N LYS B 764 85.15 47.27 -1.36
CA LYS B 764 85.20 45.84 -1.04
C LYS B 764 86.29 45.49 -0.04
N ALA B 765 87.45 46.13 -0.13
CA ALA B 765 88.58 45.79 0.73
C ALA B 765 88.92 46.91 1.70
N LEU B 766 87.92 47.71 2.08
CA LEU B 766 88.20 48.83 3.00
C LEU B 766 88.95 48.34 4.23
N LYS B 767 88.57 47.17 4.76
CA LYS B 767 89.27 46.62 5.91
C LYS B 767 90.77 46.51 5.62
N TYR B 768 91.13 45.84 4.52
CA TYR B 768 92.54 45.68 4.16
C TYR B 768 93.20 47.03 3.95
N LEU B 769 92.53 47.93 3.22
CA LEU B 769 93.15 49.17 2.81
C LEU B 769 93.46 50.07 4.01
N PHE B 770 92.55 50.15 4.98
CA PHE B 770 92.92 50.95 6.14
C PHE B 770 93.55 50.15 7.26
N ARG B 771 93.68 48.83 7.17
CA ARG B 771 94.77 48.21 7.91
C ARG B 771 96.09 48.79 7.44
N PHE B 772 96.28 48.80 6.11
CA PHE B 772 97.45 49.44 5.52
C PHE B 772 97.58 50.90 5.97
N ILE B 773 96.48 51.65 5.93
CA ILE B 773 96.55 53.09 6.18
C ILE B 773 96.74 53.41 7.66
N ILE B 774 96.01 52.74 8.55
CA ILE B 774 96.24 52.96 9.97
C ILE B 774 97.66 52.55 10.33
N GLN B 775 98.17 51.51 9.69
CA GLN B 775 99.55 51.11 9.90
C GLN B 775 100.52 52.17 9.38
N SER B 776 100.22 52.79 8.24
CA SER B 776 101.07 53.87 7.74
C SER B 776 101.00 55.09 8.66
N ARG B 777 99.84 55.32 9.25
CA ARG B 777 99.68 56.38 10.25
C ARG B 777 100.60 56.14 11.44
N VAL B 778 100.57 54.93 11.99
CA VAL B 778 101.43 54.64 13.14
C VAL B 778 102.89 54.57 12.71
N LEU B 779 103.16 54.20 11.47
CA LEU B 779 104.52 54.23 10.95
C LEU B 779 105.03 55.66 10.90
N TYR B 780 104.16 56.59 10.49
CA TYR B 780 104.47 58.00 10.58
C TYR B 780 104.70 58.43 12.03
N LEU B 781 103.84 57.98 12.93
CA LEU B 781 104.02 58.25 14.35
C LEU B 781 105.42 57.86 14.80
N ARG B 782 105.86 56.65 14.44
CA ARG B 782 107.16 56.16 14.89
C ARG B 782 108.29 56.89 14.20
N PHE B 783 108.19 57.08 12.88
CA PHE B 783 109.22 57.76 12.10
C PHE B 783 109.36 59.22 12.48
N TYR B 784 108.37 59.80 13.15
CA TYR B 784 108.44 61.19 13.56
C TYR B 784 108.09 61.40 15.03
N GLY B 785 108.10 60.33 15.83
CA GLY B 785 107.87 60.46 17.25
C GLY B 785 106.43 60.81 17.55
N GLN B 786 106.07 62.05 17.22
CA GLN B 786 104.71 62.53 17.31
C GLN B 786 104.24 62.92 15.92
N SER B 787 102.97 62.68 15.64
CA SER B 787 102.41 63.04 14.34
C SER B 787 102.12 64.53 14.34
N LYS B 788 103.03 65.30 13.75
CA LYS B 788 102.68 66.66 13.35
C LYS B 788 101.53 66.66 12.35
N ASP B 789 101.30 65.53 11.68
CA ASP B 789 100.08 65.25 10.95
C ASP B 789 99.00 64.68 11.85
N GLY B 790 99.15 64.84 13.17
CA GLY B 790 98.16 64.29 14.10
C GLY B 790 96.77 64.82 13.83
N ASP B 791 96.66 66.10 13.54
CA ASP B 791 95.40 66.68 13.09
C ASP B 791 95.10 66.31 11.65
N GLU B 792 96.11 66.30 10.78
CA GLU B 792 95.88 66.23 9.34
C GLU B 792 95.16 64.94 8.95
N PHE B 793 95.68 63.80 9.39
CA PHE B 793 95.13 62.54 8.93
C PHE B 793 93.78 62.25 9.56
N ASN B 794 93.66 62.46 10.87
CA ASN B 794 92.37 62.27 11.53
C ASN B 794 91.32 63.20 10.95
N ASN B 795 91.74 64.38 10.48
CA ASN B 795 90.81 65.22 9.74
C ASN B 795 90.51 64.61 8.38
N SER B 796 91.53 64.18 7.64
CA SER B 796 91.29 63.53 6.36
C SER B 796 90.22 62.46 6.52
N ILE B 797 90.26 61.77 7.65
CA ILE B 797 89.18 60.86 8.02
C ILE B 797 87.89 61.63 8.24
N ARG B 798 87.94 62.78 8.91
CA ARG B 798 86.69 63.49 9.24
C ARG B 798 86.02 64.10 8.00
N GLN B 799 86.78 64.80 7.16
CA GLN B 799 86.25 65.17 5.84
C GLN B 799 85.90 63.95 4.99
N LEU B 800 86.49 62.78 5.23
CA LEU B 800 85.96 61.61 4.55
C LEU B 800 84.60 61.20 5.11
N PHE B 801 84.40 61.40 6.41
CA PHE B 801 83.07 61.30 7.00
C PHE B 801 82.11 62.21 6.27
N LEU B 802 82.52 63.46 6.08
CA LEU B 802 81.64 64.44 5.47
C LEU B 802 81.42 64.14 4.00
N ALA B 803 82.44 63.62 3.32
CA ALA B 803 82.26 63.13 1.97
C ALA B 803 81.24 62.01 1.94
N PHE B 804 81.28 61.14 2.95
CA PHE B 804 80.25 60.13 3.10
C PHE B 804 78.88 60.78 3.16
N ASN B 805 78.73 61.73 4.09
CA ASN B 805 77.43 62.32 4.37
C ASN B 805 76.89 63.04 3.14
N MET B 806 77.75 63.76 2.42
CA MET B 806 77.30 64.48 1.24
C MET B 806 77.02 63.54 0.07
N LEU B 807 77.86 62.52 -0.12
CA LEU B 807 77.62 61.54 -1.17
C LEU B 807 76.29 60.85 -0.99
N MET B 808 75.98 60.43 0.24
CA MET B 808 74.77 59.65 0.47
C MET B 808 73.56 60.52 0.77
N ASP B 809 73.75 61.80 1.09
CA ASP B 809 72.63 62.73 1.07
C ASP B 809 72.06 62.87 -0.33
N ARG B 810 72.86 62.60 -1.35
CA ARG B 810 72.36 62.58 -2.71
C ARG B 810 71.42 61.39 -2.89
N PRO B 811 70.58 61.40 -3.93
CA PRO B 811 69.63 60.30 -4.12
C PRO B 811 70.31 58.95 -4.27
N LEU B 812 69.54 57.90 -3.96
CA LEU B 812 70.08 56.53 -3.90
C LEU B 812 70.36 55.98 -5.28
N GLU B 813 69.77 56.57 -6.33
CA GLU B 813 69.87 55.97 -7.67
C GLU B 813 71.31 55.92 -8.18
N GLU B 814 72.06 57.02 -8.05
CA GLU B 814 73.39 57.07 -8.63
C GLU B 814 74.31 56.01 -8.02
N ALA B 815 74.21 55.80 -6.72
CA ALA B 815 75.21 55.07 -5.96
C ALA B 815 74.55 54.20 -4.89
N VAL B 816 73.50 53.46 -5.27
CA VAL B 816 72.88 52.54 -4.32
C VAL B 816 73.87 51.46 -3.90
N LYS B 817 74.62 50.93 -4.88
CA LYS B 817 75.62 49.92 -4.57
C LYS B 817 76.79 50.52 -3.79
N ILE B 818 77.14 51.77 -4.09
CA ILE B 818 78.18 52.44 -3.30
C ILE B 818 77.73 52.59 -1.87
N LYS B 819 76.48 52.99 -1.64
CA LYS B 819 75.97 53.09 -0.28
C LYS B 819 75.99 51.73 0.39
N GLY B 820 75.59 50.68 -0.34
CA GLY B 820 75.63 49.35 0.23
C GLY B 820 77.03 48.94 0.64
N ALA B 821 78.01 49.20 -0.23
CA ALA B 821 79.38 48.83 0.09
C ALA B 821 79.92 49.68 1.24
N ALA B 822 79.54 50.94 1.29
CA ALA B 822 79.89 51.76 2.45
C ALA B 822 79.34 51.14 3.72
N LEU B 823 78.04 50.84 3.74
CA LEU B 823 77.43 50.23 4.90
C LEU B 823 78.12 48.93 5.28
N LYS B 824 78.47 48.12 4.27
CA LYS B 824 79.04 46.81 4.55
C LYS B 824 80.46 46.94 5.10
N TYR B 825 81.35 47.59 4.36
CA TYR B 825 82.77 47.56 4.67
C TYR B 825 83.22 48.75 5.50
N LEU B 826 82.31 49.63 5.87
CA LEU B 826 82.60 50.73 6.77
C LEU B 826 82.92 50.23 8.17
N PRO B 827 82.15 49.30 8.74
CA PRO B 827 82.58 48.72 10.04
C PRO B 827 83.77 47.80 9.91
N SER B 828 84.15 47.42 8.69
CA SER B 828 85.36 46.64 8.49
C SER B 828 86.60 47.46 8.81
N ILE B 829 86.44 48.78 8.85
CA ILE B 829 87.58 49.68 9.01
C ILE B 829 87.49 50.45 10.29
N ILE B 830 86.34 50.43 10.96
CA ILE B 830 86.22 51.15 12.21
C ILE B 830 87.17 50.56 13.24
N ASN B 831 87.33 49.24 13.25
CA ASN B 831 88.32 48.64 14.13
C ASN B 831 89.74 48.97 13.67
N ASP B 832 89.95 49.11 12.36
CA ASP B 832 91.26 49.59 11.90
C ASP B 832 91.56 50.95 12.49
N VAL B 833 90.57 51.83 12.46
CA VAL B 833 90.78 53.23 12.85
C VAL B 833 90.73 53.38 14.37
N LYS B 834 90.23 52.37 15.08
CA LYS B 834 90.24 52.42 16.54
C LYS B 834 91.66 52.56 17.07
N LEU B 835 92.65 52.20 16.26
CA LEU B 835 94.04 52.38 16.65
C LEU B 835 94.38 53.85 16.82
N VAL B 836 93.86 54.73 15.96
CA VAL B 836 94.37 56.09 15.85
C VAL B 836 93.28 57.15 15.86
N PHE B 837 92.07 56.83 16.31
CA PHE B 837 91.01 57.83 16.37
C PHE B 837 90.24 57.68 17.66
N ASP B 838 89.58 58.75 18.08
CA ASP B 838 88.77 58.69 19.29
C ASP B 838 87.51 57.86 19.03
N PRO B 839 87.23 56.86 19.86
CA PRO B 839 86.02 56.05 19.62
C PRO B 839 84.74 56.85 19.63
N VAL B 840 84.63 57.85 20.50
CA VAL B 840 83.38 58.59 20.62
C VAL B 840 83.21 59.55 19.46
N GLU B 841 84.26 60.31 19.14
CA GLU B 841 84.20 61.21 17.99
C GLU B 841 83.95 60.43 16.71
N LEU B 842 84.62 59.28 16.57
CA LEU B 842 84.37 58.42 15.43
C LEU B 842 82.91 57.97 15.41
N SER B 843 82.40 57.55 16.57
CA SER B 843 81.05 57.05 16.67
C SER B 843 80.05 58.11 16.26
N VAL B 844 80.27 59.35 16.70
CA VAL B 844 79.31 60.40 16.41
C VAL B 844 79.48 60.90 14.99
N LEU B 845 80.70 60.83 14.44
CA LEU B 845 80.88 61.15 13.03
C LEU B 845 80.06 60.19 12.16
N PHE B 846 80.12 58.90 12.49
CA PHE B 846 79.22 57.95 11.85
C PHE B 846 77.77 58.27 12.14
N CYS B 847 77.45 58.69 13.37
CA CYS B 847 76.07 59.04 13.68
C CYS B 847 75.57 60.16 12.77
N LYS B 848 76.43 61.15 12.52
CA LYS B 848 76.09 62.21 11.58
C LYS B 848 75.86 61.63 10.19
N PHE B 849 76.74 60.72 9.78
CA PHE B 849 76.55 60.06 8.50
C PHE B 849 75.20 59.37 8.44
N ILE B 850 74.81 58.71 9.53
CA ILE B 850 73.62 57.88 9.54
C ILE B 850 72.37 58.71 9.71
N GLN B 851 72.49 59.93 10.20
CA GLN B 851 71.37 60.83 10.18
C GLN B 851 71.37 61.69 8.93
N SER B 852 72.46 61.65 8.15
CA SER B 852 72.37 62.06 6.76
C SER B 852 71.66 61.00 5.92
N ILE B 853 71.23 59.90 6.54
CA ILE B 853 70.33 58.92 5.91
C ILE B 853 68.98 59.56 5.63
N PRO B 854 68.52 59.58 4.38
CA PRO B 854 67.07 59.60 4.14
C PRO B 854 66.52 58.23 4.49
N ASP B 855 65.59 58.20 5.43
CA ASP B 855 65.37 57.02 6.25
C ASP B 855 64.52 55.95 5.57
N ASN B 856 64.56 55.88 4.25
CA ASN B 856 63.84 54.86 3.48
C ASN B 856 64.69 54.25 2.37
N GLN B 857 65.94 53.87 2.69
CA GLN B 857 66.88 53.37 1.70
C GLN B 857 67.76 52.29 2.28
N LEU B 858 67.70 51.09 1.71
CA LEU B 858 68.63 49.98 2.04
C LEU B 858 68.59 49.64 3.53
N VAL B 859 67.43 49.14 3.96
CA VAL B 859 67.18 48.98 5.39
C VAL B 859 68.02 47.85 5.98
N ARG B 860 67.90 46.63 5.44
CA ARG B 860 68.68 45.54 5.98
C ARG B 860 70.17 45.77 5.77
N GLN B 861 70.52 46.63 4.80
CA GLN B 861 71.92 46.91 4.53
C GLN B 861 72.54 47.72 5.66
N LYS B 862 71.87 48.80 6.07
CA LYS B 862 72.31 49.51 7.26
C LYS B 862 72.17 48.67 8.52
N LEU B 863 71.22 47.74 8.52
CA LEU B 863 71.21 46.75 9.60
C LEU B 863 72.54 46.00 9.64
N ASN B 864 73.00 45.55 8.47
CA ASN B 864 74.31 44.92 8.38
C ASN B 864 75.38 45.86 8.85
N CYS B 865 75.28 47.13 8.46
CA CYS B 865 76.30 48.10 8.81
C CYS B 865 76.45 48.22 10.31
N MET B 866 75.34 48.51 10.99
CA MET B 866 75.42 48.63 12.44
C MET B 866 75.85 47.32 13.07
N THR B 867 75.46 46.20 12.45
CA THR B 867 75.76 44.90 13.03
C THR B 867 77.25 44.64 13.01
N LYS B 868 77.89 44.92 11.89
CA LYS B 868 79.35 44.83 11.82
C LYS B 868 79.99 45.89 12.71
N ILE B 869 79.30 47.00 12.93
CA ILE B 869 79.82 48.03 13.82
C ILE B 869 79.91 47.52 15.24
N VAL B 870 78.77 47.06 15.77
CA VAL B 870 78.73 46.52 17.14
C VAL B 870 79.54 45.25 17.23
N GLU B 871 79.78 44.59 16.10
CA GLU B 871 80.71 43.47 16.06
C GLU B 871 82.06 43.89 16.60
N SER B 872 82.74 44.77 15.89
CA SER B 872 83.96 45.37 16.39
C SER B 872 83.56 46.51 17.33
N THR B 873 84.54 47.26 17.81
CA THR B 873 84.33 48.63 18.26
C THR B 873 83.37 48.70 19.44
N LEU B 874 82.79 47.56 19.80
CA LEU B 874 81.92 47.52 20.96
C LEU B 874 82.59 46.87 22.15
N PHE B 875 83.65 46.08 21.93
CA PHE B 875 84.51 45.71 23.04
C PHE B 875 84.88 46.93 23.88
N ARG B 876 84.93 48.10 23.26
CA ARG B 876 84.87 49.37 23.97
C ARG B 876 83.43 49.89 23.92
N GLN B 877 82.65 49.41 24.89
CA GLN B 877 81.19 49.54 24.81
C GLN B 877 80.70 50.87 25.36
N SER B 878 81.02 51.16 26.63
CA SER B 878 80.40 52.26 27.37
C SER B 878 80.58 53.62 26.70
N GLU B 879 81.36 53.74 25.63
CA GLU B 879 81.59 55.03 25.00
C GLU B 879 80.94 55.17 23.63
N CYS B 880 80.41 54.11 23.05
CA CYS B 880 79.72 54.21 21.78
C CYS B 880 78.36 53.56 21.88
N ARG B 881 78.23 52.57 22.77
CA ARG B 881 76.96 51.90 22.98
C ARG B 881 75.86 52.91 23.25
N GLU B 882 76.11 53.82 24.18
CA GLU B 882 75.15 54.84 24.57
C GLU B 882 74.96 55.92 23.52
N VAL B 883 75.82 56.00 22.51
CA VAL B 883 75.65 56.97 21.44
C VAL B 883 75.06 56.34 20.19
N LEU B 884 75.20 55.03 20.01
CA LEU B 884 74.63 54.39 18.83
C LEU B 884 73.24 53.86 19.13
N LEU B 885 73.07 53.16 20.26
CA LEU B 885 71.75 52.66 20.63
C LEU B 885 70.66 53.73 20.54
N PRO B 886 70.92 55.01 20.79
CA PRO B 886 69.91 56.01 20.44
C PRO B 886 69.42 55.85 19.02
N LEU B 887 70.36 55.98 18.08
CA LEU B 887 70.02 55.90 16.67
C LEU B 887 69.48 54.52 16.31
N LEU B 888 69.97 53.50 17.01
CA LEU B 888 69.61 52.15 16.61
C LEU B 888 68.23 51.78 17.13
N THR B 889 67.89 52.26 18.32
CA THR B 889 66.49 52.15 18.73
C THR B 889 65.61 53.05 17.89
N ASP B 890 66.16 54.13 17.34
CA ASP B 890 65.41 54.88 16.34
C ASP B 890 65.00 53.96 15.21
N GLN B 891 65.97 53.24 14.65
CA GLN B 891 65.60 52.36 13.54
C GLN B 891 64.68 51.25 14.03
N LEU B 892 64.85 50.81 15.28
CA LEU B 892 64.00 49.75 15.82
C LEU B 892 62.56 50.20 15.92
N SER B 893 62.32 51.34 16.57
CA SER B 893 60.96 51.84 16.69
C SER B 893 60.38 52.18 15.34
N GLY B 894 61.21 52.54 14.37
CA GLY B 894 60.73 52.60 13.00
C GLY B 894 60.30 51.25 12.49
N GLN B 895 61.05 50.22 12.87
CA GLN B 895 60.73 48.84 12.52
C GLN B 895 59.58 48.27 13.35
N LEU B 896 59.13 48.99 14.37
CA LEU B 896 58.11 48.54 15.30
C LEU B 896 56.90 48.09 14.51
N ASP B 897 56.38 49.03 13.71
CA ASP B 897 55.36 48.73 12.72
C ASP B 897 55.44 49.81 11.67
N ASP B 898 56.13 49.51 10.57
CA ASP B 898 56.14 50.39 9.42
C ASP B 898 55.54 49.71 8.20
N ASN B 899 55.03 48.49 8.35
CA ASN B 899 54.46 47.68 7.28
C ASN B 899 55.47 47.42 6.16
N SER B 900 56.74 47.78 6.37
CA SER B 900 57.84 47.52 5.45
C SER B 900 58.90 46.64 6.09
N ASN B 901 58.58 46.00 7.20
CA ASN B 901 59.51 45.11 7.87
C ASN B 901 59.75 43.82 7.09
N LYS B 902 58.97 43.58 6.04
CA LYS B 902 59.06 42.30 5.35
C LYS B 902 60.45 42.02 4.76
N PRO B 903 61.27 43.01 4.40
CA PRO B 903 62.70 42.71 4.27
C PRO B 903 63.43 42.71 5.60
N ASP B 904 62.94 43.47 6.58
CA ASP B 904 63.70 43.67 7.80
C ASP B 904 63.32 42.71 8.92
N HIS B 905 62.37 41.81 8.73
CA HIS B 905 62.03 40.90 9.82
C HIS B 905 63.24 40.10 10.28
N GLU B 906 63.76 39.22 9.42
CA GLU B 906 64.87 38.38 9.81
C GLU B 906 66.12 39.22 10.07
N ALA B 907 66.28 40.31 9.33
CA ALA B 907 67.44 41.18 9.54
C ALA B 907 67.41 41.81 10.93
N SER B 908 66.24 42.26 11.37
CA SER B 908 66.08 42.86 12.68
C SER B 908 66.22 41.81 13.78
N SER B 909 65.70 40.61 13.54
CA SER B 909 65.94 39.54 14.49
C SER B 909 67.43 39.29 14.64
N GLN B 910 68.16 39.30 13.52
CA GLN B 910 69.61 39.18 13.56
C GLN B 910 70.23 40.33 14.32
N LEU B 911 69.69 41.53 14.14
CA LEU B 911 70.15 42.68 14.88
C LEU B 911 70.08 42.35 16.36
N LEU B 912 68.85 42.15 16.84
CA LEU B 912 68.58 41.69 18.19
C LEU B 912 69.58 40.64 18.64
N SER B 913 69.80 39.63 17.81
CA SER B 913 70.73 38.55 18.16
C SER B 913 72.09 39.11 18.52
N ASN B 914 72.73 39.76 17.56
CA ASN B 914 74.11 40.17 17.75
C ASN B 914 74.22 41.21 18.84
N ILE B 915 73.23 42.09 18.95
CA ILE B 915 73.28 43.12 19.99
C ILE B 915 73.08 42.49 21.36
N LEU B 916 72.18 41.53 21.49
CA LEU B 916 72.02 40.84 22.77
C LEU B 916 73.29 40.10 23.14
N GLU B 917 73.96 39.54 22.13
CA GLU B 917 75.29 38.96 22.34
C GLU B 917 76.24 39.97 22.94
N VAL B 918 76.54 41.01 22.16
CA VAL B 918 77.60 41.94 22.52
C VAL B 918 77.28 42.67 23.82
N LEU B 919 76.03 43.10 23.99
CA LEU B 919 75.61 43.69 25.25
C LEU B 919 75.70 42.66 26.38
N ASP B 920 75.43 41.39 26.07
CA ASP B 920 75.60 40.32 27.04
C ASP B 920 77.01 39.78 27.07
N ARG B 921 77.85 40.13 26.10
CA ARG B 921 79.25 39.76 26.20
C ARG B 921 79.89 40.48 27.37
N LYS B 922 80.42 39.69 28.31
CA LYS B 922 80.82 40.22 29.61
C LYS B 922 81.98 41.21 29.48
N ASP B 923 82.97 40.89 28.66
CA ASP B 923 84.14 41.73 28.47
C ASP B 923 83.88 42.94 27.58
N VAL B 924 82.92 42.82 26.66
CA VAL B 924 82.65 43.89 25.71
C VAL B 924 82.28 45.19 26.41
N GLY B 925 81.60 45.10 27.55
CA GLY B 925 81.39 46.30 28.35
C GLY B 925 80.15 46.25 29.21
N ALA B 926 80.26 46.83 30.41
CA ALA B 926 79.11 46.86 31.31
C ALA B 926 78.01 47.75 30.72
N THR B 927 76.80 47.19 30.68
CA THR B 927 75.68 47.88 30.06
C THR B 927 74.36 47.70 30.82
N ALA B 928 74.42 47.27 32.07
CA ALA B 928 73.19 46.94 32.81
C ALA B 928 72.21 48.10 32.81
N VAL B 929 72.70 49.31 33.12
CA VAL B 929 71.82 50.47 33.04
C VAL B 929 71.44 50.75 31.59
N HIS B 930 72.40 50.61 30.68
CA HIS B 930 72.06 50.71 29.27
C HIS B 930 71.19 49.54 28.81
N ILE B 931 71.29 48.40 29.49
CA ILE B 931 70.34 47.31 29.28
C ILE B 931 68.94 47.77 29.63
N GLN B 932 68.80 48.45 30.77
CA GLN B 932 67.50 49.01 31.11
C GLN B 932 67.06 50.07 30.11
N LEU B 933 68.01 50.84 29.58
CA LEU B 933 67.70 51.76 28.49
C LEU B 933 67.09 51.01 27.33
N ILE B 934 67.73 49.90 26.95
CA ILE B 934 67.22 49.03 25.91
C ILE B 934 65.81 48.58 26.25
N MET B 935 65.59 48.20 27.50
CA MET B 935 64.25 47.75 27.85
C MET B 935 63.23 48.85 27.62
N GLU B 936 63.45 49.98 28.28
CA GLU B 936 62.53 51.09 28.25
C GLU B 936 62.30 51.61 26.84
N ARG B 937 63.26 51.45 25.94
CA ARG B 937 63.08 51.98 24.61
C ARG B 937 62.83 50.91 23.55
N LEU B 938 62.80 49.64 23.91
CA LEU B 938 62.68 48.61 22.91
C LEU B 938 61.64 47.55 23.21
N LEU B 939 61.10 47.45 24.43
CA LEU B 939 60.22 46.32 24.72
C LEU B 939 58.77 46.52 24.30
N ARG B 940 58.12 47.62 24.69
CA ARG B 940 56.80 47.84 24.10
C ARG B 940 56.89 47.84 22.59
N ARG B 941 58.01 48.37 22.10
CA ARG B 941 58.36 48.35 20.69
C ARG B 941 58.30 46.94 20.11
N ILE B 942 59.15 46.05 20.59
CA ILE B 942 59.26 44.72 19.99
C ILE B 942 58.06 43.87 20.32
N ASN B 943 57.36 44.15 21.41
CA ASN B 943 56.17 43.38 21.73
C ASN B 943 55.01 43.75 20.84
N ARG B 944 54.87 45.02 20.51
CA ARG B 944 53.95 45.32 19.43
C ARG B 944 54.46 44.78 18.10
N THR B 945 55.77 44.64 17.97
CA THR B 945 56.31 44.11 16.72
C THR B 945 56.03 42.61 16.59
N VAL B 946 55.99 41.90 17.71
CA VAL B 946 55.65 40.48 17.68
C VAL B 946 54.14 40.31 17.74
N ILE B 947 53.42 41.35 18.14
CA ILE B 947 52.03 41.48 17.69
C ILE B 947 52.02 41.43 16.18
N GLY B 948 52.97 42.13 15.55
CA GLY B 948 53.15 42.01 14.12
C GLY B 948 53.62 40.62 13.70
N MET B 949 54.70 40.11 14.31
CA MET B 949 55.24 38.84 13.83
C MET B 949 54.64 37.65 14.54
N ASN B 950 53.38 37.75 14.98
CA ASN B 950 52.73 36.68 15.72
C ASN B 950 52.42 35.46 14.86
N ARG B 951 52.89 35.43 13.61
CA ARG B 951 52.66 34.29 12.72
C ARG B 951 53.73 33.22 12.92
N GLN B 952 53.28 31.96 13.01
CA GLN B 952 54.19 30.86 13.36
C GLN B 952 55.14 30.51 12.22
N SER B 953 54.66 30.55 10.97
CA SER B 953 55.48 30.11 9.85
C SER B 953 56.82 30.83 9.72
N PRO B 954 56.92 32.15 9.88
CA PRO B 954 58.25 32.78 9.76
C PRO B 954 59.13 32.46 10.96
N HIS B 955 60.22 33.20 11.03
CA HIS B 955 61.23 33.07 12.07
C HIS B 955 60.75 33.62 13.39
N ILE B 956 59.42 33.70 13.55
CA ILE B 956 58.82 34.02 14.84
C ILE B 956 59.57 33.35 15.97
N GLY B 957 59.98 32.09 15.79
CA GLY B 957 60.74 31.43 16.82
C GLY B 957 62.08 32.10 17.07
N SER B 958 62.74 32.54 16.01
CA SER B 958 64.02 33.24 16.20
C SER B 958 63.81 34.56 16.92
N PHE B 959 62.75 35.29 16.58
CA PHE B 959 62.43 36.51 17.32
C PHE B 959 62.13 36.18 18.78
N VAL B 960 61.41 35.08 19.01
CA VAL B 960 61.16 34.63 20.36
C VAL B 960 62.48 34.45 21.08
N ALA B 961 63.41 33.75 20.45
CA ALA B 961 64.75 33.57 21.00
C ALA B 961 65.37 34.91 21.32
N CYS B 962 65.21 35.88 20.42
CA CYS B 962 65.77 37.20 20.65
C CYS B 962 65.29 37.78 21.97
N MET B 963 63.97 38.04 22.08
CA MET B 963 63.60 38.81 23.26
C MET B 963 63.73 37.97 24.52
N ILE B 964 63.72 36.65 24.41
CA ILE B 964 63.87 35.90 25.63
C ILE B 964 65.32 35.82 26.03
N ALA B 965 66.23 35.89 25.07
CA ALA B 965 67.62 36.12 25.39
C ALA B 965 67.75 37.43 26.13
N LEU B 966 67.07 38.47 25.63
CA LEU B 966 67.01 39.72 26.36
C LEU B 966 66.59 39.49 27.80
N LEU B 967 65.51 38.74 27.99
CA LEU B 967 65.05 38.41 29.33
C LEU B 967 66.17 37.78 30.15
N GLN B 968 66.86 36.82 29.56
CA GLN B 968 67.92 36.11 30.26
C GLN B 968 69.02 37.07 30.71
N GLN B 969 69.47 37.91 29.80
CA GLN B 969 70.63 38.77 29.99
C GLN B 969 70.37 39.90 30.90
N MET B 970 69.24 39.89 31.57
CA MET B 970 68.70 41.12 32.15
C MET B 970 68.21 40.83 33.56
N ASP B 971 68.02 41.89 34.33
CA ASP B 971 67.70 41.78 35.75
C ASP B 971 66.35 42.44 36.06
N ASP B 972 65.71 41.93 37.12
CA ASP B 972 64.46 42.52 37.59
C ASP B 972 64.67 43.93 38.09
N SER B 973 65.90 44.27 38.50
CA SER B 973 66.24 45.66 38.71
C SER B 973 65.92 46.47 37.47
N HIS B 974 66.12 45.87 36.30
CA HIS B 974 65.78 46.54 35.05
C HIS B 974 64.31 46.37 34.73
N TYR B 975 63.78 45.16 34.91
CA TYR B 975 62.35 44.96 34.64
C TYR B 975 61.46 45.85 35.48
N SER B 976 61.35 45.57 36.78
CA SER B 976 60.40 46.30 37.61
C SER B 976 60.68 47.79 37.63
N HIS B 977 61.83 48.21 37.09
CA HIS B 977 62.12 49.63 36.97
C HIS B 977 61.09 50.32 36.08
N TYR B 978 60.81 49.75 34.91
CA TYR B 978 59.88 50.37 33.97
C TYR B 978 58.91 49.42 33.31
N ILE B 979 59.19 48.12 33.25
CA ILE B 979 58.13 47.11 33.07
C ILE B 979 57.04 47.31 34.11
N SER B 980 57.41 47.47 35.37
CA SER B 980 56.42 47.75 36.39
C SER B 980 55.97 49.21 36.39
N THR B 981 56.61 50.05 35.58
CA THR B 981 56.40 51.50 35.63
C THR B 981 56.23 52.06 34.22
N PHE B 982 55.38 51.43 33.41
CA PHE B 982 55.03 51.99 32.11
C PHE B 982 54.08 53.17 32.24
N LYS B 983 53.42 53.52 31.13
CA LYS B 983 52.48 54.63 31.08
C LYS B 983 51.22 54.26 31.84
N THR B 984 50.15 55.02 31.62
CA THR B 984 48.89 54.83 32.33
C THR B 984 48.52 53.35 32.46
N ARG B 985 47.89 53.01 33.59
CA ARG B 985 47.64 51.62 33.93
C ARG B 985 46.88 50.89 32.82
N GLN B 986 46.06 51.62 32.06
CA GLN B 986 45.34 51.00 30.96
C GLN B 986 46.29 50.51 29.87
N ASP B 987 47.23 51.35 29.47
CA ASP B 987 48.20 50.94 28.45
C ASP B 987 49.04 49.76 28.90
N ILE B 988 49.50 49.79 30.15
CA ILE B 988 50.34 48.70 30.63
C ILE B 988 49.54 47.41 30.69
N ILE B 989 48.27 47.48 31.08
CA ILE B 989 47.48 46.25 31.11
C ILE B 989 47.17 45.76 29.70
N ASP B 990 47.03 46.68 28.75
CA ASP B 990 46.91 46.27 27.35
C ASP B 990 48.18 45.56 26.91
N PHE B 991 49.33 46.11 27.29
CA PHE B 991 50.61 45.44 27.06
C PHE B 991 50.62 44.04 27.63
N LEU B 992 50.17 43.87 28.87
CA LEU B 992 50.22 42.55 29.48
C LEU B 992 49.19 41.61 28.88
N MET B 993 48.02 42.11 28.46
CA MET B 993 47.14 41.33 27.61
C MET B 993 47.91 40.78 26.42
N GLU B 994 48.60 41.67 25.70
CA GLU B 994 49.40 41.28 24.55
C GLU B 994 50.35 40.15 24.92
N THR B 995 51.21 40.41 25.91
CA THR B 995 52.28 39.49 26.23
C THR B 995 51.73 38.15 26.70
N PHE B 996 50.65 38.18 27.49
CA PHE B 996 50.12 36.95 28.05
C PHE B 996 49.43 36.10 27.00
N ILE B 997 48.64 36.73 26.11
CA ILE B 997 48.03 35.94 25.05
C ILE B 997 49.10 35.38 24.13
N MET B 998 50.16 36.16 23.90
CA MET B 998 51.26 35.67 23.09
C MET B 998 51.92 34.47 23.74
N PHE B 999 52.16 34.56 25.04
CA PHE B 999 52.77 33.45 25.74
C PHE B 999 51.88 32.22 25.66
N LYS B 1000 50.58 32.39 25.87
CA LYS B 1000 49.67 31.24 25.82
C LYS B 1000 49.59 30.68 24.42
N ASP B 1001 49.81 31.53 23.41
CA ASP B 1001 49.79 31.05 22.05
C ASP B 1001 51.10 30.41 21.62
N LEU B 1002 52.19 30.71 22.33
CA LEU B 1002 53.44 30.01 22.09
C LEU B 1002 53.50 28.67 22.81
N ILE B 1003 53.01 28.61 24.05
CA ILE B 1003 53.01 27.33 24.75
C ILE B 1003 52.11 26.34 24.02
N GLY B 1004 50.91 26.77 23.65
CA GLY B 1004 50.17 26.07 22.63
C GLY B 1004 50.87 26.20 21.29
N LYS B 1005 50.68 25.20 20.43
CA LYS B 1005 51.37 25.10 19.15
C LYS B 1005 52.82 25.55 19.29
N ASN B 1006 53.52 24.84 20.17
CA ASN B 1006 54.89 25.20 20.51
C ASN B 1006 55.74 25.32 19.25
N VAL B 1007 56.79 26.12 19.36
CA VAL B 1007 57.55 26.52 18.19
C VAL B 1007 58.88 25.77 18.12
N TYR B 1008 58.95 24.62 18.78
CA TYR B 1008 60.11 23.75 18.66
C TYR B 1008 59.79 22.57 17.78
N ALA B 1009 60.79 21.71 17.59
CA ALA B 1009 60.64 20.47 16.86
C ALA B 1009 60.38 19.27 17.78
N LYS B 1010 60.08 19.53 19.05
CA LYS B 1010 59.98 18.54 20.13
C LYS B 1010 61.33 17.93 20.46
N ASP B 1011 62.34 18.17 19.63
CA ASP B 1011 63.70 17.75 19.87
C ASP B 1011 64.47 18.75 20.71
N TRP B 1012 63.80 19.83 21.11
CA TRP B 1012 64.49 20.97 21.69
C TRP B 1012 64.16 21.10 23.15
N MET B 1013 64.09 19.93 23.80
CA MET B 1013 63.94 19.90 25.25
C MET B 1013 64.97 20.81 25.90
N VAL B 1014 66.15 20.92 25.32
CA VAL B 1014 67.11 21.90 25.80
C VAL B 1014 66.54 23.30 25.61
N MET B 1015 66.25 23.64 24.35
CA MET B 1015 65.60 24.90 24.10
C MET B 1015 64.26 24.98 24.78
N ASN B 1016 63.59 23.85 24.94
CA ASN B 1016 62.38 23.86 25.74
C ASN B 1016 62.65 24.43 27.11
N MET B 1017 63.65 23.89 27.80
CA MET B 1017 63.96 24.32 29.14
C MET B 1017 64.35 25.79 29.15
N THR B 1018 65.16 26.19 28.18
CA THR B 1018 65.56 27.58 28.07
C THR B 1018 64.35 28.48 27.98
N GLN B 1019 63.46 28.14 27.06
CA GLN B 1019 62.23 28.88 26.87
C GLN B 1019 61.43 28.92 28.16
N ASN B 1020 61.40 27.79 28.87
CA ASN B 1020 60.69 27.74 30.14
C ASN B 1020 61.25 28.79 31.09
N ARG B 1021 62.57 28.78 31.25
CA ARG B 1021 63.17 29.68 32.23
C ARG B 1021 62.94 31.13 31.86
N VAL B 1022 63.09 31.47 30.59
CA VAL B 1022 62.98 32.87 30.20
C VAL B 1022 61.53 33.34 30.30
N PHE B 1023 60.59 32.52 29.84
CA PHE B 1023 59.20 32.88 29.98
C PHE B 1023 58.83 32.98 31.45
N LEU B 1024 59.41 32.10 32.27
CA LEU B 1024 59.26 32.21 33.71
C LEU B 1024 59.71 33.57 34.19
N ARG B 1025 60.87 34.00 33.73
CA ARG B 1025 61.39 35.30 34.14
C ARG B 1025 60.41 36.41 33.79
N ALA B 1026 60.01 36.44 32.52
CA ALA B 1026 59.12 37.50 32.05
C ALA B 1026 57.82 37.50 32.85
N ILE B 1027 57.18 36.34 32.95
CA ILE B 1027 55.91 36.27 33.63
C ILE B 1027 56.06 36.56 35.10
N ASN B 1028 57.23 36.26 35.69
CA ASN B 1028 57.47 36.65 37.07
C ASN B 1028 57.43 38.16 37.20
N GLN B 1029 58.09 38.85 36.28
CA GLN B 1029 58.07 40.31 36.31
C GLN B 1029 56.66 40.84 36.19
N PHE B 1030 55.90 40.25 35.28
CA PHE B 1030 54.50 40.64 35.16
C PHE B 1030 53.70 40.27 36.39
N ALA B 1031 54.11 39.26 37.12
CA ALA B 1031 53.49 38.93 38.38
C ALA B 1031 53.73 40.02 39.41
N GLU B 1032 54.96 40.53 39.51
CA GLU B 1032 55.16 41.62 40.45
C GLU B 1032 54.40 42.86 40.02
N VAL B 1033 54.36 43.15 38.71
CA VAL B 1033 53.60 44.34 38.30
C VAL B 1033 52.12 44.13 38.57
N LEU B 1034 51.63 42.89 38.41
CA LEU B 1034 50.25 42.60 38.77
C LEU B 1034 49.98 42.83 40.24
N THR B 1035 50.84 42.30 41.10
CA THR B 1035 50.62 42.41 42.54
C THR B 1035 50.70 43.87 43.00
N ARG B 1036 51.62 44.64 42.43
CA ARG B 1036 51.87 45.99 42.90
C ARG B 1036 51.13 47.06 42.13
N PHE B 1037 50.42 46.71 41.06
CA PHE B 1037 49.74 47.73 40.27
C PHE B 1037 48.34 47.32 39.82
N PHE B 1038 47.97 46.05 39.89
CA PHE B 1038 46.68 45.62 39.40
C PHE B 1038 46.01 44.63 40.33
N MET B 1039 46.62 44.33 41.48
CA MET B 1039 46.11 43.43 42.51
C MET B 1039 45.07 44.17 43.33
N ASP B 1040 44.78 43.69 44.55
CA ASP B 1040 44.02 44.47 45.52
C ASP B 1040 44.51 45.91 45.51
N GLN B 1041 45.80 46.09 45.22
CA GLN B 1041 46.36 47.39 44.89
C GLN B 1041 45.43 48.16 43.95
N ALA B 1042 45.17 47.61 42.77
CA ALA B 1042 44.14 48.18 41.93
C ALA B 1042 42.77 47.88 42.51
N SER B 1043 41.84 48.81 42.30
CA SER B 1043 40.49 48.61 42.80
C SER B 1043 39.76 47.54 42.01
N PHE B 1044 40.19 47.29 40.78
CA PHE B 1044 39.46 46.38 39.88
C PHE B 1044 40.45 45.70 38.95
N GLU B 1045 39.94 45.17 37.84
CA GLU B 1045 40.70 44.54 36.76
C GLU B 1045 41.73 43.55 37.30
N LEU B 1046 41.17 42.65 38.09
CA LEU B 1046 41.84 41.46 38.61
C LEU B 1046 41.72 40.29 37.64
N GLN B 1047 41.41 40.57 36.38
CA GLN B 1047 41.07 39.54 35.41
C GLN B 1047 42.05 39.45 34.26
N LEU B 1048 43.16 40.18 34.33
CA LEU B 1048 44.36 39.67 33.68
C LEU B 1048 44.75 38.34 34.29
N TRP B 1049 44.40 38.14 35.56
CA TRP B 1049 44.72 36.89 36.24
C TRP B 1049 44.15 35.68 35.53
N ASN B 1050 43.08 35.83 34.77
CA ASN B 1050 42.62 34.70 33.98
C ASN B 1050 43.70 34.30 33.01
N ASN B 1051 44.21 35.27 32.25
CA ASN B 1051 45.30 34.98 31.33
C ASN B 1051 46.52 34.48 32.09
N TYR B 1052 46.86 35.15 33.18
CA TYR B 1052 47.97 34.69 34.03
C TYR B 1052 47.86 33.22 34.36
N PHE B 1053 46.80 32.85 35.09
CA PHE B 1053 46.70 31.51 35.64
C PHE B 1053 46.58 30.49 34.53
N HIS B 1054 45.71 30.73 33.55
CA HIS B 1054 45.48 29.73 32.51
C HIS B 1054 46.70 29.57 31.63
N LEU B 1055 47.35 30.69 31.28
CA LEU B 1055 48.64 30.64 30.61
C LEU B 1055 49.64 29.80 31.38
N ALA B 1056 49.78 30.08 32.68
CA ALA B 1056 50.76 29.37 33.48
C ALA B 1056 50.48 27.88 33.50
N VAL B 1057 49.20 27.51 33.66
CA VAL B 1057 48.84 26.10 33.72
C VAL B 1057 49.08 25.43 32.38
N ALA B 1058 48.63 26.06 31.30
CA ALA B 1058 48.76 25.46 29.98
C ALA B 1058 50.23 25.25 29.62
N PHE B 1059 51.07 26.20 30.00
CA PHE B 1059 52.50 25.93 29.94
C PHE B 1059 52.86 24.74 30.80
N LEU B 1060 52.36 24.72 32.03
CA LEU B 1060 52.74 23.72 33.01
C LEU B 1060 52.33 22.32 32.60
N THR B 1061 51.43 22.19 31.62
CA THR B 1061 50.84 20.91 31.30
C THR B 1061 51.65 20.17 30.24
N HIS B 1062 52.98 20.31 30.30
CA HIS B 1062 53.85 19.40 29.58
C HIS B 1062 55.04 19.11 30.46
N GLU B 1063 55.83 18.10 30.06
CA GLU B 1063 57.04 17.70 30.77
C GLU B 1063 56.75 17.25 32.20
N SER B 1064 56.04 16.13 32.33
CA SER B 1064 55.68 15.59 33.65
C SER B 1064 56.59 14.41 34.02
N LEU B 1065 56.29 13.77 35.16
CA LEU B 1065 57.18 12.74 35.67
C LEU B 1065 57.39 11.60 34.69
N GLN B 1066 56.36 11.19 33.96
CA GLN B 1066 56.65 10.19 32.94
C GLN B 1066 57.53 10.78 31.85
N LEU B 1067 57.24 12.02 31.43
CA LEU B 1067 58.17 12.67 30.52
C LEU B 1067 59.57 12.67 31.10
N GLU B 1068 59.69 12.88 32.42
CA GLU B 1068 60.99 12.75 33.04
C GLU B 1068 61.47 11.30 33.01
N THR B 1069 60.54 10.35 32.82
CA THR B 1069 60.80 8.94 33.00
C THR B 1069 61.26 8.27 31.70
N PHE B 1070 61.42 9.04 30.63
CA PHE B 1070 61.83 8.48 29.35
C PHE B 1070 63.08 7.60 29.50
N SER B 1071 64.19 8.21 29.91
CA SER B 1071 65.36 7.43 30.24
C SER B 1071 65.49 7.40 31.76
N GLN B 1072 66.38 6.54 32.23
CA GLN B 1072 66.57 6.45 33.67
C GLN B 1072 67.28 7.67 34.20
N ALA B 1073 68.33 8.12 33.53
CA ALA B 1073 68.98 9.37 33.87
C ALA B 1073 68.11 10.57 33.54
N LYS B 1074 67.05 10.37 32.75
CA LYS B 1074 66.24 11.50 32.31
C LYS B 1074 65.71 12.28 33.50
N ARG B 1075 65.12 11.57 34.48
CA ARG B 1075 64.77 12.22 35.74
C ARG B 1075 65.99 12.94 36.30
N ASN B 1076 67.09 12.21 36.42
CA ASN B 1076 68.31 12.78 36.96
C ASN B 1076 68.83 13.91 36.11
N LYS B 1077 68.85 13.71 34.78
CA LYS B 1077 69.36 14.74 33.89
C LYS B 1077 68.63 16.05 34.12
N ILE B 1078 67.30 15.99 34.13
CA ILE B 1078 66.53 17.21 34.30
C ILE B 1078 66.75 17.80 35.68
N VAL B 1079 66.66 16.97 36.72
CA VAL B 1079 66.70 17.50 38.07
C VAL B 1079 68.06 18.14 38.35
N LYS B 1080 69.13 17.51 37.88
CA LYS B 1080 70.45 18.11 38.02
C LYS B 1080 70.56 19.37 37.19
N LYS B 1081 70.21 19.30 35.91
CA LYS B 1081 70.42 20.44 35.02
C LYS B 1081 69.31 21.47 35.17
N TYR B 1082 68.14 21.06 35.64
CA TYR B 1082 67.01 21.97 35.70
C TYR B 1082 66.17 21.84 36.97
N GLY B 1083 66.46 20.89 37.85
CA GLY B 1083 65.54 20.68 38.93
C GLY B 1083 64.23 20.17 38.36
N ASP B 1084 63.15 20.70 38.90
CA ASP B 1084 61.82 20.48 38.35
C ASP B 1084 61.17 21.83 38.14
N MET B 1085 61.22 22.32 36.90
CA MET B 1085 60.62 23.61 36.58
C MET B 1085 59.17 23.65 37.04
N ARG B 1086 58.45 22.55 36.88
CA ARG B 1086 57.06 22.50 37.30
C ARG B 1086 56.92 22.91 38.75
N LYS B 1087 57.88 22.54 39.58
CA LYS B 1087 57.78 22.82 41.01
C LYS B 1087 57.74 24.32 41.26
N GLU B 1088 58.70 25.04 40.69
CA GLU B 1088 58.70 26.49 40.83
C GLU B 1088 57.45 27.09 40.21
N ILE B 1089 57.06 26.59 39.05
CA ILE B 1089 55.86 27.14 38.40
C ILE B 1089 54.69 27.06 39.35
N GLY B 1090 54.48 25.88 39.92
CA GLY B 1090 53.34 25.67 40.77
C GLY B 1090 53.41 26.48 42.05
N PHE B 1091 54.58 26.53 42.69
CA PHE B 1091 54.65 27.27 43.94
C PHE B 1091 54.53 28.76 43.70
N ARG B 1092 55.04 29.23 42.57
CA ARG B 1092 54.79 30.61 42.14
C ARG B 1092 53.31 30.89 42.04
N ILE B 1093 52.59 30.03 41.31
CA ILE B 1093 51.17 30.26 41.16
C ILE B 1093 50.46 30.15 42.50
N ARG B 1094 50.97 29.31 43.39
CA ARG B 1094 50.32 29.11 44.68
C ARG B 1094 50.45 30.35 45.55
N ASP B 1095 51.64 30.94 45.60
CA ASP B 1095 51.79 32.18 46.35
C ASP B 1095 50.99 33.30 45.71
N MET B 1096 50.91 33.34 44.38
CA MET B 1096 49.98 34.27 43.73
C MET B 1096 48.54 34.05 44.20
N TRP B 1097 48.11 32.79 44.26
CA TRP B 1097 46.75 32.49 44.69
C TRP B 1097 46.52 32.99 46.11
N TYR B 1098 47.41 32.64 47.03
CA TYR B 1098 47.28 33.10 48.40
C TYR B 1098 47.29 34.62 48.46
N ASN B 1099 47.97 35.28 47.52
CA ASN B 1099 47.97 36.73 47.52
C ASN B 1099 46.65 37.29 47.00
N LEU B 1100 45.96 36.54 46.15
CA LEU B 1100 44.66 37.00 45.65
C LEU B 1100 43.69 37.30 46.79
N GLY B 1101 43.66 36.43 47.79
CA GLY B 1101 42.82 36.65 48.96
C GLY B 1101 41.35 36.59 48.66
N PRO B 1102 40.65 37.72 48.82
CA PRO B 1102 39.19 37.71 48.65
C PRO B 1102 38.74 37.28 47.27
N HIS B 1103 39.45 37.69 46.22
CA HIS B 1103 38.97 37.56 44.86
C HIS B 1103 39.15 36.17 44.30
N LYS B 1104 39.48 35.22 45.17
CA LYS B 1104 39.37 33.82 44.78
C LYS B 1104 37.95 33.52 44.32
N ILE B 1105 36.96 33.94 45.12
CA ILE B 1105 35.55 33.78 44.75
C ILE B 1105 35.29 34.42 43.39
N LYS B 1106 35.82 35.63 43.18
CA LYS B 1106 35.61 36.32 41.92
C LYS B 1106 36.38 35.69 40.78
N PHE B 1107 37.06 34.58 41.05
CA PHE B 1107 37.94 33.94 40.09
C PHE B 1107 37.82 32.42 40.05
N ILE B 1108 37.26 31.79 41.08
CA ILE B 1108 37.26 30.34 41.23
C ILE B 1108 36.75 29.62 39.99
N PRO B 1109 35.50 29.83 39.54
CA PRO B 1109 34.99 28.99 38.44
C PRO B 1109 35.86 29.06 37.20
N SER B 1110 36.52 30.19 36.97
CA SER B 1110 37.42 30.29 35.84
C SER B 1110 38.56 29.28 35.95
N MET B 1111 39.13 29.14 37.15
CA MET B 1111 40.35 28.38 37.33
C MET B 1111 40.12 27.01 37.94
N VAL B 1112 38.87 26.62 38.15
CA VAL B 1112 38.59 25.31 38.73
C VAL B 1112 39.22 24.21 37.88
N GLY B 1113 39.04 24.29 36.56
CA GLY B 1113 39.55 23.32 35.65
C GLY B 1113 41.06 23.16 35.69
N PRO B 1114 41.79 24.25 35.47
CA PRO B 1114 43.25 24.14 35.46
C PRO B 1114 43.86 23.64 36.76
N ILE B 1115 43.31 24.03 37.90
CA ILE B 1115 43.98 23.69 39.15
C ILE B 1115 43.84 22.22 39.46
N LEU B 1116 42.70 21.62 39.10
CA LEU B 1116 42.59 20.18 39.27
C LEU B 1116 43.66 19.46 38.47
N GLU B 1117 43.90 19.91 37.23
CA GLU B 1117 44.93 19.31 36.41
C GLU B 1117 46.31 19.49 37.03
N VAL B 1118 46.62 20.69 37.52
CA VAL B 1118 47.95 20.87 38.09
C VAL B 1118 48.10 19.97 39.30
N THR B 1119 47.02 19.79 40.06
CA THR B 1119 47.07 18.83 41.16
C THR B 1119 47.26 17.42 40.63
N LEU B 1120 46.72 17.13 39.44
CA LEU B 1120 46.89 15.81 38.85
C LEU B 1120 48.34 15.46 38.65
N THR B 1121 49.19 16.45 38.50
CA THR B 1121 50.55 16.22 38.04
C THR B 1121 51.23 15.19 38.92
N PRO B 1122 51.88 14.18 38.34
CA PRO B 1122 52.45 13.10 39.16
C PRO B 1122 53.39 13.58 40.26
N GLU B 1123 53.76 14.86 40.26
CA GLU B 1123 54.59 15.39 41.33
C GLU B 1123 53.89 15.29 42.66
N VAL B 1124 54.63 14.80 43.66
CA VAL B 1124 54.06 14.64 45.00
C VAL B 1124 53.84 16.00 45.65
N GLU B 1125 54.82 16.88 45.54
CA GLU B 1125 54.89 18.04 46.40
C GLU B 1125 53.96 19.17 45.95
N LEU B 1126 53.99 19.51 44.67
CA LEU B 1126 53.08 20.54 44.18
C LEU B 1126 51.64 20.13 44.38
N ARG B 1127 51.32 18.86 44.11
CA ARG B 1127 49.98 18.37 44.35
C ARG B 1127 49.62 18.43 45.83
N LYS B 1128 50.56 18.03 46.69
CA LYS B 1128 50.35 18.09 48.13
C LYS B 1128 50.08 19.52 48.57
N ALA B 1129 50.73 20.48 47.92
CA ALA B 1129 50.46 21.88 48.18
C ALA B 1129 49.20 22.37 47.50
N THR B 1130 48.68 21.61 46.53
CA THR B 1130 47.60 22.14 45.72
C THR B 1130 46.22 21.72 46.19
N ILE B 1131 46.05 20.51 46.73
CA ILE B 1131 44.76 20.16 47.34
C ILE B 1131 44.38 21.16 48.43
N PRO B 1132 45.28 21.60 49.30
CA PRO B 1132 44.91 22.71 50.19
C PRO B 1132 44.43 23.94 49.47
N ILE B 1133 44.83 24.17 48.21
CA ILE B 1133 44.26 25.27 47.42
C ILE B 1133 42.82 24.97 47.06
N PHE B 1134 42.51 23.70 46.86
CA PHE B 1134 41.11 23.30 46.76
C PHE B 1134 40.36 23.66 48.03
N PHE B 1135 40.93 23.34 49.19
CA PHE B 1135 40.28 23.76 50.42
C PHE B 1135 40.21 25.29 50.50
N ASP B 1136 41.22 25.98 49.98
CA ASP B 1136 41.21 27.43 49.99
C ASP B 1136 40.01 27.99 49.25
N MET B 1137 39.77 27.53 48.02
CA MET B 1137 38.66 28.19 47.32
C MET B 1137 37.32 27.65 47.79
N MET B 1138 37.25 26.40 48.27
CA MET B 1138 35.96 25.99 48.82
C MET B 1138 35.68 26.76 50.10
N GLN B 1139 36.71 27.10 50.87
CA GLN B 1139 36.54 27.99 52.01
C GLN B 1139 36.07 29.37 51.58
N CYS B 1140 36.65 29.89 50.50
CA CYS B 1140 36.22 31.19 50.01
C CYS B 1140 34.76 31.16 49.61
N GLU B 1141 34.34 30.14 48.87
CA GLU B 1141 32.93 30.01 48.52
C GLU B 1141 32.08 29.61 49.71
N PHE B 1142 32.71 29.10 50.78
CA PHE B 1142 32.03 28.98 52.07
C PHE B 1142 31.69 30.36 52.62
N ASN B 1143 32.61 31.31 52.47
CA ASN B 1143 32.26 32.70 52.74
C ASN B 1143 31.19 33.17 51.76
N PHE B 1144 31.31 32.78 50.49
CA PHE B 1144 30.23 32.98 49.53
C PHE B 1144 29.03 32.10 49.81
N SER B 1145 29.21 31.01 50.57
CA SER B 1145 28.07 30.16 50.89
C SER B 1145 27.05 30.86 51.76
N GLY B 1146 27.39 32.01 52.34
CA GLY B 1146 26.36 32.83 52.96
C GLY B 1146 25.27 33.20 51.98
N ASN B 1147 25.66 33.49 50.74
CA ASN B 1147 24.73 33.66 49.63
C ASN B 1147 25.07 32.63 48.56
N GLY B 1148 24.54 31.43 48.71
CA GLY B 1148 24.85 30.37 47.78
C GLY B 1148 25.68 29.27 48.42
N ASN B 1149 26.63 28.73 47.67
CA ASN B 1149 27.50 27.66 48.14
C ASN B 1149 28.55 27.42 47.06
N PHE B 1150 29.43 26.44 47.32
CA PHE B 1150 30.44 26.06 46.33
C PHE B 1150 29.89 25.10 45.29
N HIS B 1151 28.57 25.10 45.11
CA HIS B 1151 27.95 24.15 44.19
C HIS B 1151 28.44 24.34 42.77
N MET B 1152 28.59 25.59 42.33
CA MET B 1152 29.20 25.81 41.03
C MET B 1152 30.64 25.33 41.02
N PHE B 1153 31.38 25.63 42.08
CA PHE B 1153 32.74 25.16 42.19
C PHE B 1153 32.82 23.65 42.11
N GLU B 1154 32.05 22.97 42.95
CA GLU B 1154 32.12 21.52 42.94
C GLU B 1154 31.57 20.92 41.66
N ASN B 1155 30.60 21.58 41.03
CA ASN B 1155 30.05 21.06 39.79
C ASN B 1155 31.09 21.10 38.69
N GLU B 1156 31.74 22.24 38.52
CA GLU B 1156 32.80 22.34 37.54
C GLU B 1156 33.93 21.40 37.89
N LEU B 1157 34.24 21.31 39.18
CA LEU B 1157 35.27 20.41 39.65
C LEU B 1157 34.95 18.98 39.24
N ILE B 1158 33.71 18.57 39.49
CA ILE B 1158 33.29 17.22 39.16
C ILE B 1158 33.40 16.99 37.66
N THR B 1159 32.87 17.93 36.88
CA THR B 1159 32.93 17.82 35.44
C THR B 1159 34.36 17.58 34.98
N LYS B 1160 35.23 18.53 35.29
CA LYS B 1160 36.60 18.43 34.82
C LYS B 1160 37.27 17.22 35.38
N LEU B 1161 36.93 16.86 36.61
CA LEU B 1161 37.41 15.62 37.21
C LEU B 1161 37.05 14.44 36.33
N ASP B 1162 35.82 14.43 35.84
CA ASP B 1162 35.37 13.33 35.01
C ASP B 1162 36.23 13.23 33.77
N GLN B 1163 36.33 14.34 33.05
CA GLN B 1163 37.07 14.30 31.80
C GLN B 1163 38.52 13.92 32.03
N GLU B 1164 39.11 14.49 33.08
CA GLU B 1164 40.53 14.30 33.30
C GLU B 1164 40.84 12.87 33.72
N VAL B 1165 40.11 12.34 34.70
CA VAL B 1165 40.38 10.98 35.13
C VAL B 1165 40.07 10.02 34.00
N GLU B 1166 39.11 10.37 33.15
CA GLU B 1166 38.97 9.67 31.88
C GLU B 1166 40.29 9.68 31.12
N GLY B 1167 40.94 10.84 31.06
CA GLY B 1167 42.21 10.90 30.37
C GLY B 1167 43.22 9.93 30.94
N GLY B 1168 43.40 9.94 32.26
CA GLY B 1168 44.22 8.92 32.91
C GLY B 1168 45.60 9.35 33.37
N ARG B 1169 45.74 10.58 33.87
CA ARG B 1169 47.00 10.97 34.48
C ARG B 1169 47.16 10.38 35.88
N GLY B 1170 46.24 10.70 36.78
CA GLY B 1170 46.43 10.41 38.18
C GLY B 1170 46.45 8.93 38.50
N ASP B 1171 46.47 8.65 39.80
CA ASP B 1171 46.59 7.27 40.26
C ASP B 1171 46.04 7.15 41.67
N GLU B 1172 46.38 6.04 42.31
CA GLU B 1172 45.67 5.59 43.49
C GLU B 1172 46.18 6.31 44.71
N GLN B 1173 47.46 6.15 45.02
CA GLN B 1173 48.12 7.04 45.95
C GLN B 1173 47.74 8.49 45.69
N TYR B 1174 47.50 8.84 44.44
CA TYR B 1174 47.14 10.21 44.12
C TYR B 1174 45.81 10.59 44.76
N LYS B 1175 44.78 9.79 44.51
CA LYS B 1175 43.50 10.08 45.13
C LYS B 1175 43.61 10.00 46.64
N VAL B 1176 44.51 9.15 47.12
CA VAL B 1176 44.77 9.08 48.55
C VAL B 1176 45.24 10.43 49.06
N LEU B 1177 46.22 11.01 48.39
CA LEU B 1177 46.72 12.32 48.77
C LEU B 1177 45.63 13.37 48.68
N LEU B 1178 44.88 13.35 47.58
CA LEU B 1178 43.79 14.30 47.41
C LEU B 1178 42.85 14.26 48.59
N GLU B 1179 42.38 13.06 48.91
CA GLU B 1179 41.35 12.92 49.94
C GLU B 1179 41.92 13.27 51.30
N LYS B 1180 43.10 12.75 51.61
CA LYS B 1180 43.73 13.06 52.89
C LYS B 1180 43.83 14.56 53.08
N LEU B 1181 44.42 15.24 52.09
CA LEU B 1181 44.61 16.67 52.20
C LEU B 1181 43.28 17.37 52.39
N LEU B 1182 42.41 17.30 51.39
CA LEU B 1182 41.19 18.10 51.44
C LEU B 1182 40.34 17.76 52.65
N LEU B 1183 40.16 16.47 52.95
CA LEU B 1183 39.43 16.09 54.14
C LEU B 1183 40.01 16.77 55.36
N GLU B 1184 41.33 16.62 55.56
CA GLU B 1184 41.99 17.20 56.71
C GLU B 1184 41.77 18.70 56.78
N HIS B 1185 41.94 19.38 55.65
CA HIS B 1185 41.79 20.82 55.64
C HIS B 1185 40.38 21.21 56.01
N CYS B 1186 39.40 20.41 55.59
CA CYS B 1186 38.03 20.72 55.94
C CYS B 1186 37.71 20.37 57.39
N ARG B 1187 38.39 19.37 57.95
CA ARG B 1187 38.40 19.21 59.40
C ARG B 1187 38.85 20.50 60.06
N LYS B 1188 39.88 21.14 59.49
CA LYS B 1188 40.35 22.43 60.00
C LYS B 1188 39.27 23.48 59.88
N HIS B 1189 38.10 23.10 59.38
CA HIS B 1189 37.05 24.05 59.11
C HIS B 1189 35.72 23.46 59.61
N LYS B 1190 34.64 24.08 59.18
CA LYS B 1190 33.35 24.02 59.85
C LYS B 1190 32.49 22.90 59.29
N TYR B 1191 31.19 22.96 59.62
CA TYR B 1191 30.21 21.98 59.16
C TYR B 1191 30.12 21.95 57.64
N LEU B 1192 30.12 23.11 56.99
CA LEU B 1192 30.00 23.09 55.54
C LEU B 1192 31.26 22.54 54.91
N SER B 1193 32.41 22.70 55.57
CA SER B 1193 33.57 21.96 55.13
C SER B 1193 33.39 20.46 55.35
N SER B 1194 32.56 20.05 56.31
CA SER B 1194 32.21 18.64 56.38
C SER B 1194 31.34 18.23 55.19
N SER B 1195 30.46 19.12 54.76
CA SER B 1195 29.73 18.87 53.52
C SER B 1195 30.70 18.70 52.37
N GLY B 1196 31.60 19.65 52.20
CA GLY B 1196 32.64 19.52 51.19
C GLY B 1196 33.47 18.27 51.38
N GLU B 1197 33.61 17.80 52.61
CA GLU B 1197 34.31 16.55 52.88
C GLU B 1197 33.56 15.38 52.29
N VAL B 1198 32.26 15.27 52.57
CA VAL B 1198 31.52 14.14 52.03
C VAL B 1198 31.43 14.27 50.52
N PHE B 1199 31.53 15.49 50.01
CA PHE B 1199 31.53 15.68 48.56
C PHE B 1199 32.85 15.25 47.96
N ALA B 1200 33.95 15.55 48.65
CA ALA B 1200 35.24 15.01 48.24
C ALA B 1200 35.27 13.50 48.41
N LEU B 1201 34.52 12.97 49.36
CA LEU B 1201 34.35 11.54 49.48
C LEU B 1201 33.66 10.98 48.24
N LEU B 1202 32.60 11.65 47.81
CA LEU B 1202 31.98 11.31 46.55
C LEU B 1202 32.98 11.39 45.43
N VAL B 1203 33.82 12.41 45.48
CA VAL B 1203 34.88 12.59 44.50
C VAL B 1203 35.79 11.37 44.48
N SER B 1204 36.25 10.96 45.65
CA SER B 1204 37.17 9.83 45.74
C SER B 1204 36.50 8.56 45.28
N SER B 1205 35.24 8.37 45.66
CA SER B 1205 34.48 7.24 45.16
C SER B 1205 34.49 7.23 43.65
N LEU B 1206 33.95 8.29 43.05
CA LEU B 1206 34.14 8.58 41.65
C LEU B 1206 35.51 8.14 41.15
N LEU B 1207 36.55 8.61 41.83
CA LEU B 1207 37.90 8.38 41.35
C LEU B 1207 38.19 6.91 41.26
N GLU B 1208 38.17 6.23 42.40
CA GLU B 1208 38.45 4.80 42.43
C GLU B 1208 37.56 4.03 41.46
N ASN B 1209 36.33 4.53 41.25
CA ASN B 1209 35.48 3.94 40.24
C ASN B 1209 36.12 4.08 38.88
N LEU B 1210 36.63 5.26 38.59
CA LEU B 1210 37.32 5.42 37.33
C LEU B 1210 38.59 4.61 37.31
N LEU B 1211 39.21 4.44 38.47
CA LEU B 1211 40.46 3.71 38.57
C LEU B 1211 40.25 2.27 38.14
N ASP B 1212 39.46 1.53 38.90
CA ASP B 1212 39.21 0.14 38.56
C ASP B 1212 38.47 0.03 37.24
N TYR B 1213 37.58 0.97 36.96
CA TYR B 1213 36.93 1.04 35.66
C TYR B 1213 37.95 0.97 34.54
N ARG B 1214 38.82 1.98 34.49
CA ARG B 1214 39.80 2.07 33.42
C ARG B 1214 40.74 0.89 33.45
N THR B 1215 41.10 0.42 34.65
CA THR B 1215 42.03 -0.71 34.68
C THR B 1215 41.39 -1.90 34.01
N ILE B 1216 40.09 -2.09 34.17
CA ILE B 1216 39.41 -3.14 33.44
C ILE B 1216 39.33 -2.79 31.96
N ILE B 1217 39.07 -1.52 31.66
CA ILE B 1217 38.98 -1.07 30.28
C ILE B 1217 40.25 -1.42 29.52
N MET B 1218 41.39 -1.30 30.20
CA MET B 1218 42.67 -1.65 29.63
C MET B 1218 43.24 -2.93 30.22
N GLN B 1219 42.41 -3.78 30.80
CA GLN B 1219 42.81 -5.10 31.24
C GLN B 1219 42.13 -6.21 30.48
N ASP B 1220 40.79 -6.24 30.49
CA ASP B 1220 40.08 -7.36 29.89
C ASP B 1220 39.88 -7.16 28.40
N GLU B 1221 39.51 -5.96 27.97
CA GLU B 1221 39.22 -5.68 26.57
C GLU B 1221 38.26 -6.70 25.97
N SER B 1222 37.43 -7.28 26.83
CA SER B 1222 36.27 -8.03 26.39
C SER B 1222 35.11 -7.05 26.25
N LYS B 1223 33.90 -7.56 26.09
CA LYS B 1223 32.73 -6.69 26.07
C LYS B 1223 32.13 -6.57 27.45
N GLU B 1224 31.79 -7.72 28.04
CA GLU B 1224 30.94 -7.79 29.21
C GLU B 1224 31.51 -6.99 30.37
N ASN B 1225 32.82 -7.09 30.60
CA ASN B 1225 33.37 -6.36 31.72
C ASN B 1225 33.28 -4.87 31.50
N ARG B 1226 33.44 -4.44 30.25
CA ARG B 1226 33.27 -3.03 29.94
C ARG B 1226 31.87 -2.58 30.31
N MET B 1227 30.86 -3.32 29.85
CA MET B 1227 29.51 -2.92 30.23
C MET B 1227 29.32 -3.01 31.73
N SER B 1228 29.94 -4.01 32.37
CA SER B 1228 29.88 -4.11 33.82
C SER B 1228 30.30 -2.79 34.46
N CYS B 1229 31.54 -2.42 34.23
CA CYS B 1229 32.06 -1.23 34.88
C CYS B 1229 31.26 0.01 34.48
N THR B 1230 30.86 0.10 33.21
CA THR B 1230 30.19 1.33 32.82
C THR B 1230 28.81 1.44 33.44
N VAL B 1231 28.09 0.33 33.57
CA VAL B 1231 26.80 0.42 34.24
C VAL B 1231 27.01 0.73 35.71
N ASN B 1232 28.08 0.22 36.30
CA ASN B 1232 28.36 0.56 37.68
C ASN B 1232 28.54 2.06 37.83
N VAL B 1233 29.43 2.63 37.02
CA VAL B 1233 29.70 4.07 37.15
C VAL B 1233 28.47 4.87 36.77
N LEU B 1234 27.72 4.41 35.79
CA LEU B 1234 26.45 5.04 35.46
C LEU B 1234 25.55 5.09 36.68
N ASN B 1235 25.37 3.95 37.33
CA ASN B 1235 24.62 3.92 38.57
C ASN B 1235 25.17 4.93 39.56
N PHE B 1236 26.48 5.12 39.56
CA PHE B 1236 27.06 6.03 40.54
C PHE B 1236 26.69 7.47 40.22
N TYR B 1237 26.66 7.81 38.93
CA TYR B 1237 26.11 9.11 38.54
C TYR B 1237 24.66 9.21 38.94
N LYS B 1238 23.90 8.16 38.67
CA LYS B 1238 22.50 8.09 39.11
C LYS B 1238 22.39 8.41 40.58
N GLU B 1239 23.30 7.85 41.37
CA GLU B 1239 23.39 8.18 42.78
C GLU B 1239 23.66 9.66 42.96
N LYS B 1240 24.58 10.20 42.18
CA LYS B 1240 24.95 11.59 42.30
C LYS B 1240 24.12 12.48 41.40
N LYS B 1241 23.21 11.90 40.61
CA LYS B 1241 22.36 12.64 39.70
C LYS B 1241 23.17 13.50 38.75
N ARG B 1242 24.42 13.14 38.48
CA ARG B 1242 25.21 13.93 37.55
C ARG B 1242 24.62 13.70 36.18
N GLU B 1243 23.46 14.31 35.98
CA GLU B 1243 22.57 13.97 34.88
C GLU B 1243 23.29 14.01 33.55
N ASP B 1244 24.00 15.10 33.28
CA ASP B 1244 24.65 15.26 31.99
C ASP B 1244 25.66 14.16 31.72
N ILE B 1245 26.62 13.96 32.62
CA ILE B 1245 27.62 12.93 32.40
C ILE B 1245 26.99 11.57 32.52
N TYR B 1246 25.98 11.44 33.38
CA TYR B 1246 25.24 10.20 33.43
C TYR B 1246 24.75 9.85 32.04
N ILE B 1247 24.13 10.81 31.37
CA ILE B 1247 23.71 10.65 30.00
C ILE B 1247 24.89 10.29 29.13
N ARG B 1248 26.02 10.95 29.34
CA ARG B 1248 27.16 10.74 28.48
C ARG B 1248 27.61 9.29 28.51
N TYR B 1249 27.72 8.73 29.71
CA TYR B 1249 28.10 7.33 29.79
C TYR B 1249 26.95 6.41 29.44
N LEU B 1250 25.72 6.87 29.56
CA LEU B 1250 24.63 6.14 28.92
C LEU B 1250 24.90 6.04 27.43
N TYR B 1251 25.46 7.09 26.85
CA TYR B 1251 25.76 7.06 25.43
C TYR B 1251 26.89 6.10 25.13
N LYS B 1252 27.94 6.13 25.95
CA LYS B 1252 28.98 5.13 25.79
C LYS B 1252 28.40 3.73 25.89
N LEU B 1253 27.49 3.54 26.83
CA LEU B 1253 26.95 2.22 27.11
C LEU B 1253 26.09 1.74 25.95
N ARG B 1254 25.22 2.61 25.45
CA ARG B 1254 24.44 2.24 24.28
C ARG B 1254 25.33 2.04 23.08
N ASP B 1255 26.45 2.75 23.03
CA ASP B 1255 27.42 2.49 21.99
C ASP B 1255 27.91 1.07 22.09
N LEU B 1256 28.20 0.63 23.32
CA LEU B 1256 28.55 -0.76 23.55
C LEU B 1256 27.45 -1.70 23.09
N HIS B 1257 26.20 -1.34 23.37
CA HIS B 1257 25.11 -2.26 23.05
C HIS B 1257 24.86 -2.37 21.54
N ARG B 1258 25.01 -1.28 20.79
CA ARG B 1258 24.86 -1.52 19.37
C ARG B 1258 26.16 -2.00 18.74
N ASP B 1259 27.26 -1.97 19.47
CA ASP B 1259 28.35 -2.88 19.15
C ASP B 1259 27.89 -4.31 19.33
N CYS B 1260 27.07 -4.55 20.35
CA CYS B 1260 26.47 -5.84 20.63
C CYS B 1260 25.11 -5.98 19.98
N GLU B 1261 24.67 -4.97 19.24
CA GLU B 1261 23.35 -4.96 18.60
C GLU B 1261 22.26 -5.28 19.61
N ASN B 1262 22.48 -4.83 20.85
CA ASN B 1262 21.49 -4.98 21.91
C ASN B 1262 20.39 -3.95 21.75
N TYR B 1263 19.76 -3.99 20.57
CA TYR B 1263 18.57 -3.18 20.33
C TYR B 1263 17.65 -3.24 21.53
N THR B 1264 17.58 -4.42 22.14
CA THR B 1264 16.91 -4.57 23.42
C THR B 1264 17.52 -3.64 24.46
N GLU B 1265 18.78 -3.87 24.84
CA GLU B 1265 19.41 -3.03 25.86
C GLU B 1265 19.57 -1.60 25.38
N ALA B 1266 19.94 -1.40 24.11
CA ALA B 1266 20.11 -0.05 23.60
C ALA B 1266 18.80 0.73 23.72
N ALA B 1267 17.70 0.07 23.40
CA ALA B 1267 16.40 0.69 23.57
C ALA B 1267 16.17 1.03 25.03
N TYR B 1268 16.42 0.09 25.94
CA TYR B 1268 16.22 0.41 27.35
C TYR B 1268 16.98 1.66 27.74
N THR B 1269 18.26 1.71 27.38
CA THR B 1269 19.10 2.82 27.80
C THR B 1269 18.62 4.13 27.20
N LEU B 1270 18.39 4.14 25.90
CA LEU B 1270 17.93 5.35 25.26
C LEU B 1270 16.64 5.83 25.90
N LEU B 1271 15.75 4.89 26.22
CA LEU B 1271 14.55 5.23 26.96
C LEU B 1271 14.89 5.85 28.31
N LEU B 1272 15.78 5.21 29.05
CA LEU B 1272 16.18 5.70 30.35
C LEU B 1272 16.56 7.16 30.25
N HIS B 1273 17.27 7.51 29.18
CA HIS B 1273 17.54 8.92 28.93
C HIS B 1273 16.24 9.68 28.70
N ALA B 1274 15.44 9.21 27.74
CA ALA B 1274 14.16 9.84 27.47
C ALA B 1274 13.30 9.85 28.71
N GLU B 1275 13.43 8.82 29.55
CA GLU B 1275 12.73 8.79 30.82
C GLU B 1275 13.01 10.04 31.63
N LEU B 1276 14.23 10.56 31.56
CA LEU B 1276 14.51 11.84 32.20
C LEU B 1276 13.72 12.97 31.57
N LEU B 1277 13.58 12.96 30.25
CA LEU B 1277 12.95 14.07 29.57
C LEU B 1277 11.46 14.14 29.89
N GLN B 1278 10.89 15.29 29.58
CA GLN B 1278 9.46 15.53 29.71
C GLN B 1278 8.94 16.04 28.38
N TRP B 1279 7.66 15.79 28.12
CA TRP B 1279 7.07 16.19 26.85
C TRP B 1279 6.87 17.68 26.76
N SER B 1280 7.47 18.44 27.67
CA SER B 1280 7.33 19.88 27.70
C SER B 1280 7.65 20.47 26.34
N ASP B 1281 7.05 21.63 26.09
CA ASP B 1281 7.16 22.35 24.83
C ASP B 1281 8.48 23.06 24.66
N LYS B 1282 9.38 22.97 25.62
CA LYS B 1282 10.50 23.88 25.51
C LYS B 1282 11.83 23.15 25.55
N PRO B 1283 12.89 23.75 25.02
CA PRO B 1283 14.24 23.33 25.36
C PRO B 1283 14.60 23.82 26.75
N CYS B 1284 14.67 22.91 27.73
CA CYS B 1284 14.76 23.35 29.12
C CYS B 1284 16.19 23.51 29.62
N VAL B 1285 16.97 22.42 29.63
CA VAL B 1285 18.32 22.51 30.17
C VAL B 1285 19.33 22.00 29.16
N PRO B 1286 20.42 22.75 28.93
CA PRO B 1286 21.41 22.33 27.93
C PRO B 1286 22.26 21.16 28.36
N HIS B 1287 22.14 20.69 29.60
CA HIS B 1287 22.82 19.48 30.01
C HIS B 1287 22.39 18.32 29.12
N LEU B 1288 21.08 18.11 29.00
CA LEU B 1288 20.55 17.15 28.06
C LEU B 1288 20.68 17.61 26.61
N LEU B 1289 20.95 18.89 26.37
CA LEU B 1289 21.21 19.30 25.00
C LEU B 1289 22.49 18.62 24.54
N GLN B 1290 22.32 17.54 23.77
CA GLN B 1290 23.42 16.65 23.45
C GLN B 1290 24.43 17.34 22.54
N ARG B 1291 25.56 16.67 22.34
CA ARG B 1291 26.66 17.23 21.60
C ARG B 1291 26.78 16.66 20.18
N ASP B 1292 25.98 15.63 19.86
CA ASP B 1292 25.97 15.11 18.50
C ASP B 1292 25.47 16.16 17.52
N SER B 1293 24.31 16.73 17.81
CA SER B 1293 23.77 17.88 17.09
C SER B 1293 23.28 18.90 18.10
N TYR B 1294 23.18 20.15 17.69
CA TYR B 1294 22.76 21.16 18.64
C TYR B 1294 22.09 22.32 17.91
N TYR B 1295 20.79 22.45 18.14
CA TYR B 1295 20.08 23.72 17.97
C TYR B 1295 18.96 23.72 19.00
N VAL B 1296 17.93 24.55 18.78
CA VAL B 1296 16.94 24.89 19.80
C VAL B 1296 16.50 23.66 20.58
N TYR B 1297 16.02 22.62 19.90
CA TYR B 1297 15.79 21.33 20.54
C TYR B 1297 14.86 21.43 21.76
N THR B 1298 13.62 21.74 21.45
CA THR B 1298 12.56 21.71 22.44
C THR B 1298 12.28 20.28 22.94
N GLN B 1299 11.94 20.18 24.23
CA GLN B 1299 11.92 18.88 24.92
C GLN B 1299 11.05 17.87 24.21
N GLN B 1300 9.83 18.26 23.87
CA GLN B 1300 8.95 17.33 23.17
C GLN B 1300 9.56 16.88 21.85
N GLU B 1301 10.26 17.77 21.15
CA GLU B 1301 10.95 17.35 19.94
C GLU B 1301 12.01 16.31 20.24
N LEU B 1302 12.70 16.46 21.36
CA LEU B 1302 13.73 15.50 21.71
C LEU B 1302 13.12 14.15 22.06
N LYS B 1303 12.08 14.15 22.88
CA LYS B 1303 11.38 12.91 23.14
C LYS B 1303 10.87 12.31 21.84
N GLU B 1304 10.52 13.15 20.88
CA GLU B 1304 10.06 12.66 19.60
C GLU B 1304 11.17 11.91 18.88
N LYS B 1305 12.35 12.53 18.80
CA LYS B 1305 13.52 11.87 18.24
C LYS B 1305 13.78 10.55 18.95
N LEU B 1306 13.81 10.61 20.27
CA LEU B 1306 14.14 9.46 21.10
C LEU B 1306 13.15 8.34 20.89
N TYR B 1307 11.88 8.68 20.82
CA TYR B 1307 10.86 7.65 20.69
C TYR B 1307 10.89 7.05 19.30
N GLN B 1308 11.18 7.86 18.29
CA GLN B 1308 11.42 7.31 16.97
C GLN B 1308 12.51 6.25 17.02
N GLU B 1309 13.66 6.61 17.60
CA GLU B 1309 14.77 5.66 17.62
C GLU B 1309 14.45 4.45 18.49
N ILE B 1310 13.77 4.66 19.61
CA ILE B 1310 13.42 3.57 20.51
C ILE B 1310 12.52 2.58 19.80
N ILE B 1311 11.50 3.09 19.10
CA ILE B 1311 10.58 2.22 18.40
C ILE B 1311 11.31 1.51 17.26
N SER B 1312 12.22 2.20 16.60
CA SER B 1312 13.02 1.54 15.57
C SER B 1312 13.78 0.37 16.17
N TYR B 1313 14.43 0.61 17.32
CA TYR B 1313 15.13 -0.44 18.03
C TYR B 1313 14.22 -1.62 18.29
N PHE B 1314 13.06 -1.35 18.89
CA PHE B 1314 12.18 -2.44 19.30
C PHE B 1314 11.69 -3.21 18.09
N ASP B 1315 11.43 -2.51 16.99
CA ASP B 1315 11.07 -3.20 15.76
C ASP B 1315 12.18 -4.13 15.32
N LYS B 1316 13.40 -3.62 15.21
CA LYS B 1316 14.52 -4.52 14.94
C LYS B 1316 14.94 -5.30 16.17
N GLY B 1317 14.43 -4.95 17.34
CA GLY B 1317 14.58 -5.74 18.54
C GLY B 1317 13.44 -6.69 18.81
N LYS B 1318 12.47 -6.77 17.89
CA LYS B 1318 11.37 -7.73 17.94
C LYS B 1318 10.44 -7.52 19.12
N MET B 1319 10.63 -6.48 19.92
CA MET B 1319 9.87 -6.33 21.15
C MET B 1319 8.70 -5.39 20.89
N TRP B 1320 7.82 -5.80 19.99
CA TRP B 1320 6.76 -4.93 19.53
C TRP B 1320 5.75 -4.61 20.61
N GLU B 1321 5.70 -5.42 21.67
CA GLU B 1321 4.88 -5.06 22.82
C GLU B 1321 5.26 -3.68 23.32
N LYS B 1322 6.56 -3.48 23.56
CA LYS B 1322 7.04 -2.17 23.97
C LYS B 1322 6.77 -1.14 22.88
N ALA B 1323 7.00 -1.52 21.62
CA ALA B 1323 6.79 -0.59 20.52
C ALA B 1323 5.41 0.02 20.58
N ILE B 1324 4.40 -0.81 20.67
CA ILE B 1324 3.03 -0.33 20.75
C ILE B 1324 2.80 0.41 22.05
N LYS B 1325 3.31 -0.12 23.16
CA LYS B 1325 3.03 0.46 24.47
C LYS B 1325 3.50 1.90 24.54
N LEU B 1326 4.52 2.23 23.75
CA LEU B 1326 4.91 3.63 23.67
C LEU B 1326 4.18 4.37 22.55
N SER B 1327 4.03 3.73 21.39
CA SER B 1327 3.44 4.41 20.25
C SER B 1327 2.06 4.97 20.60
N LYS B 1328 1.38 4.32 21.55
CA LYS B 1328 0.10 4.83 22.02
C LYS B 1328 0.22 6.28 22.46
N GLU B 1329 0.96 6.51 23.55
CA GLU B 1329 1.08 7.87 24.03
C GLU B 1329 1.89 8.75 23.09
N LEU B 1330 2.66 8.16 22.18
CA LEU B 1330 3.27 8.99 21.14
C LEU B 1330 2.23 9.67 20.27
N ALA B 1331 1.31 8.90 19.71
CA ALA B 1331 0.23 9.51 18.93
C ALA B 1331 -0.60 10.41 19.81
N GLU B 1332 -0.76 10.04 21.08
CA GLU B 1332 -1.45 10.91 22.03
C GLU B 1332 -0.81 12.29 22.06
N THR B 1333 0.51 12.35 22.21
CA THR B 1333 1.19 13.64 22.23
C THR B 1333 1.05 14.35 20.90
N TYR B 1334 1.21 13.61 19.80
CA TYR B 1334 0.98 14.16 18.47
C TYR B 1334 -0.29 14.99 18.44
N GLU B 1335 -1.42 14.32 18.65
CA GLU B 1335 -2.70 15.01 18.52
C GLU B 1335 -2.84 16.08 19.61
N SER B 1336 -2.41 15.76 20.82
CA SER B 1336 -2.72 16.60 21.97
C SER B 1336 -1.97 17.91 21.91
N LYS B 1337 -0.84 17.94 21.20
CA LYS B 1337 -0.07 19.16 21.11
C LYS B 1337 0.20 19.60 19.68
N VAL B 1338 0.68 18.71 18.83
CA VAL B 1338 1.30 19.11 17.57
C VAL B 1338 0.42 18.84 16.36
N PHE B 1339 -0.51 17.88 16.44
CA PHE B 1339 -1.34 17.52 15.30
C PHE B 1339 -0.50 16.98 14.16
N ASP B 1340 0.46 16.13 14.51
CA ASP B 1340 1.32 15.48 13.52
C ASP B 1340 0.51 14.41 12.79
N TYR B 1341 -0.57 14.85 12.16
CA TYR B 1341 -1.56 13.88 11.66
C TYR B 1341 -0.92 12.91 10.69
N GLU B 1342 -0.01 13.39 9.86
CA GLU B 1342 0.81 12.51 9.05
C GLU B 1342 1.59 11.54 9.93
N GLY B 1343 2.24 12.06 10.98
CA GLY B 1343 2.94 11.20 11.90
C GLY B 1343 2.00 10.35 12.71
N LEU B 1344 0.85 10.92 13.10
CA LEU B 1344 -0.19 10.08 13.69
C LEU B 1344 -0.41 8.84 12.84
N GLY B 1345 -0.77 9.05 11.58
CA GLY B 1345 -1.20 7.96 10.73
C GLY B 1345 -0.11 6.95 10.47
N ASN B 1346 1.08 7.44 10.10
CA ASN B 1346 2.16 6.50 9.84
C ASN B 1346 2.54 5.74 11.11
N LEU B 1347 2.60 6.42 12.25
CA LEU B 1347 2.87 5.77 13.52
C LEU B 1347 1.87 4.65 13.78
N LEU B 1348 0.59 4.93 13.54
CA LEU B 1348 -0.41 3.91 13.79
C LEU B 1348 -0.32 2.77 12.80
N LYS B 1349 0.08 3.05 11.57
CA LYS B 1349 0.29 1.98 10.61
C LYS B 1349 1.41 1.07 11.07
N LYS B 1350 2.47 1.67 11.62
CA LYS B 1350 3.53 0.87 12.23
C LYS B 1350 2.99 0.07 13.41
N ARG B 1351 2.10 0.65 14.21
CA ARG B 1351 1.50 -0.09 15.31
C ARG B 1351 0.75 -1.31 14.81
N ALA B 1352 0.02 -1.14 13.71
CA ALA B 1352 -0.64 -2.26 13.06
C ALA B 1352 0.37 -3.32 12.64
N SER B 1353 1.47 -2.88 12.03
CA SER B 1353 2.52 -3.80 11.65
C SER B 1353 2.99 -4.60 12.86
N PHE B 1354 3.21 -3.93 13.99
CA PHE B 1354 3.68 -4.61 15.18
C PHE B 1354 2.68 -5.66 15.63
N TYR B 1355 1.39 -5.31 15.68
CA TYR B 1355 0.39 -6.26 16.12
C TYR B 1355 0.38 -7.50 15.23
N GLU B 1356 0.46 -7.28 13.92
CA GLU B 1356 0.50 -8.41 13.00
C GLU B 1356 1.73 -9.27 13.26
N ASN B 1357 2.87 -8.64 13.51
CA ASN B 1357 4.07 -9.40 13.85
C ASN B 1357 3.83 -10.25 15.09
N ILE B 1358 3.13 -9.68 16.07
CA ILE B 1358 2.88 -10.39 17.32
C ILE B 1358 2.09 -11.66 17.06
N ILE B 1359 0.91 -11.52 16.45
CA ILE B 1359 0.08 -12.69 16.23
C ILE B 1359 0.78 -13.67 15.33
N LYS B 1360 1.43 -13.18 14.28
CA LYS B 1360 2.03 -14.06 13.28
C LYS B 1360 3.34 -14.65 13.78
N ALA B 1361 4.34 -13.80 14.02
CA ALA B 1361 5.70 -14.29 14.26
C ALA B 1361 5.83 -14.89 15.66
N MET B 1362 6.63 -15.95 15.73
CA MET B 1362 6.87 -16.70 16.96
C MET B 1362 8.28 -16.46 17.44
N ARG B 1363 8.51 -16.62 18.75
CA ARG B 1363 9.77 -16.24 19.34
C ARG B 1363 10.33 -17.35 20.23
N PRO B 1364 11.63 -17.60 20.21
CA PRO B 1364 12.19 -18.69 21.01
C PRO B 1364 12.55 -18.26 22.43
N GLN B 1365 12.69 -19.25 23.30
CA GLN B 1365 12.85 -19.01 24.73
C GLN B 1365 14.28 -19.28 25.17
N PRO B 1366 15.06 -18.25 25.50
CA PRO B 1366 16.46 -18.47 25.89
C PRO B 1366 16.59 -19.29 27.16
N GLU B 1367 17.57 -20.18 27.16
CA GLU B 1367 17.88 -20.94 28.35
C GLU B 1367 18.51 -20.04 29.37
N TYR B 1368 18.24 -20.32 30.64
CA TYR B 1368 18.54 -19.41 31.71
C TYR B 1368 19.45 -20.09 32.72
N PHE B 1369 20.40 -19.32 33.27
CA PHE B 1369 21.44 -19.87 34.11
C PHE B 1369 21.77 -18.90 35.23
N ALA B 1370 21.66 -19.38 36.47
CA ALA B 1370 22.11 -18.64 37.64
C ALA B 1370 23.52 -19.09 37.96
N VAL B 1371 24.49 -18.19 37.79
CA VAL B 1371 25.88 -18.57 37.59
C VAL B 1371 26.69 -18.19 38.83
N GLY B 1372 27.32 -19.18 39.45
CA GLY B 1372 28.21 -18.96 40.58
C GLY B 1372 29.68 -18.94 40.24
N TYR B 1373 30.24 -17.74 40.09
CA TYR B 1373 31.69 -17.54 40.04
C TYR B 1373 32.25 -17.62 41.44
N TYR B 1374 32.96 -18.70 41.72
CA TYR B 1374 33.52 -18.95 43.03
C TYR B 1374 35.03 -18.90 42.96
N GLY B 1375 35.63 -18.26 43.95
CA GLY B 1375 37.03 -17.96 43.88
C GLY B 1375 37.27 -16.56 44.37
N GLN B 1376 38.10 -16.44 45.40
CA GLN B 1376 38.64 -15.14 45.74
C GLN B 1376 39.39 -14.57 44.56
N GLY B 1377 39.83 -15.44 43.64
CA GLY B 1377 40.48 -15.00 42.43
C GLY B 1377 39.62 -14.11 41.55
N PHE B 1378 38.30 -14.28 41.58
CA PHE B 1378 37.47 -13.33 40.88
C PHE B 1378 37.55 -11.97 41.55
N PRO B 1379 37.32 -10.89 40.79
CA PRO B 1379 37.13 -9.57 41.40
C PRO B 1379 36.07 -9.60 42.49
N SER B 1380 36.04 -8.51 43.25
CA SER B 1380 35.12 -8.41 44.38
C SER B 1380 33.68 -8.66 43.96
N PHE B 1381 33.25 -8.04 42.86
CA PHE B 1381 31.90 -8.27 42.38
C PHE B 1381 31.76 -9.62 41.69
N LEU B 1382 32.84 -10.13 41.11
CA LEU B 1382 32.78 -11.37 40.36
C LEU B 1382 32.92 -12.61 41.23
N ARG B 1383 33.12 -12.47 42.54
CA ARG B 1383 33.37 -13.63 43.37
C ARG B 1383 32.10 -14.09 44.08
N ASN B 1384 31.87 -15.40 44.10
CA ASN B 1384 31.04 -16.05 45.10
C ASN B 1384 29.60 -15.56 45.08
N LYS B 1385 29.14 -15.00 43.96
CA LYS B 1385 27.77 -14.52 43.86
C LYS B 1385 27.12 -15.13 42.62
N ILE B 1386 25.86 -15.49 42.77
CA ILE B 1386 25.14 -16.22 41.74
C ILE B 1386 24.55 -15.21 40.77
N PHE B 1387 25.15 -15.14 39.59
CA PHE B 1387 24.72 -14.23 38.55
C PHE B 1387 23.80 -14.99 37.62
N ILE B 1388 22.53 -14.58 37.56
CA ILE B 1388 21.59 -15.20 36.65
C ILE B 1388 21.84 -14.66 35.25
N TYR B 1389 22.07 -15.55 34.30
CA TYR B 1389 22.49 -15.17 32.96
C TYR B 1389 21.38 -15.45 31.97
N ARG B 1390 21.00 -14.41 31.23
CA ARG B 1390 20.14 -14.58 30.07
C ARG B 1390 21.01 -14.96 28.88
N GLY B 1391 21.07 -16.24 28.58
CA GLY B 1391 21.84 -16.72 27.45
C GLY B 1391 21.17 -16.38 26.14
N LYS B 1392 21.45 -17.21 25.14
CA LYS B 1392 20.82 -17.11 23.83
C LYS B 1392 19.58 -18.00 23.81
N GLU B 1393 18.80 -17.87 22.74
CA GLU B 1393 17.49 -18.51 22.68
C GLU B 1393 17.59 -20.01 22.92
N TYR B 1394 18.65 -20.65 22.47
CA TYR B 1394 18.72 -22.11 22.51
C TYR B 1394 20.04 -22.58 23.08
N GLU B 1395 20.49 -22.00 24.20
CA GLU B 1395 21.82 -22.25 24.71
C GLU B 1395 21.96 -23.63 25.33
N ARG B 1396 23.08 -24.27 25.03
CA ARG B 1396 23.51 -25.46 25.76
C ARG B 1396 24.39 -25.04 26.93
N ARG B 1397 24.03 -25.50 28.13
CA ARG B 1397 24.75 -25.10 29.33
C ARG B 1397 26.24 -25.41 29.24
N GLU B 1398 26.58 -26.47 28.53
CA GLU B 1398 27.99 -26.81 28.36
C GLU B 1398 28.74 -25.74 27.58
N ASP B 1399 28.17 -25.29 26.46
CA ASP B 1399 28.82 -24.23 25.69
C ASP B 1399 28.83 -22.93 26.48
N PHE B 1400 27.82 -22.73 27.32
CA PHE B 1400 27.79 -21.58 28.20
C PHE B 1400 28.99 -21.58 29.14
N SER B 1401 29.18 -22.68 29.87
CA SER B 1401 30.35 -22.76 30.74
C SER B 1401 31.62 -22.68 29.93
N LEU B 1402 31.59 -23.15 28.69
CA LEU B 1402 32.74 -23.00 27.80
C LEU B 1402 33.14 -21.55 27.64
N ARG B 1403 32.18 -20.68 27.31
CA ARG B 1403 32.50 -19.28 27.16
C ARG B 1403 32.84 -18.60 28.48
N LEU B 1404 32.28 -19.08 29.59
CA LEU B 1404 32.86 -18.69 30.89
C LEU B 1404 34.34 -19.05 30.98
N LEU B 1405 34.71 -20.22 30.47
CA LEU B 1405 36.14 -20.55 30.44
C LEU B 1405 36.88 -19.61 29.49
N THR B 1406 36.23 -19.23 28.40
CA THR B 1406 36.71 -18.11 27.60
C THR B 1406 36.65 -16.82 28.39
N GLN B 1407 35.63 -16.67 29.24
CA GLN B 1407 35.47 -15.44 29.99
C GLN B 1407 36.57 -15.26 31.02
N PHE B 1408 36.99 -16.33 31.65
CA PHE B 1408 37.91 -16.26 32.77
C PHE B 1408 39.07 -17.22 32.63
N PRO B 1409 40.17 -16.93 33.29
CA PRO B 1409 41.23 -17.93 33.42
C PRO B 1409 40.75 -19.08 34.27
N ASN B 1410 41.67 -19.97 34.63
CA ASN B 1410 41.43 -21.06 35.57
C ASN B 1410 40.12 -21.78 35.23
N ALA B 1411 40.11 -22.35 34.03
CA ALA B 1411 38.93 -23.05 33.52
C ALA B 1411 38.72 -24.32 34.33
N GLU B 1412 38.04 -24.15 35.47
CA GLU B 1412 37.62 -25.27 36.31
C GLU B 1412 36.47 -24.81 37.20
N LYS B 1413 35.65 -25.78 37.60
CA LYS B 1413 34.31 -25.51 38.10
C LYS B 1413 34.10 -26.20 39.44
N MET B 1414 32.87 -26.16 39.95
CA MET B 1414 32.42 -27.09 40.97
C MET B 1414 31.50 -28.13 40.35
N THR B 1415 31.73 -29.40 40.69
CA THR B 1415 30.66 -30.38 40.58
C THR B 1415 29.61 -30.16 41.66
N SER B 1416 29.90 -29.29 42.61
CA SER B 1416 28.93 -28.85 43.60
C SER B 1416 27.88 -28.00 42.90
N THR B 1417 27.08 -28.62 42.04
CA THR B 1417 26.09 -27.88 41.27
C THR B 1417 25.06 -27.24 42.17
N THR B 1418 24.58 -27.99 43.17
CA THR B 1418 23.60 -27.47 44.10
C THR B 1418 24.24 -26.64 45.22
N PRO B 1419 25.23 -27.16 45.96
CA PRO B 1419 25.75 -26.40 47.08
C PRO B 1419 26.87 -25.47 46.65
N PRO B 1420 27.15 -24.42 47.42
CA PRO B 1420 28.26 -23.53 47.09
C PRO B 1420 29.60 -24.20 47.33
N GLY B 1421 30.62 -23.67 46.65
CA GLY B 1421 31.98 -24.10 46.92
C GLY B 1421 32.65 -23.24 47.96
N GLU B 1422 32.59 -23.68 49.23
CA GLU B 1422 33.09 -22.87 50.33
C GLU B 1422 34.61 -22.68 50.26
N ASP B 1423 35.33 -23.73 49.90
CA ASP B 1423 36.77 -23.59 49.72
C ASP B 1423 37.08 -22.45 48.78
N ILE B 1424 36.39 -22.40 47.65
CA ILE B 1424 36.59 -21.42 46.60
C ILE B 1424 35.64 -20.26 46.80
N LYS B 1425 35.03 -20.19 47.98
CA LYS B 1425 34.46 -18.92 48.41
C LYS B 1425 35.57 -17.91 48.66
N SER B 1426 36.64 -18.33 49.32
CA SER B 1426 37.78 -17.47 49.57
C SER B 1426 39.06 -17.99 48.94
N SER B 1427 39.00 -19.11 48.23
CA SER B 1427 40.24 -19.56 47.60
C SER B 1427 40.50 -18.80 46.30
N PRO B 1428 41.75 -18.66 45.93
CA PRO B 1428 42.08 -18.25 44.56
C PRO B 1428 41.86 -19.40 43.61
N LYS B 1429 42.32 -19.25 42.37
CA LYS B 1429 42.10 -20.24 41.32
C LYS B 1429 40.60 -20.45 41.14
N GLN B 1430 39.99 -19.35 40.72
CA GLN B 1430 38.55 -19.19 40.54
C GLN B 1430 37.91 -20.48 40.06
N TYR B 1431 36.87 -20.92 40.75
CA TYR B 1431 36.07 -21.99 40.19
C TYR B 1431 34.76 -21.43 39.65
N MET B 1432 33.88 -22.34 39.23
CA MET B 1432 32.60 -21.99 38.63
C MET B 1432 31.57 -23.06 38.91
N GLN B 1433 30.33 -22.77 38.50
CA GLN B 1433 29.21 -23.71 38.60
C GLN B 1433 28.05 -23.13 37.81
N CYS B 1434 27.38 -23.96 37.00
CA CYS B 1434 26.27 -23.48 36.19
C CYS B 1434 25.33 -24.63 35.82
N PHE B 1435 24.16 -24.23 35.31
CA PHE B 1435 23.08 -25.12 34.92
C PHE B 1435 21.96 -24.29 34.33
N THR B 1436 21.12 -24.94 33.51
CA THR B 1436 19.99 -24.26 32.90
C THR B 1436 18.84 -24.18 33.89
N VAL B 1437 18.58 -22.97 34.39
CA VAL B 1437 17.58 -22.79 35.42
C VAL B 1437 16.22 -22.66 34.75
N LYS B 1438 15.17 -22.78 35.55
CA LYS B 1438 13.81 -22.69 35.06
C LYS B 1438 13.47 -21.23 34.77
N PRO B 1439 13.01 -20.89 33.57
CA PRO B 1439 12.37 -19.58 33.36
C PRO B 1439 11.00 -19.58 34.01
N VAL B 1440 10.89 -18.91 35.16
CA VAL B 1440 9.59 -18.80 35.82
C VAL B 1440 8.63 -18.01 34.94
N MET B 1441 7.37 -18.41 34.95
CA MET B 1441 6.39 -17.86 34.03
C MET B 1441 6.21 -16.36 34.23
N SER B 1442 5.91 -15.66 33.14
CA SER B 1442 5.47 -14.28 33.25
C SER B 1442 4.04 -14.20 33.75
N LEU B 1443 3.62 -12.98 34.07
CA LEU B 1443 2.27 -12.71 34.53
C LEU B 1443 1.59 -11.82 33.50
N PRO B 1444 0.84 -12.41 32.58
CA PRO B 1444 0.05 -11.64 31.65
C PRO B 1444 -1.10 -10.96 32.37
N PRO B 1445 -1.05 -9.64 32.52
CA PRO B 1445 -2.05 -8.96 33.34
C PRO B 1445 -3.43 -9.02 32.69
N SER B 1446 -4.43 -9.36 33.51
CA SER B 1446 -5.83 -9.42 33.09
C SER B 1446 -6.05 -10.43 31.97
N TYR B 1447 -5.10 -11.35 31.78
CA TYR B 1447 -5.22 -12.39 30.78
C TYR B 1447 -5.54 -13.75 31.38
N LYS B 1448 -5.33 -13.91 32.69
CA LYS B 1448 -5.57 -15.19 33.34
C LYS B 1448 -7.03 -15.61 33.24
N ASP B 1449 -7.95 -14.67 33.46
CA ASP B 1449 -9.36 -14.95 33.23
C ASP B 1449 -9.66 -15.06 31.74
N LYS B 1450 -8.74 -14.63 30.92
CA LYS B 1450 -9.08 -14.42 29.52
C LYS B 1450 -8.52 -15.55 28.67
N PRO B 1451 -9.36 -16.21 27.90
CA PRO B 1451 -8.88 -17.18 26.91
C PRO B 1451 -8.14 -16.48 25.79
N VAL B 1452 -7.00 -15.88 26.15
CA VAL B 1452 -6.15 -15.20 25.18
C VAL B 1452 -5.57 -16.25 24.26
N PRO B 1453 -5.33 -15.93 22.98
CA PRO B 1453 -4.56 -16.85 22.14
C PRO B 1453 -3.16 -17.04 22.67
N GLU B 1454 -2.41 -17.91 22.01
CA GLU B 1454 -1.12 -18.34 22.55
C GLU B 1454 -0.07 -17.25 22.50
N GLN B 1455 -0.15 -16.36 21.51
CA GLN B 1455 0.97 -15.46 21.23
C GLN B 1455 1.43 -14.74 22.47
N ILE B 1456 0.49 -14.30 23.30
CA ILE B 1456 0.85 -13.64 24.54
C ILE B 1456 1.68 -14.58 25.42
N LEU B 1457 1.23 -15.83 25.56
CA LEU B 1457 1.98 -16.76 26.41
C LEU B 1457 3.37 -17.03 25.86
N ASN B 1458 3.47 -17.35 24.56
CA ASN B 1458 4.77 -17.62 23.98
C ASN B 1458 5.70 -16.43 24.15
N TYR B 1459 5.16 -15.22 23.99
CA TYR B 1459 5.92 -14.02 24.28
C TYR B 1459 6.24 -13.88 25.76
N TYR B 1460 5.52 -14.58 26.64
CA TYR B 1460 5.72 -14.41 28.07
C TYR B 1460 6.42 -15.56 28.75
N ARG B 1461 6.71 -16.65 28.04
CA ARG B 1461 7.23 -17.81 28.76
C ARG B 1461 8.69 -17.64 29.13
N ALA B 1462 9.40 -16.73 28.46
CA ALA B 1462 10.81 -16.52 28.76
C ALA B 1462 11.22 -15.06 28.89
N ASN B 1463 10.32 -14.12 28.61
CA ASN B 1463 10.65 -12.72 28.81
C ASN B 1463 9.99 -12.22 30.08
N GLU B 1464 10.42 -11.04 30.53
CA GLU B 1464 9.90 -10.41 31.73
C GLU B 1464 10.01 -11.36 32.92
N VAL B 1465 11.13 -12.06 32.97
CA VAL B 1465 11.35 -13.14 33.93
C VAL B 1465 12.43 -12.74 34.92
N GLN B 1466 12.12 -12.82 36.19
CA GLN B 1466 13.03 -12.46 37.26
C GLN B 1466 13.19 -13.60 38.26
N GLN B 1467 12.14 -14.37 38.49
CA GLN B 1467 12.24 -15.57 39.30
C GLN B 1467 12.77 -16.71 38.44
N PHE B 1468 13.56 -17.57 39.07
CA PHE B 1468 14.12 -18.71 38.36
C PHE B 1468 14.37 -19.83 39.36
N ARG B 1469 14.69 -21.01 38.83
CA ARG B 1469 14.89 -22.19 39.65
C ARG B 1469 15.60 -23.24 38.82
N TYR B 1470 16.32 -24.13 39.49
CA TYR B 1470 16.87 -25.28 38.82
C TYR B 1470 16.47 -26.53 39.58
N SER B 1471 16.48 -27.67 38.88
CA SER B 1471 16.03 -28.92 39.46
C SER B 1471 17.07 -29.51 40.40
N ARG B 1472 16.59 -30.10 41.49
CA ARG B 1472 17.42 -30.85 42.42
C ARG B 1472 16.74 -32.17 42.73
N PRO B 1473 16.87 -33.17 41.86
CA PRO B 1473 16.38 -34.51 42.18
C PRO B 1473 17.12 -35.06 43.39
N PHE B 1474 16.35 -35.62 44.32
CA PHE B 1474 16.89 -36.12 45.57
C PHE B 1474 16.16 -37.41 45.93
N ARG B 1475 16.82 -38.24 46.73
CA ARG B 1475 16.32 -39.57 47.08
C ARG B 1475 16.10 -39.62 48.58
N LYS B 1476 14.92 -39.20 49.02
CA LYS B 1476 14.56 -39.21 50.45
C LYS B 1476 13.46 -40.24 50.63
N GLY B 1477 13.87 -41.47 50.93
CA GLY B 1477 12.92 -42.55 51.13
C GLY B 1477 13.62 -43.88 50.93
N GLU B 1478 12.81 -44.91 50.71
CA GLU B 1478 13.31 -46.26 50.48
C GLU B 1478 13.64 -46.44 49.00
N LYS B 1479 14.93 -46.48 48.67
CA LYS B 1479 15.38 -46.48 47.28
C LYS B 1479 15.33 -47.89 46.69
N ASP B 1480 14.11 -48.44 46.66
CA ASP B 1480 13.89 -49.70 45.99
C ASP B 1480 14.08 -49.54 44.48
N PRO B 1481 14.39 -50.63 43.77
CA PRO B 1481 14.73 -50.47 42.34
C PRO B 1481 13.59 -49.95 41.49
N ASP B 1482 12.44 -50.63 41.51
CA ASP B 1482 11.33 -50.25 40.63
C ASP B 1482 10.84 -48.85 40.94
N ASN B 1483 10.57 -48.58 42.21
CA ASN B 1483 10.06 -47.28 42.63
C ASN B 1483 11.23 -46.33 42.86
N GLU B 1484 11.22 -45.20 42.15
CA GLU B 1484 12.09 -44.09 42.46
C GLU B 1484 11.31 -43.00 43.18
N PHE B 1485 10.09 -43.31 43.61
CA PHE B 1485 9.06 -42.30 43.84
C PHE B 1485 8.79 -41.98 45.29
N ALA B 1486 8.92 -42.95 46.20
CA ALA B 1486 8.87 -42.63 47.63
C ALA B 1486 10.14 -41.94 48.09
N THR B 1487 11.17 -41.88 47.25
CA THR B 1487 12.42 -41.21 47.58
C THR B 1487 12.60 -39.91 46.82
N MET B 1488 11.98 -39.79 45.65
CA MET B 1488 12.21 -38.63 44.80
C MET B 1488 11.78 -37.35 45.49
N TRP B 1489 12.73 -36.45 45.65
CA TRP B 1489 12.50 -35.13 46.22
C TRP B 1489 13.20 -34.11 45.34
N ILE B 1490 12.51 -33.03 45.03
CA ILE B 1490 13.09 -31.96 44.23
C ILE B 1490 13.32 -30.79 45.16
N GLU B 1491 14.60 -30.45 45.38
CA GLU B 1491 14.98 -29.27 46.12
C GLU B 1491 15.10 -28.11 45.14
N ARG B 1492 13.95 -27.70 44.63
CA ARG B 1492 13.86 -26.57 43.71
C ARG B 1492 14.73 -25.42 44.22
N THR B 1493 15.45 -24.81 43.30
CA THR B 1493 16.42 -23.78 43.66
C THR B 1493 15.84 -22.44 43.22
N THR B 1494 14.96 -21.90 44.04
CA THR B 1494 14.26 -20.68 43.66
C THR B 1494 15.23 -19.52 43.57
N TYR B 1495 15.04 -18.69 42.57
CA TYR B 1495 15.84 -17.50 42.33
C TYR B 1495 14.94 -16.29 42.17
N THR B 1496 15.50 -15.13 42.50
CA THR B 1496 14.92 -13.86 42.12
C THR B 1496 16.02 -13.07 41.44
N THR B 1497 15.72 -12.51 40.27
CA THR B 1497 16.68 -11.65 39.59
C THR B 1497 16.39 -10.21 39.93
N ALA B 1498 17.46 -9.45 40.17
CA ALA B 1498 17.29 -8.04 40.50
C ALA B 1498 16.57 -7.28 39.39
N TYR B 1499 16.62 -7.76 38.15
CA TYR B 1499 16.10 -6.98 37.04
C TYR B 1499 15.50 -7.87 35.96
N THR B 1500 14.64 -7.27 35.15
CA THR B 1500 13.83 -8.03 34.21
C THR B 1500 14.70 -8.75 33.20
N PHE B 1501 14.29 -9.92 32.85
CA PHE B 1501 14.86 -10.58 31.69
C PHE B 1501 13.82 -10.62 30.59
N PRO B 1502 14.03 -9.93 29.47
CA PRO B 1502 15.25 -9.16 29.21
C PRO B 1502 15.28 -7.82 29.92
N GLY B 1503 16.48 -7.25 30.01
CA GLY B 1503 16.70 -5.98 30.65
C GLY B 1503 17.94 -5.27 30.13
N ILE B 1504 18.41 -4.27 30.87
CA ILE B 1504 19.56 -3.48 30.44
C ILE B 1504 20.81 -4.34 30.32
N LEU B 1505 20.87 -5.44 31.04
CA LEU B 1505 22.02 -6.34 31.01
C LEU B 1505 21.51 -7.75 30.76
N LYS B 1506 22.22 -8.49 29.91
CA LYS B 1506 21.79 -9.86 29.64
C LYS B 1506 21.77 -10.67 30.93
N TRP B 1507 22.94 -10.89 31.52
CA TRP B 1507 22.99 -11.53 32.81
C TRP B 1507 22.57 -10.55 33.90
N PHE B 1508 22.44 -11.10 35.10
CA PHE B 1508 22.22 -10.32 36.31
C PHE B 1508 22.53 -11.24 37.46
N GLU B 1509 22.73 -10.66 38.62
CA GLU B 1509 22.82 -11.48 39.81
C GLU B 1509 21.49 -12.18 40.04
N VAL B 1510 21.51 -13.18 40.92
CA VAL B 1510 20.29 -13.55 41.61
C VAL B 1510 20.07 -12.52 42.72
N LYS B 1511 18.89 -11.92 42.74
CA LYS B 1511 18.62 -11.01 43.84
C LYS B 1511 18.31 -11.79 45.11
N GLN B 1512 17.70 -12.96 44.97
CA GLN B 1512 17.47 -13.82 46.12
C GLN B 1512 17.35 -15.26 45.64
N ILE B 1513 18.13 -16.14 46.26
CA ILE B 1513 18.09 -17.57 46.00
C ILE B 1513 17.29 -18.25 47.11
N SER B 1514 16.57 -19.31 46.75
CA SER B 1514 15.84 -20.09 47.74
C SER B 1514 15.85 -21.56 47.32
N THR B 1515 16.25 -22.43 48.24
CA THR B 1515 16.10 -23.85 48.02
C THR B 1515 14.70 -24.29 48.41
N GLU B 1516 14.32 -25.50 48.00
CA GLU B 1516 12.99 -26.02 48.26
C GLU B 1516 13.09 -27.50 48.61
N GLU B 1517 11.94 -28.15 48.68
CA GLU B 1517 11.80 -29.57 48.92
C GLU B 1517 10.51 -30.03 48.28
N ILE B 1518 10.45 -31.31 47.90
CA ILE B 1518 9.26 -31.86 47.25
C ILE B 1518 9.05 -33.30 47.69
N SER B 1519 7.93 -33.55 48.38
CA SER B 1519 7.66 -34.83 49.02
C SER B 1519 7.39 -35.92 47.98
N PRO B 1520 7.44 -37.20 48.39
CA PRO B 1520 7.10 -38.27 47.43
C PRO B 1520 5.70 -38.12 46.86
N LEU B 1521 4.73 -37.69 47.66
CA LEU B 1521 3.44 -37.32 47.10
C LEU B 1521 3.58 -36.13 46.16
N GLU B 1522 4.26 -35.07 46.60
CA GLU B 1522 4.37 -33.88 45.78
C GLU B 1522 5.18 -34.16 44.52
N ASN B 1523 6.14 -35.09 44.59
CA ASN B 1523 6.91 -35.39 43.41
C ASN B 1523 6.16 -36.34 42.49
N ALA B 1524 5.29 -37.19 43.06
CA ALA B 1524 4.33 -37.91 42.22
C ALA B 1524 3.40 -36.94 41.53
N ILE B 1525 2.96 -35.93 42.29
CA ILE B 1525 2.13 -34.87 41.74
C ILE B 1525 2.80 -34.25 40.54
N GLU B 1526 4.08 -33.89 40.70
CA GLU B 1526 4.74 -33.18 39.61
C GLU B 1526 5.05 -34.09 38.43
N THR B 1527 5.37 -35.36 38.68
CA THR B 1527 5.60 -36.28 37.57
C THR B 1527 4.33 -36.43 36.74
N MET B 1528 3.21 -36.72 37.40
CA MET B 1528 1.97 -36.82 36.66
C MET B 1528 1.54 -35.47 36.10
N GLU B 1529 1.94 -34.38 36.75
CA GLU B 1529 1.57 -33.07 36.25
C GLU B 1529 2.32 -32.72 34.98
N LEU B 1530 3.63 -32.97 34.94
CA LEU B 1530 4.37 -32.78 33.72
C LEU B 1530 3.86 -33.73 32.64
N THR B 1531 3.57 -34.96 33.03
CA THR B 1531 2.91 -35.89 32.13
C THR B 1531 1.71 -35.24 31.46
N ASN B 1532 0.74 -34.84 32.28
CA ASN B 1532 -0.53 -34.36 31.76
C ASN B 1532 -0.36 -33.04 31.04
N GLU B 1533 0.51 -32.18 31.54
CA GLU B 1533 0.70 -30.90 30.89
C GLU B 1533 1.33 -31.08 29.53
N ARG B 1534 2.19 -32.09 29.37
CA ARG B 1534 2.76 -32.33 28.04
C ARG B 1534 1.75 -33.00 27.13
N ILE B 1535 0.92 -33.89 27.67
CA ILE B 1535 -0.20 -34.39 26.89
C ILE B 1535 -1.02 -33.22 26.35
N SER B 1536 -1.55 -32.40 27.25
CA SER B 1536 -2.31 -31.23 26.88
C SER B 1536 -1.51 -30.33 25.96
N ASN B 1537 -0.21 -30.26 26.18
CA ASN B 1537 0.65 -29.39 25.37
C ASN B 1537 0.64 -29.82 23.92
N CYS B 1538 1.01 -31.08 23.67
CA CYS B 1538 1.03 -31.56 22.31
C CYS B 1538 -0.36 -31.54 21.71
N VAL B 1539 -1.37 -31.88 22.51
CA VAL B 1539 -2.75 -31.88 22.01
C VAL B 1539 -3.13 -30.50 21.54
N GLN B 1540 -2.84 -29.48 22.35
CA GLN B 1540 -3.29 -28.13 22.04
C GLN B 1540 -2.47 -27.52 20.93
N GLN B 1541 -1.14 -27.71 20.95
CA GLN B 1541 -0.34 -27.21 19.85
C GLN B 1541 -0.76 -27.84 18.55
N HIS B 1542 -1.20 -29.09 18.57
CA HIS B 1542 -1.81 -29.66 17.40
C HIS B 1542 -3.18 -29.06 17.14
N ALA B 1543 -3.88 -28.62 18.19
CA ALA B 1543 -5.28 -28.24 18.04
C ALA B 1543 -5.44 -27.05 17.12
N TRP B 1544 -4.74 -25.96 17.40
CA TRP B 1544 -4.79 -24.78 16.54
C TRP B 1544 -3.87 -24.89 15.35
N ASP B 1545 -2.89 -25.78 15.39
CA ASP B 1545 -2.07 -26.08 14.24
C ASP B 1545 -2.81 -27.04 13.33
N ARG B 1546 -2.38 -27.10 12.10
CA ARG B 1546 -2.82 -28.11 11.17
C ARG B 1546 -1.68 -28.76 10.39
N SER B 1547 -0.57 -28.05 10.18
CA SER B 1547 0.60 -28.60 9.51
C SER B 1547 1.57 -29.19 10.55
N LEU B 1548 1.17 -30.34 11.09
CA LEU B 1548 1.89 -30.98 12.18
C LEU B 1548 2.12 -32.45 11.89
N SER B 1549 3.33 -32.92 12.20
CA SER B 1549 3.60 -34.35 12.15
C SER B 1549 2.92 -35.06 13.31
N VAL B 1550 2.45 -36.28 13.06
CA VAL B 1550 1.73 -37.04 14.09
C VAL B 1550 2.70 -37.89 14.90
N HIS B 1551 3.97 -37.91 14.53
CA HIS B 1551 5.01 -38.59 15.31
C HIS B 1551 4.97 -38.25 16.80
N PRO B 1552 4.85 -37.00 17.23
CA PRO B 1552 4.74 -36.74 18.66
C PRO B 1552 3.53 -37.39 19.32
N LEU B 1553 2.41 -37.50 18.61
CA LEU B 1553 1.27 -38.22 19.16
C LEU B 1553 1.63 -39.67 19.40
N SER B 1554 2.32 -40.29 18.44
CA SER B 1554 2.82 -41.64 18.65
C SER B 1554 3.72 -41.70 19.86
N MET B 1555 4.59 -40.70 20.02
CA MET B 1555 5.52 -40.65 21.14
C MET B 1555 4.76 -40.69 22.44
N LEU B 1556 3.91 -39.68 22.64
CA LEU B 1556 3.14 -39.56 23.88
C LEU B 1556 2.35 -40.83 24.15
N LEU B 1557 1.57 -41.28 23.17
CA LEU B 1557 0.61 -42.34 23.45
C LEU B 1557 1.31 -43.68 23.59
N SER B 1558 2.30 -43.96 22.74
CA SER B 1558 3.05 -45.20 22.87
C SER B 1558 3.75 -45.27 24.21
N GLY B 1559 4.29 -44.14 24.69
CA GLY B 1559 4.89 -44.13 26.02
C GLY B 1559 3.87 -44.30 27.12
N ILE B 1560 2.70 -43.66 26.98
CA ILE B 1560 1.68 -43.71 28.02
C ILE B 1560 1.15 -45.12 28.18
N VAL B 1561 0.74 -45.72 27.06
CA VAL B 1561 0.01 -46.99 27.12
C VAL B 1561 0.82 -48.01 27.88
N ASP B 1562 2.13 -47.95 27.74
CA ASP B 1562 2.99 -48.83 28.49
C ASP B 1562 3.66 -48.07 29.62
N PRO B 1563 3.24 -48.26 30.84
CA PRO B 1563 4.11 -47.82 31.93
C PRO B 1563 5.31 -48.74 31.90
N ALA B 1564 6.17 -48.47 30.91
CA ALA B 1564 6.99 -49.53 30.31
C ALA B 1564 8.27 -49.79 31.10
N VAL B 1565 9.15 -48.78 31.18
CA VAL B 1565 10.44 -48.98 31.84
C VAL B 1565 10.21 -49.32 33.31
N MET B 1566 9.31 -48.59 33.94
CA MET B 1566 8.74 -48.96 35.22
C MET B 1566 7.24 -48.67 35.14
N GLY B 1567 6.43 -49.45 35.84
CA GLY B 1567 5.02 -49.25 35.59
C GLY B 1567 4.53 -48.10 36.43
N GLY B 1568 4.61 -46.89 35.87
CA GLY B 1568 4.34 -45.70 36.66
C GLY B 1568 2.94 -45.70 37.20
N PHE B 1569 2.05 -46.36 36.49
CA PHE B 1569 0.69 -46.63 36.94
C PHE B 1569 0.82 -47.46 38.20
N SER B 1570 1.40 -48.65 38.04
CA SER B 1570 1.67 -49.54 39.15
C SER B 1570 2.65 -48.93 40.13
N ASN B 1571 3.65 -48.19 39.65
CA ASN B 1571 4.59 -47.55 40.57
C ASN B 1571 3.88 -46.64 41.55
N TYR B 1572 3.00 -45.77 41.05
CA TYR B 1572 2.30 -44.88 41.96
C TYR B 1572 1.31 -45.64 42.82
N GLU B 1573 0.67 -46.67 42.28
CA GLU B 1573 -0.18 -47.50 43.12
C GLU B 1573 0.58 -48.01 44.34
N LYS B 1574 1.73 -48.64 44.09
CA LYS B 1574 2.53 -49.19 45.17
C LYS B 1574 3.08 -48.09 46.08
N ALA B 1575 3.57 -47.01 45.49
CA ALA B 1575 4.31 -46.01 46.24
C ALA B 1575 3.39 -45.18 47.14
N PHE B 1576 2.23 -44.78 46.62
CA PHE B 1576 1.39 -43.83 47.33
C PHE B 1576 -0.08 -44.26 47.42
N PHE B 1577 -0.59 -44.88 46.35
CA PHE B 1577 -2.00 -45.26 46.34
C PHE B 1577 -2.26 -46.43 47.29
N THR B 1578 -1.31 -47.36 47.40
CA THR B 1578 -1.51 -48.54 48.24
C THR B 1578 -1.54 -48.17 49.71
N GLU B 1579 -1.71 -49.22 50.53
CA GLU B 1579 -1.86 -49.05 51.97
C GLU B 1579 -0.56 -48.71 52.67
N LYS B 1580 0.59 -49.12 52.12
CA LYS B 1580 1.85 -48.91 52.81
C LYS B 1580 2.14 -47.44 53.01
N TYR B 1581 1.60 -46.59 52.14
CA TYR B 1581 1.98 -45.20 52.15
C TYR B 1581 0.99 -44.41 52.98
N LEU B 1582 -0.21 -44.97 53.15
CA LEU B 1582 -1.08 -44.62 54.27
C LEU B 1582 -0.42 -44.93 55.60
N GLN B 1583 0.29 -46.07 55.67
CA GLN B 1583 1.10 -46.36 56.84
C GLN B 1583 2.14 -45.27 57.04
N GLU B 1584 2.83 -44.90 55.96
CA GLU B 1584 3.72 -43.75 56.04
C GLU B 1584 2.98 -42.45 56.33
N HIS B 1585 1.73 -42.32 55.88
CA HIS B 1585 1.01 -41.06 55.95
C HIS B 1585 -0.50 -41.24 56.04
N PRO B 1586 -1.04 -41.54 57.23
CA PRO B 1586 -2.50 -41.66 57.38
C PRO B 1586 -3.22 -40.33 57.28
N GLU B 1587 -2.82 -39.35 58.10
CA GLU B 1587 -3.49 -38.05 58.11
C GLU B 1587 -3.34 -37.34 56.79
N ASP B 1588 -2.10 -37.17 56.33
CA ASP B 1588 -1.81 -36.54 55.06
C ASP B 1588 -1.68 -37.60 53.98
N GLN B 1589 -2.80 -38.28 53.73
CA GLN B 1589 -2.97 -39.11 52.56
C GLN B 1589 -3.96 -38.50 51.59
N GLU B 1590 -4.57 -37.36 51.93
CA GLU B 1590 -5.56 -36.71 51.08
C GLU B 1590 -4.96 -36.12 49.86
N LYS B 1591 -3.70 -36.46 49.61
CA LYS B 1591 -3.02 -36.11 48.37
C LYS B 1591 -2.83 -37.30 47.44
N VAL B 1592 -2.92 -38.54 47.93
CA VAL B 1592 -2.93 -39.64 46.98
C VAL B 1592 -4.28 -39.73 46.32
N GLU B 1593 -5.34 -39.33 47.02
CA GLU B 1593 -6.60 -39.08 46.33
C GLU B 1593 -6.43 -37.97 45.31
N LEU B 1594 -5.51 -37.05 45.55
CA LEU B 1594 -5.23 -36.02 44.56
C LEU B 1594 -4.42 -36.59 43.39
N LEU B 1595 -3.59 -37.60 43.64
CA LEU B 1595 -2.95 -38.31 42.54
C LEU B 1595 -3.99 -39.06 41.72
N LYS B 1596 -4.95 -39.68 42.39
CA LYS B 1596 -6.10 -40.26 41.73
C LYS B 1596 -6.81 -39.20 40.89
N ARG B 1597 -6.96 -38.00 41.43
CA ARG B 1597 -7.56 -36.92 40.63
C ARG B 1597 -6.69 -36.55 39.45
N LEU B 1598 -5.37 -36.56 39.64
CA LEU B 1598 -4.44 -36.22 38.57
C LEU B 1598 -4.60 -37.17 37.40
N ILE B 1599 -4.59 -38.47 37.68
CA ILE B 1599 -4.82 -39.42 36.60
C ILE B 1599 -6.26 -39.30 36.09
N ALA B 1600 -7.21 -39.08 36.98
CA ALA B 1600 -8.62 -39.05 36.59
C ALA B 1600 -8.93 -37.87 35.69
N LEU B 1601 -8.07 -36.85 35.68
CA LEU B 1601 -8.15 -35.81 34.67
C LEU B 1601 -7.16 -36.01 33.54
N GLN B 1602 -6.13 -36.83 33.78
CA GLN B 1602 -5.18 -37.20 32.75
C GLN B 1602 -5.83 -38.02 31.65
N MET B 1603 -6.62 -39.01 32.04
CA MET B 1603 -7.22 -39.87 31.04
C MET B 1603 -8.33 -39.21 30.24
N PRO B 1604 -9.09 -38.26 30.76
CA PRO B 1604 -9.85 -37.42 29.84
C PRO B 1604 -8.94 -36.56 28.99
N LEU B 1605 -7.84 -36.11 29.58
CA LEU B 1605 -6.80 -35.46 28.79
C LEU B 1605 -6.20 -36.44 27.78
N LEU B 1606 -5.92 -37.66 28.23
CA LEU B 1606 -5.58 -38.71 27.29
C LEU B 1606 -6.69 -38.91 26.27
N THR B 1607 -7.91 -38.52 26.60
CA THR B 1607 -9.02 -38.69 25.67
C THR B 1607 -8.95 -37.64 24.58
N GLU B 1608 -8.61 -36.40 24.93
CA GLU B 1608 -8.35 -35.44 23.86
C GLU B 1608 -7.14 -35.86 23.05
N GLY B 1609 -6.17 -36.50 23.69
CA GLY B 1609 -5.09 -37.12 22.93
C GLY B 1609 -5.63 -38.15 21.95
N ILE B 1610 -6.58 -38.96 22.40
CA ILE B 1610 -7.22 -39.94 21.54
C ILE B 1610 -7.94 -39.24 20.38
N ARG B 1611 -8.62 -38.15 20.69
CA ARG B 1611 -9.36 -37.41 19.66
C ARG B 1611 -8.42 -36.88 18.59
N ILE B 1612 -7.36 -36.20 19.00
CA ILE B 1612 -6.43 -35.66 18.03
C ILE B 1612 -5.75 -36.77 17.26
N HIS B 1613 -5.41 -37.87 17.95
CA HIS B 1613 -4.86 -39.02 17.25
C HIS B 1613 -5.82 -39.52 16.18
N GLY B 1614 -7.08 -39.75 16.55
CA GLY B 1614 -8.03 -40.28 15.60
C GLY B 1614 -8.27 -39.38 14.42
N GLU B 1615 -8.39 -38.07 14.67
CA GLU B 1615 -8.56 -37.16 13.54
C GLU B 1615 -7.30 -37.03 12.71
N LYS B 1616 -6.14 -37.40 13.26
CA LYS B 1616 -4.91 -37.53 12.47
C LYS B 1616 -4.37 -38.95 12.50
N LEU B 1617 -5.25 -39.94 12.34
CA LEU B 1617 -4.89 -41.34 12.49
C LEU B 1617 -4.63 -41.97 11.13
N THR B 1618 -3.57 -42.79 11.06
CA THR B 1618 -3.15 -43.39 9.81
C THR B 1618 -3.03 -44.89 9.97
N GLU B 1619 -2.60 -45.53 8.87
CA GLU B 1619 -2.59 -46.98 8.77
C GLU B 1619 -1.65 -47.63 9.80
N GLN B 1620 -0.42 -47.13 9.95
CA GLN B 1620 0.45 -47.70 10.95
C GLN B 1620 0.05 -47.25 12.34
N LEU B 1621 -0.58 -46.09 12.45
CA LEU B 1621 -1.18 -45.68 13.71
C LEU B 1621 -2.43 -46.47 14.03
N LYS B 1622 -3.00 -47.16 13.04
CA LYS B 1622 -4.22 -47.92 13.28
C LYS B 1622 -4.02 -49.03 14.30
N PRO B 1623 -2.98 -49.87 14.22
CA PRO B 1623 -2.71 -50.74 15.38
C PRO B 1623 -2.38 -49.93 16.61
N LEU B 1624 -1.67 -48.82 16.41
CA LEU B 1624 -1.37 -47.93 17.53
C LEU B 1624 -2.65 -47.39 18.14
N HIS B 1625 -3.56 -46.86 17.32
CA HIS B 1625 -4.80 -46.33 17.87
C HIS B 1625 -5.70 -47.42 18.39
N GLU B 1626 -5.63 -48.62 17.81
CA GLU B 1626 -6.29 -49.78 18.40
C GLU B 1626 -5.85 -49.97 19.84
N ARG B 1627 -4.54 -50.03 20.06
CA ARG B 1627 -4.03 -50.14 21.42
C ARG B 1627 -4.44 -48.94 22.25
N LEU B 1628 -4.46 -47.76 21.64
CA LEU B 1628 -4.90 -46.56 22.34
C LEU B 1628 -6.30 -46.74 22.90
N SER B 1629 -7.26 -46.96 22.02
CA SER B 1629 -8.64 -47.14 22.45
C SER B 1629 -8.73 -48.26 23.47
N SER B 1630 -8.17 -49.42 23.15
CA SER B 1630 -8.35 -50.60 24.00
C SER B 1630 -7.76 -50.37 25.38
N CYS B 1631 -6.44 -50.24 25.45
CA CYS B 1631 -5.78 -50.12 26.75
C CYS B 1631 -6.14 -48.83 27.43
N PHE B 1632 -6.57 -47.80 26.69
CA PHE B 1632 -6.93 -46.55 27.33
C PHE B 1632 -8.26 -46.67 28.05
N ARG B 1633 -9.27 -47.24 27.38
CA ARG B 1633 -10.52 -47.49 28.08
C ARG B 1633 -10.30 -48.50 29.20
N GLU B 1634 -9.31 -49.38 29.02
CA GLU B 1634 -8.88 -50.25 30.11
C GLU B 1634 -8.44 -49.45 31.32
N LEU B 1635 -7.50 -48.51 31.13
CA LEU B 1635 -7.06 -47.68 32.24
C LEU B 1635 -8.18 -46.79 32.75
N LYS B 1636 -9.11 -46.40 31.87
CA LYS B 1636 -10.30 -45.68 32.31
C LYS B 1636 -11.05 -46.47 33.36
N GLU B 1637 -11.58 -47.63 32.97
CA GLU B 1637 -12.31 -48.44 33.94
C GLU B 1637 -11.44 -48.85 35.11
N LYS B 1638 -10.13 -49.01 34.89
CA LYS B 1638 -9.21 -49.39 35.96
C LYS B 1638 -9.15 -48.32 37.04
N VAL B 1639 -9.02 -47.05 36.64
CA VAL B 1639 -9.00 -46.00 37.64
C VAL B 1639 -10.38 -45.83 38.25
N GLU B 1640 -11.43 -46.07 37.45
CA GLU B 1640 -12.78 -46.00 38.00
C GLU B 1640 -12.99 -47.05 39.09
N LYS B 1641 -12.27 -48.17 39.02
CA LYS B 1641 -12.39 -49.18 40.06
C LYS B 1641 -11.11 -49.35 40.89
N HIS B 1642 -9.97 -49.64 40.28
CA HIS B 1642 -8.81 -50.02 41.08
C HIS B 1642 -8.14 -48.79 41.69
N TYR B 1643 -7.93 -47.76 40.89
CA TYR B 1643 -7.30 -46.55 41.40
C TYR B 1643 -8.25 -45.77 42.30
N GLY B 1644 -9.54 -46.04 42.20
CA GLY B 1644 -10.52 -45.42 43.08
C GLY B 1644 -10.91 -44.01 42.71
N VAL B 1645 -10.78 -43.63 41.45
CA VAL B 1645 -11.08 -42.26 41.05
C VAL B 1645 -12.59 -42.11 40.95
N ILE B 1646 -13.05 -40.87 41.08
CA ILE B 1646 -14.43 -40.52 40.80
C ILE B 1646 -14.40 -39.60 39.59
N THR B 1647 -14.53 -40.17 38.41
CA THR B 1647 -14.28 -39.45 37.17
C THR B 1647 -15.34 -38.39 36.93
N LEU B 1648 -15.15 -37.66 35.83
CA LEU B 1648 -16.11 -36.64 35.40
C LEU B 1648 -16.92 -37.15 34.21
N MET C 8 11.75 -25.77 9.76
CA MET C 8 11.96 -26.62 10.94
C MET C 8 12.04 -28.08 10.50
N GLN C 9 12.77 -28.89 11.26
CA GLN C 9 13.00 -30.27 10.91
C GLN C 9 12.77 -31.16 12.13
N ALA C 10 12.29 -32.38 11.86
CA ALA C 10 12.07 -33.39 12.88
C ALA C 10 12.73 -34.68 12.44
N ILE C 11 13.63 -35.21 13.27
CA ILE C 11 14.36 -36.42 12.97
C ILE C 11 13.81 -37.56 13.83
N LYS C 12 13.48 -38.67 13.19
CA LYS C 12 13.04 -39.87 13.87
C LYS C 12 14.23 -40.83 13.91
N CYS C 13 14.49 -41.38 15.10
CA CYS C 13 15.64 -42.25 15.32
C CYS C 13 15.23 -43.37 16.25
N VAL C 14 15.18 -44.59 15.73
CA VAL C 14 14.84 -45.75 16.56
C VAL C 14 16.12 -46.23 17.23
N VAL C 15 16.24 -45.99 18.53
CA VAL C 15 17.40 -46.43 19.30
C VAL C 15 17.25 -47.92 19.55
N VAL C 16 18.26 -48.69 19.17
CA VAL C 16 18.22 -50.14 19.20
C VAL C 16 19.44 -50.65 19.95
N GLY C 17 19.19 -51.54 20.92
CA GLY C 17 20.24 -52.06 21.77
C GLY C 17 19.64 -52.78 22.95
N ASP C 18 20.45 -53.59 23.64
CA ASP C 18 19.91 -54.40 24.72
C ASP C 18 19.58 -53.54 25.93
N GLY C 19 18.56 -53.98 26.68
CA GLY C 19 18.18 -53.34 27.91
C GLY C 19 19.01 -53.73 29.11
N ALA C 20 19.81 -54.80 28.99
CA ALA C 20 20.71 -55.20 30.06
C ALA C 20 21.78 -54.16 30.34
N VAL C 21 22.03 -53.25 29.40
CA VAL C 21 22.97 -52.17 29.61
C VAL C 21 22.29 -50.90 30.11
N ALA C 22 20.97 -50.78 29.92
CA ALA C 22 20.18 -49.65 30.41
C ALA C 22 20.63 -48.33 29.78
N LYS C 23 20.64 -48.32 28.45
CA LYS C 23 20.93 -47.09 27.71
C LYS C 23 19.84 -46.05 27.92
N THR C 24 18.65 -46.47 28.37
CA THR C 24 17.57 -45.52 28.62
C THR C 24 18.00 -44.50 29.67
N CYS C 25 18.77 -44.93 30.66
CA CYS C 25 19.33 -44.00 31.64
C CYS C 25 20.11 -42.89 30.94
N LEU C 26 21.02 -43.27 30.04
CA LEU C 26 21.79 -42.29 29.28
C LEU C 26 20.89 -41.37 28.47
N LEU C 27 19.92 -41.96 27.76
CA LEU C 27 19.08 -41.16 26.87
C LEU C 27 18.29 -40.13 27.64
N ILE C 28 17.60 -40.55 28.71
CA ILE C 28 16.81 -39.60 29.48
C ILE C 28 17.72 -38.61 30.19
N SER C 29 18.91 -39.05 30.63
CA SER C 29 19.85 -38.14 31.25
C SER C 29 20.22 -37.02 30.30
N TYR C 30 20.46 -37.35 29.04
CA TYR C 30 20.71 -36.30 28.06
C TYR C 30 19.47 -35.44 27.87
N THR C 31 18.30 -36.06 27.74
CA THR C 31 17.08 -35.27 27.69
C THR C 31 16.94 -34.45 28.95
N THR C 32 17.28 -35.05 30.10
CA THR C 32 17.39 -34.28 31.32
C THR C 32 18.50 -33.24 31.21
N ASN C 33 19.46 -33.44 30.30
CA ASN C 33 20.63 -32.56 30.17
C ASN C 33 21.34 -32.43 31.51
N ALA C 34 21.26 -33.49 32.30
CA ALA C 34 21.44 -33.38 33.73
C ALA C 34 22.89 -33.10 34.11
N PHE C 35 23.05 -32.62 35.33
CA PHE C 35 24.33 -32.72 36.00
C PHE C 35 24.64 -34.19 36.21
N PRO C 36 25.91 -34.61 36.14
CA PRO C 36 26.21 -36.05 36.21
C PRO C 36 25.59 -36.74 37.42
N GLY C 37 24.80 -37.78 37.15
CA GLY C 37 24.14 -38.53 38.20
C GLY C 37 22.93 -37.88 38.81
N GLU C 38 22.49 -36.73 38.28
CA GLU C 38 21.37 -36.00 38.85
C GLU C 38 20.14 -36.02 37.96
N TYR C 39 20.07 -36.91 36.98
CA TYR C 39 18.90 -36.98 36.13
C TYR C 39 17.77 -37.71 36.83
N ILE C 40 16.60 -37.63 36.22
CA ILE C 40 15.44 -38.37 36.70
C ILE C 40 14.97 -39.30 35.59
N PRO C 41 15.15 -40.61 35.73
CA PRO C 41 14.54 -41.53 34.76
C PRO C 41 13.03 -41.54 34.94
N THR C 42 12.32 -41.86 33.87
CA THR C 42 10.87 -41.78 33.86
C THR C 42 10.26 -43.10 33.42
N VAL C 43 8.95 -43.04 33.18
CA VAL C 43 8.11 -44.20 32.91
C VAL C 43 7.84 -44.24 31.42
N PHE C 44 8.20 -43.17 30.73
CA PHE C 44 7.92 -42.98 29.32
C PHE C 44 8.93 -43.70 28.45
N ASP C 45 8.60 -43.84 27.17
CA ASP C 45 9.50 -44.39 26.18
C ASP C 45 9.77 -43.34 25.12
N ASN C 46 10.83 -43.59 24.35
CA ASN C 46 11.11 -42.84 23.13
C ASN C 46 11.27 -41.35 23.42
N TYR C 47 12.19 -41.05 24.32
CA TYR C 47 12.43 -39.67 24.73
C TYR C 47 12.92 -38.84 23.55
N SER C 48 12.26 -37.71 23.34
CA SER C 48 12.56 -36.82 22.24
C SER C 48 12.73 -35.40 22.79
N ALA C 49 13.41 -34.55 22.03
CA ALA C 49 13.74 -33.20 22.49
C ALA C 49 13.97 -32.31 21.28
N ASN C 50 14.58 -31.14 21.51
CA ASN C 50 14.86 -30.20 20.42
C ASN C 50 16.07 -29.36 20.81
N VAL C 51 17.21 -29.67 20.22
CA VAL C 51 18.48 -29.00 20.49
C VAL C 51 19.17 -28.73 19.17
N MET C 52 19.74 -27.54 19.01
CA MET C 52 20.59 -27.35 17.83
C MET C 52 21.92 -28.06 18.02
N VAL C 53 22.66 -28.15 16.92
CA VAL C 53 24.11 -28.31 16.92
C VAL C 53 24.68 -27.10 16.20
N ASP C 54 24.04 -26.72 15.09
CA ASP C 54 24.49 -25.60 14.28
C ASP C 54 23.33 -25.06 13.47
N GLY C 55 23.25 -23.74 13.37
CA GLY C 55 22.38 -23.11 12.41
C GLY C 55 20.90 -23.19 12.72
N LYS C 56 20.43 -24.38 13.08
CA LYS C 56 19.01 -24.62 13.21
C LYS C 56 18.74 -25.76 14.20
N PRO C 57 17.92 -25.53 15.21
CA PRO C 57 17.52 -26.63 16.11
C PRO C 57 16.64 -27.63 15.38
N VAL C 58 16.61 -28.84 15.93
CA VAL C 58 15.93 -29.97 15.30
C VAL C 58 14.97 -30.60 16.30
N ASN C 59 13.78 -30.97 15.83
CA ASN C 59 12.89 -31.78 16.64
C ASN C 59 13.43 -33.20 16.66
N LEU C 60 14.28 -33.50 17.64
CA LEU C 60 15.05 -34.73 17.67
C LEU C 60 14.23 -35.79 18.38
N GLY C 61 14.05 -36.92 17.71
CA GLY C 61 13.24 -38.00 18.26
C GLY C 61 14.05 -39.27 18.43
N LEU C 62 14.27 -39.64 19.67
CA LEU C 62 15.07 -40.80 20.01
C LEU C 62 14.13 -41.91 20.49
N TRP C 63 13.65 -42.71 19.54
CA TRP C 63 12.74 -43.81 19.81
C TRP C 63 13.39 -44.89 20.67
N ASP C 64 12.91 -45.06 21.90
CA ASP C 64 13.43 -46.05 22.83
C ASP C 64 12.75 -47.39 22.57
N THR C 65 13.36 -48.18 21.69
CA THR C 65 13.02 -49.59 21.60
C THR C 65 13.91 -50.37 22.55
N ALA C 66 13.32 -50.83 23.66
CA ALA C 66 14.07 -51.51 24.70
C ALA C 66 14.73 -52.77 24.17
N GLY C 67 15.58 -53.37 24.99
CA GLY C 67 16.33 -54.54 24.59
C GLY C 67 15.48 -55.76 24.32
N GLN C 68 14.21 -55.74 24.70
CA GLN C 68 13.34 -56.89 24.49
C GLN C 68 13.21 -57.21 23.01
N GLU C 69 13.52 -58.46 22.66
CA GLU C 69 13.46 -58.86 21.25
C GLU C 69 12.04 -59.12 20.80
N ASP C 70 11.11 -59.34 21.74
CA ASP C 70 9.72 -59.62 21.37
C ASP C 70 9.12 -58.45 20.60
N TYR C 71 9.53 -57.23 20.95
CA TYR C 71 8.99 -56.03 20.32
C TYR C 71 9.39 -55.93 18.86
N ASP C 72 10.11 -56.93 18.36
CA ASP C 72 10.45 -57.05 16.94
C ASP C 72 9.22 -57.33 16.09
N ARG C 73 8.02 -57.33 16.67
CA ARG C 73 6.81 -57.33 15.86
C ARG C 73 6.47 -55.93 15.33
N LEU C 74 6.65 -54.88 16.14
CA LEU C 74 6.33 -53.54 15.68
C LEU C 74 7.54 -52.63 15.60
N ARG C 75 8.72 -53.10 15.99
CA ARG C 75 9.93 -52.37 15.64
C ARG C 75 10.20 -52.40 14.13
N PRO C 76 9.79 -53.42 13.37
CA PRO C 76 9.86 -53.28 11.90
C PRO C 76 8.82 -52.34 11.32
N LEU C 77 8.01 -51.70 12.16
CA LEU C 77 7.32 -50.49 11.75
C LEU C 77 8.12 -49.25 12.11
N SER C 78 8.87 -49.32 13.21
CA SER C 78 9.75 -48.23 13.59
C SER C 78 10.90 -48.06 12.61
N TYR C 79 11.40 -49.16 12.04
CA TYR C 79 12.49 -49.06 11.07
C TYR C 79 12.10 -48.30 9.81
N PRO C 80 10.98 -48.59 9.14
CA PRO C 80 10.62 -47.79 7.97
C PRO C 80 10.38 -46.33 8.35
N GLN C 81 10.75 -45.44 7.44
CA GLN C 81 10.47 -44.01 7.58
C GLN C 81 11.07 -43.43 8.85
N THR C 82 12.27 -43.89 9.19
CA THR C 82 13.02 -43.38 10.32
C THR C 82 14.34 -42.81 9.82
N ASP C 83 14.62 -41.55 10.21
CA ASP C 83 15.68 -40.79 9.57
C ASP C 83 17.06 -41.42 9.84
N VAL C 84 17.35 -41.73 11.10
CA VAL C 84 18.59 -42.39 11.47
C VAL C 84 18.26 -43.45 12.51
N PHE C 85 19.32 -44.10 13.00
CA PHE C 85 19.16 -45.16 13.98
C PHE C 85 20.35 -45.13 14.92
N LEU C 86 20.08 -45.41 16.20
CA LEU C 86 21.13 -45.54 17.21
C LEU C 86 21.25 -47.01 17.61
N ILE C 87 22.26 -47.68 17.06
CA ILE C 87 22.59 -49.02 17.51
C ILE C 87 23.59 -48.93 18.64
N CYS C 88 23.30 -49.64 19.74
CA CYS C 88 23.93 -49.37 21.03
C CYS C 88 24.40 -50.66 21.67
N PHE C 89 25.65 -50.67 22.13
CA PHE C 89 26.20 -51.79 22.88
C PHE C 89 27.09 -51.25 23.98
N SER C 90 27.50 -52.13 24.87
CA SER C 90 28.43 -51.80 25.95
C SER C 90 29.79 -52.43 25.69
N LEU C 91 30.85 -51.65 25.91
CA LEU C 91 32.21 -52.13 25.67
C LEU C 91 32.68 -53.13 26.72
N VAL C 92 32.10 -53.09 27.92
CA VAL C 92 32.52 -54.00 28.99
C VAL C 92 31.43 -55.03 29.27
N SER C 93 30.34 -55.01 28.52
CA SER C 93 29.33 -56.06 28.53
C SER C 93 29.50 -56.83 27.22
N PRO C 94 30.35 -57.86 27.19
CA PRO C 94 30.53 -58.60 25.93
C PRO C 94 29.25 -59.20 25.41
N ALA C 95 28.38 -59.67 26.31
CA ALA C 95 27.07 -60.15 25.89
C ALA C 95 26.34 -59.09 25.08
N SER C 96 26.47 -57.83 25.47
CA SER C 96 25.89 -56.74 24.67
C SER C 96 26.51 -56.70 23.28
N PHE C 97 27.84 -56.82 23.21
CA PHE C 97 28.53 -56.87 21.93
C PHE C 97 27.94 -57.93 21.02
N GLU C 98 27.96 -59.19 21.47
CA GLU C 98 27.52 -60.27 20.60
C GLU C 98 26.03 -60.20 20.32
N ASN C 99 25.22 -59.81 21.31
CA ASN C 99 23.79 -59.65 21.08
C ASN C 99 23.52 -58.62 20.00
N VAL C 100 24.24 -57.50 20.03
CA VAL C 100 24.08 -56.49 18.99
C VAL C 100 24.45 -57.07 17.65
N ARG C 101 25.67 -57.63 17.53
CA ARG C 101 26.08 -58.14 16.24
C ARG C 101 25.21 -59.29 15.76
N ALA C 102 24.42 -59.90 16.63
CA ALA C 102 23.57 -61.03 16.28
C ALA C 102 22.11 -60.65 16.11
N LYS C 103 21.56 -59.80 16.97
CA LYS C 103 20.17 -59.35 16.84
C LYS C 103 20.07 -57.86 16.55
N TRP C 104 20.66 -57.02 17.40
CA TRP C 104 20.45 -55.59 17.27
C TRP C 104 21.13 -55.03 16.02
N TYR C 105 22.33 -55.53 15.68
CA TYR C 105 22.94 -55.10 14.42
C TYR C 105 22.19 -55.66 13.22
N PRO C 106 22.00 -56.98 13.08
CA PRO C 106 21.42 -57.49 11.83
C PRO C 106 19.97 -57.11 11.62
N GLU C 107 19.13 -57.23 12.64
CA GLU C 107 17.71 -56.93 12.44
C GLU C 107 17.51 -55.50 11.99
N VAL C 108 18.20 -54.56 12.64
CA VAL C 108 18.12 -53.16 12.24
C VAL C 108 18.72 -52.97 10.85
N ARG C 109 19.88 -53.59 10.60
CA ARG C 109 20.54 -53.41 9.31
C ARG C 109 19.65 -53.88 8.17
N HIS C 110 18.96 -54.99 8.37
CA HIS C 110 18.24 -55.60 7.27
C HIS C 110 16.81 -55.07 7.13
N HIS C 111 16.20 -54.67 8.25
CA HIS C 111 14.92 -53.96 8.13
C HIS C 111 15.09 -52.70 7.30
N CYS C 112 16.25 -52.06 7.38
CA CYS C 112 16.56 -50.87 6.60
C CYS C 112 18.05 -50.87 6.29
N PRO C 113 18.45 -51.53 5.19
CA PRO C 113 19.86 -51.46 4.76
C PRO C 113 20.24 -50.13 4.15
N ASN C 114 19.32 -49.16 4.12
CA ASN C 114 19.59 -47.80 3.63
C ASN C 114 19.11 -46.76 4.66
N THR C 115 20.00 -46.46 5.62
CA THR C 115 19.83 -45.43 6.65
C THR C 115 21.16 -45.24 7.38
N PRO C 116 21.57 -44.00 7.65
CA PRO C 116 22.76 -43.81 8.49
C PRO C 116 22.59 -44.45 9.86
N ILE C 117 23.62 -45.17 10.27
CA ILE C 117 23.60 -46.00 11.47
C ILE C 117 24.84 -45.70 12.30
N ILE C 118 24.65 -45.58 13.61
CA ILE C 118 25.70 -45.16 14.52
C ILE C 118 25.83 -46.19 15.62
N LEU C 119 26.93 -46.91 15.62
CA LEU C 119 27.23 -47.86 16.68
C LEU C 119 27.91 -47.13 17.82
N VAL C 120 27.43 -47.35 19.03
CA VAL C 120 27.94 -46.67 20.21
C VAL C 120 28.30 -47.69 21.27
N GLY C 121 29.49 -47.55 21.84
CA GLY C 121 29.94 -48.43 22.89
C GLY C 121 29.63 -47.86 24.26
N THR C 122 28.69 -48.49 24.96
CA THR C 122 28.32 -48.03 26.29
C THR C 122 29.33 -48.51 27.32
N LYS C 123 29.33 -47.86 28.47
CA LYS C 123 30.20 -48.22 29.59
C LYS C 123 31.67 -48.18 29.19
N LEU C 124 32.02 -47.20 28.35
CA LEU C 124 33.43 -46.96 28.06
C LEU C 124 34.20 -46.63 29.34
N ASP C 125 33.54 -45.94 30.28
CA ASP C 125 34.16 -45.68 31.57
C ASP C 125 34.56 -46.98 32.26
N LEU C 126 33.85 -48.07 31.98
CA LEU C 126 34.17 -49.36 32.55
C LEU C 126 34.92 -50.27 31.58
N ARG C 127 35.11 -49.85 30.32
CA ARG C 127 35.94 -50.62 29.41
C ARG C 127 37.37 -50.75 29.93
N ASP C 128 37.85 -49.71 30.63
CA ASP C 128 39.17 -49.73 31.24
C ASP C 128 39.09 -49.77 32.76
N ASP C 129 37.95 -50.16 33.32
CA ASP C 129 37.79 -50.24 34.76
C ASP C 129 38.46 -51.51 35.29
N LYS C 130 39.56 -51.33 36.03
CA LYS C 130 40.37 -52.47 36.43
C LYS C 130 39.55 -53.52 37.18
N ASP C 131 38.64 -53.09 38.05
CA ASP C 131 37.84 -54.04 38.79
C ASP C 131 36.85 -54.77 37.89
N THR C 132 36.12 -54.02 37.05
CA THR C 132 35.17 -54.67 36.17
C THR C 132 35.88 -55.52 35.12
N ILE C 133 37.03 -55.06 34.64
CA ILE C 133 37.79 -55.83 33.66
C ILE C 133 38.33 -57.12 34.27
N GLU C 134 38.84 -57.05 35.51
CA GLU C 134 39.32 -58.28 36.14
C GLU C 134 38.17 -59.22 36.45
N LYS C 135 36.97 -58.68 36.72
CA LYS C 135 35.79 -59.54 36.81
C LYS C 135 35.51 -60.22 35.49
N LEU C 136 35.54 -59.46 34.39
CA LEU C 136 35.27 -60.03 33.07
C LEU C 136 36.27 -61.13 32.72
N LYS C 137 37.55 -60.89 33.00
CA LYS C 137 38.56 -61.92 32.79
C LYS C 137 38.30 -63.13 33.68
N GLU C 138 37.95 -62.89 34.95
CA GLU C 138 37.53 -63.99 35.81
C GLU C 138 36.24 -64.61 35.28
N LYS C 139 35.32 -63.79 34.78
CA LYS C 139 34.15 -64.26 34.07
C LYS C 139 34.44 -64.60 32.61
N LYS C 140 35.72 -64.75 32.27
CA LYS C 140 36.23 -65.04 30.93
C LYS C 140 35.50 -64.26 29.85
N LEU C 141 35.21 -63.00 30.14
CA LEU C 141 34.56 -62.10 29.21
C LEU C 141 35.57 -61.07 28.72
N THR C 142 35.63 -60.89 27.40
CA THR C 142 36.63 -60.00 26.81
C THR C 142 36.14 -58.57 26.86
N PRO C 143 36.88 -57.64 27.46
CA PRO C 143 36.51 -56.22 27.39
C PRO C 143 36.68 -55.73 25.96
N ILE C 144 35.57 -55.34 25.34
CA ILE C 144 35.60 -54.90 23.94
C ILE C 144 36.42 -53.64 23.85
N THR C 145 37.56 -53.73 23.19
CA THR C 145 38.42 -52.57 23.04
C THR C 145 37.98 -51.76 21.82
N TYR C 146 38.60 -50.58 21.68
CA TYR C 146 38.37 -49.75 20.51
C TYR C 146 38.56 -50.48 19.18
N PRO C 147 39.60 -51.27 18.97
CA PRO C 147 39.71 -51.99 17.69
C PRO C 147 38.56 -52.93 17.41
N GLN C 148 37.96 -53.55 18.43
CA GLN C 148 36.85 -54.47 18.17
C GLN C 148 35.67 -53.73 17.55
N GLY C 149 35.25 -52.64 18.17
CA GLY C 149 34.19 -51.85 17.60
C GLY C 149 34.57 -51.22 16.28
N LEU C 150 35.84 -50.83 16.14
CA LEU C 150 36.33 -50.29 14.87
C LEU C 150 36.15 -51.31 13.75
N ALA C 151 36.55 -52.56 14.03
CA ALA C 151 36.42 -53.62 13.05
C ALA C 151 34.97 -53.90 12.72
N MET C 152 34.11 -53.96 13.74
CA MET C 152 32.70 -54.21 13.46
C MET C 152 32.08 -53.08 12.65
N ALA C 153 32.48 -51.85 12.94
CA ALA C 153 31.98 -50.70 12.20
C ALA C 153 32.39 -50.79 10.74
N LYS C 154 33.69 -50.95 10.48
CA LYS C 154 34.14 -51.07 9.10
C LYS C 154 33.54 -52.31 8.43
N GLU C 155 33.17 -53.31 9.23
CA GLU C 155 32.40 -54.44 8.72
C GLU C 155 31.06 -53.99 8.16
N ILE C 156 30.27 -53.30 8.97
CA ILE C 156 28.98 -52.83 8.47
C ILE C 156 29.08 -51.49 7.76
N GLY C 157 30.14 -50.71 8.01
CA GLY C 157 30.18 -49.36 7.49
C GLY C 157 29.20 -48.44 8.16
N ALA C 158 29.08 -48.51 9.48
CA ALA C 158 28.23 -47.57 10.21
C ALA C 158 28.72 -46.15 9.96
N VAL C 159 27.77 -45.22 9.82
CA VAL C 159 28.12 -43.87 9.42
C VAL C 159 29.06 -43.24 10.45
N LYS C 160 29.00 -43.73 11.70
CA LYS C 160 30.06 -43.46 12.66
C LYS C 160 29.88 -44.39 13.85
N TYR C 161 31.00 -44.93 14.33
CA TYR C 161 31.02 -45.76 15.53
C TYR C 161 31.62 -44.97 16.67
N LEU C 162 30.97 -45.04 17.85
CA LEU C 162 31.35 -44.18 18.95
C LEU C 162 31.32 -44.96 20.26
N GLU C 163 31.87 -44.32 21.30
CA GLU C 163 31.92 -44.87 22.65
C GLU C 163 31.93 -43.70 23.62
N CYS C 164 30.83 -43.49 24.34
CA CYS C 164 30.76 -42.38 25.31
C CYS C 164 30.31 -42.87 26.68
N SER C 165 29.96 -41.93 27.56
CA SER C 165 29.66 -42.23 28.96
C SER C 165 28.23 -41.83 29.29
N ALA C 166 27.62 -42.60 30.18
CA ALA C 166 26.26 -42.36 30.65
C ALA C 166 26.20 -41.72 32.03
N LEU C 167 26.81 -42.37 33.02
CA LEU C 167 26.83 -41.81 34.37
C LEU C 167 27.53 -40.46 34.40
N THR C 168 28.55 -40.29 33.57
CA THR C 168 29.38 -39.09 33.59
C THR C 168 29.16 -38.20 32.38
N GLN C 169 28.30 -38.58 31.44
CA GLN C 169 27.88 -37.72 30.34
C GLN C 169 29.03 -37.37 29.40
N ARG C 170 30.15 -38.07 29.51
CA ARG C 170 31.34 -37.68 28.77
C ARG C 170 31.27 -38.19 27.34
N GLY C 171 31.50 -37.29 26.39
CA GLY C 171 31.35 -37.60 24.98
C GLY C 171 29.89 -37.74 24.61
N LEU C 172 29.04 -37.94 25.62
CA LEU C 172 27.61 -38.11 25.40
C LEU C 172 27.04 -36.92 24.65
N LYS C 173 27.29 -35.71 25.14
CA LYS C 173 26.83 -34.52 24.42
C LYS C 173 27.45 -34.45 23.04
N THR C 174 28.76 -34.74 22.93
CA THR C 174 29.41 -34.74 21.63
C THR C 174 28.81 -35.80 20.71
N VAL C 175 28.60 -36.99 21.26
CA VAL C 175 28.01 -38.08 20.48
C VAL C 175 26.67 -37.64 19.91
N PHE C 176 25.83 -37.06 20.75
CA PHE C 176 24.54 -36.61 20.24
C PHE C 176 24.68 -35.42 19.30
N ASP C 177 25.73 -34.62 19.45
CA ASP C 177 25.93 -33.51 18.54
C ASP C 177 26.21 -34.01 17.14
N GLU C 178 27.11 -34.97 17.02
CA GLU C 178 27.30 -35.60 15.72
C GLU C 178 26.07 -36.37 15.29
N ALA C 179 25.26 -36.86 16.25
CA ALA C 179 24.01 -37.50 15.89
C ALA C 179 23.07 -36.53 15.21
N ILE C 180 22.99 -35.30 15.72
CA ILE C 180 22.12 -34.30 15.12
C ILE C 180 22.70 -33.82 13.80
N ARG C 181 23.99 -33.51 13.78
CA ARG C 181 24.63 -33.07 12.54
C ARG C 181 24.71 -34.18 11.51
N ALA C 182 24.32 -35.40 11.86
CA ALA C 182 24.34 -36.50 10.90
C ALA C 182 23.46 -36.18 9.70
N VAL C 183 22.30 -35.59 9.94
CA VAL C 183 21.42 -35.18 8.84
C VAL C 183 21.79 -33.77 8.44
N LEU C 184 22.95 -33.31 8.90
CA LEU C 184 23.42 -31.97 8.60
C LEU C 184 24.84 -31.99 8.03
N SER D 536 -91.01 17.86 -24.93
CA SER D 536 -89.86 17.78 -24.05
C SER D 536 -89.46 19.15 -23.52
N ARG D 537 -90.26 20.16 -23.87
CA ARG D 537 -89.93 21.52 -23.47
C ARG D 537 -89.86 21.71 -21.96
N PRO D 538 -90.86 21.30 -21.16
CA PRO D 538 -90.65 21.33 -19.71
C PRO D 538 -89.51 20.45 -19.29
N ILE D 539 -89.37 19.29 -19.94
CA ILE D 539 -88.26 18.39 -19.62
C ILE D 539 -86.93 19.09 -19.89
N LEU D 540 -86.82 19.78 -21.02
CA LEU D 540 -85.58 20.50 -21.31
C LEU D 540 -85.36 21.66 -20.33
N GLU D 541 -86.43 22.33 -19.93
CA GLU D 541 -86.30 23.38 -18.91
C GLU D 541 -85.72 22.80 -17.64
N LEU D 542 -86.36 21.76 -17.13
CA LEU D 542 -85.88 21.04 -15.95
C LEU D 542 -84.45 20.55 -16.11
N LYS D 543 -84.10 20.07 -17.30
CA LYS D 543 -82.78 19.50 -17.51
C LYS D 543 -81.71 20.57 -17.54
N GLU D 544 -81.81 21.50 -18.48
CA GLU D 544 -80.78 22.50 -18.65
C GLU D 544 -80.79 23.53 -17.54
N LYS D 545 -81.82 23.54 -16.70
CA LYS D 545 -81.81 24.47 -15.57
C LYS D 545 -80.89 23.96 -14.46
N ILE D 546 -80.88 22.66 -14.21
CA ILE D 546 -79.97 22.09 -13.20
C ILE D 546 -78.70 21.69 -13.95
N GLN D 547 -77.85 22.67 -14.20
CA GLN D 547 -76.51 22.44 -14.71
C GLN D 547 -75.47 22.16 -13.62
N PRO D 548 -75.46 22.93 -12.51
CA PRO D 548 -74.19 23.34 -11.90
C PRO D 548 -73.05 22.34 -11.95
N GLU D 549 -73.35 21.09 -11.61
CA GLU D 549 -72.30 20.14 -11.30
C GLU D 549 -71.64 19.55 -12.52
N ILE D 550 -72.24 19.68 -13.70
CA ILE D 550 -71.72 18.94 -14.86
C ILE D 550 -70.47 19.62 -15.43
N LEU D 551 -70.58 20.90 -15.77
CA LEU D 551 -69.39 21.64 -16.16
C LEU D 551 -68.39 21.67 -15.01
N GLU D 552 -68.89 21.68 -13.78
CA GLU D 552 -68.04 21.60 -12.60
C GLU D 552 -67.16 20.36 -12.63
N LEU D 553 -67.77 19.20 -12.83
CA LEU D 553 -67.02 17.95 -12.83
C LEU D 553 -66.11 17.85 -14.05
N ILE D 554 -66.55 18.38 -15.18
CA ILE D 554 -65.68 18.36 -16.36
C ILE D 554 -64.43 19.17 -16.10
N LYS D 555 -64.58 20.37 -15.55
CA LYS D 555 -63.42 21.19 -15.20
C LYS D 555 -62.58 20.51 -14.13
N GLN D 556 -63.21 19.83 -13.17
CA GLN D 556 -62.46 19.09 -12.17
C GLN D 556 -61.59 18.04 -12.83
N GLN D 557 -62.16 17.31 -13.79
CA GLN D 557 -61.40 16.30 -14.51
C GLN D 557 -60.25 16.94 -15.27
N ARG D 558 -60.48 18.12 -15.85
CA ARG D 558 -59.40 18.82 -16.54
C ARG D 558 -58.29 19.16 -15.56
N LEU D 559 -58.66 19.62 -14.36
CA LEU D 559 -57.69 19.92 -13.32
C LEU D 559 -56.87 18.70 -12.97
N ASN D 560 -57.55 17.55 -12.83
CA ASN D 560 -56.85 16.31 -12.55
C ASN D 560 -55.89 15.97 -13.69
N ARG D 561 -56.30 16.26 -14.92
CA ARG D 561 -55.43 16.02 -16.07
C ARG D 561 -54.15 16.84 -15.98
N LEU D 562 -54.28 18.11 -15.59
CA LEU D 562 -53.07 18.92 -15.44
C LEU D 562 -52.21 18.44 -14.28
N VAL D 563 -52.84 18.04 -13.17
CA VAL D 563 -52.08 17.60 -12.01
C VAL D 563 -51.28 16.35 -12.35
N GLU D 564 -51.93 15.37 -12.97
CA GLU D 564 -51.22 14.19 -13.42
C GLU D 564 -50.17 14.56 -14.46
N GLY D 565 -50.54 15.42 -15.41
CA GLY D 565 -49.61 15.90 -16.40
C GLY D 565 -48.96 14.81 -17.24
N THR D 566 -48.07 15.20 -18.14
CA THR D 566 -47.33 14.25 -18.96
C THR D 566 -46.07 14.95 -19.44
N CYS D 567 -45.35 14.31 -20.36
CA CYS D 567 -44.19 14.94 -20.98
C CYS D 567 -44.69 15.90 -22.05
N PHE D 568 -44.46 17.19 -21.82
CA PHE D 568 -44.78 18.22 -22.79
C PHE D 568 -43.67 18.34 -23.82
N ARG D 569 -43.87 19.20 -24.81
CA ARG D 569 -42.87 19.46 -25.83
C ARG D 569 -42.32 20.87 -25.67
N LYS D 570 -41.01 20.98 -25.82
CA LYS D 570 -40.35 22.27 -25.88
C LYS D 570 -40.53 22.87 -27.27
N LEU D 571 -39.79 23.93 -27.55
CA LEU D 571 -39.81 24.58 -28.86
C LEU D 571 -38.78 23.93 -29.76
N ASN D 572 -39.23 23.48 -30.94
CA ASN D 572 -38.32 23.05 -32.01
C ASN D 572 -37.27 22.07 -31.50
N ALA D 573 -37.73 21.03 -30.82
CA ALA D 573 -36.82 20.07 -30.21
C ALA D 573 -36.16 19.27 -31.32
N ARG D 574 -35.12 19.87 -31.91
CA ARG D 574 -34.43 19.31 -33.06
C ARG D 574 -32.99 18.95 -32.77
N ARG D 575 -32.17 19.90 -32.30
CA ARG D 575 -30.75 19.64 -32.10
C ARG D 575 -30.52 18.98 -30.74
N ARG D 576 -30.96 17.73 -30.67
CA ARG D 576 -30.90 16.92 -29.45
C ARG D 576 -31.54 17.69 -28.28
N GLN D 577 -32.79 18.12 -28.50
CA GLN D 577 -33.53 18.88 -27.52
C GLN D 577 -34.73 18.06 -27.04
N ASP D 578 -35.09 18.23 -25.78
CA ASP D 578 -36.06 17.34 -25.15
C ASP D 578 -37.48 17.72 -25.58
N LYS D 579 -37.97 17.04 -26.61
CA LYS D 579 -39.38 17.11 -26.96
C LYS D 579 -40.26 16.43 -25.92
N PHE D 580 -39.65 15.76 -24.95
CA PHE D 580 -40.38 15.25 -23.80
C PHE D 580 -39.78 15.82 -22.53
N TRP D 581 -40.64 16.38 -21.68
CA TRP D 581 -40.33 16.95 -20.38
C TRP D 581 -41.67 17.28 -19.75
N TYR D 582 -41.76 17.14 -18.42
CA TYR D 582 -43.07 17.08 -17.81
C TYR D 582 -43.45 18.45 -17.26
N CYS D 583 -44.75 18.62 -17.03
CA CYS D 583 -45.28 19.81 -16.37
C CYS D 583 -46.46 19.35 -15.51
N ARG D 584 -46.18 19.04 -14.25
CA ARG D 584 -47.20 18.55 -13.33
C ARG D 584 -47.77 19.71 -12.53
N LEU D 585 -49.09 19.85 -12.55
CA LEU D 585 -49.75 20.75 -11.62
C LEU D 585 -49.68 20.14 -10.22
N SER D 586 -49.45 21.01 -9.24
CA SER D 586 -49.06 20.55 -7.93
C SER D 586 -50.13 19.64 -7.32
N PRO D 587 -49.74 18.72 -6.45
CA PRO D 587 -50.72 18.19 -5.50
C PRO D 587 -51.37 19.30 -4.70
N ASN D 588 -50.58 20.30 -4.30
CA ASN D 588 -51.15 21.52 -3.74
C ASN D 588 -51.89 22.34 -4.76
N HIS D 589 -51.78 22.00 -6.04
CA HIS D 589 -52.40 22.76 -7.12
C HIS D 589 -51.90 24.19 -7.15
N LYS D 590 -50.67 24.40 -6.67
CA LYS D 590 -50.08 25.72 -6.54
C LYS D 590 -48.77 25.87 -7.29
N VAL D 591 -48.09 24.78 -7.62
CA VAL D 591 -46.84 24.84 -8.36
C VAL D 591 -46.99 23.95 -9.58
N LEU D 592 -46.26 24.31 -10.64
CA LEU D 592 -46.23 23.49 -11.85
C LEU D 592 -44.87 22.83 -11.93
N HIS D 593 -44.87 21.50 -12.03
CA HIS D 593 -43.63 20.75 -12.08
C HIS D 593 -43.20 20.64 -13.54
N TYR D 594 -42.77 21.77 -14.09
CA TYR D 594 -42.26 21.79 -15.46
C TYR D 594 -40.75 21.99 -15.41
N GLY D 595 -40.03 21.15 -16.12
CA GLY D 595 -38.58 21.23 -16.07
C GLY D 595 -37.97 20.50 -17.23
N ASP D 596 -36.79 20.99 -17.63
CA ASP D 596 -36.15 20.50 -18.84
C ASP D 596 -35.65 19.08 -18.58
N LEU D 597 -36.62 18.18 -18.47
CA LEU D 597 -36.38 16.77 -18.24
C LEU D 597 -36.20 16.06 -19.57
N GLU D 598 -35.75 14.81 -19.48
CA GLU D 598 -35.23 14.09 -20.62
C GLU D 598 -36.36 13.45 -21.43
N GLU D 599 -35.97 12.68 -22.44
CA GLU D 599 -36.91 11.95 -23.27
C GLU D 599 -37.48 10.77 -22.49
N SER D 600 -38.57 11.01 -21.74
CA SER D 600 -39.14 9.96 -20.91
C SER D 600 -40.38 9.40 -21.61
N PRO D 601 -40.28 8.26 -22.28
CA PRO D 601 -41.47 7.69 -22.94
C PRO D 601 -42.57 7.30 -21.97
N GLN D 602 -42.23 7.03 -20.71
CA GLN D 602 -43.28 6.75 -19.72
C GLN D 602 -44.15 7.97 -19.49
N GLY D 603 -43.54 9.15 -19.49
CA GLY D 603 -44.25 10.36 -19.16
C GLY D 603 -43.61 11.08 -17.98
N GLU D 604 -44.44 11.51 -17.05
CA GLU D 604 -43.94 12.34 -15.95
C GLU D 604 -43.03 11.55 -15.03
N VAL D 605 -41.90 12.16 -14.68
CA VAL D 605 -41.05 11.71 -13.57
C VAL D 605 -41.32 12.64 -12.40
N PRO D 606 -41.71 12.12 -11.24
CA PRO D 606 -42.12 12.97 -10.12
C PRO D 606 -40.93 13.49 -9.32
N HIS D 607 -40.70 14.81 -9.42
CA HIS D 607 -39.74 15.51 -8.58
C HIS D 607 -39.99 17.00 -8.78
N ASP D 608 -39.39 17.80 -7.90
CA ASP D 608 -39.42 19.25 -8.08
C ASP D 608 -38.64 19.59 -9.36
N SER D 609 -39.37 19.91 -10.42
CA SER D 609 -38.82 20.00 -11.75
C SER D 609 -37.78 21.11 -11.85
N LEU D 610 -37.11 21.18 -13.00
CA LEU D 610 -36.13 22.23 -13.22
C LEU D 610 -36.76 23.61 -13.05
N GLN D 611 -38.07 23.73 -13.26
CA GLN D 611 -38.80 24.92 -12.89
C GLN D 611 -40.03 24.44 -12.11
N ASP D 612 -39.83 24.16 -10.83
CA ASP D 612 -40.91 23.58 -10.03
C ASP D 612 -42.02 24.57 -9.72
N LYS D 613 -41.81 25.86 -9.91
CA LYS D 613 -42.77 26.85 -9.46
C LYS D 613 -43.47 27.50 -10.64
N LEU D 614 -44.79 27.63 -10.53
CA LEU D 614 -45.58 28.46 -11.41
C LEU D 614 -46.85 28.85 -10.65
N PRO D 615 -46.77 29.86 -9.79
CA PRO D 615 -47.97 30.27 -9.03
C PRO D 615 -49.03 30.81 -9.98
N VAL D 616 -50.29 30.69 -9.57
CA VAL D 616 -51.39 31.14 -10.42
C VAL D 616 -51.75 32.60 -10.18
N ALA D 617 -51.30 33.19 -9.06
CA ALA D 617 -51.67 34.56 -8.76
C ALA D 617 -51.16 35.54 -9.80
N ASP D 618 -50.17 35.16 -10.61
CA ASP D 618 -49.61 36.04 -11.62
C ASP D 618 -49.89 35.57 -13.04
N ILE D 619 -50.57 34.44 -13.21
CA ILE D 619 -50.82 33.90 -14.55
C ILE D 619 -51.87 34.78 -15.19
N LYS D 620 -51.42 35.69 -16.07
CA LYS D 620 -52.37 36.56 -16.75
C LYS D 620 -53.30 35.76 -17.65
N ALA D 621 -52.74 34.93 -18.51
CA ALA D 621 -53.49 34.10 -19.44
C ALA D 621 -52.52 33.11 -20.06
N VAL D 622 -52.96 32.44 -21.12
CA VAL D 622 -52.08 31.71 -22.01
C VAL D 622 -52.40 32.15 -23.44
N VAL D 623 -51.37 32.59 -24.16
CA VAL D 623 -51.54 32.84 -25.58
C VAL D 623 -51.63 31.51 -26.30
N THR D 624 -52.62 31.38 -27.16
CA THR D 624 -52.92 30.14 -27.86
C THR D 624 -53.01 30.43 -29.35
N GLY D 625 -52.44 29.55 -30.17
CA GLY D 625 -52.42 29.78 -31.60
C GLY D 625 -51.36 30.79 -32.01
N LYS D 626 -51.66 31.60 -33.03
CA LYS D 626 -50.69 32.56 -33.54
C LYS D 626 -50.28 33.59 -32.49
N ASP D 627 -51.11 33.79 -31.46
CA ASP D 627 -50.80 34.78 -30.43
C ASP D 627 -49.53 34.45 -29.65
N CYS D 628 -49.04 33.22 -29.74
CA CYS D 628 -47.86 32.81 -28.99
C CYS D 628 -46.62 33.55 -29.47
N PRO D 629 -45.78 34.05 -28.57
CA PRO D 629 -44.49 34.61 -29.01
C PRO D 629 -43.61 33.59 -29.72
N HIS D 630 -43.69 32.31 -29.34
CA HIS D 630 -42.89 31.30 -30.03
C HIS D 630 -43.45 31.03 -31.42
N MET D 631 -44.69 31.45 -31.68
CA MET D 631 -45.25 31.38 -33.02
C MET D 631 -44.93 32.61 -33.85
N LYS D 632 -44.45 33.68 -33.21
CA LYS D 632 -44.02 34.89 -33.90
C LYS D 632 -42.51 34.92 -34.12
N GLU D 633 -41.79 33.87 -33.72
CA GLU D 633 -40.35 33.85 -33.89
C GLU D 633 -40.00 33.65 -35.37
N LYS D 634 -39.08 34.47 -35.87
CA LYS D 634 -38.62 34.39 -37.24
C LYS D 634 -37.14 33.98 -37.32
N GLY D 635 -36.51 33.78 -36.17
CA GLY D 635 -35.12 33.34 -36.09
C GLY D 635 -34.99 31.84 -36.24
N ALA D 636 -33.99 31.28 -35.56
CA ALA D 636 -33.77 29.84 -35.63
C ALA D 636 -34.89 29.04 -34.98
N LEU D 637 -35.61 29.65 -34.04
CA LEU D 637 -36.70 28.99 -33.33
C LEU D 637 -38.05 29.20 -34.02
N LYS D 638 -38.06 29.52 -35.31
CA LYS D 638 -39.32 29.72 -36.02
C LYS D 638 -40.13 28.44 -36.00
N GLN D 639 -41.23 28.46 -35.25
CA GLN D 639 -42.14 27.32 -35.22
C GLN D 639 -42.76 27.13 -36.60
N ASN D 640 -42.86 25.88 -37.04
CA ASN D 640 -43.35 25.58 -38.38
C ASN D 640 -44.87 25.74 -38.44
N LYS D 641 -45.44 25.31 -39.56
CA LYS D 641 -46.88 25.43 -39.77
C LYS D 641 -47.67 24.29 -39.15
N GLU D 642 -47.01 23.26 -38.63
CA GLU D 642 -47.68 22.10 -38.06
C GLU D 642 -47.89 22.22 -36.56
N VAL D 643 -47.57 23.38 -35.97
CA VAL D 643 -47.67 23.59 -34.53
C VAL D 643 -48.64 24.73 -34.20
N LEU D 644 -49.40 25.21 -35.19
CA LEU D 644 -50.33 26.31 -34.93
C LEU D 644 -51.35 25.94 -33.86
N GLU D 645 -51.91 24.73 -33.95
CA GLU D 645 -52.75 24.24 -32.87
C GLU D 645 -51.94 23.75 -31.68
N LEU D 646 -50.65 23.50 -31.85
CA LEU D 646 -49.77 23.17 -30.73
C LEU D 646 -49.18 24.42 -30.10
N ALA D 647 -49.82 25.56 -30.32
CA ALA D 647 -49.32 26.86 -29.88
C ALA D 647 -50.01 27.24 -28.58
N PHE D 648 -49.23 27.26 -27.51
CA PHE D 648 -49.75 27.75 -26.23
C PHE D 648 -48.56 28.13 -25.35
N SER D 649 -48.57 29.36 -24.86
CA SER D 649 -47.51 29.88 -24.02
C SER D 649 -48.15 30.61 -22.85
N ILE D 650 -47.91 30.12 -21.64
CA ILE D 650 -48.57 30.65 -20.46
C ILE D 650 -48.06 32.05 -20.19
N LEU D 651 -48.97 32.99 -19.96
CA LEU D 651 -48.60 34.37 -19.68
C LEU D 651 -48.39 34.52 -18.18
N TYR D 652 -47.13 34.62 -17.78
CA TYR D 652 -46.74 34.88 -16.41
C TYR D 652 -45.51 35.78 -16.46
N ASP D 653 -45.44 36.72 -15.51
CA ASP D 653 -44.40 37.74 -15.46
C ASP D 653 -44.50 38.73 -16.61
N SER D 654 -45.47 38.55 -17.51
CA SER D 654 -45.78 39.39 -18.65
C SER D 654 -44.68 39.39 -19.72
N ASN D 655 -43.56 38.73 -19.48
CA ASN D 655 -42.46 38.73 -20.43
C ASN D 655 -42.01 37.33 -20.82
N CYS D 656 -41.93 36.41 -19.86
CA CYS D 656 -41.47 35.06 -20.11
C CYS D 656 -42.68 34.14 -20.21
N GLN D 657 -42.85 33.55 -21.39
CA GLN D 657 -44.01 32.72 -21.68
C GLN D 657 -43.56 31.28 -21.79
N LEU D 658 -44.33 30.39 -21.16
CA LEU D 658 -44.02 28.95 -21.23
C LEU D 658 -44.38 28.50 -22.64
N ASN D 659 -43.48 28.82 -23.56
CA ASN D 659 -43.67 28.59 -24.99
C ASN D 659 -43.68 27.08 -25.23
N PHE D 660 -44.86 26.53 -25.49
CA PHE D 660 -45.04 25.10 -25.49
C PHE D 660 -45.57 24.61 -26.84
N ILE D 661 -45.37 23.31 -27.05
CA ILE D 661 -45.85 22.59 -28.22
C ILE D 661 -46.56 21.34 -27.72
N ALA D 662 -47.69 21.00 -28.33
CA ALA D 662 -48.48 19.84 -27.93
C ALA D 662 -48.25 18.67 -28.88
N PRO D 663 -48.51 17.44 -28.42
CA PRO D 663 -48.41 16.30 -29.34
C PRO D 663 -49.62 16.13 -30.25
N ASP D 664 -50.83 16.49 -29.81
CA ASP D 664 -51.95 16.59 -30.73
C ASP D 664 -52.98 17.58 -30.18
N LYS D 665 -54.02 17.81 -30.98
CA LYS D 665 -54.98 18.88 -30.71
C LYS D 665 -55.70 18.68 -29.39
N HIS D 666 -56.14 17.46 -29.12
CA HIS D 666 -57.08 17.23 -28.05
C HIS D 666 -56.46 17.53 -26.69
N GLU D 667 -55.26 17.00 -26.44
CA GLU D 667 -54.59 17.30 -25.18
C GLU D 667 -54.18 18.76 -25.09
N TYR D 668 -53.93 19.40 -26.23
CA TYR D 668 -53.69 20.83 -26.24
C TYR D 668 -54.91 21.58 -25.72
N CYS D 669 -56.08 21.24 -26.27
CA CYS D 669 -57.32 21.85 -25.82
C CYS D 669 -57.59 21.54 -24.37
N ILE D 670 -57.21 20.34 -23.93
CA ILE D 670 -57.40 19.96 -22.53
C ILE D 670 -56.46 20.74 -21.63
N TRP D 671 -55.21 20.93 -22.07
CA TRP D 671 -54.27 21.70 -21.28
C TRP D 671 -54.77 23.11 -21.10
N THR D 672 -55.13 23.76 -22.20
CA THR D 672 -55.67 25.11 -22.08
C THR D 672 -57.00 25.13 -21.33
N ASP D 673 -57.79 24.07 -21.43
CA ASP D 673 -58.98 23.96 -20.61
C ASP D 673 -58.63 23.98 -19.14
N GLY D 674 -57.76 23.07 -18.71
CA GLY D 674 -57.40 23.01 -17.31
C GLY D 674 -56.76 24.29 -16.82
N LEU D 675 -55.97 24.93 -17.69
CA LEU D 675 -55.38 26.21 -17.32
C LEU D 675 -56.46 27.27 -17.14
N ASN D 676 -57.47 27.27 -18.01
CA ASN D 676 -58.60 28.16 -17.82
C ASN D 676 -59.36 27.81 -16.55
N ALA D 677 -59.31 26.54 -16.16
CA ALA D 677 -59.90 26.12 -14.89
C ALA D 677 -59.11 26.69 -13.73
N LEU D 678 -57.78 26.74 -13.85
CA LEU D 678 -56.98 27.50 -12.89
C LEU D 678 -57.38 28.96 -12.91
N LEU D 679 -57.62 29.51 -14.11
CA LEU D 679 -58.26 30.81 -14.24
C LEU D 679 -59.73 30.77 -13.87
N GLY D 680 -60.32 29.59 -13.74
CA GLY D 680 -61.72 29.46 -13.38
C GLY D 680 -62.66 30.00 -14.43
N LYS D 681 -62.39 29.70 -15.70
CA LYS D 681 -63.21 30.19 -16.80
C LYS D 681 -63.63 28.99 -17.65
N ASP D 682 -64.17 29.26 -18.84
CA ASP D 682 -64.76 28.23 -19.67
C ASP D 682 -63.71 27.26 -20.20
N MET D 683 -64.18 26.12 -20.68
CA MET D 683 -63.33 25.09 -21.23
C MET D 683 -63.43 25.14 -22.74
N MET D 684 -62.29 25.23 -23.41
CA MET D 684 -62.24 25.44 -24.85
C MET D 684 -61.67 24.21 -25.56
N SER D 685 -62.14 23.04 -25.15
CA SER D 685 -62.02 21.83 -25.94
C SER D 685 -63.38 21.48 -26.53
N ASP D 686 -63.38 21.17 -27.83
CA ASP D 686 -64.59 20.65 -28.46
C ASP D 686 -65.08 19.40 -27.73
N LEU D 687 -64.16 18.53 -27.36
CA LEU D 687 -64.49 17.31 -26.63
C LEU D 687 -65.04 17.63 -25.25
N THR D 688 -64.66 18.76 -24.66
CA THR D 688 -65.24 19.17 -23.38
C THR D 688 -66.73 19.42 -23.51
N ARG D 689 -67.13 20.18 -24.54
CA ARG D 689 -68.54 20.42 -24.78
C ARG D 689 -69.25 19.12 -25.16
N ASN D 690 -68.56 18.24 -25.87
CA ASN D 690 -69.08 16.88 -26.10
C ASN D 690 -69.43 16.21 -24.77
N ASP D 691 -68.48 16.20 -23.84
CA ASP D 691 -68.70 15.54 -22.56
C ASP D 691 -69.85 16.20 -21.82
N LEU D 692 -69.90 17.52 -21.81
CA LEU D 692 -70.95 18.20 -21.07
C LEU D 692 -72.33 17.86 -21.64
N ASP D 693 -72.48 17.95 -22.95
CA ASP D 693 -73.79 17.67 -23.53
C ASP D 693 -74.19 16.22 -23.31
N THR D 694 -73.24 15.29 -23.49
CA THR D 694 -73.61 13.88 -23.34
C THR D 694 -73.92 13.53 -21.89
N LEU D 695 -73.20 14.13 -20.93
CA LEU D 695 -73.52 13.89 -19.54
C LEU D 695 -74.87 14.49 -19.17
N LEU D 696 -75.18 15.67 -19.71
CA LEU D 696 -76.48 16.26 -19.45
C LEU D 696 -77.59 15.38 -20.00
N SER D 697 -77.41 14.87 -21.23
CA SER D 697 -78.42 14.01 -21.84
C SER D 697 -78.58 12.71 -21.06
N MET D 698 -77.46 12.07 -20.70
CA MET D 698 -77.55 10.85 -19.92
C MET D 698 -78.21 11.09 -18.57
N GLU D 699 -77.87 12.19 -17.91
CA GLU D 699 -78.41 12.47 -16.59
C GLU D 699 -79.90 12.69 -16.65
N ILE D 700 -80.35 13.58 -17.54
CA ILE D 700 -81.79 13.81 -17.66
C ILE D 700 -82.48 12.51 -18.05
N LYS D 701 -81.80 11.68 -18.86
CA LYS D 701 -82.32 10.35 -19.15
C LYS D 701 -82.50 9.54 -17.89
N LEU D 702 -81.53 9.59 -16.98
CA LEU D 702 -81.52 8.73 -15.83
C LEU D 702 -82.28 9.30 -14.65
N ARG D 703 -82.97 10.42 -14.84
CA ARG D 703 -83.90 10.92 -13.85
C ARG D 703 -85.34 10.60 -14.21
N LEU D 704 -85.72 10.83 -15.47
CA LEU D 704 -87.08 10.90 -16.02
C LEU D 704 -87.86 9.63 -15.91
N LEU D 705 -87.30 8.61 -15.25
CA LEU D 705 -87.89 7.28 -15.31
C LEU D 705 -89.29 7.26 -14.68
N ASP D 706 -89.46 7.93 -13.55
CA ASP D 706 -90.66 7.71 -12.75
C ASP D 706 -91.86 8.41 -13.39
N LEU D 707 -91.67 9.63 -13.92
CA LEU D 707 -92.74 10.30 -14.67
C LEU D 707 -93.01 9.67 -16.00
N GLU D 708 -92.45 8.51 -16.34
CA GLU D 708 -92.97 7.80 -17.49
C GLU D 708 -94.44 7.51 -17.29
N ASN D 709 -95.20 7.64 -18.39
CA ASN D 709 -96.66 7.60 -18.39
C ASN D 709 -97.28 8.84 -17.76
N ILE D 710 -96.49 9.87 -17.46
CA ILE D 710 -97.00 11.12 -16.92
C ILE D 710 -96.34 12.25 -17.69
N GLN D 711 -96.98 13.42 -17.66
CA GLN D 711 -96.45 14.59 -18.34
C GLN D 711 -96.17 15.72 -17.35
N ILE D 712 -95.14 16.49 -17.65
CA ILE D 712 -94.80 17.70 -16.91
C ILE D 712 -95.44 18.87 -17.66
N PRO D 713 -96.48 19.51 -17.14
CA PRO D 713 -96.99 20.71 -17.81
C PRO D 713 -95.92 21.79 -17.84
N ASP D 714 -95.86 22.50 -18.97
CA ASP D 714 -94.85 23.54 -19.13
C ASP D 714 -94.91 24.54 -17.99
N ALA D 715 -96.09 25.03 -17.68
CA ALA D 715 -96.33 25.62 -16.38
C ALA D 715 -96.32 24.51 -15.35
N PRO D 716 -95.47 24.57 -14.32
CA PRO D 716 -95.43 23.50 -13.34
C PRO D 716 -96.80 23.30 -12.72
N PRO D 717 -97.17 22.06 -12.41
CA PRO D 717 -98.50 21.83 -11.88
C PRO D 717 -98.73 22.65 -10.63
N PRO D 718 -99.96 23.11 -10.42
CA PRO D 718 -100.21 24.04 -9.31
C PRO D 718 -99.79 23.45 -7.99
N ILE D 719 -99.12 24.29 -7.19
CA ILE D 719 -98.74 23.93 -5.83
C ILE D 719 -100.03 23.91 -5.00
N PRO D 720 -100.41 22.79 -4.41
CA PRO D 720 -101.66 22.76 -3.66
C PRO D 720 -101.53 23.68 -2.45
N LYS D 721 -102.61 24.40 -2.17
CA LYS D 721 -102.57 25.32 -1.04
C LYS D 721 -102.32 24.54 0.24
N GLU D 722 -101.14 24.74 0.80
CA GLU D 722 -100.81 24.04 2.03
C GLU D 722 -101.69 24.57 3.15
N PRO D 723 -102.02 23.73 4.13
CA PRO D 723 -102.70 24.24 5.32
C PRO D 723 -101.84 25.30 5.98
N SER D 724 -102.36 26.53 6.04
CA SER D 724 -101.57 27.67 6.50
C SER D 724 -101.04 27.45 7.91
N ASN D 725 -101.82 26.80 8.75
CA ASN D 725 -101.30 26.35 10.03
C ASN D 725 -100.20 25.32 9.83
N TYR D 726 -99.10 25.51 10.54
CA TYR D 726 -97.99 24.56 10.51
C TYR D 726 -98.30 23.30 11.30
N ASP D 727 -99.49 23.25 11.90
CA ASP D 727 -99.91 22.17 12.78
C ASP D 727 -99.73 20.80 12.13
N PHE D 728 -98.90 19.97 12.76
CA PHE D 728 -98.75 18.58 12.35
C PHE D 728 -99.48 17.74 13.39
N VAL D 729 -100.64 17.19 13.01
CA VAL D 729 -101.39 16.35 13.95
C VAL D 729 -100.54 15.16 14.38
N TYR D 730 -99.87 14.52 13.43
CA TYR D 730 -98.88 13.53 13.78
C TYR D 730 -97.51 14.21 13.83
N ASP D 731 -96.66 13.71 14.73
CA ASP D 731 -95.39 14.37 15.03
C ASP D 731 -94.48 14.40 13.81
N CYS D 732 -93.48 15.28 13.87
CA CYS D 732 -92.54 15.43 12.77
C CYS D 732 -91.74 14.16 12.56
N ASN D 733 -91.43 13.88 11.30
CA ASN D 733 -90.60 12.74 10.89
C ASN D 733 -91.27 11.40 11.21
N MET E 7 -100.46 21.62 7.39
CA MET E 7 -99.95 20.40 6.81
C MET E 7 -100.20 19.26 7.78
N ALA E 8 -101.48 18.98 8.01
CA ALA E 8 -101.90 18.11 9.08
C ALA E 8 -101.90 16.64 8.64
N ARG E 9 -102.47 15.78 9.48
CA ARG E 9 -102.87 14.42 9.12
C ARG E 9 -101.71 13.66 8.46
N TRP E 10 -100.77 13.27 9.28
CA TRP E 10 -99.68 12.43 8.79
C TRP E 10 -99.76 11.06 9.44
N ILE E 11 -99.59 10.01 8.64
CA ILE E 11 -99.89 8.66 9.10
C ILE E 11 -98.82 7.69 8.60
N PRO E 12 -98.31 6.82 9.47
CA PRO E 12 -97.33 5.81 9.02
C PRO E 12 -98.03 4.70 8.24
N THR E 13 -97.65 4.56 6.98
CA THR E 13 -98.28 3.60 6.08
C THR E 13 -97.24 3.17 5.04
N LYS E 14 -97.51 2.03 4.39
CA LYS E 14 -96.59 1.46 3.40
C LYS E 14 -97.26 1.23 2.06
N ARG E 15 -98.36 1.94 1.76
CA ARG E 15 -99.06 1.84 0.49
C ARG E 15 -98.68 2.96 -0.46
N GLN E 16 -97.45 3.44 -0.39
CA GLN E 16 -97.03 4.66 -1.05
C GLN E 16 -95.63 4.59 -1.62
N LYS E 17 -94.98 3.42 -1.56
CA LYS E 17 -93.53 3.35 -1.71
C LYS E 17 -93.05 4.08 -2.95
N TYR E 18 -93.72 3.86 -4.08
CA TYR E 18 -93.41 4.60 -5.31
C TYR E 18 -93.92 6.04 -5.17
N GLY E 19 -93.17 6.81 -4.38
CA GLY E 19 -93.33 8.24 -4.44
C GLY E 19 -92.90 8.70 -5.81
N VAL E 20 -93.75 9.47 -6.49
CA VAL E 20 -93.50 9.90 -7.87
C VAL E 20 -93.63 11.41 -7.93
N ALA E 21 -92.67 12.05 -8.58
CA ALA E 21 -92.62 13.50 -8.69
C ALA E 21 -93.46 13.99 -9.86
N ILE E 22 -93.28 15.25 -10.25
CA ILE E 22 -93.70 15.71 -11.55
C ILE E 22 -92.53 16.34 -12.28
N TYR E 23 -91.82 17.25 -11.61
CA TYR E 23 -90.76 18.03 -12.23
C TYR E 23 -89.68 18.30 -11.19
N ASN E 24 -88.73 19.18 -11.52
CA ASN E 24 -87.79 19.61 -10.49
C ASN E 24 -88.59 20.35 -9.44
N TYR E 25 -88.91 19.63 -8.39
CA TYR E 25 -89.97 20.03 -7.47
C TYR E 25 -89.68 21.39 -6.87
N ASN E 26 -90.75 22.06 -6.44
CA ASN E 26 -90.63 23.28 -5.68
C ASN E 26 -89.86 23.00 -4.38
N ALA E 27 -89.47 24.06 -3.69
CA ALA E 27 -88.86 23.94 -2.37
C ALA E 27 -89.91 24.15 -1.28
N SER E 28 -91.11 23.61 -1.50
CA SER E 28 -92.26 23.95 -0.67
C SER E 28 -92.03 23.62 0.80
N GLN E 29 -91.10 22.73 1.10
CA GLN E 29 -90.80 22.39 2.48
C GLN E 29 -89.30 22.35 2.70
N ASP E 30 -88.92 22.51 3.97
CA ASP E 30 -87.53 22.50 4.41
C ASP E 30 -86.80 21.23 4.01
N VAL E 31 -87.49 20.11 3.92
CA VAL E 31 -86.91 18.84 3.50
C VAL E 31 -87.23 18.52 2.05
N GLU E 32 -87.49 19.52 1.23
CA GLU E 32 -87.78 19.34 -0.18
C GLU E 32 -86.94 20.27 -1.05
N LEU E 33 -86.75 19.85 -2.30
CA LEU E 33 -85.86 20.53 -3.23
C LEU E 33 -86.47 20.46 -4.62
N SER E 34 -85.64 20.75 -5.63
CA SER E 34 -85.96 20.45 -7.02
C SER E 34 -85.80 18.95 -7.17
N LEU E 35 -86.76 18.22 -6.61
CA LEU E 35 -86.58 16.79 -6.32
C LEU E 35 -86.31 16.00 -7.59
N GLN E 36 -85.45 15.00 -7.45
CA GLN E 36 -85.05 14.19 -8.58
C GLN E 36 -86.23 13.39 -9.11
N ILE E 37 -86.31 13.29 -10.43
CA ILE E 37 -87.48 12.72 -11.08
C ILE E 37 -87.70 11.29 -10.61
N GLY E 38 -86.63 10.49 -10.60
CA GLY E 38 -86.74 9.12 -10.14
C GLY E 38 -86.56 9.00 -8.63
N ASP E 39 -87.22 9.86 -7.86
CA ASP E 39 -87.25 9.72 -6.41
C ASP E 39 -88.48 8.94 -5.97
N THR E 40 -88.36 7.64 -6.07
CA THR E 40 -89.30 6.76 -5.39
C THR E 40 -89.06 6.94 -3.90
N VAL E 41 -89.95 7.67 -3.24
CA VAL E 41 -89.75 8.08 -1.86
C VAL E 41 -90.57 7.18 -0.95
N HIS E 42 -89.91 6.56 0.02
CA HIS E 42 -90.61 5.75 1.02
C HIS E 42 -91.22 6.70 2.02
N ILE E 43 -92.51 6.94 1.89
CA ILE E 43 -93.18 7.98 2.65
C ILE E 43 -93.60 7.42 3.99
N LEU E 44 -93.07 8.01 5.07
CA LEU E 44 -93.37 7.56 6.42
C LEU E 44 -94.64 8.18 6.98
N GLU E 45 -95.17 9.22 6.34
CA GLU E 45 -96.32 9.97 6.85
C GLU E 45 -97.33 10.14 5.73
N MET E 46 -98.59 9.86 6.03
CA MET E 46 -99.67 9.90 5.04
C MET E 46 -100.52 11.15 5.27
N TYR E 47 -100.42 12.10 4.36
CA TYR E 47 -101.38 13.20 4.29
C TYR E 47 -102.10 13.15 2.95
N GLU E 48 -103.31 13.71 2.92
CA GLU E 48 -104.12 13.69 1.71
C GLU E 48 -103.36 14.34 0.56
N GLY E 49 -103.15 15.65 0.65
CA GLY E 49 -102.53 16.41 -0.40
C GLY E 49 -101.02 16.42 -0.41
N TRP E 50 -100.37 15.76 0.55
CA TRP E 50 -98.93 15.86 0.65
C TRP E 50 -98.38 14.57 1.22
N TYR E 51 -97.09 14.34 1.01
CA TYR E 51 -96.44 13.11 1.43
C TYR E 51 -95.00 13.38 1.80
N ARG E 52 -94.58 12.92 2.98
CA ARG E 52 -93.24 13.15 3.51
C ARG E 52 -92.65 11.85 4.03
N GLY E 53 -91.48 11.48 3.53
CA GLY E 53 -90.85 10.24 3.95
C GLY E 53 -89.53 10.01 3.26
N TYR E 54 -88.96 8.83 3.53
CA TYR E 54 -87.61 8.50 3.07
C TYR E 54 -87.53 8.55 1.55
N THR E 55 -86.73 9.48 1.04
CA THR E 55 -86.60 9.64 -0.39
C THR E 55 -85.76 8.51 -0.99
N LEU E 56 -85.75 8.45 -2.32
CA LEU E 56 -84.89 7.47 -2.98
C LEU E 56 -83.42 7.87 -2.84
N GLN E 57 -83.11 9.14 -3.05
CA GLN E 57 -81.75 9.60 -2.81
C GLN E 57 -81.38 9.47 -1.33
N ASN E 58 -82.30 9.82 -0.44
CA ASN E 58 -82.05 9.74 0.99
C ASN E 58 -83.16 8.89 1.61
N LYS E 59 -82.83 7.63 1.89
CA LYS E 59 -83.73 6.73 2.59
C LYS E 59 -83.69 6.98 4.11
N SER E 60 -83.10 8.09 4.53
CA SER E 60 -83.06 8.43 5.95
C SER E 60 -83.66 9.79 6.26
N LYS E 61 -84.29 10.46 5.29
CA LYS E 61 -84.81 11.80 5.48
C LYS E 61 -86.16 11.94 4.79
N LYS E 62 -87.08 12.64 5.45
CA LYS E 62 -88.41 12.86 4.88
C LYS E 62 -88.36 13.98 3.85
N GLY E 63 -89.43 14.08 3.06
CA GLY E 63 -89.69 15.28 2.28
C GLY E 63 -91.16 15.45 1.97
N ILE E 64 -91.76 16.58 2.37
CA ILE E 64 -93.20 16.76 2.21
C ILE E 64 -93.49 17.05 0.75
N PHE E 65 -94.06 16.08 0.04
CA PHE E 65 -94.26 16.21 -1.38
C PHE E 65 -95.76 16.28 -1.66
N PRO E 66 -96.22 17.22 -2.47
CA PRO E 66 -97.65 17.34 -2.72
C PRO E 66 -98.20 16.11 -3.41
N GLU E 67 -99.41 15.72 -3.02
CA GLU E 67 -100.08 14.63 -3.72
C GLU E 67 -100.41 15.03 -5.15
N THR E 68 -100.67 16.31 -5.40
CA THR E 68 -100.81 16.77 -6.78
C THR E 68 -99.54 16.49 -7.55
N TYR E 69 -98.41 16.40 -6.85
CA TYR E 69 -97.17 15.99 -7.50
C TYR E 69 -96.86 14.51 -7.23
N ILE E 70 -97.27 13.99 -6.07
CA ILE E 70 -97.15 12.56 -5.80
C ILE E 70 -98.07 11.80 -6.75
N HIS E 71 -97.47 11.08 -7.71
CA HIS E 71 -98.19 10.07 -8.47
C HIS E 71 -98.06 8.76 -7.69
N LEU E 72 -98.78 8.72 -6.57
CA LEU E 72 -98.61 7.63 -5.62
C LEU E 72 -98.94 6.30 -6.26
N LYS E 73 -98.11 5.31 -5.98
CA LYS E 73 -98.38 3.94 -6.38
C LYS E 73 -98.35 3.08 -5.15
N GLU E 74 -99.38 2.24 -4.98
CA GLU E 74 -99.43 1.36 -3.83
C GLU E 74 -98.36 0.28 -3.89
N ALA E 75 -97.68 0.16 -5.03
CA ALA E 75 -96.71 -0.92 -5.22
C ALA E 75 -95.60 -0.83 -4.18
N THR E 76 -95.29 -1.98 -3.58
CA THR E 76 -94.12 -2.15 -2.74
C THR E 76 -92.99 -2.68 -3.63
N VAL E 77 -91.91 -3.18 -3.03
CA VAL E 77 -90.77 -3.65 -3.83
C VAL E 77 -91.19 -4.80 -4.73
N GLU E 78 -91.97 -5.75 -4.21
CA GLU E 78 -92.46 -6.87 -4.99
C GLU E 78 -93.82 -6.52 -5.60
N ASP E 79 -93.94 -6.68 -6.91
CA ASP E 79 -95.15 -6.33 -7.63
C ASP E 79 -96.15 -7.48 -7.67
N LEU E 80 -95.96 -8.52 -6.85
CA LEU E 80 -96.92 -9.62 -6.78
C LEU E 80 -97.71 -9.67 -5.48
N GLY E 81 -97.27 -8.95 -4.45
CA GLY E 81 -98.04 -8.92 -3.20
C GLY E 81 -99.43 -8.32 -3.39
N GLN E 82 -99.51 -7.21 -4.11
CA GLN E 82 -100.77 -6.66 -4.58
C GLN E 82 -100.97 -6.92 -6.07
N HIS E 83 -100.21 -7.86 -6.63
CA HIS E 83 -100.26 -8.19 -8.06
C HIS E 83 -100.07 -6.95 -8.92
N GLU E 84 -99.13 -6.10 -8.51
CA GLU E 84 -98.73 -4.97 -9.36
C GLU E 84 -97.98 -5.44 -10.59
N THR E 85 -97.59 -6.71 -10.66
CA THR E 85 -97.01 -7.24 -11.88
C THR E 85 -97.98 -7.07 -13.05
N VAL E 86 -97.46 -6.51 -14.15
CA VAL E 86 -98.21 -6.57 -15.40
C VAL E 86 -98.34 -8.01 -15.87
N ILE E 87 -97.53 -8.90 -15.33
CA ILE E 87 -97.58 -10.33 -15.62
C ILE E 87 -96.81 -11.04 -14.51
N PRO E 88 -97.38 -12.08 -13.89
CA PRO E 88 -96.77 -12.64 -12.67
C PRO E 88 -95.37 -13.17 -12.92
N GLY E 89 -94.53 -13.03 -11.90
CA GLY E 89 -93.18 -13.56 -11.94
C GLY E 89 -92.19 -12.78 -12.76
N GLU E 90 -92.48 -11.53 -13.10
CA GLU E 90 -91.59 -10.74 -13.92
C GLU E 90 -91.10 -9.47 -13.21
N LEU E 91 -92.03 -8.62 -12.77
CA LEU E 91 -91.71 -7.26 -12.33
C LEU E 91 -90.64 -7.14 -11.25
N PRO E 92 -90.36 -8.19 -10.46
CA PRO E 92 -89.05 -8.23 -9.82
C PRO E 92 -87.92 -7.88 -10.78
N LEU E 93 -88.05 -8.21 -12.06
CA LEU E 93 -87.06 -7.81 -13.05
C LEU E 93 -86.95 -6.30 -13.15
N VAL E 94 -88.07 -5.59 -13.13
CA VAL E 94 -87.97 -4.15 -13.33
C VAL E 94 -87.28 -3.49 -12.15
N GLN E 95 -87.59 -3.94 -10.93
CA GLN E 95 -86.94 -3.36 -9.75
C GLN E 95 -85.46 -3.72 -9.69
N GLU E 96 -85.12 -4.96 -10.03
CA GLU E 96 -83.71 -5.30 -10.03
C GLU E 96 -82.97 -4.50 -11.08
N LEU E 97 -83.59 -4.27 -12.24
CA LEU E 97 -82.92 -3.49 -13.27
C LEU E 97 -82.74 -2.05 -12.84
N THR E 98 -83.72 -1.51 -12.12
CA THR E 98 -83.59 -0.16 -11.60
C THR E 98 -82.40 -0.06 -10.65
N SER E 99 -82.34 -0.94 -9.65
CA SER E 99 -81.18 -0.94 -8.76
C SER E 99 -79.90 -1.24 -9.52
N THR E 100 -80.02 -2.03 -10.59
CA THR E 100 -78.87 -2.34 -11.43
C THR E 100 -78.30 -1.07 -12.01
N LEU E 101 -79.17 -0.26 -12.60
CA LEU E 101 -78.70 0.99 -13.18
C LEU E 101 -78.25 1.96 -12.10
N ARG E 102 -78.83 1.84 -10.91
CA ARG E 102 -78.31 2.57 -9.76
C ARG E 102 -76.82 2.31 -9.60
N GLU E 103 -76.42 1.05 -9.63
CA GLU E 103 -74.99 0.78 -9.50
C GLU E 103 -74.25 1.05 -10.80
N TRP E 104 -74.94 0.94 -11.94
CA TRP E 104 -74.34 1.36 -13.19
C TRP E 104 -73.92 2.81 -13.11
N ALA E 105 -74.63 3.61 -12.31
CA ALA E 105 -74.27 5.02 -12.17
C ALA E 105 -72.84 5.15 -11.69
N VAL E 106 -72.52 4.48 -10.59
CA VAL E 106 -71.17 4.50 -10.07
C VAL E 106 -70.21 3.91 -11.08
N ILE E 107 -70.62 2.83 -11.75
CA ILE E 107 -69.68 2.19 -12.66
C ILE E 107 -69.23 3.19 -13.73
N TRP E 108 -70.18 3.83 -14.40
CA TRP E 108 -69.74 4.63 -15.54
C TRP E 108 -69.09 5.91 -15.06
N ARG E 109 -69.64 6.51 -13.99
CA ARG E 109 -69.05 7.74 -13.49
C ARG E 109 -67.59 7.51 -13.12
N LYS E 110 -67.25 6.28 -12.74
CA LYS E 110 -65.83 5.97 -12.64
C LYS E 110 -65.21 5.71 -13.99
N LEU E 111 -65.96 5.13 -14.94
CA LEU E 111 -65.37 4.70 -16.20
C LEU E 111 -64.83 5.86 -17.02
N TYR E 112 -65.23 7.09 -16.72
CA TYR E 112 -64.60 8.25 -17.35
C TYR E 112 -63.34 8.67 -16.62
N VAL E 113 -63.29 8.45 -15.30
CA VAL E 113 -62.10 8.83 -14.53
C VAL E 113 -60.88 8.09 -15.07
N ASN E 114 -61.04 6.80 -15.30
CA ASN E 114 -60.02 5.99 -15.96
C ASN E 114 -60.30 5.99 -17.45
N ASN E 115 -59.27 6.25 -18.24
CA ASN E 115 -59.44 6.30 -19.69
C ASN E 115 -59.56 4.87 -20.19
N LYS E 116 -60.74 4.30 -20.00
CA LYS E 116 -61.08 2.95 -20.43
C LYS E 116 -62.26 3.00 -21.39
N LEU E 117 -62.23 3.96 -22.30
CA LEU E 117 -63.43 4.39 -23.00
C LEU E 117 -64.07 3.29 -23.83
N THR E 118 -63.32 2.27 -24.25
CA THR E 118 -63.91 1.19 -25.03
C THR E 118 -64.94 0.42 -24.22
N LEU E 119 -64.54 -0.05 -23.04
CA LEU E 119 -65.46 -0.76 -22.18
C LEU E 119 -66.59 0.15 -21.72
N PHE E 120 -66.27 1.43 -21.52
CA PHE E 120 -67.28 2.39 -21.11
C PHE E 120 -68.33 2.61 -22.19
N ARG E 121 -67.91 2.62 -23.45
CA ARG E 121 -68.88 2.82 -24.53
C ARG E 121 -69.69 1.56 -24.80
N GLN E 122 -69.06 0.38 -24.73
CA GLN E 122 -69.88 -0.83 -24.84
C GLN E 122 -70.81 -0.94 -23.65
N LEU E 123 -70.41 -0.39 -22.50
CA LEU E 123 -71.31 -0.25 -21.37
C LEU E 123 -72.48 0.66 -21.71
N GLN E 124 -72.22 1.78 -22.39
CA GLN E 124 -73.31 2.67 -22.77
C GLN E 124 -74.28 1.97 -23.71
N GLN E 125 -73.76 1.21 -24.67
CA GLN E 125 -74.66 0.63 -25.67
C GLN E 125 -75.45 -0.54 -25.09
N MET E 126 -74.82 -1.37 -24.25
CA MET E 126 -75.61 -2.25 -23.40
C MET E 126 -76.61 -1.49 -22.54
N THR E 127 -76.25 -0.28 -22.10
CA THR E 127 -77.17 0.50 -21.26
C THR E 127 -78.40 0.93 -22.05
N TYR E 128 -78.18 1.36 -23.29
CA TYR E 128 -79.30 1.72 -24.14
C TYR E 128 -80.16 0.49 -24.45
N SER E 129 -79.51 -0.65 -24.72
CA SER E 129 -80.25 -1.87 -24.96
C SER E 129 -81.09 -2.26 -23.75
N LEU E 130 -80.53 -2.11 -22.55
CA LEU E 130 -81.27 -2.51 -21.36
C LEU E 130 -82.38 -1.52 -21.04
N ILE E 131 -82.17 -0.23 -21.27
CA ILE E 131 -83.25 0.70 -20.97
C ILE E 131 -84.40 0.49 -21.94
N GLU E 132 -84.09 0.17 -23.21
CA GLU E 132 -85.20 -0.11 -24.14
C GLU E 132 -85.89 -1.43 -23.83
N TRP E 133 -85.13 -2.46 -23.45
CA TRP E 133 -85.75 -3.71 -23.04
C TRP E 133 -86.60 -3.50 -21.80
N ARG E 134 -86.09 -2.69 -20.86
CA ARG E 134 -86.82 -2.29 -19.67
C ARG E 134 -88.11 -1.60 -20.06
N SER E 135 -88.05 -0.70 -21.04
CA SER E 135 -89.24 0.01 -21.48
C SER E 135 -90.26 -0.94 -22.09
N GLN E 136 -89.83 -1.85 -22.97
CA GLN E 136 -90.81 -2.75 -23.57
C GLN E 136 -91.42 -3.66 -22.52
N ILE E 137 -90.66 -4.03 -21.49
CA ILE E 137 -91.17 -4.91 -20.46
C ILE E 137 -91.67 -4.13 -19.24
N LEU E 138 -91.85 -2.81 -19.40
CA LEU E 138 -92.75 -2.10 -18.49
C LEU E 138 -94.11 -2.77 -18.49
N SER E 139 -94.53 -3.29 -19.65
CA SER E 139 -95.73 -4.07 -19.83
C SER E 139 -95.36 -5.53 -20.09
N GLY E 140 -96.39 -6.38 -20.15
CA GLY E 140 -96.19 -7.78 -20.41
C GLY E 140 -96.52 -8.15 -21.84
N THR E 141 -96.35 -7.18 -22.75
CA THR E 141 -96.78 -7.37 -24.13
C THR E 141 -96.06 -8.53 -24.79
N LEU E 142 -94.74 -8.63 -24.60
CA LEU E 142 -93.99 -9.70 -25.21
C LEU E 142 -94.46 -11.05 -24.67
N PRO E 143 -94.32 -12.12 -25.46
CA PRO E 143 -94.68 -13.44 -24.96
C PRO E 143 -93.81 -13.84 -23.78
N LYS E 144 -94.36 -14.71 -22.93
CA LYS E 144 -93.60 -15.20 -21.79
C LYS E 144 -92.31 -15.89 -22.24
N ASP E 145 -92.29 -16.40 -23.47
CA ASP E 145 -91.02 -16.84 -24.05
C ASP E 145 -90.03 -15.68 -24.10
N GLU E 146 -90.47 -14.54 -24.61
CA GLU E 146 -89.63 -13.35 -24.59
C GLU E 146 -89.37 -12.88 -23.17
N LEU E 147 -90.34 -13.07 -22.27
CA LEU E 147 -90.13 -12.68 -20.89
C LEU E 147 -88.98 -13.44 -20.26
N ALA E 148 -89.01 -14.77 -20.36
CA ALA E 148 -87.92 -15.58 -19.83
C ALA E 148 -86.63 -15.32 -20.58
N GLU E 149 -86.71 -15.15 -21.90
CA GLU E 149 -85.51 -14.88 -22.68
C GLU E 149 -84.84 -13.60 -22.23
N LEU E 150 -85.63 -12.55 -22.02
CA LEU E 150 -85.06 -11.28 -21.60
C LEU E 150 -84.68 -11.30 -20.13
N LYS E 151 -85.36 -12.10 -19.31
CA LYS E 151 -84.84 -12.39 -17.97
C LYS E 151 -83.44 -12.95 -18.06
N LYS E 152 -83.25 -13.94 -18.93
CA LYS E 152 -81.94 -14.54 -19.11
C LYS E 152 -80.94 -13.50 -19.59
N LYS E 153 -81.30 -12.71 -20.59
CA LYS E 153 -80.36 -11.75 -21.14
C LYS E 153 -80.03 -10.66 -20.14
N VAL E 154 -81.02 -10.19 -19.38
CA VAL E 154 -80.75 -9.15 -18.40
C VAL E 154 -79.82 -9.68 -17.32
N THR E 155 -80.07 -10.90 -16.83
CA THR E 155 -79.15 -11.50 -15.89
C THR E 155 -77.77 -11.63 -16.51
N ALA E 156 -77.73 -12.00 -17.79
CA ALA E 156 -76.46 -12.21 -18.48
C ALA E 156 -75.66 -10.92 -18.51
N LYS E 157 -76.27 -9.84 -18.98
CA LYS E 157 -75.54 -8.56 -19.07
C LYS E 157 -75.20 -8.02 -17.69
N ILE E 158 -76.08 -8.22 -16.72
CA ILE E 158 -75.83 -7.72 -15.37
C ILE E 158 -74.61 -8.39 -14.78
N ASP E 159 -74.65 -9.72 -14.70
CA ASP E 159 -73.49 -10.42 -14.16
C ASP E 159 -72.31 -10.32 -15.09
N HIS E 160 -72.52 -9.93 -16.34
CA HIS E 160 -71.42 -9.65 -17.24
C HIS E 160 -70.69 -8.38 -16.80
N GLY E 161 -71.44 -7.35 -16.46
CA GLY E 161 -70.84 -6.18 -15.85
C GLY E 161 -70.15 -6.52 -14.54
N ASN E 162 -70.79 -7.36 -13.73
CA ASN E 162 -70.18 -7.78 -12.47
C ASN E 162 -68.86 -8.49 -12.73
N ARG E 163 -68.85 -9.42 -13.68
CA ARG E 163 -67.64 -10.13 -14.05
C ARG E 163 -66.57 -9.17 -14.51
N MET E 164 -66.93 -8.22 -15.37
CA MET E 164 -65.98 -7.22 -15.78
C MET E 164 -65.50 -6.38 -14.61
N LEU E 165 -66.28 -6.32 -13.52
CA LEU E 165 -65.95 -5.44 -12.41
C LEU E 165 -65.83 -6.17 -11.08
N GLY E 166 -65.78 -7.50 -11.08
CA GLY E 166 -65.56 -8.23 -9.85
C GLY E 166 -66.63 -7.94 -8.83
N LEU E 167 -67.88 -8.01 -9.25
CA LEU E 167 -68.98 -7.70 -8.37
C LEU E 167 -69.68 -8.99 -7.95
N ASP E 168 -70.78 -8.82 -7.20
CA ASP E 168 -71.51 -9.94 -6.65
C ASP E 168 -72.00 -10.86 -7.76
N LEU E 169 -72.43 -12.05 -7.36
CA LEU E 169 -72.99 -13.03 -8.26
C LEU E 169 -74.42 -13.32 -7.86
N VAL E 170 -75.35 -13.10 -8.79
CA VAL E 170 -76.77 -13.35 -8.55
C VAL E 170 -77.18 -14.60 -9.31
N VAL E 171 -77.83 -15.52 -8.60
CA VAL E 171 -78.19 -16.82 -9.13
C VAL E 171 -79.69 -16.99 -9.02
N ARG E 172 -80.19 -18.17 -9.39
CA ARG E 172 -81.58 -18.37 -9.80
C ARG E 172 -81.84 -17.65 -11.12
N ASP E 173 -81.15 -18.15 -12.14
CA ASP E 173 -81.12 -17.55 -13.48
C ASP E 173 -82.45 -16.97 -13.93
N ASP E 174 -83.55 -17.66 -13.63
CA ASP E 174 -84.88 -17.20 -14.01
C ASP E 174 -85.64 -16.72 -12.78
N ASN E 175 -86.86 -16.29 -13.03
CA ASN E 175 -87.81 -15.84 -12.00
C ASN E 175 -87.12 -15.05 -10.89
N GLY E 176 -86.53 -13.93 -11.28
CA GLY E 176 -86.10 -12.93 -10.34
C GLY E 176 -84.77 -13.18 -9.67
N ASN E 177 -84.09 -14.28 -9.99
CA ASN E 177 -82.75 -14.54 -9.47
C ASN E 177 -82.70 -14.53 -7.96
N ILE E 178 -83.76 -15.02 -7.32
CA ILE E 178 -83.85 -15.01 -5.86
C ILE E 178 -84.01 -16.40 -5.28
N LEU E 179 -84.74 -17.28 -5.97
CA LEU E 179 -85.19 -18.53 -5.37
C LEU E 179 -84.02 -19.35 -4.86
N ASP E 180 -83.01 -19.58 -5.70
CA ASP E 180 -81.80 -20.23 -5.19
C ASP E 180 -81.10 -19.35 -4.16
N PRO E 181 -80.88 -18.05 -4.38
CA PRO E 181 -80.27 -17.25 -3.32
C PRO E 181 -81.24 -17.00 -2.17
N ASP E 182 -82.34 -17.76 -2.14
CA ASP E 182 -83.24 -17.77 -1.00
C ASP E 182 -82.90 -18.89 -0.01
N GLU E 183 -81.63 -19.23 0.10
CA GLU E 183 -81.12 -20.20 1.08
C GLU E 183 -82.04 -21.41 1.20
N THR E 184 -82.37 -21.98 0.05
CA THR E 184 -83.25 -23.13 0.03
C THR E 184 -82.52 -24.40 0.48
N SER E 185 -81.29 -24.59 0.03
CA SER E 185 -80.50 -25.78 0.33
C SER E 185 -79.03 -25.40 0.40
N THR E 186 -78.15 -26.39 0.30
CA THR E 186 -76.73 -26.14 0.16
C THR E 186 -76.19 -26.64 -1.17
N ILE E 187 -76.37 -27.93 -1.45
CA ILE E 187 -75.75 -28.51 -2.62
C ILE E 187 -76.44 -28.01 -3.87
N ALA E 188 -77.78 -27.90 -3.84
CA ALA E 188 -78.43 -27.27 -4.98
C ALA E 188 -77.89 -25.87 -5.15
N LEU E 189 -77.75 -25.14 -4.04
CA LEU E 189 -77.08 -23.86 -4.07
C LEU E 189 -75.62 -24.01 -4.48
N PHE E 190 -74.95 -25.06 -4.02
CA PHE E 190 -73.56 -25.23 -4.40
C PHE E 190 -73.41 -25.33 -5.90
N LYS E 191 -74.13 -26.24 -6.52
CA LYS E 191 -74.00 -26.44 -7.95
C LYS E 191 -74.66 -25.30 -8.71
N ALA E 192 -75.55 -24.55 -8.05
CA ALA E 192 -76.07 -23.35 -8.70
C ALA E 192 -74.99 -22.28 -8.79
N HIS E 193 -74.20 -22.10 -7.74
CA HIS E 193 -73.08 -21.19 -7.83
C HIS E 193 -72.01 -21.75 -8.75
N GLU E 194 -71.95 -23.07 -8.86
CA GLU E 194 -71.14 -23.69 -9.90
C GLU E 194 -71.66 -23.33 -11.27
N VAL E 195 -72.98 -23.30 -11.44
CA VAL E 195 -73.59 -22.81 -12.66
C VAL E 195 -73.19 -21.38 -12.90
N ALA E 196 -73.16 -20.58 -11.83
CA ALA E 196 -72.76 -19.20 -11.94
C ALA E 196 -71.33 -19.09 -12.48
N SER E 197 -70.41 -19.87 -11.92
CA SER E 197 -69.05 -19.84 -12.43
C SER E 197 -68.96 -20.42 -13.82
N LYS E 198 -69.84 -21.36 -14.16
CA LYS E 198 -69.86 -21.89 -15.51
C LYS E 198 -70.27 -20.83 -16.51
N ARG E 199 -71.27 -20.03 -16.16
CA ARG E 199 -71.63 -18.92 -17.02
C ARG E 199 -70.56 -17.85 -16.99
N ILE E 200 -69.85 -17.74 -15.86
CA ILE E 200 -68.70 -16.84 -15.77
C ILE E 200 -67.69 -17.19 -16.85
N GLU E 201 -67.32 -18.47 -16.92
CA GLU E 201 -66.35 -18.90 -17.91
C GLU E 201 -66.94 -18.80 -19.32
N GLU E 202 -68.22 -19.17 -19.48
CA GLU E 202 -68.87 -19.02 -20.79
C GLU E 202 -68.68 -17.61 -21.32
N LYS E 203 -69.13 -16.62 -20.56
CA LYS E 203 -69.01 -15.25 -21.03
C LYS E 203 -67.55 -14.84 -21.12
N ILE E 204 -66.80 -14.90 -20.02
CA ILE E 204 -65.44 -14.38 -20.00
C ILE E 204 -64.58 -15.01 -21.07
N GLN E 205 -64.98 -16.16 -21.62
CA GLN E 205 -64.31 -16.74 -22.76
C GLN E 205 -65.01 -16.41 -24.08
N GLU E 206 -66.27 -15.98 -24.02
CA GLU E 206 -67.07 -15.80 -25.22
C GLU E 206 -67.20 -14.35 -25.65
N GLU E 207 -66.74 -13.40 -24.84
CA GLU E 207 -66.72 -12.02 -25.33
C GLU E 207 -65.84 -11.95 -26.57
N LYS E 208 -64.66 -12.55 -26.49
CA LYS E 208 -63.74 -12.63 -27.62
C LYS E 208 -64.22 -13.61 -28.69
N SER E 209 -65.27 -14.38 -28.41
CA SER E 209 -65.77 -15.37 -29.35
C SER E 209 -66.97 -14.87 -30.15
N ILE E 210 -67.74 -13.95 -29.58
CA ILE E 210 -68.93 -13.41 -30.23
C ILE E 210 -68.77 -11.93 -30.55
N LEU E 211 -68.32 -11.13 -29.58
CA LEU E 211 -68.05 -9.72 -29.86
C LEU E 211 -66.89 -9.58 -30.84
N GLN E 212 -66.01 -10.56 -30.90
CA GLN E 212 -64.87 -10.54 -31.81
C GLN E 212 -65.02 -11.53 -32.97
N ASN E 213 -65.25 -12.80 -32.67
CA ASN E 213 -65.35 -13.82 -33.71
C ASN E 213 -66.79 -13.99 -34.18
N LEU E 214 -66.95 -14.54 -35.39
CA LEU E 214 -68.24 -14.64 -36.04
C LEU E 214 -68.65 -16.06 -36.42
N ASP E 215 -67.72 -17.01 -36.48
CA ASP E 215 -68.06 -18.37 -36.87
C ASP E 215 -68.30 -19.30 -35.69
N LEU E 216 -67.56 -19.12 -34.58
CA LEU E 216 -67.77 -19.99 -33.44
C LEU E 216 -69.15 -19.77 -32.82
N ARG E 217 -69.63 -18.53 -32.85
CA ARG E 217 -70.99 -18.26 -32.36
C ARG E 217 -72.02 -19.00 -33.21
N GLY E 218 -71.85 -18.96 -34.53
CA GLY E 218 -72.76 -19.70 -35.40
C GLY E 218 -72.69 -21.19 -35.17
N GLN E 219 -71.49 -21.72 -34.93
CA GLN E 219 -71.32 -23.14 -34.64
C GLN E 219 -72.00 -23.52 -33.34
N SER E 220 -71.86 -22.69 -32.31
CA SER E 220 -72.50 -22.96 -31.02
C SER E 220 -74.02 -22.94 -31.17
N ILE E 221 -74.56 -21.98 -31.92
CA ILE E 221 -76.00 -21.95 -32.17
C ILE E 221 -76.44 -23.19 -32.94
N PHE E 222 -75.69 -23.56 -33.97
CA PHE E 222 -76.09 -24.65 -34.85
C PHE E 222 -75.93 -26.00 -34.19
N SER E 223 -75.14 -26.10 -33.12
CA SER E 223 -75.11 -27.32 -32.32
C SER E 223 -76.42 -27.55 -31.58
N THR E 224 -77.28 -26.53 -31.50
CA THR E 224 -78.57 -26.64 -30.82
C THR E 224 -79.74 -26.79 -31.79
N ILE E 225 -79.54 -26.49 -33.07
CA ILE E 225 -80.60 -26.50 -34.06
C ILE E 225 -80.18 -27.39 -35.21
N HIS E 226 -81.11 -28.21 -35.71
CA HIS E 226 -80.78 -29.22 -36.70
C HIS E 226 -81.46 -29.02 -38.06
N THR E 227 -82.70 -28.58 -38.09
CA THR E 227 -83.37 -28.28 -39.36
C THR E 227 -83.12 -26.82 -39.72
N TYR E 228 -82.89 -26.56 -41.01
CA TYR E 228 -82.58 -25.22 -41.47
C TYR E 228 -83.31 -24.93 -42.78
N GLY E 229 -83.47 -23.64 -43.07
CA GLY E 229 -84.05 -23.21 -44.31
C GLY E 229 -83.21 -22.14 -45.01
N LEU E 230 -82.74 -22.43 -46.22
CA LEU E 230 -81.97 -21.47 -46.98
C LEU E 230 -82.93 -20.52 -47.69
N TYR E 231 -83.04 -19.30 -47.18
CA TYR E 231 -83.92 -18.28 -47.77
C TYR E 231 -83.30 -17.82 -49.09
N VAL E 232 -83.94 -18.18 -50.20
CA VAL E 232 -83.52 -17.78 -51.52
C VAL E 232 -84.56 -16.81 -52.06
N ASN E 233 -84.12 -15.60 -52.41
CA ASN E 233 -85.01 -14.56 -52.93
C ASN E 233 -84.58 -14.25 -54.37
N PHE E 234 -85.24 -14.90 -55.32
CA PHE E 234 -85.01 -14.62 -56.73
C PHE E 234 -85.47 -13.22 -57.05
N LYS E 235 -84.58 -12.42 -57.65
CA LYS E 235 -84.89 -11.03 -57.97
C LYS E 235 -85.38 -10.87 -59.40
N ASN E 236 -84.55 -11.25 -60.37
CA ASN E 236 -84.90 -11.15 -61.77
C ASN E 236 -83.97 -12.07 -62.56
N PHE E 237 -84.50 -12.68 -63.61
CA PHE E 237 -83.77 -13.64 -64.41
C PHE E 237 -83.29 -12.99 -65.71
N VAL E 238 -81.99 -13.11 -65.98
CA VAL E 238 -81.42 -12.63 -67.23
C VAL E 238 -80.89 -13.84 -67.97
N CYS E 239 -81.51 -14.15 -69.11
CA CYS E 239 -81.11 -15.28 -69.95
C CYS E 239 -81.81 -15.19 -71.29
N ASN E 240 -81.06 -15.37 -72.38
CA ASN E 240 -81.60 -15.19 -73.73
C ASN E 240 -82.15 -16.53 -74.22
N ILE E 241 -83.44 -16.75 -74.00
CA ILE E 241 -84.09 -18.03 -74.29
C ILE E 241 -85.05 -17.91 -75.47
N GLY E 242 -85.87 -16.87 -75.49
CA GLY E 242 -86.84 -16.67 -76.55
C GLY E 242 -88.05 -17.57 -76.48
N GLU E 243 -88.20 -18.34 -75.41
CA GLU E 243 -89.32 -19.25 -75.24
C GLU E 243 -89.69 -19.29 -73.76
N ASP E 244 -90.77 -20.01 -73.45
CA ASP E 244 -91.10 -20.25 -72.06
C ASP E 244 -89.97 -21.01 -71.39
N ALA E 245 -89.56 -20.53 -70.22
CA ALA E 245 -88.44 -21.12 -69.50
C ALA E 245 -88.93 -21.68 -68.17
N GLU E 246 -88.70 -22.98 -67.97
CA GLU E 246 -88.91 -23.62 -66.69
C GLU E 246 -87.61 -23.57 -65.92
N LEU E 247 -87.65 -22.96 -64.74
CA LEU E 247 -86.46 -22.74 -63.92
C LEU E 247 -86.61 -23.57 -62.65
N PHE E 248 -85.92 -24.71 -62.61
CA PHE E 248 -86.00 -25.64 -61.48
C PHE E 248 -84.89 -25.30 -60.50
N MET E 249 -85.28 -24.76 -59.35
CA MET E 249 -84.34 -24.35 -58.32
C MET E 249 -84.36 -25.35 -57.16
N ALA E 250 -83.18 -25.89 -56.84
CA ALA E 250 -83.06 -26.82 -55.73
C ALA E 250 -81.63 -26.74 -55.21
N LEU E 251 -81.42 -27.27 -54.01
CA LEU E 251 -80.10 -27.39 -53.45
C LEU E 251 -79.37 -28.56 -54.10
N TYR E 252 -78.05 -28.43 -54.22
CA TYR E 252 -77.23 -29.48 -54.80
C TYR E 252 -75.99 -29.71 -53.93
N ASP E 253 -75.55 -30.97 -53.92
CA ASP E 253 -74.27 -31.35 -53.33
C ASP E 253 -73.38 -31.89 -54.43
N PRO E 254 -72.50 -31.08 -55.01
CA PRO E 254 -71.58 -31.60 -56.02
C PRO E 254 -70.74 -32.75 -55.54
N ASP E 255 -70.43 -32.79 -54.24
CA ASP E 255 -69.74 -33.94 -53.67
C ASP E 255 -70.61 -35.20 -53.78
N GLN E 256 -71.91 -35.07 -53.49
CA GLN E 256 -72.84 -36.19 -53.51
C GLN E 256 -73.52 -36.39 -54.86
N SER E 257 -73.66 -35.32 -55.66
CA SER E 257 -74.30 -35.39 -56.97
C SER E 257 -75.73 -35.92 -56.90
N THR E 258 -76.42 -35.58 -55.81
CA THR E 258 -77.84 -35.88 -55.67
C THR E 258 -78.54 -34.65 -55.10
N PHE E 259 -79.83 -34.52 -55.40
CA PHE E 259 -80.59 -33.36 -54.97
C PHE E 259 -80.78 -33.37 -53.46
N ILE E 260 -80.54 -32.23 -52.83
CA ILE E 260 -80.82 -32.05 -51.42
C ILE E 260 -82.30 -31.78 -51.19
N SER E 261 -82.86 -30.83 -51.92
CA SER E 261 -84.27 -30.47 -51.83
C SER E 261 -84.92 -30.56 -53.21
N GLU E 262 -86.24 -30.45 -53.23
CA GLU E 262 -86.98 -30.51 -54.48
C GLU E 262 -86.71 -29.28 -55.34
N ASN E 263 -86.92 -29.45 -56.64
CA ASN E 263 -86.65 -28.39 -57.61
C ASN E 263 -87.78 -27.37 -57.59
N TYR E 264 -87.50 -26.16 -57.10
CA TYR E 264 -88.49 -25.10 -57.12
C TYR E 264 -88.63 -24.59 -58.55
N LEU E 265 -89.82 -24.77 -59.13
CA LEU E 265 -90.04 -24.43 -60.53
C LEU E 265 -90.41 -22.97 -60.67
N ILE E 266 -89.74 -22.27 -61.59
CA ILE E 266 -90.09 -20.92 -61.99
C ILE E 266 -90.45 -20.94 -63.47
N ARG E 267 -91.67 -20.50 -63.78
CA ARG E 267 -92.11 -20.40 -65.16
C ARG E 267 -91.75 -19.02 -65.68
N TRP E 268 -90.85 -18.97 -66.65
CA TRP E 268 -90.35 -17.72 -67.19
C TRP E 268 -90.86 -17.55 -68.61
N GLY E 269 -91.42 -16.38 -68.90
CA GLY E 269 -92.07 -16.13 -70.16
C GLY E 269 -91.10 -15.87 -71.29
N SER E 270 -91.67 -15.66 -72.47
CA SER E 270 -90.89 -15.41 -73.68
C SER E 270 -90.74 -13.92 -74.01
N ASN E 271 -91.20 -13.03 -73.13
CA ASN E 271 -91.12 -11.60 -73.37
C ASN E 271 -90.32 -10.85 -72.30
N GLY E 272 -89.37 -11.53 -71.66
CA GLY E 272 -88.48 -10.89 -70.70
C GLY E 272 -88.97 -10.85 -69.27
N MET E 273 -90.27 -11.07 -69.05
CA MET E 273 -91.00 -11.15 -67.80
C MET E 273 -91.34 -12.60 -67.48
N PRO E 274 -91.52 -12.96 -66.21
CA PRO E 274 -91.87 -14.33 -65.88
C PRO E 274 -93.23 -14.71 -66.47
N LYS E 275 -93.39 -16.00 -66.76
CA LYS E 275 -94.71 -16.49 -67.16
C LYS E 275 -95.74 -16.22 -66.09
N GLU E 276 -95.38 -16.45 -64.82
CA GLU E 276 -96.17 -15.99 -63.69
C GLU E 276 -95.72 -14.56 -63.38
N ILE E 277 -96.43 -13.59 -63.97
CA ILE E 277 -96.04 -12.19 -63.85
C ILE E 277 -96.07 -11.71 -62.41
N GLU E 278 -96.91 -12.31 -61.57
CA GLU E 278 -97.03 -11.93 -60.17
C GLU E 278 -95.87 -12.42 -59.30
N LYS E 279 -94.98 -13.25 -59.84
CA LYS E 279 -93.96 -13.90 -59.03
C LYS E 279 -92.63 -13.16 -59.02
N LEU E 280 -92.34 -12.32 -60.01
CA LEU E 280 -91.01 -11.73 -60.13
C LEU E 280 -90.61 -10.95 -58.87
N ASN E 281 -91.59 -10.34 -58.21
CA ASN E 281 -91.33 -9.67 -56.94
C ASN E 281 -91.48 -10.61 -55.75
N ASN E 282 -91.89 -11.85 -55.97
CA ASN E 282 -92.17 -12.79 -54.89
C ASN E 282 -91.56 -14.17 -55.18
N LEU E 283 -90.59 -14.24 -56.07
CA LEU E 283 -89.88 -15.49 -56.35
C LEU E 283 -88.96 -15.85 -55.18
N GLN E 284 -89.58 -16.27 -54.09
CA GLN E 284 -88.88 -16.65 -52.88
C GLN E 284 -89.08 -18.14 -52.62
N ALA E 285 -87.97 -18.87 -52.50
CA ALA E 285 -88.01 -20.29 -52.16
C ALA E 285 -87.04 -20.57 -51.01
N VAL E 286 -87.54 -21.22 -49.97
CA VAL E 286 -86.73 -21.60 -48.83
C VAL E 286 -86.65 -23.12 -48.80
N PHE E 287 -85.43 -23.63 -48.83
CA PHE E 287 -85.18 -25.07 -48.86
C PHE E 287 -85.05 -25.56 -47.42
N THR E 288 -86.02 -26.32 -46.97
CA THR E 288 -86.14 -26.70 -45.57
C THR E 288 -85.79 -28.17 -45.38
N ASP E 289 -86.03 -28.67 -44.17
CA ASP E 289 -85.60 -29.99 -43.71
C ASP E 289 -84.10 -30.16 -43.81
N LEU E 290 -83.35 -29.06 -43.96
CA LEU E 290 -81.90 -29.13 -44.06
C LEU E 290 -81.36 -29.52 -42.69
N SER E 291 -81.03 -30.79 -42.54
CA SER E 291 -80.48 -31.30 -41.31
C SER E 291 -79.15 -30.63 -41.00
N SER E 292 -78.67 -30.83 -39.77
CA SER E 292 -77.37 -30.26 -39.40
C SER E 292 -76.26 -30.84 -40.27
N MET E 293 -76.43 -32.07 -40.76
CA MET E 293 -75.48 -32.61 -41.71
C MET E 293 -75.61 -31.95 -43.08
N ASP E 294 -76.81 -31.43 -43.42
CA ASP E 294 -76.93 -30.63 -44.63
C ASP E 294 -76.03 -29.41 -44.58
N LEU E 295 -75.71 -28.92 -43.38
CA LEU E 295 -74.73 -27.84 -43.26
C LEU E 295 -73.33 -28.34 -43.56
N ILE E 296 -72.93 -29.46 -42.95
CA ILE E 296 -71.53 -29.90 -42.96
C ILE E 296 -71.09 -30.43 -44.31
N ARG E 297 -71.95 -30.42 -45.32
CA ARG E 297 -71.58 -30.88 -46.64
C ARG E 297 -70.43 -30.04 -47.17
N PRO E 298 -69.31 -30.64 -47.59
CA PRO E 298 -68.13 -29.85 -47.96
C PRO E 298 -68.38 -28.88 -49.11
N ARG E 299 -69.25 -29.25 -50.05
CA ARG E 299 -69.62 -28.36 -51.15
C ARG E 299 -71.12 -28.44 -51.38
N VAL E 300 -71.79 -27.32 -51.18
CA VAL E 300 -73.20 -27.17 -51.52
C VAL E 300 -73.32 -26.10 -52.59
N SER E 301 -74.05 -26.40 -53.65
CA SER E 301 -74.17 -25.51 -54.79
C SER E 301 -75.65 -25.26 -55.08
N LEU E 302 -76.00 -23.99 -55.26
CA LEU E 302 -77.36 -23.61 -55.64
C LEU E 302 -77.50 -23.81 -57.15
N VAL E 303 -78.55 -24.53 -57.56
CA VAL E 303 -78.67 -25.02 -58.93
C VAL E 303 -80.03 -24.60 -59.49
N CYS E 304 -80.02 -24.03 -60.68
CA CYS E 304 -81.23 -23.66 -61.41
C CYS E 304 -81.22 -24.38 -62.76
N GLN E 305 -82.25 -25.18 -63.01
CA GLN E 305 -82.37 -25.91 -64.27
C GLN E 305 -83.19 -25.07 -65.25
N ILE E 306 -82.53 -24.55 -66.28
CA ILE E 306 -83.18 -23.68 -67.27
C ILE E 306 -83.65 -24.56 -68.41
N VAL E 307 -84.96 -24.62 -68.62
CA VAL E 307 -85.58 -25.46 -69.63
C VAL E 307 -86.44 -24.57 -70.53
N ARG E 308 -86.04 -24.47 -71.79
CA ARG E 308 -86.84 -23.76 -72.79
C ARG E 308 -88.04 -24.63 -73.16
N VAL E 309 -89.24 -24.04 -73.11
CA VAL E 309 -90.47 -24.73 -73.41
C VAL E 309 -91.06 -24.12 -74.66
N GLY E 310 -91.27 -24.96 -75.68
CA GLY E 310 -91.81 -24.47 -76.94
C GLY E 310 -91.42 -25.30 -78.15
N HIS E 311 -90.91 -24.64 -79.18
CA HIS E 311 -90.59 -25.30 -80.43
C HIS E 311 -89.34 -26.15 -80.31
N MET E 312 -89.21 -27.10 -81.23
CA MET E 312 -88.01 -27.92 -81.35
C MET E 312 -86.85 -27.18 -82.00
N GLU E 313 -87.13 -26.24 -82.88
CA GLU E 313 -86.11 -25.62 -83.71
C GLU E 313 -86.45 -24.16 -83.94
N LEU E 314 -85.42 -23.31 -83.94
CA LEU E 314 -85.59 -21.88 -84.18
C LEU E 314 -85.40 -21.59 -85.67
N LYS E 315 -86.40 -22.00 -86.45
CA LYS E 315 -86.44 -21.75 -87.88
C LYS E 315 -87.74 -21.04 -88.23
N GLU E 316 -87.64 -19.95 -88.98
CA GLU E 316 -88.79 -19.18 -89.42
C GLU E 316 -89.26 -19.66 -90.79
N GLY E 317 -90.56 -19.56 -91.01
CA GLY E 317 -91.14 -19.95 -92.29
C GLY E 317 -92.25 -20.97 -92.17
N LYS E 318 -92.19 -21.83 -91.16
CA LYS E 318 -93.18 -22.87 -90.96
C LYS E 318 -93.46 -23.03 -89.47
N LYS E 319 -94.67 -23.52 -89.18
CA LYS E 319 -95.09 -23.72 -87.80
C LYS E 319 -94.35 -24.91 -87.18
N HIS E 320 -94.11 -24.82 -85.88
CA HIS E 320 -93.47 -25.88 -85.13
C HIS E 320 -94.31 -26.24 -83.91
N THR E 321 -94.03 -27.41 -83.34
CA THR E 321 -94.79 -27.89 -82.20
C THR E 321 -94.52 -27.05 -80.96
N CYS E 322 -95.57 -26.80 -80.19
CA CYS E 322 -95.48 -26.10 -78.92
C CYS E 322 -95.65 -27.10 -77.78
N GLY E 323 -95.38 -26.66 -76.56
CA GLY E 323 -95.47 -27.52 -75.41
C GLY E 323 -94.37 -28.55 -75.29
N LEU E 324 -93.21 -28.30 -75.89
CA LEU E 324 -92.08 -29.21 -75.86
C LEU E 324 -90.95 -28.58 -75.07
N ARG E 325 -90.33 -29.36 -74.19
CA ARG E 325 -89.27 -28.88 -73.31
C ARG E 325 -87.92 -29.33 -73.85
N ARG E 326 -86.98 -28.40 -73.95
CA ARG E 326 -85.66 -28.70 -74.45
C ARG E 326 -84.60 -28.23 -73.46
N PRO E 327 -83.43 -28.86 -73.45
CA PRO E 327 -82.39 -28.44 -72.50
C PRO E 327 -81.77 -27.12 -72.94
N PHE E 328 -81.64 -26.20 -71.98
CA PHE E 328 -81.07 -24.89 -72.24
C PHE E 328 -79.76 -24.67 -71.48
N GLY E 329 -79.78 -24.81 -70.17
CA GLY E 329 -78.57 -24.63 -69.38
C GLY E 329 -78.87 -24.73 -67.90
N VAL E 330 -77.79 -24.67 -67.11
CA VAL E 330 -77.87 -24.72 -65.66
C VAL E 330 -76.88 -23.71 -65.10
N ALA E 331 -77.30 -22.98 -64.06
CA ALA E 331 -76.45 -22.00 -63.39
C ALA E 331 -76.17 -22.48 -61.97
N VAL E 332 -74.89 -22.58 -61.61
CA VAL E 332 -74.45 -23.16 -60.35
C VAL E 332 -73.43 -22.23 -59.70
N MET E 333 -73.61 -21.96 -58.41
CA MET E 333 -72.65 -21.20 -57.62
C MET E 333 -72.41 -21.93 -56.31
N ASP E 334 -71.19 -21.81 -55.78
CA ASP E 334 -70.83 -22.46 -54.52
C ASP E 334 -71.49 -21.69 -53.38
N ILE E 335 -72.60 -22.22 -52.89
CA ILE E 335 -73.30 -21.65 -51.75
C ILE E 335 -72.91 -22.36 -50.45
N THR E 336 -71.74 -23.00 -50.44
CA THR E 336 -71.32 -23.80 -49.30
C THR E 336 -71.22 -22.97 -48.03
N ASP E 337 -70.69 -21.75 -48.13
CA ASP E 337 -70.44 -20.94 -46.94
C ASP E 337 -71.75 -20.42 -46.34
N ILE E 338 -72.72 -20.07 -47.18
CA ILE E 338 -73.96 -19.46 -46.69
C ILE E 338 -74.70 -20.45 -45.79
N ILE E 339 -74.80 -21.71 -46.21
CA ILE E 339 -75.43 -22.72 -45.38
C ILE E 339 -74.53 -23.11 -44.21
N HIS E 340 -73.22 -22.84 -44.32
CA HIS E 340 -72.32 -23.05 -43.19
C HIS E 340 -72.35 -21.91 -42.19
N GLY E 341 -73.32 -21.00 -42.28
CA GLY E 341 -73.35 -19.86 -41.38
C GLY E 341 -72.17 -18.92 -41.52
N LYS E 342 -71.70 -18.71 -42.75
CA LYS E 342 -70.56 -17.82 -42.99
C LYS E 342 -71.00 -16.53 -43.69
N VAL E 343 -71.82 -16.65 -44.73
CA VAL E 343 -72.34 -15.49 -45.45
C VAL E 343 -73.85 -15.46 -45.26
N ASP E 344 -74.35 -14.39 -44.65
CA ASP E 344 -75.78 -14.29 -44.32
C ASP E 344 -76.12 -12.80 -44.23
N ASP E 345 -76.75 -12.28 -45.29
CA ASP E 345 -77.11 -10.87 -45.33
C ASP E 345 -78.17 -10.65 -46.40
N GLU E 346 -79.18 -9.85 -46.06
CA GLU E 346 -80.31 -9.64 -46.96
C GLU E 346 -79.89 -8.92 -48.24
N GLU E 347 -79.01 -7.94 -48.12
CA GLU E 347 -78.70 -7.07 -49.25
C GLU E 347 -77.97 -7.81 -50.37
N LYS E 348 -77.15 -8.79 -50.04
CA LYS E 348 -76.28 -9.43 -51.02
C LYS E 348 -77.13 -10.25 -51.99
N GLN E 349 -77.35 -9.71 -53.18
CA GLN E 349 -78.04 -10.40 -54.26
C GLN E 349 -76.98 -11.17 -55.03
N HIS E 350 -76.58 -12.32 -54.48
CA HIS E 350 -75.57 -13.15 -55.14
C HIS E 350 -76.01 -13.51 -56.55
N PHE E 351 -75.08 -13.40 -57.49
CA PHE E 351 -75.36 -13.68 -58.89
C PHE E 351 -74.80 -15.05 -59.24
N ILE E 352 -75.62 -15.88 -59.87
CA ILE E 352 -75.22 -17.22 -60.29
C ILE E 352 -74.97 -17.18 -61.80
N PRO E 353 -73.73 -17.26 -62.26
CA PRO E 353 -73.48 -17.25 -63.70
C PRO E 353 -74.13 -18.44 -64.39
N PHE E 354 -74.67 -18.18 -65.59
CA PHE E 354 -75.45 -19.18 -66.33
C PHE E 354 -74.67 -19.70 -67.52
N GLN E 355 -74.62 -21.01 -67.66
CA GLN E 355 -74.00 -21.67 -68.81
C GLN E 355 -75.09 -22.28 -69.68
N GLN E 356 -75.11 -21.89 -70.95
CA GLN E 356 -75.96 -22.53 -71.93
C GLN E 356 -75.21 -23.66 -72.61
N ILE E 357 -75.96 -24.59 -73.20
CA ILE E 357 -75.32 -25.67 -73.94
C ILE E 357 -74.54 -25.07 -75.11
N ALA E 358 -73.37 -25.65 -75.38
CA ALA E 358 -72.49 -25.09 -76.39
C ALA E 358 -73.07 -25.23 -77.79
N MET E 359 -73.66 -24.16 -78.30
CA MET E 359 -74.09 -24.08 -79.70
C MET E 359 -73.01 -23.46 -80.58
N GLU E 360 -71.80 -23.30 -80.05
CA GLU E 360 -70.73 -22.58 -80.74
C GLU E 360 -70.27 -23.41 -81.94
N THR E 361 -70.94 -23.21 -83.07
CA THR E 361 -70.63 -23.91 -84.30
C THR E 361 -70.79 -22.97 -85.51
N TYR E 362 -70.71 -21.67 -85.27
CA TYR E 362 -71.00 -20.69 -86.32
C TYR E 362 -69.89 -19.64 -86.42
N ILE E 363 -69.14 -19.45 -85.33
CA ILE E 363 -68.19 -18.35 -85.28
C ILE E 363 -66.93 -18.66 -86.07
N ARG E 364 -66.21 -19.72 -85.69
CA ARG E 364 -64.95 -20.06 -86.32
C ARG E 364 -65.11 -20.74 -87.67
N GLN E 365 -66.34 -20.99 -88.10
CA GLN E 365 -66.60 -21.69 -89.35
C GLN E 365 -66.16 -20.90 -90.58
N ARG E 366 -65.88 -19.61 -90.44
CA ARG E 366 -65.54 -18.78 -91.59
C ARG E 366 -64.05 -18.81 -91.96
N GLN E 367 -63.21 -19.46 -91.15
CA GLN E 367 -61.76 -19.49 -91.41
C GLN E 367 -61.25 -20.93 -91.36
N LEU E 368 -61.36 -21.63 -92.49
CA LEU E 368 -60.78 -22.98 -92.65
C LEU E 368 -60.59 -23.18 -94.15
N ILE E 369 -59.34 -23.04 -94.61
CA ILE E 369 -59.02 -23.08 -96.04
C ILE E 369 -57.83 -24.00 -96.28
N MET E 370 -57.71 -24.46 -97.53
CA MET E 370 -56.59 -25.15 -98.15
C MET E 370 -56.50 -26.63 -97.80
N SER E 371 -57.33 -27.16 -96.90
CA SER E 371 -57.27 -28.59 -96.61
C SER E 371 -58.57 -29.07 -95.97
N PRO E 372 -59.69 -29.04 -96.69
CA PRO E 372 -60.96 -29.50 -96.10
C PRO E 372 -61.13 -31.01 -96.22
N LEU E 373 -60.95 -31.70 -95.09
CA LEU E 373 -61.32 -33.12 -94.97
C LEU E 373 -61.89 -33.31 -93.57
N ILE E 374 -63.20 -33.13 -93.45
CA ILE E 374 -63.90 -33.24 -92.17
C ILE E 374 -65.30 -33.78 -92.43
N THR E 375 -65.69 -34.78 -91.64
CA THR E 375 -67.03 -35.36 -91.69
C THR E 375 -67.60 -35.35 -90.28
N SER E 376 -68.48 -34.38 -89.99
CA SER E 376 -69.03 -34.22 -88.66
C SER E 376 -70.37 -33.51 -88.77
N HIS E 377 -71.01 -33.30 -87.62
CA HIS E 377 -72.31 -32.64 -87.59
C HIS E 377 -72.44 -31.71 -86.38
N VAL E 378 -73.65 -31.22 -86.12
CA VAL E 378 -73.89 -30.20 -85.11
C VAL E 378 -74.53 -30.86 -83.89
N ILE E 379 -73.94 -30.63 -82.73
CA ILE E 379 -74.49 -31.09 -81.45
C ILE E 379 -74.44 -29.91 -80.49
N GLY E 380 -75.55 -29.18 -80.39
CA GLY E 380 -75.63 -28.04 -79.50
C GLY E 380 -76.90 -28.04 -78.67
N GLU E 381 -77.74 -29.07 -78.90
CA GLU E 381 -78.97 -29.23 -78.14
C GLU E 381 -79.16 -30.63 -77.58
N ASN E 382 -78.31 -31.60 -77.96
CA ASN E 382 -78.47 -32.97 -77.50
C ASN E 382 -78.04 -33.16 -76.05
N GLU E 383 -77.17 -32.29 -75.55
CA GLU E 383 -76.58 -32.49 -74.22
C GLU E 383 -77.65 -32.38 -73.14
N PRO E 384 -77.79 -33.38 -72.27
CA PRO E 384 -78.71 -33.25 -71.15
C PRO E 384 -78.25 -32.19 -70.16
N LEU E 385 -79.22 -31.64 -69.43
CA LEU E 385 -78.93 -30.59 -68.47
C LEU E 385 -78.02 -31.09 -67.34
N THR E 386 -77.93 -32.40 -67.13
CA THR E 386 -77.01 -32.93 -66.13
C THR E 386 -75.57 -32.63 -66.49
N SER E 387 -75.23 -32.73 -67.78
CA SER E 387 -73.86 -32.45 -68.21
C SER E 387 -73.50 -30.98 -67.97
N VAL E 388 -74.42 -30.07 -68.28
CA VAL E 388 -74.17 -28.65 -68.04
C VAL E 388 -74.10 -28.37 -66.54
N LEU E 389 -74.95 -29.05 -65.77
CA LEU E 389 -74.88 -28.96 -64.31
C LEU E 389 -73.50 -29.36 -63.81
N ASN E 390 -72.99 -30.50 -64.27
CA ASN E 390 -71.67 -30.97 -63.86
C ASN E 390 -70.59 -29.99 -64.30
N LYS E 391 -70.72 -29.44 -65.52
CA LYS E 391 -69.74 -28.47 -66.00
C LYS E 391 -69.68 -27.26 -65.08
N VAL E 392 -70.84 -26.65 -64.78
CA VAL E 392 -70.83 -25.42 -64.00
C VAL E 392 -70.42 -25.71 -62.57
N ILE E 393 -70.73 -26.91 -62.07
CA ILE E 393 -70.16 -27.34 -60.80
C ILE E 393 -68.64 -27.33 -60.86
N ALA E 394 -68.07 -27.88 -61.93
CA ALA E 394 -66.63 -27.82 -62.10
C ALA E 394 -66.18 -26.41 -62.47
N ALA E 395 -66.92 -25.76 -63.37
CA ALA E 395 -66.58 -24.40 -63.82
C ALA E 395 -67.25 -23.41 -62.88
N LYS E 396 -66.54 -23.03 -61.82
CA LYS E 396 -67.02 -21.97 -60.94
C LYS E 396 -67.36 -20.71 -61.72
N GLU E 397 -66.42 -20.21 -62.52
CA GLU E 397 -66.67 -19.07 -63.38
C GLU E 397 -67.27 -19.58 -64.68
N VAL E 398 -68.29 -18.89 -65.16
CA VAL E 398 -69.02 -19.28 -66.36
C VAL E 398 -68.87 -18.15 -67.38
N ASN E 399 -68.68 -18.53 -68.64
CA ASN E 399 -68.71 -17.56 -69.72
C ASN E 399 -70.16 -17.16 -70.00
N HIS E 400 -70.82 -16.59 -68.99
CA HIS E 400 -72.26 -16.40 -69.02
C HIS E 400 -72.67 -15.23 -69.90
N LYS E 401 -71.73 -14.31 -70.20
CA LYS E 401 -72.00 -13.15 -71.05
C LYS E 401 -73.19 -12.34 -70.54
N GLY E 402 -73.21 -12.08 -69.23
CA GLY E 402 -74.26 -11.29 -68.64
C GLY E 402 -75.59 -12.01 -68.47
N GLN E 403 -75.59 -13.33 -68.47
CA GLN E 403 -76.79 -14.12 -68.27
C GLN E 403 -76.71 -14.87 -66.95
N GLY E 404 -77.85 -15.04 -66.30
CA GLY E 404 -77.88 -15.75 -65.03
C GLY E 404 -79.13 -15.40 -64.25
N LEU E 405 -79.10 -15.77 -62.98
CA LEU E 405 -80.19 -15.47 -62.07
C LEU E 405 -79.65 -14.76 -60.84
N TRP E 406 -80.33 -13.67 -60.45
CA TRP E 406 -79.92 -12.82 -59.35
C TRP E 406 -80.71 -13.22 -58.12
N VAL E 407 -80.02 -13.67 -57.07
CA VAL E 407 -80.66 -14.23 -55.89
C VAL E 407 -79.99 -13.71 -54.63
N SER E 408 -80.80 -13.38 -53.62
CA SER E 408 -80.31 -13.05 -52.30
C SER E 408 -80.48 -14.28 -51.41
N LEU E 409 -79.39 -14.76 -50.84
CA LEU E 409 -79.37 -16.05 -50.15
C LEU E 409 -79.13 -15.84 -48.67
N LYS E 410 -79.97 -16.47 -47.85
CA LYS E 410 -79.81 -16.44 -46.41
C LYS E 410 -80.18 -17.78 -45.83
N LEU E 411 -79.32 -18.31 -44.98
CA LEU E 411 -79.61 -19.51 -44.20
C LEU E 411 -80.36 -19.10 -42.95
N LEU E 412 -81.46 -19.78 -42.69
CA LEU E 412 -82.25 -19.40 -41.53
C LEU E 412 -82.25 -20.52 -40.50
N PRO E 413 -82.05 -20.18 -39.22
CA PRO E 413 -82.07 -21.20 -38.17
C PRO E 413 -83.46 -21.82 -38.03
N GLY E 414 -83.46 -23.09 -37.63
CA GLY E 414 -84.70 -23.76 -37.34
C GLY E 414 -85.45 -24.24 -38.57
N ASP E 415 -86.58 -24.90 -38.29
CA ASP E 415 -87.43 -25.47 -39.31
C ASP E 415 -88.37 -24.36 -39.82
N LEU E 416 -89.46 -24.74 -40.50
CA LEU E 416 -90.37 -23.74 -41.05
C LEU E 416 -90.82 -22.72 -40.02
N THR E 417 -91.02 -23.14 -38.77
CA THR E 417 -91.56 -22.24 -37.75
C THR E 417 -90.58 -21.12 -37.41
N GLN E 418 -89.32 -21.49 -37.14
CA GLN E 418 -88.32 -20.46 -36.84
C GLN E 418 -88.03 -19.60 -38.06
N VAL E 419 -88.20 -20.17 -39.26
CA VAL E 419 -88.10 -19.38 -40.49
C VAL E 419 -89.18 -18.31 -40.52
N GLN E 420 -90.40 -18.68 -40.14
CA GLN E 420 -91.54 -17.77 -40.25
C GLN E 420 -91.66 -16.77 -39.11
N LYS E 421 -91.12 -17.08 -37.92
CA LYS E 421 -91.37 -16.23 -36.76
C LYS E 421 -90.25 -15.23 -36.46
N ASN E 422 -89.08 -15.36 -37.08
CA ASN E 422 -88.09 -14.30 -37.03
C ASN E 422 -87.81 -13.66 -38.38
N PHE E 423 -88.25 -14.28 -39.47
CA PHE E 423 -88.00 -13.76 -40.82
C PHE E 423 -89.27 -13.83 -41.65
N SER E 424 -90.41 -13.50 -41.04
CA SER E 424 -91.64 -13.37 -41.81
C SER E 424 -91.51 -12.28 -42.85
N HIS E 425 -90.71 -11.24 -42.58
CA HIS E 425 -90.45 -10.21 -43.57
C HIS E 425 -89.72 -10.79 -44.77
N LEU E 426 -88.61 -11.50 -44.53
CA LEU E 426 -87.89 -12.13 -45.63
C LEU E 426 -88.68 -13.30 -46.20
N VAL E 427 -89.22 -14.14 -45.34
CA VAL E 427 -89.93 -15.35 -45.74
C VAL E 427 -91.36 -15.20 -45.25
N ASP E 428 -92.22 -14.64 -46.10
CA ASP E 428 -93.64 -14.63 -45.81
C ASP E 428 -94.26 -15.98 -46.18
N ARG E 429 -95.58 -16.07 -46.05
CA ARG E 429 -96.26 -17.30 -46.39
C ARG E 429 -96.29 -17.57 -47.89
N SER E 430 -96.18 -16.52 -48.72
CA SER E 430 -96.17 -16.71 -50.17
C SER E 430 -94.85 -17.30 -50.65
N THR E 431 -93.82 -17.30 -49.82
CA THR E 431 -92.54 -17.89 -50.20
C THR E 431 -92.69 -19.38 -50.45
N ALA E 432 -92.15 -19.84 -51.57
CA ALA E 432 -92.20 -21.27 -51.88
C ALA E 432 -91.40 -22.07 -50.86
N ILE E 433 -91.91 -23.26 -50.55
CA ILE E 433 -91.30 -24.15 -49.58
C ILE E 433 -90.83 -25.41 -50.31
N ALA E 434 -89.57 -25.76 -50.09
CA ALA E 434 -88.99 -26.99 -50.64
C ALA E 434 -88.53 -27.89 -49.50
N ARG E 435 -88.94 -29.15 -49.56
CA ARG E 435 -88.56 -30.14 -48.58
C ARG E 435 -87.29 -30.85 -49.03
N LYS E 436 -86.44 -31.21 -48.08
CA LYS E 436 -85.19 -31.88 -48.43
C LYS E 436 -85.48 -33.27 -48.96
N MET E 437 -84.71 -33.67 -49.98
CA MET E 437 -84.83 -35.01 -50.55
C MET E 437 -84.22 -36.02 -49.59
N GLY E 438 -85.01 -36.45 -48.63
CA GLY E 438 -84.55 -37.29 -47.55
C GLY E 438 -85.35 -37.02 -46.29
N PHE E 439 -84.66 -37.02 -45.16
CA PHE E 439 -85.33 -36.82 -43.89
C PHE E 439 -84.47 -35.97 -42.97
N PRO E 440 -85.07 -35.05 -42.23
CA PRO E 440 -84.31 -34.26 -41.25
C PRO E 440 -83.89 -35.11 -40.06
N GLU E 441 -82.90 -34.59 -39.31
CA GLU E 441 -82.36 -35.34 -38.19
C GLU E 441 -83.33 -35.48 -37.04
N ILE E 442 -84.39 -34.68 -37.01
CA ILE E 442 -85.43 -34.82 -36.01
C ILE E 442 -86.72 -35.14 -36.76
N ILE E 443 -87.14 -36.40 -36.69
CA ILE E 443 -88.40 -36.83 -37.28
C ILE E 443 -89.48 -36.65 -36.21
N LEU E 444 -90.28 -35.62 -36.35
CA LEU E 444 -91.37 -35.43 -35.41
C LEU E 444 -92.36 -36.58 -35.57
N PRO E 445 -92.68 -37.29 -34.48
CA PRO E 445 -93.68 -38.35 -34.59
C PRO E 445 -94.98 -37.82 -35.17
N GLY E 446 -95.31 -38.26 -36.37
CA GLY E 446 -96.41 -37.69 -37.12
C GLY E 446 -96.00 -36.73 -38.22
N ASP E 447 -94.75 -36.77 -38.68
CA ASP E 447 -94.35 -35.97 -39.82
C ASP E 447 -94.95 -36.57 -41.09
N VAL E 448 -96.28 -36.53 -41.17
CA VAL E 448 -97.03 -37.24 -42.20
C VAL E 448 -96.69 -36.62 -43.55
N ARG E 449 -96.05 -37.41 -44.41
CA ARG E 449 -95.72 -36.98 -45.76
C ARG E 449 -95.95 -38.13 -46.73
N ASN E 450 -96.18 -37.76 -47.98
CA ASN E 450 -96.21 -38.70 -49.09
C ASN E 450 -95.43 -38.13 -50.25
N ASP E 451 -94.32 -37.48 -49.96
CA ASP E 451 -93.49 -36.84 -50.97
C ASP E 451 -92.72 -37.91 -51.73
N ILE E 452 -93.41 -38.58 -52.65
CA ILE E 452 -92.80 -39.56 -53.55
C ILE E 452 -92.21 -38.78 -54.70
N TYR E 453 -90.93 -39.01 -54.99
CA TYR E 453 -90.21 -38.24 -56.00
C TYR E 453 -89.74 -39.17 -57.11
N VAL E 454 -90.06 -38.82 -58.33
CA VAL E 454 -89.71 -39.62 -59.51
C VAL E 454 -88.70 -38.82 -60.31
N THR E 455 -87.42 -39.14 -60.11
CA THR E 455 -86.33 -38.50 -60.84
C THR E 455 -86.22 -39.21 -62.19
N LEU E 456 -86.67 -38.55 -63.25
CA LEU E 456 -86.67 -39.18 -64.57
C LEU E 456 -85.23 -39.27 -65.06
N ILE E 457 -84.55 -40.33 -64.63
CA ILE E 457 -83.11 -40.45 -64.87
C ILE E 457 -82.82 -40.41 -66.36
N HIS E 458 -83.31 -41.42 -67.09
CA HIS E 458 -83.08 -41.49 -68.52
C HIS E 458 -83.94 -42.59 -69.10
N GLY E 459 -83.98 -42.62 -70.43
CA GLY E 459 -84.65 -43.67 -71.15
C GLY E 459 -84.16 -43.76 -72.57
N GLU E 460 -83.83 -44.95 -73.05
CA GLU E 460 -83.42 -45.16 -74.42
C GLU E 460 -84.61 -45.70 -75.21
N PHE E 461 -84.77 -45.21 -76.43
CA PHE E 461 -85.95 -45.52 -77.23
C PHE E 461 -85.52 -45.76 -78.66
N ASP E 462 -85.92 -46.91 -79.21
CA ASP E 462 -85.48 -47.31 -80.54
C ASP E 462 -86.10 -46.42 -81.61
N LYS E 463 -85.28 -46.08 -82.62
CA LYS E 463 -85.78 -45.30 -83.75
C LYS E 463 -86.71 -46.13 -84.64
N GLY E 464 -86.40 -47.40 -84.83
CA GLY E 464 -87.16 -48.19 -85.79
C GLY E 464 -86.61 -47.96 -87.19
N LYS E 465 -87.51 -47.82 -88.16
CA LYS E 465 -87.10 -47.56 -89.53
C LYS E 465 -86.66 -46.12 -89.75
N LYS E 466 -87.09 -45.19 -88.90
CA LYS E 466 -86.84 -43.77 -89.12
C LYS E 466 -85.40 -43.42 -88.79
N LYS E 467 -84.76 -42.64 -89.66
CA LYS E 467 -83.36 -42.30 -89.50
C LYS E 467 -83.13 -41.31 -88.36
N THR E 468 -83.96 -40.28 -88.27
CA THR E 468 -83.75 -39.28 -87.23
C THR E 468 -84.01 -39.89 -85.85
N PRO E 469 -83.15 -39.60 -84.87
CA PRO E 469 -83.41 -40.08 -83.51
C PRO E 469 -84.69 -39.49 -82.96
N LYS E 470 -85.34 -40.24 -82.09
CA LYS E 470 -86.68 -39.89 -81.66
C LYS E 470 -86.63 -38.86 -80.53
N ASN E 471 -87.36 -37.75 -80.73
CA ASN E 471 -87.49 -36.71 -79.72
C ASN E 471 -88.52 -37.21 -78.69
N VAL E 472 -88.04 -38.04 -77.79
CA VAL E 472 -88.91 -38.71 -76.82
C VAL E 472 -89.23 -37.74 -75.69
N GLU E 473 -90.52 -37.64 -75.35
CA GLU E 473 -90.97 -36.84 -74.23
C GLU E 473 -91.64 -37.77 -73.23
N VAL E 474 -91.04 -37.90 -72.05
CA VAL E 474 -91.60 -38.78 -71.03
C VAL E 474 -92.74 -38.06 -70.34
N THR E 475 -93.95 -38.23 -70.87
CA THR E 475 -95.14 -37.67 -70.25
C THR E 475 -95.61 -38.63 -69.17
N MET E 476 -94.86 -38.64 -68.07
CA MET E 476 -95.19 -39.52 -66.95
C MET E 476 -96.57 -39.17 -66.41
N SER E 477 -97.32 -40.22 -66.08
CA SER E 477 -98.67 -40.04 -65.57
C SER E 477 -98.88 -41.00 -64.42
N VAL E 478 -99.71 -40.59 -63.47
CA VAL E 478 -100.02 -41.42 -62.31
C VAL E 478 -101.41 -41.99 -62.50
N HIS E 479 -101.52 -43.31 -62.42
CA HIS E 479 -102.79 -43.99 -62.61
C HIS E 479 -103.01 -44.97 -61.46
N ASP E 480 -104.27 -45.26 -61.22
CA ASP E 480 -104.63 -46.30 -60.27
C ASP E 480 -104.74 -47.62 -61.00
N GLU E 481 -105.31 -48.63 -60.33
CA GLU E 481 -105.37 -49.97 -60.91
C GLU E 481 -106.20 -50.03 -62.19
N GLU E 482 -107.07 -49.06 -62.43
CA GLU E 482 -107.86 -49.02 -63.67
C GLU E 482 -107.32 -48.02 -64.68
N GLY E 483 -106.19 -47.38 -64.40
CA GLY E 483 -105.50 -46.57 -65.38
C GLY E 483 -106.02 -45.15 -65.53
N LYS E 484 -107.03 -44.75 -64.75
CA LYS E 484 -107.50 -43.38 -64.84
C LYS E 484 -106.41 -42.42 -64.37
N LEU E 485 -106.35 -41.27 -65.01
CA LEU E 485 -105.27 -40.31 -64.75
C LEU E 485 -105.49 -39.66 -63.39
N LEU E 486 -104.60 -39.94 -62.45
CA LEU E 486 -104.66 -39.29 -61.14
C LEU E 486 -104.28 -37.83 -61.31
N GLU E 487 -105.20 -36.93 -60.94
CA GLU E 487 -104.94 -35.51 -61.07
C GLU E 487 -104.08 -35.03 -59.90
N LYS E 488 -103.27 -34.00 -60.15
CA LYS E 488 -102.46 -33.30 -59.16
C LYS E 488 -101.36 -34.18 -58.58
N ALA E 489 -101.23 -35.44 -59.01
CA ALA E 489 -100.28 -36.35 -58.37
C ALA E 489 -98.85 -35.88 -58.54
N ILE E 490 -98.43 -35.63 -59.77
CA ILE E 490 -97.04 -35.29 -60.06
C ILE E 490 -96.88 -33.77 -59.98
N HIS E 491 -95.90 -33.33 -59.20
CA HIS E 491 -95.52 -31.94 -59.13
C HIS E 491 -94.13 -31.78 -59.71
N PRO E 492 -93.88 -30.79 -60.57
CA PRO E 492 -92.51 -30.56 -61.03
C PRO E 492 -91.54 -30.25 -59.91
N GLY E 493 -92.03 -29.80 -58.77
CA GLY E 493 -91.19 -29.59 -57.61
C GLY E 493 -91.83 -28.61 -56.64
N ALA E 494 -90.98 -27.79 -56.02
CA ALA E 494 -91.41 -26.86 -55.00
C ALA E 494 -92.18 -25.69 -55.61
N GLY E 495 -93.12 -25.15 -54.82
CA GLY E 495 -93.79 -23.92 -55.16
C GLY E 495 -94.59 -23.95 -56.44
N TYR E 496 -94.90 -25.13 -56.97
CA TYR E 496 -95.61 -25.24 -58.23
C TYR E 496 -96.78 -26.19 -58.09
N GLU E 497 -97.86 -25.90 -58.80
CA GLU E 497 -99.05 -26.74 -58.78
C GLU E 497 -98.77 -28.07 -59.46
N GLY E 498 -99.14 -29.16 -58.81
CA GLY E 498 -98.90 -30.47 -59.37
C GLY E 498 -99.67 -30.71 -60.65
N ILE E 499 -99.00 -31.34 -61.60
CA ILE E 499 -99.57 -31.59 -62.92
C ILE E 499 -99.84 -33.07 -63.09
N SER E 500 -101.01 -33.38 -63.65
CA SER E 500 -101.43 -34.78 -63.78
C SER E 500 -100.43 -35.57 -64.60
N GLU E 501 -99.90 -34.97 -65.66
CA GLU E 501 -98.86 -35.58 -66.47
C GLU E 501 -97.67 -34.65 -66.53
N TYR E 502 -96.51 -35.14 -66.10
CA TYR E 502 -95.27 -34.36 -66.14
C TYR E 502 -94.55 -34.67 -67.43
N LYS E 503 -94.63 -33.75 -68.40
CA LYS E 503 -93.94 -33.91 -69.67
C LYS E 503 -92.45 -33.66 -69.47
N SER E 504 -91.62 -34.60 -69.93
CA SER E 504 -90.19 -34.49 -69.73
C SER E 504 -89.57 -33.60 -70.81
N VAL E 505 -88.27 -33.34 -70.65
CA VAL E 505 -87.53 -32.54 -71.61
C VAL E 505 -87.47 -33.29 -72.94
N VAL E 506 -87.99 -32.68 -73.99
CA VAL E 506 -87.97 -33.27 -75.32
C VAL E 506 -86.60 -32.96 -75.91
N TYR E 507 -85.82 -34.00 -76.16
CA TYR E 507 -84.43 -33.82 -76.57
C TYR E 507 -84.31 -33.82 -78.08
N TYR E 508 -83.35 -33.02 -78.58
CA TYR E 508 -83.21 -32.73 -80.01
C TYR E 508 -82.55 -33.91 -80.70
N GLN E 509 -83.34 -34.93 -81.04
CA GLN E 509 -82.86 -36.13 -81.70
C GLN E 509 -81.74 -36.79 -80.90
N VAL E 510 -82.10 -37.25 -79.70
CA VAL E 510 -81.16 -37.93 -78.81
C VAL E 510 -81.57 -39.39 -78.69
N LYS E 511 -80.64 -40.29 -79.00
CA LYS E 511 -80.92 -41.72 -78.90
C LYS E 511 -81.15 -42.14 -77.45
N GLN E 512 -80.37 -41.59 -76.52
CA GLN E 512 -80.45 -41.95 -75.10
C GLN E 512 -80.65 -40.65 -74.31
N PRO E 513 -81.87 -40.11 -74.29
CA PRO E 513 -82.12 -38.88 -73.53
C PRO E 513 -82.07 -39.13 -72.03
N CYS E 514 -81.45 -38.20 -71.31
CA CYS E 514 -81.38 -38.23 -69.86
C CYS E 514 -82.02 -36.96 -69.30
N TRP E 515 -82.94 -37.13 -68.36
CA TRP E 515 -83.64 -36.00 -67.77
C TRP E 515 -83.22 -35.74 -66.32
N TYR E 516 -83.21 -36.80 -65.50
CA TYR E 516 -82.88 -36.69 -64.07
C TYR E 516 -83.76 -35.65 -63.40
N GLU E 517 -85.01 -35.57 -63.83
CA GLU E 517 -85.93 -34.52 -63.40
C GLU E 517 -86.55 -34.92 -62.07
N THR E 518 -85.88 -34.54 -60.98
CA THR E 518 -86.38 -34.83 -59.63
C THR E 518 -87.63 -33.99 -59.39
N VAL E 519 -88.78 -34.63 -59.49
CA VAL E 519 -90.07 -33.95 -59.41
C VAL E 519 -90.94 -34.62 -58.36
N LYS E 520 -91.83 -33.83 -57.77
CA LYS E 520 -92.64 -34.28 -56.66
C LYS E 520 -93.86 -35.04 -57.15
N VAL E 521 -94.19 -36.13 -56.46
CA VAL E 521 -95.44 -36.85 -56.68
C VAL E 521 -96.08 -37.05 -55.31
N SER E 522 -97.07 -36.23 -54.98
CA SER E 522 -97.73 -36.26 -53.67
C SER E 522 -99.15 -36.80 -53.85
N ILE E 523 -99.29 -38.10 -53.67
CA ILE E 523 -100.58 -38.77 -53.63
C ILE E 523 -100.96 -38.96 -52.17
N ALA E 524 -102.25 -39.06 -51.89
CA ALA E 524 -102.67 -39.42 -50.54
C ALA E 524 -102.06 -40.76 -50.17
N ILE E 525 -101.54 -40.86 -48.94
CA ILE E 525 -100.78 -42.04 -48.54
C ILE E 525 -101.65 -43.29 -48.59
N GLU E 526 -102.97 -43.12 -48.42
CA GLU E 526 -103.86 -44.25 -48.63
C GLU E 526 -104.20 -44.43 -50.10
N GLU E 527 -104.19 -43.33 -50.87
CA GLU E 527 -104.49 -43.44 -52.29
C GLU E 527 -103.32 -43.99 -53.09
N VAL E 528 -102.09 -43.71 -52.67
CA VAL E 528 -100.94 -44.35 -53.33
C VAL E 528 -101.00 -45.85 -53.14
N THR E 529 -101.71 -46.33 -52.11
CA THR E 529 -101.87 -47.77 -51.92
C THR E 529 -102.68 -48.41 -53.04
N ARG E 530 -103.34 -47.62 -53.87
CA ARG E 530 -104.09 -48.15 -54.99
C ARG E 530 -103.76 -47.41 -56.28
N CYS E 531 -102.55 -46.87 -56.39
CA CYS E 531 -102.18 -46.08 -57.56
C CYS E 531 -100.77 -46.46 -57.99
N HIS E 532 -100.46 -46.13 -59.25
CA HIS E 532 -99.16 -46.35 -59.84
C HIS E 532 -98.85 -45.15 -60.74
N ILE E 533 -97.64 -45.14 -61.29
CA ILE E 533 -97.21 -44.06 -62.18
C ILE E 533 -96.88 -44.67 -63.55
N ARG E 534 -97.60 -44.24 -64.57
CA ARG E 534 -97.39 -44.72 -65.93
C ARG E 534 -96.65 -43.66 -66.74
N PHE E 535 -95.71 -44.11 -67.56
CA PHE E 535 -94.78 -43.22 -68.25
C PHE E 535 -94.98 -43.39 -69.74
N THR E 536 -95.60 -42.39 -70.37
CA THR E 536 -95.91 -42.41 -71.79
C THR E 536 -94.84 -41.64 -72.56
N PHE E 537 -94.35 -42.23 -73.65
CA PHE E 537 -93.29 -41.66 -74.45
C PHE E 537 -93.80 -41.39 -75.85
N ARG E 538 -93.67 -40.14 -76.30
CA ARG E 538 -94.10 -39.73 -77.63
C ARG E 538 -92.93 -39.13 -78.38
N HIS E 539 -92.82 -39.48 -79.66
CA HIS E 539 -91.80 -38.90 -80.53
C HIS E 539 -92.30 -37.54 -80.99
N ARG E 540 -91.68 -36.48 -80.47
CA ARG E 540 -92.12 -35.11 -80.75
C ARG E 540 -91.29 -34.57 -81.90
N SER E 541 -91.71 -34.87 -83.13
CA SER E 541 -90.98 -34.42 -84.30
C SER E 541 -91.01 -32.90 -84.41
N SER E 542 -90.17 -32.38 -85.30
CA SER E 542 -90.05 -30.94 -85.44
C SER E 542 -91.25 -30.30 -86.13
N GLN E 543 -92.07 -31.09 -86.83
CA GLN E 543 -93.26 -30.57 -87.50
C GLN E 543 -94.50 -30.86 -86.67
N GLU E 544 -95.33 -29.83 -86.50
CA GLU E 544 -96.45 -29.93 -85.57
C GLU E 544 -97.48 -30.96 -86.02
N THR E 545 -97.77 -31.01 -87.32
CA THR E 545 -98.69 -32.03 -87.83
C THR E 545 -98.13 -33.42 -87.62
N ARG E 546 -96.82 -33.59 -87.87
CA ARG E 546 -96.18 -34.88 -87.62
C ARG E 546 -96.20 -35.21 -86.14
N ASP E 547 -95.99 -34.21 -85.28
CA ASP E 547 -96.07 -34.44 -83.84
C ASP E 547 -97.45 -34.96 -83.43
N LYS E 548 -98.50 -34.26 -83.86
CA LYS E 548 -99.86 -34.66 -83.49
C LYS E 548 -100.27 -35.96 -84.17
N SER E 549 -99.62 -36.33 -85.27
CA SER E 549 -99.86 -37.60 -85.92
C SER E 549 -98.95 -38.72 -85.44
N GLU E 550 -97.94 -38.40 -84.64
CA GLU E 550 -97.07 -39.41 -84.03
C GLU E 550 -97.66 -39.86 -82.72
N ARG E 551 -97.96 -41.15 -82.62
CA ARG E 551 -98.55 -41.72 -81.42
C ARG E 551 -97.45 -42.08 -80.42
N ALA E 552 -97.87 -42.50 -79.23
CA ALA E 552 -96.94 -42.94 -78.20
C ALA E 552 -96.33 -44.27 -78.66
N PHE E 553 -95.13 -44.21 -79.22
CA PHE E 553 -94.48 -45.42 -79.72
C PHE E 553 -94.21 -46.41 -78.60
N GLY E 554 -94.00 -45.91 -77.39
CA GLY E 554 -93.80 -46.78 -76.24
C GLY E 554 -94.28 -46.09 -74.98
N VAL E 555 -94.71 -46.91 -74.03
CA VAL E 555 -95.18 -46.42 -72.73
C VAL E 555 -94.64 -47.34 -71.64
N ALA E 556 -94.09 -46.75 -70.59
CA ALA E 556 -93.67 -47.48 -69.41
C ALA E 556 -94.60 -47.14 -68.25
N PHE E 557 -94.37 -47.79 -67.11
CA PHE E 557 -95.14 -47.54 -65.91
C PHE E 557 -94.37 -48.12 -64.74
N VAL E 558 -94.86 -47.83 -63.54
CA VAL E 558 -94.28 -48.38 -62.32
C VAL E 558 -95.37 -48.44 -61.25
N LYS E 559 -95.45 -49.58 -60.57
CA LYS E 559 -96.45 -49.78 -59.52
C LYS E 559 -95.91 -49.20 -58.22
N LEU E 560 -96.52 -48.11 -57.75
CA LEU E 560 -96.11 -47.52 -56.49
C LEU E 560 -96.30 -48.47 -55.31
N MET E 561 -97.19 -49.45 -55.42
CA MET E 561 -97.29 -50.51 -54.44
C MET E 561 -96.57 -51.74 -54.94
N ASN E 562 -95.67 -52.26 -54.11
CA ASN E 562 -95.15 -53.58 -54.35
C ASN E 562 -96.26 -54.59 -54.07
N PRO E 563 -96.22 -55.74 -54.74
CA PRO E 563 -97.25 -56.77 -54.48
C PRO E 563 -97.24 -57.29 -53.05
N ASP E 564 -96.16 -57.07 -52.30
CA ASP E 564 -96.05 -57.53 -50.91
C ASP E 564 -96.66 -56.54 -49.92
N GLY E 565 -97.57 -55.69 -50.37
CA GLY E 565 -98.20 -54.74 -49.48
C GLY E 565 -97.29 -53.60 -49.06
N THR E 566 -96.22 -53.35 -49.80
CA THR E 566 -95.29 -52.28 -49.49
C THR E 566 -95.29 -51.28 -50.64
N THR E 567 -94.98 -50.03 -50.32
CA THR E 567 -94.91 -49.02 -51.36
C THR E 567 -93.64 -49.22 -52.19
N LEU E 568 -93.52 -48.40 -53.23
CA LEU E 568 -92.38 -48.51 -54.14
C LEU E 568 -91.08 -48.27 -53.39
N GLN E 569 -90.10 -49.14 -53.62
CA GLN E 569 -88.84 -49.08 -52.90
C GLN E 569 -88.03 -47.83 -53.29
N ASP E 570 -87.16 -47.42 -52.38
CA ASP E 570 -86.28 -46.29 -52.64
C ASP E 570 -85.19 -46.69 -53.63
N GLY E 571 -84.44 -45.69 -54.09
CA GLY E 571 -83.41 -45.93 -55.06
C GLY E 571 -83.94 -45.88 -56.48
N ARG E 572 -83.23 -46.58 -57.36
CA ARG E 572 -83.48 -46.51 -58.80
C ARG E 572 -84.14 -47.78 -59.30
N HIS E 573 -85.11 -47.62 -60.20
CA HIS E 573 -85.78 -48.73 -60.84
C HIS E 573 -85.91 -48.44 -62.33
N ASP E 574 -85.55 -49.42 -63.15
CA ASP E 574 -85.52 -49.25 -64.61
C ASP E 574 -86.87 -49.67 -65.18
N LEU E 575 -87.69 -48.67 -65.50
CA LEU E 575 -88.99 -48.93 -66.10
C LEU E 575 -88.80 -49.49 -67.51
N VAL E 576 -89.71 -50.36 -67.91
CA VAL E 576 -89.64 -51.03 -69.20
C VAL E 576 -90.60 -50.33 -70.15
N VAL E 577 -90.07 -49.84 -71.26
CA VAL E 577 -90.88 -49.29 -72.32
C VAL E 577 -91.51 -50.44 -73.08
N TYR E 578 -92.80 -50.33 -73.39
CA TYR E 578 -93.53 -51.41 -74.02
C TYR E 578 -94.06 -50.98 -75.38
N LYS E 579 -93.66 -51.72 -76.42
CA LYS E 579 -94.14 -51.50 -77.77
C LYS E 579 -95.22 -52.52 -78.10
N GLY E 580 -96.11 -52.14 -78.99
CA GLY E 580 -97.20 -53.02 -79.38
C GLY E 580 -98.48 -52.23 -79.55
N ASP E 581 -99.59 -52.90 -79.28
CA ASP E 581 -100.90 -52.26 -79.39
C ASP E 581 -101.01 -51.11 -78.39
N ASN E 582 -101.30 -49.92 -78.92
CA ASN E 582 -101.50 -48.75 -78.05
C ASN E 582 -102.73 -48.92 -77.17
N LYS E 583 -103.83 -49.42 -77.74
CA LYS E 583 -105.04 -49.65 -76.96
C LYS E 583 -104.79 -50.70 -75.87
N LYS E 584 -103.92 -51.67 -76.15
CA LYS E 584 -103.54 -52.62 -75.12
C LYS E 584 -102.69 -51.97 -74.05
N MET E 585 -101.84 -51.01 -74.43
CA MET E 585 -100.96 -50.38 -73.45
C MET E 585 -101.65 -49.23 -72.72
N GLU E 586 -102.73 -48.69 -73.29
CA GLU E 586 -103.51 -47.68 -72.61
C GLU E 586 -104.53 -48.27 -71.63
N ASP E 587 -104.67 -49.59 -71.61
CA ASP E 587 -105.59 -50.27 -70.70
C ASP E 587 -104.81 -50.84 -69.51
N ALA E 588 -105.16 -50.38 -68.31
CA ALA E 588 -104.44 -50.83 -67.12
C ALA E 588 -104.58 -52.33 -66.91
N LYS E 589 -105.78 -52.87 -67.10
CA LYS E 589 -106.00 -54.30 -66.88
C LYS E 589 -105.15 -55.19 -67.78
N PHE E 590 -104.43 -54.61 -68.74
CA PHE E 590 -103.49 -55.35 -69.56
C PHE E 590 -102.05 -55.08 -69.15
N TYR E 591 -101.61 -53.82 -69.17
CA TYR E 591 -100.21 -53.53 -68.92
C TYR E 591 -99.85 -53.59 -67.43
N LEU E 592 -100.81 -53.31 -66.54
CA LEU E 592 -100.54 -53.50 -65.11
C LEU E 592 -100.33 -54.96 -64.78
N THR E 593 -101.12 -55.85 -65.40
CA THR E 593 -100.83 -57.28 -65.28
C THR E 593 -99.46 -57.61 -65.86
N LEU E 594 -99.08 -56.93 -66.94
CA LEU E 594 -97.70 -57.00 -67.40
C LEU E 594 -96.80 -56.30 -66.39
N PRO E 595 -95.52 -56.66 -66.34
CA PRO E 595 -94.61 -56.01 -65.40
C PRO E 595 -94.09 -54.68 -65.93
N GLY E 596 -93.55 -53.87 -65.01
CA GLY E 596 -93.16 -52.52 -65.34
C GLY E 596 -91.67 -52.23 -65.31
N THR E 597 -90.95 -52.94 -64.45
CA THR E 597 -89.50 -52.78 -64.33
C THR E 597 -88.81 -54.08 -64.71
N LYS E 598 -87.49 -54.00 -64.88
CA LYS E 598 -86.72 -55.18 -65.28
C LYS E 598 -86.82 -56.28 -64.24
N MET E 599 -86.73 -55.92 -62.96
CA MET E 599 -86.88 -56.91 -61.90
C MET E 599 -88.24 -57.59 -61.97
N GLU E 600 -89.28 -56.84 -62.32
CA GLU E 600 -90.62 -57.42 -62.36
C GLU E 600 -90.78 -58.42 -63.49
N MET E 601 -90.29 -58.11 -64.71
CA MET E 601 -90.45 -59.08 -65.78
C MET E 601 -89.52 -60.27 -65.56
N GLU E 602 -88.37 -60.03 -64.92
CA GLU E 602 -87.51 -61.15 -64.55
C GLU E 602 -88.22 -62.09 -63.59
N GLU E 603 -88.90 -61.54 -62.59
CA GLU E 603 -89.69 -62.37 -61.68
C GLU E 603 -90.77 -63.11 -62.44
N LYS E 604 -91.49 -62.42 -63.31
CA LYS E 604 -92.59 -63.07 -64.04
C LYS E 604 -92.07 -64.16 -64.97
N GLU E 605 -90.95 -63.92 -65.64
CA GLU E 605 -90.38 -64.93 -66.53
C GLU E 605 -89.93 -66.16 -65.75
N LEU E 606 -89.26 -65.95 -64.60
CA LEU E 606 -88.83 -67.08 -63.80
C LEU E 606 -90.01 -67.85 -63.24
N GLN E 607 -91.07 -67.13 -62.85
CA GLN E 607 -92.30 -67.80 -62.41
C GLN E 607 -92.92 -68.62 -63.52
N ALA E 608 -92.97 -68.06 -64.74
CA ALA E 608 -93.55 -68.77 -65.87
C ALA E 608 -92.69 -69.91 -66.36
N SER E 609 -91.39 -69.91 -66.01
CA SER E 609 -90.50 -70.98 -66.47
C SER E 609 -90.88 -72.32 -65.86
N LYS E 610 -91.19 -72.35 -64.56
CA LYS E 610 -91.51 -73.61 -63.90
C LYS E 610 -92.90 -74.11 -64.28
N ASN E 611 -93.80 -73.21 -64.67
CA ASN E 611 -95.17 -73.57 -65.06
C ASN E 611 -95.33 -73.27 -66.54
N LEU E 612 -95.01 -74.25 -67.38
CA LEU E 612 -95.09 -74.10 -68.83
C LEU E 612 -96.52 -74.44 -69.27
N VAL E 613 -97.44 -73.53 -68.95
CA VAL E 613 -98.85 -73.66 -69.31
C VAL E 613 -99.27 -72.32 -69.89
N THR E 614 -99.38 -72.24 -71.22
CA THR E 614 -99.78 -71.02 -71.92
C THR E 614 -98.90 -69.83 -71.51
N PHE E 615 -97.59 -70.07 -71.45
CA PHE E 615 -96.64 -69.06 -71.02
C PHE E 615 -95.56 -68.93 -72.09
N THR E 616 -95.83 -68.10 -73.10
CA THR E 616 -94.84 -67.73 -74.10
C THR E 616 -94.32 -66.35 -73.76
N PRO E 617 -93.00 -66.16 -73.64
CA PRO E 617 -92.48 -64.84 -73.26
C PRO E 617 -92.94 -63.78 -74.25
N SER E 618 -93.41 -62.67 -73.71
CA SER E 618 -93.89 -61.59 -74.55
C SER E 618 -92.73 -60.98 -75.33
N LYS E 619 -92.84 -61.01 -76.66
CA LYS E 619 -91.84 -60.39 -77.51
C LYS E 619 -91.88 -58.87 -77.42
N ASP E 620 -92.90 -58.30 -76.77
CA ASP E 620 -93.04 -56.86 -76.62
C ASP E 620 -92.08 -56.28 -75.60
N SER E 621 -91.34 -57.11 -74.87
CA SER E 621 -90.33 -56.62 -73.93
C SER E 621 -89.15 -56.06 -74.70
N THR E 622 -89.35 -54.92 -75.36
CA THR E 622 -88.34 -54.35 -76.23
C THR E 622 -87.17 -53.79 -75.41
N LYS E 623 -86.05 -53.58 -76.10
CA LYS E 623 -84.86 -53.04 -75.45
C LYS E 623 -85.08 -51.63 -74.92
N ASP E 624 -86.10 -50.94 -75.40
CA ASP E 624 -86.40 -49.60 -74.92
C ASP E 624 -86.69 -49.65 -73.43
N SER E 625 -86.05 -48.75 -72.68
CA SER E 625 -86.17 -48.73 -71.24
C SER E 625 -86.29 -47.29 -70.77
N PHE E 626 -86.71 -47.14 -69.51
CA PHE E 626 -86.73 -45.85 -68.84
C PHE E 626 -86.33 -46.01 -67.40
N GLN E 627 -85.57 -45.05 -66.88
CA GLN E 627 -85.03 -45.15 -65.53
C GLN E 627 -85.56 -44.02 -64.66
N ILE E 628 -85.93 -44.37 -63.44
CA ILE E 628 -86.36 -43.40 -62.44
C ILE E 628 -85.58 -43.64 -61.16
N ALA E 629 -85.36 -42.57 -60.40
CA ALA E 629 -84.76 -42.65 -59.07
C ALA E 629 -85.86 -42.34 -58.06
N THR E 630 -86.10 -43.28 -57.15
CA THR E 630 -87.18 -43.15 -56.18
C THR E 630 -86.58 -42.97 -54.79
N LEU E 631 -87.05 -41.95 -54.08
CA LEU E 631 -86.72 -41.71 -52.67
C LEU E 631 -88.01 -41.25 -52.01
N ILE E 632 -88.81 -42.19 -51.53
CA ILE E 632 -90.11 -41.89 -50.96
C ILE E 632 -89.92 -41.36 -49.55
N CYS E 633 -90.11 -40.06 -49.39
CA CYS E 633 -90.04 -39.42 -48.06
C CYS E 633 -91.45 -39.44 -47.48
N SER E 634 -91.74 -40.51 -46.74
CA SER E 634 -93.05 -40.70 -46.14
C SER E 634 -92.88 -41.16 -44.70
N THR E 635 -93.90 -40.92 -43.90
CA THR E 635 -93.95 -41.39 -42.52
C THR E 635 -94.96 -42.51 -42.33
N LYS E 636 -95.78 -42.78 -43.34
CA LYS E 636 -96.70 -43.91 -43.31
C LYS E 636 -96.35 -44.99 -44.32
N LEU E 637 -95.85 -44.62 -45.49
CA LEU E 637 -95.46 -45.60 -46.49
C LEU E 637 -94.28 -46.44 -46.00
N THR E 638 -94.32 -47.73 -46.28
CA THR E 638 -93.29 -48.67 -45.86
C THR E 638 -92.68 -49.37 -47.06
N GLN E 639 -91.35 -49.39 -47.13
CA GLN E 639 -90.62 -50.13 -48.16
C GLN E 639 -89.84 -51.24 -47.46
N ASN E 640 -90.53 -52.33 -47.15
CA ASN E 640 -89.87 -53.55 -46.70
C ASN E 640 -90.88 -54.68 -46.61
N VAL E 641 -90.51 -55.86 -47.11
CA VAL E 641 -91.37 -57.02 -46.96
C VAL E 641 -91.45 -57.44 -45.50
N ASP E 642 -90.35 -57.24 -44.76
CA ASP E 642 -90.24 -57.76 -43.39
C ASP E 642 -91.26 -57.12 -42.46
N LEU E 643 -91.44 -55.80 -42.54
CA LEU E 643 -92.39 -55.13 -41.64
C LEU E 643 -93.82 -55.61 -41.89
N LEU E 644 -94.22 -55.67 -43.17
CA LEU E 644 -95.57 -56.13 -43.49
C LEU E 644 -95.78 -57.57 -43.03
N GLY E 645 -94.76 -58.42 -43.22
CA GLY E 645 -94.88 -59.80 -42.76
C GLY E 645 -95.00 -59.93 -41.26
N LEU E 646 -94.23 -59.12 -40.52
CA LEU E 646 -94.24 -59.21 -39.06
C LEU E 646 -95.55 -58.66 -38.50
N LEU E 647 -96.04 -57.55 -39.07
CA LEU E 647 -97.36 -57.07 -38.68
C LEU E 647 -98.42 -58.10 -39.02
N ASN E 648 -98.27 -58.78 -40.16
CA ASN E 648 -99.16 -59.85 -40.59
C ASN E 648 -98.65 -61.23 -40.17
N TRP E 649 -97.93 -61.30 -39.04
CA TRP E 649 -97.35 -62.56 -38.62
C TRP E 649 -98.41 -63.62 -38.36
N ARG E 650 -99.63 -63.19 -38.02
CA ARG E 650 -100.68 -64.16 -37.71
C ARG E 650 -101.03 -64.98 -38.93
N SER E 651 -101.20 -64.34 -40.09
CA SER E 651 -101.35 -65.05 -41.35
C SER E 651 -100.02 -65.54 -41.90
N ASN E 652 -98.91 -65.02 -41.39
CA ASN E 652 -97.57 -65.46 -41.77
C ASN E 652 -96.94 -66.28 -40.67
N SER E 653 -97.75 -67.14 -40.03
CA SER E 653 -97.32 -67.86 -38.83
C SER E 653 -96.14 -68.77 -39.11
N GLN E 654 -96.05 -69.32 -40.32
CA GLN E 654 -94.88 -70.11 -40.69
C GLN E 654 -93.62 -69.26 -40.71
N ASN E 655 -93.77 -67.94 -40.77
CA ASN E 655 -92.65 -67.02 -40.91
C ASN E 655 -92.30 -66.32 -39.60
N ILE E 656 -93.01 -66.64 -38.51
CA ILE E 656 -92.82 -65.90 -37.26
C ILE E 656 -91.38 -66.00 -36.80
N LYS E 657 -90.82 -67.21 -36.82
CA LYS E 657 -89.43 -67.39 -36.41
C LYS E 657 -88.49 -66.62 -37.32
N HIS E 658 -88.71 -66.71 -38.63
CA HIS E 658 -87.88 -65.97 -39.58
C HIS E 658 -88.14 -64.47 -39.53
N ASN E 659 -89.41 -64.07 -39.30
CA ASN E 659 -89.71 -62.64 -39.18
C ASN E 659 -89.07 -62.03 -37.94
N LEU E 660 -89.00 -62.79 -36.84
CA LEU E 660 -88.40 -62.29 -35.61
C LEU E 660 -86.92 -61.98 -35.78
N LYS E 661 -86.25 -62.56 -36.76
CA LYS E 661 -84.86 -62.23 -37.06
C LYS E 661 -84.71 -61.28 -38.23
N LYS E 662 -85.63 -61.32 -39.18
CA LYS E 662 -85.64 -60.34 -40.27
C LYS E 662 -86.10 -58.98 -39.81
N LEU E 663 -86.67 -58.88 -38.60
CA LEU E 663 -87.03 -57.58 -38.05
C LEU E 663 -85.79 -56.73 -37.80
N MET E 664 -84.62 -57.36 -37.66
CA MET E 664 -83.40 -56.62 -37.44
C MET E 664 -83.04 -55.73 -38.64
N GLU E 665 -83.21 -56.25 -39.85
CA GLU E 665 -82.80 -55.51 -41.03
C GLU E 665 -83.83 -54.48 -41.46
N VAL E 666 -84.98 -54.40 -40.77
CA VAL E 666 -85.95 -53.37 -41.07
C VAL E 666 -85.39 -52.02 -40.65
N ASP E 667 -85.55 -51.03 -41.52
CA ASP E 667 -85.05 -49.69 -41.23
C ASP E 667 -85.83 -49.08 -40.07
N GLY E 668 -85.09 -48.48 -39.13
CA GLY E 668 -85.72 -47.83 -38.00
C GLY E 668 -86.68 -46.74 -38.42
N GLY E 669 -86.32 -45.97 -39.44
CA GLY E 669 -87.24 -44.97 -39.96
C GLY E 669 -88.56 -45.57 -40.39
N GLU E 670 -88.51 -46.73 -41.04
CA GLU E 670 -89.72 -47.48 -41.33
C GLU E 670 -90.29 -48.14 -40.07
N ILE E 671 -89.43 -48.46 -39.11
CA ILE E 671 -89.88 -49.15 -37.91
C ILE E 671 -90.82 -48.27 -37.10
N VAL E 672 -90.42 -47.02 -36.84
CA VAL E 672 -91.24 -46.13 -36.03
C VAL E 672 -92.45 -45.63 -36.79
N LYS E 673 -92.57 -45.95 -38.08
CA LYS E 673 -93.82 -45.67 -38.78
C LYS E 673 -94.95 -46.53 -38.23
N PHE E 674 -94.64 -47.75 -37.81
CA PHE E 674 -95.62 -48.70 -37.29
C PHE E 674 -95.07 -49.39 -36.04
N LEU E 675 -94.35 -48.63 -35.23
CA LEU E 675 -93.83 -49.15 -33.96
C LEU E 675 -94.93 -49.78 -33.12
N GLN E 676 -96.08 -49.09 -33.01
CA GLN E 676 -97.21 -49.65 -32.26
C GLN E 676 -97.59 -51.03 -32.78
N ASP E 677 -97.81 -51.13 -34.10
CA ASP E 677 -98.29 -52.39 -34.66
C ASP E 677 -97.23 -53.47 -34.55
N THR E 678 -95.95 -53.10 -34.68
CA THR E 678 -94.87 -54.07 -34.53
C THR E 678 -94.83 -54.61 -33.11
N LEU E 679 -94.99 -53.72 -32.12
CA LEU E 679 -95.03 -54.16 -30.73
C LEU E 679 -96.21 -55.08 -30.49
N ASP E 680 -97.39 -54.70 -30.96
CA ASP E 680 -98.57 -55.54 -30.76
C ASP E 680 -98.38 -56.88 -31.44
N ALA E 681 -97.80 -56.87 -32.64
CA ALA E 681 -97.48 -58.12 -33.31
C ALA E 681 -96.61 -58.99 -32.43
N LEU E 682 -95.52 -58.46 -31.91
CA LEU E 682 -94.56 -59.28 -31.16
C LEU E 682 -95.18 -59.77 -29.85
N PHE E 683 -95.98 -58.92 -29.22
CA PHE E 683 -96.56 -59.28 -27.94
C PHE E 683 -97.60 -60.38 -28.11
N ASN E 684 -98.48 -60.23 -29.11
CA ASN E 684 -99.44 -61.27 -29.42
C ASN E 684 -98.75 -62.55 -29.91
N ILE E 685 -97.57 -62.43 -30.53
CA ILE E 685 -96.78 -63.61 -30.82
C ILE E 685 -96.44 -64.34 -29.54
N MET E 686 -95.65 -63.68 -28.68
CA MET E 686 -95.15 -64.40 -27.50
C MET E 686 -96.23 -64.64 -26.46
N MET E 687 -97.49 -64.23 -26.70
CA MET E 687 -98.62 -64.77 -25.95
C MET E 687 -99.24 -65.99 -26.63
N GLU E 688 -99.45 -65.90 -27.96
CA GLU E 688 -100.13 -66.97 -28.67
C GLU E 688 -99.33 -68.26 -28.71
N MET E 689 -98.01 -68.17 -28.61
CA MET E 689 -97.15 -69.34 -28.39
C MET E 689 -96.09 -69.02 -27.36
N SER E 690 -96.55 -68.47 -26.22
CA SER E 690 -95.70 -68.35 -25.05
C SER E 690 -95.13 -69.69 -24.63
N ASP E 691 -95.89 -70.77 -24.84
CA ASP E 691 -95.39 -72.10 -24.54
C ASP E 691 -94.15 -72.42 -25.36
N SER E 692 -94.18 -72.07 -26.65
CA SER E 692 -92.99 -72.18 -27.50
C SER E 692 -92.03 -71.09 -27.09
N GLU E 693 -91.17 -71.38 -26.11
CA GLU E 693 -90.23 -70.38 -25.62
C GLU E 693 -89.19 -69.99 -26.66
N THR E 694 -89.06 -70.75 -27.75
CA THR E 694 -88.22 -70.28 -28.86
C THR E 694 -88.78 -68.98 -29.42
N TYR E 695 -90.10 -68.95 -29.65
CA TYR E 695 -90.73 -67.73 -30.13
C TYR E 695 -90.68 -66.62 -29.10
N ASP E 696 -90.87 -66.95 -27.82
CA ASP E 696 -90.73 -65.93 -26.78
C ASP E 696 -89.33 -65.35 -26.75
N PHE E 697 -88.31 -66.21 -26.91
CA PHE E 697 -86.93 -65.74 -26.91
C PHE E 697 -86.66 -64.84 -28.10
N LEU E 698 -87.17 -65.22 -29.28
CA LEU E 698 -86.93 -64.40 -30.46
C LEU E 698 -87.71 -63.10 -30.41
N VAL E 699 -88.93 -63.13 -29.86
CA VAL E 699 -89.66 -61.89 -29.64
C VAL E 699 -88.92 -61.01 -28.66
N PHE E 700 -88.40 -61.60 -27.60
CA PHE E 700 -87.55 -60.87 -26.65
C PHE E 700 -86.40 -60.20 -27.38
N ASP E 701 -85.67 -60.97 -28.19
CA ASP E 701 -84.47 -60.46 -28.85
C ASP E 701 -84.84 -59.34 -29.82
N ALA E 702 -85.89 -59.54 -30.61
CA ALA E 702 -86.33 -58.54 -31.57
C ALA E 702 -86.77 -57.26 -30.88
N LEU E 703 -87.56 -57.40 -29.81
CA LEU E 703 -88.02 -56.23 -29.06
C LEU E 703 -86.85 -55.47 -28.44
N VAL E 704 -85.88 -56.20 -27.89
CA VAL E 704 -84.72 -55.57 -27.28
C VAL E 704 -83.93 -54.79 -28.34
N PHE E 705 -83.77 -55.41 -29.51
CA PHE E 705 -83.08 -54.72 -30.59
C PHE E 705 -83.84 -53.48 -31.04
N ILE E 706 -85.17 -53.54 -31.07
CA ILE E 706 -85.96 -52.37 -31.45
C ILE E 706 -85.81 -51.24 -30.44
N ILE E 707 -85.90 -51.56 -29.14
CA ILE E 707 -85.78 -50.48 -28.14
C ILE E 707 -84.39 -49.88 -28.17
N SER E 708 -83.36 -50.71 -28.37
CA SER E 708 -82.02 -50.16 -28.54
C SER E 708 -81.95 -49.21 -29.73
N LEU E 709 -82.58 -49.59 -30.85
CA LEU E 709 -82.59 -48.72 -32.02
C LEU E 709 -83.34 -47.43 -31.75
N ILE E 710 -84.48 -47.52 -31.05
CA ILE E 710 -85.30 -46.34 -30.82
C ILE E 710 -84.60 -45.38 -29.86
N GLY E 711 -83.82 -45.91 -28.92
CA GLY E 711 -83.01 -45.06 -28.05
C GLY E 711 -82.12 -44.08 -28.80
N ASP E 712 -81.98 -44.23 -30.12
CA ASP E 712 -81.22 -43.30 -30.93
C ASP E 712 -81.85 -41.90 -30.85
N ILE E 713 -81.01 -40.89 -31.12
CA ILE E 713 -81.48 -39.51 -31.15
C ILE E 713 -82.48 -39.31 -32.28
N LYS E 714 -82.27 -39.97 -33.41
CA LYS E 714 -83.28 -39.96 -34.47
C LYS E 714 -84.63 -40.44 -33.97
N PHE E 715 -84.64 -41.37 -33.02
CA PHE E 715 -85.85 -42.07 -32.62
C PHE E 715 -86.20 -41.77 -31.16
N GLN E 716 -85.45 -40.87 -30.53
CA GLN E 716 -85.77 -40.45 -29.17
C GLN E 716 -87.08 -39.68 -29.11
N HIS E 717 -87.58 -39.21 -30.26
CA HIS E 717 -88.89 -38.59 -30.32
C HIS E 717 -90.01 -39.61 -30.38
N PHE E 718 -89.75 -40.77 -30.95
CA PHE E 718 -90.71 -41.87 -30.94
C PHE E 718 -90.58 -42.71 -29.68
N ASN E 719 -89.52 -42.52 -28.90
CA ASN E 719 -89.50 -43.08 -27.55
C ASN E 719 -90.70 -42.62 -26.72
N PRO E 720 -91.13 -41.36 -26.76
CA PRO E 720 -92.45 -41.05 -26.21
C PRO E 720 -93.58 -41.82 -26.88
N VAL E 721 -93.49 -42.06 -28.19
CA VAL E 721 -94.48 -42.92 -28.83
C VAL E 721 -94.36 -44.35 -28.31
N LEU E 722 -93.14 -44.80 -28.02
CA LEU E 722 -92.96 -46.14 -27.50
C LEU E 722 -93.58 -46.28 -26.11
N GLU E 723 -93.35 -45.31 -25.24
CA GLU E 723 -93.99 -45.33 -23.93
C GLU E 723 -95.49 -45.10 -24.04
N THR E 724 -95.94 -44.38 -25.07
CA THR E 724 -97.35 -44.29 -25.38
C THR E 724 -97.93 -45.67 -25.63
N TYR E 725 -97.22 -46.49 -26.41
CA TYR E 725 -97.64 -47.87 -26.58
C TYR E 725 -97.61 -48.61 -25.25
N ILE E 726 -96.56 -48.39 -24.46
CA ILE E 726 -96.42 -49.09 -23.19
C ILE E 726 -97.66 -48.88 -22.34
N TYR E 727 -98.02 -47.62 -22.13
CA TYR E 727 -99.13 -47.31 -21.24
C TYR E 727 -100.49 -47.53 -21.87
N LYS E 728 -100.60 -47.52 -23.21
CA LYS E 728 -101.90 -47.51 -23.85
C LYS E 728 -102.11 -48.67 -24.82
N HIS E 729 -101.21 -48.86 -25.78
CA HIS E 729 -101.48 -49.73 -26.90
C HIS E 729 -100.97 -51.15 -26.69
N PHE E 730 -100.41 -51.43 -25.51
CA PHE E 730 -99.94 -52.76 -25.18
C PHE E 730 -101.10 -53.71 -24.94
N SER E 731 -100.93 -54.98 -25.35
CA SER E 731 -102.04 -55.92 -25.35
C SER E 731 -101.67 -57.33 -24.89
N ALA E 732 -100.52 -57.52 -24.26
CA ALA E 732 -100.03 -58.86 -23.92
C ALA E 732 -100.26 -59.12 -22.43
N THR E 733 -101.17 -60.05 -22.14
CA THR E 733 -101.56 -60.27 -20.75
C THR E 733 -100.56 -61.08 -19.95
N LEU E 734 -99.62 -61.77 -20.60
CA LEU E 734 -98.62 -62.54 -19.88
C LEU E 734 -97.20 -62.13 -20.24
N ALA E 735 -97.02 -61.06 -21.01
CA ALA E 735 -95.68 -60.60 -21.36
C ALA E 735 -94.85 -60.32 -20.13
N TYR E 736 -95.49 -60.02 -19.00
CA TYR E 736 -94.74 -59.88 -17.77
C TYR E 736 -94.08 -61.20 -17.38
N VAL E 737 -94.87 -62.28 -17.31
CA VAL E 737 -94.30 -63.59 -17.06
C VAL E 737 -93.28 -63.93 -18.12
N LYS E 738 -93.66 -63.80 -19.38
CA LYS E 738 -92.82 -64.30 -20.46
C LYS E 738 -91.49 -63.57 -20.51
N LEU E 739 -91.52 -62.25 -20.42
CA LEU E 739 -90.28 -61.50 -20.56
C LEU E 739 -89.44 -61.54 -19.29
N SER E 740 -90.07 -61.49 -18.10
CA SER E 740 -89.30 -61.67 -16.88
C SER E 740 -88.65 -63.05 -16.86
N LYS E 741 -89.35 -64.04 -17.41
CA LYS E 741 -88.84 -65.38 -17.56
C LYS E 741 -87.63 -65.42 -18.48
N VAL E 742 -87.78 -64.84 -19.67
CA VAL E 742 -86.70 -64.86 -20.66
C VAL E 742 -85.48 -64.13 -20.12
N LEU E 743 -85.69 -63.00 -19.46
CA LEU E 743 -84.55 -62.25 -18.95
C LEU E 743 -83.96 -62.88 -17.70
N ASN E 744 -84.77 -63.59 -16.92
CA ASN E 744 -84.20 -64.41 -15.85
C ASN E 744 -83.30 -65.49 -16.45
N PHE E 745 -83.72 -66.07 -17.57
CA PHE E 745 -82.84 -66.98 -18.30
C PHE E 745 -81.58 -66.26 -18.75
N TYR E 746 -81.72 -65.04 -19.28
CA TYR E 746 -80.56 -64.31 -19.79
C TYR E 746 -79.55 -64.06 -18.67
N VAL E 747 -80.05 -63.69 -17.49
CA VAL E 747 -79.17 -63.44 -16.35
C VAL E 747 -78.53 -64.73 -15.84
N ALA E 748 -79.35 -65.77 -15.64
CA ALA E 748 -78.81 -67.02 -15.12
C ALA E 748 -77.88 -67.69 -16.12
N ASN E 749 -77.90 -67.25 -17.38
CA ASN E 749 -77.05 -67.77 -18.44
C ASN E 749 -76.27 -66.64 -19.11
N ALA E 750 -75.74 -65.72 -18.32
CA ALA E 750 -75.06 -64.55 -18.87
C ALA E 750 -73.68 -64.87 -19.41
N ASP E 751 -72.96 -65.80 -18.77
CA ASP E 751 -71.61 -66.14 -19.21
C ASP E 751 -71.58 -66.65 -20.64
N ASP E 752 -72.71 -67.18 -21.13
CA ASP E 752 -72.82 -67.50 -22.55
C ASP E 752 -72.57 -66.27 -23.39
N SER E 753 -71.70 -66.41 -24.39
CA SER E 753 -71.35 -65.29 -25.26
C SER E 753 -72.37 -65.06 -26.36
N SER E 754 -73.38 -65.92 -26.48
CA SER E 754 -74.51 -65.68 -27.36
C SER E 754 -75.69 -65.06 -26.63
N LYS E 755 -75.83 -65.35 -25.34
CA LYS E 755 -76.72 -64.63 -24.46
C LYS E 755 -76.07 -63.39 -23.86
N THR E 756 -74.75 -63.25 -24.00
CA THR E 756 -74.05 -62.10 -23.45
C THR E 756 -74.54 -60.81 -24.11
N GLU E 757 -74.52 -60.76 -25.44
CA GLU E 757 -75.01 -59.56 -26.13
C GLU E 757 -76.50 -59.38 -25.88
N LEU E 758 -77.24 -60.49 -25.81
CA LEU E 758 -78.67 -60.41 -25.61
C LEU E 758 -78.99 -59.82 -24.24
N LEU E 759 -78.32 -60.33 -23.21
CA LEU E 759 -78.48 -59.77 -21.86
C LEU E 759 -78.01 -58.33 -21.81
N PHE E 760 -76.92 -58.01 -22.50
CA PHE E 760 -76.44 -56.62 -22.51
C PHE E 760 -77.48 -55.67 -23.09
N ALA E 761 -77.97 -55.98 -24.29
CA ALA E 761 -78.93 -55.11 -24.95
C ALA E 761 -80.23 -55.03 -24.15
N ALA E 762 -80.55 -56.09 -23.39
CA ALA E 762 -81.66 -55.98 -22.45
C ALA E 762 -81.30 -55.07 -21.27
N LEU E 763 -80.03 -55.07 -20.88
CA LEU E 763 -79.59 -54.29 -19.74
C LEU E 763 -79.67 -52.79 -20.01
N LYS E 764 -79.21 -52.37 -21.19
CA LYS E 764 -79.26 -50.95 -21.54
C LYS E 764 -80.65 -50.35 -21.39
N ALA E 765 -81.69 -51.09 -21.75
CA ALA E 765 -83.05 -50.55 -21.72
C ALA E 765 -83.91 -51.21 -20.65
N LEU E 766 -83.28 -51.69 -19.57
CA LEU E 766 -84.06 -52.36 -18.52
C LEU E 766 -85.24 -51.49 -18.09
N LYS E 767 -85.03 -50.18 -17.97
CA LYS E 767 -86.13 -49.29 -17.61
C LYS E 767 -87.30 -49.47 -18.56
N TYR E 768 -87.05 -49.34 -19.86
CA TYR E 768 -88.10 -49.50 -20.86
C TYR E 768 -88.73 -50.88 -20.78
N LEU E 769 -87.89 -51.91 -20.70
CA LEU E 769 -88.38 -53.28 -20.80
C LEU E 769 -89.29 -53.64 -19.63
N PHE E 770 -88.94 -53.22 -18.42
CA PHE E 770 -89.89 -53.52 -17.35
C PHE E 770 -90.88 -52.41 -17.06
N ARG E 771 -90.80 -51.26 -17.73
CA ARG E 771 -92.06 -50.52 -17.91
C ARG E 771 -93.06 -51.38 -18.65
N PHE E 772 -92.62 -51.94 -19.78
CA PHE E 772 -93.45 -52.88 -20.52
C PHE E 772 -93.91 -54.04 -19.63
N ILE E 773 -93.00 -54.63 -18.86
CA ILE E 773 -93.32 -55.85 -18.11
C ILE E 773 -94.20 -55.55 -16.90
N ILE E 774 -93.90 -54.51 -16.13
CA ILE E 774 -94.78 -54.16 -15.03
C ILE E 774 -96.16 -53.79 -15.55
N GLN E 775 -96.21 -53.16 -16.73
CA GLN E 775 -97.48 -52.86 -17.35
C GLN E 775 -98.21 -54.15 -17.78
N SER E 776 -97.47 -55.13 -18.29
CA SER E 776 -98.10 -56.41 -18.63
C SER E 776 -98.58 -57.13 -17.39
N ARG E 777 -97.86 -56.98 -16.28
CA ARG E 777 -98.29 -57.53 -15.00
C ARG E 777 -99.62 -56.92 -14.58
N VAL E 778 -99.73 -55.60 -14.63
CA VAL E 778 -100.99 -54.97 -14.22
C VAL E 778 -102.07 -55.24 -15.26
N LEU E 779 -101.69 -55.42 -16.52
CA LEU E 779 -102.67 -55.80 -17.54
C LEU E 779 -103.23 -57.18 -17.24
N TYR E 780 -102.37 -58.09 -16.78
CA TYR E 780 -102.83 -59.39 -16.28
C TYR E 780 -103.74 -59.21 -15.08
N LEU E 781 -103.35 -58.34 -14.14
CA LEU E 781 -104.20 -58.03 -12.99
C LEU E 781 -105.60 -57.65 -13.44
N ARG E 782 -105.69 -56.75 -14.41
CA ARG E 782 -107.00 -56.26 -14.86
C ARG E 782 -107.75 -57.33 -15.63
N PHE E 783 -107.06 -58.02 -16.55
CA PHE E 783 -107.68 -59.05 -17.35
C PHE E 783 -108.13 -60.24 -16.53
N TYR E 784 -107.62 -60.40 -15.31
CA TYR E 784 -108.01 -61.51 -14.45
C TYR E 784 -108.40 -61.07 -13.05
N GLY E 785 -108.68 -59.78 -12.86
CA GLY E 785 -109.14 -59.28 -11.58
C GLY E 785 -108.04 -59.33 -10.54
N GLN E 786 -107.71 -60.55 -10.13
CA GLN E 786 -106.59 -60.80 -9.24
C GLN E 786 -105.58 -61.67 -9.96
N SER E 787 -104.30 -61.44 -9.69
CA SER E 787 -103.24 -62.22 -10.31
C SER E 787 -103.15 -63.54 -9.58
N LYS E 788 -103.74 -64.58 -10.16
CA LYS E 788 -103.39 -65.94 -9.76
C LYS E 788 -101.92 -66.21 -10.03
N ASP E 789 -101.29 -65.44 -10.91
CA ASP E 789 -99.85 -65.35 -11.02
C ASP E 789 -99.26 -64.34 -10.05
N GLY E 790 -100.02 -63.97 -9.01
CA GLY E 790 -99.51 -62.99 -8.06
C GLY E 790 -98.22 -63.43 -7.42
N ASP E 791 -98.12 -64.71 -7.07
CA ASP E 791 -96.86 -65.28 -6.62
C ASP E 791 -95.89 -65.49 -7.76
N GLU E 792 -96.39 -65.95 -8.92
CA GLU E 792 -95.50 -66.43 -9.99
C GLU E 792 -94.57 -65.34 -10.48
N PHE E 793 -95.11 -64.18 -10.83
CA PHE E 793 -94.28 -63.17 -11.46
C PHE E 793 -93.35 -62.49 -10.45
N ASN E 794 -93.87 -62.15 -9.28
CA ASN E 794 -93.03 -61.57 -8.24
C ASN E 794 -91.92 -62.54 -7.85
N ASN E 795 -92.19 -63.85 -7.91
CA ASN E 795 -91.13 -64.81 -7.74
C ASN E 795 -90.17 -64.78 -8.93
N SER E 796 -90.68 -64.79 -10.16
CA SER E 796 -89.80 -64.69 -11.32
C SER E 796 -88.83 -63.54 -11.13
N ILE E 797 -89.33 -62.46 -10.54
CA ILE E 797 -88.45 -61.36 -10.12
C ILE E 797 -87.49 -61.83 -9.04
N ARG E 798 -87.95 -62.62 -8.06
CA ARG E 798 -87.08 -63.00 -6.95
C ARG E 798 -85.98 -63.98 -7.37
N GLN E 799 -86.33 -65.03 -8.11
CA GLN E 799 -85.30 -65.84 -8.75
C GLN E 799 -84.47 -65.05 -9.75
N LEU E 800 -84.98 -63.94 -10.31
CA LEU E 800 -84.08 -63.10 -11.08
C LEU E 800 -83.10 -62.37 -10.18
N PHE E 801 -83.55 -61.99 -8.98
CA PHE E 801 -82.63 -61.52 -7.95
C PHE E 801 -81.54 -62.54 -7.70
N LEU E 802 -81.95 -63.80 -7.54
CA LEU E 802 -80.98 -64.84 -7.21
C LEU E 802 -80.08 -65.14 -8.40
N ALA E 803 -80.62 -65.04 -9.61
CA ALA E 803 -79.78 -65.14 -10.80
C ALA E 803 -78.76 -64.01 -10.81
N PHE E 804 -79.17 -62.82 -10.38
CA PHE E 804 -78.23 -61.72 -10.20
C PHE E 804 -77.13 -62.15 -9.25
N ASN E 805 -77.52 -62.62 -8.07
CA ASN E 805 -76.56 -62.91 -7.01
C ASN E 805 -75.59 -64.00 -7.45
N MET E 806 -76.09 -65.03 -8.12
CA MET E 806 -75.21 -66.11 -8.55
C MET E 806 -74.35 -65.71 -9.73
N LEU E 807 -74.89 -64.94 -10.67
CA LEU E 807 -74.09 -64.45 -11.80
C LEU E 807 -72.92 -63.61 -11.31
N MET E 808 -73.18 -62.69 -10.39
CA MET E 808 -72.14 -61.76 -9.95
C MET E 808 -71.29 -62.31 -8.81
N ASP E 809 -71.75 -63.35 -8.12
CA ASP E 809 -70.85 -64.09 -7.25
C ASP E 809 -69.71 -64.72 -8.03
N ARG E 810 -69.92 -64.98 -9.33
CA ARG E 810 -68.84 -65.46 -10.17
C ARG E 810 -67.81 -64.35 -10.37
N PRO E 811 -66.60 -64.68 -10.79
CA PRO E 811 -65.56 -63.66 -10.96
C PRO E 811 -65.96 -62.56 -11.93
N LEU E 812 -65.32 -61.40 -11.76
CA LEU E 812 -65.68 -60.19 -12.51
C LEU E 812 -65.23 -60.29 -13.97
N GLU E 813 -64.29 -61.17 -14.29
CA GLU E 813 -63.71 -61.19 -15.63
C GLU E 813 -64.73 -61.50 -16.71
N GLU E 814 -65.56 -62.52 -16.51
CA GLU E 814 -66.47 -62.95 -17.57
C GLU E 814 -67.46 -61.84 -17.94
N ALA E 815 -67.95 -61.11 -16.94
CA ALA E 815 -69.11 -60.25 -17.09
C ALA E 815 -68.94 -58.95 -16.30
N VAL E 816 -67.76 -58.32 -16.41
CA VAL E 816 -67.56 -57.03 -15.76
C VAL E 816 -68.51 -56.00 -16.32
N LYS E 817 -68.67 -55.99 -17.65
CA LYS E 817 -69.59 -55.05 -18.28
C LYS E 817 -71.04 -55.41 -17.96
N ILE E 818 -71.34 -56.70 -17.84
CA ILE E 818 -72.68 -57.11 -17.43
C ILE E 818 -72.98 -56.62 -16.02
N LYS E 819 -72.01 -56.75 -15.11
CA LYS E 819 -72.19 -56.23 -13.77
C LYS E 819 -72.39 -54.73 -13.79
N GLY E 820 -71.59 -54.03 -14.61
CA GLY E 820 -71.75 -52.59 -14.72
C GLY E 820 -73.13 -52.21 -15.21
N ALA E 821 -73.62 -52.90 -16.23
CA ALA E 821 -74.95 -52.59 -16.76
C ALA E 821 -76.03 -52.94 -15.76
N ALA E 822 -75.85 -54.03 -15.02
CA ALA E 822 -76.78 -54.34 -13.94
C ALA E 822 -76.81 -53.21 -12.94
N LEU E 823 -75.65 -52.80 -12.45
CA LEU E 823 -75.58 -51.70 -11.48
C LEU E 823 -76.24 -50.45 -12.04
N LYS E 824 -76.00 -50.16 -13.32
CA LYS E 824 -76.50 -48.91 -13.91
C LYS E 824 -78.01 -48.95 -14.07
N TYR E 825 -78.53 -49.95 -14.80
CA TYR E 825 -79.92 -49.95 -15.21
C TYR E 825 -80.81 -50.75 -14.29
N LEU E 826 -80.27 -51.29 -13.22
CA LEU E 826 -81.06 -51.96 -12.20
C LEU E 826 -81.94 -50.98 -11.43
N PRO E 827 -81.43 -49.82 -11.00
CA PRO E 827 -82.34 -48.81 -10.42
C PRO E 827 -83.24 -48.16 -11.43
N SER E 828 -82.97 -48.35 -12.73
CA SER E 828 -83.87 -47.84 -13.76
C SER E 828 -85.19 -48.60 -13.75
N ILE E 829 -85.21 -49.76 -13.10
CA ILE E 829 -86.38 -50.63 -13.13
C ILE E 829 -86.96 -50.81 -11.76
N ILE E 830 -86.25 -50.39 -10.72
CA ILE E 830 -86.79 -50.52 -9.38
C ILE E 830 -88.06 -49.69 -9.25
N ASN E 831 -88.05 -48.49 -9.86
CA ASN E 831 -89.28 -47.71 -9.85
C ASN E 831 -90.35 -48.34 -10.74
N ASP E 832 -89.96 -49.03 -11.81
CA ASP E 832 -90.94 -49.78 -12.58
C ASP E 832 -91.62 -50.82 -11.70
N VAL E 833 -90.82 -51.53 -10.91
CA VAL E 833 -91.32 -52.65 -10.13
C VAL E 833 -91.99 -52.18 -8.85
N LYS E 834 -91.78 -50.91 -8.47
CA LYS E 834 -92.47 -50.37 -7.30
C LYS E 834 -93.97 -50.44 -7.47
N LEU E 835 -94.43 -50.54 -8.72
CA LEU E 835 -95.86 -50.71 -8.98
C LEU E 835 -96.40 -52.00 -8.40
N VAL E 836 -95.62 -53.10 -8.48
CA VAL E 836 -96.16 -54.43 -8.26
C VAL E 836 -95.31 -55.28 -7.32
N PHE E 837 -94.42 -54.68 -6.53
CA PHE E 837 -93.61 -55.44 -5.60
C PHE E 837 -93.51 -54.69 -4.27
N ASP E 838 -93.23 -55.43 -3.21
CA ASP E 838 -93.06 -54.81 -1.91
C ASP E 838 -91.75 -54.03 -1.87
N PRO E 839 -91.79 -52.75 -1.49
CA PRO E 839 -90.54 -51.97 -1.46
C PRO E 839 -89.49 -52.56 -0.53
N VAL E 840 -89.90 -53.11 0.61
CA VAL E 840 -88.92 -53.59 1.58
C VAL E 840 -88.33 -54.91 1.13
N GLU E 841 -89.18 -55.84 0.70
CA GLU E 841 -88.69 -57.12 0.19
C GLU E 841 -87.80 -56.90 -1.02
N LEU E 842 -88.21 -55.99 -1.90
CA LEU E 842 -87.38 -55.64 -3.05
C LEU E 842 -86.05 -55.08 -2.58
N SER E 843 -86.09 -54.18 -1.60
CA SER E 843 -84.88 -53.54 -1.09
C SER E 843 -83.92 -54.56 -0.52
N VAL E 844 -84.45 -55.53 0.22
CA VAL E 844 -83.58 -56.51 0.87
C VAL E 844 -83.12 -57.55 -0.14
N LEU E 845 -83.92 -57.84 -1.16
CA LEU E 845 -83.47 -58.71 -2.23
C LEU E 845 -82.26 -58.11 -2.93
N PHE E 846 -82.33 -56.81 -3.22
CA PHE E 846 -81.15 -56.11 -3.70
C PHE E 846 -80.02 -56.12 -2.66
N CYS E 847 -80.36 -55.98 -1.38
CA CYS E 847 -79.32 -56.02 -0.36
C CYS E 847 -78.58 -57.35 -0.39
N LYS E 848 -79.30 -58.44 -0.58
CA LYS E 848 -78.69 -59.76 -0.75
C LYS E 848 -77.79 -59.75 -1.98
N PHE E 849 -78.28 -59.19 -3.07
CA PHE E 849 -77.46 -59.08 -4.27
C PHE E 849 -76.16 -58.33 -3.97
N ILE E 850 -76.26 -57.26 -3.19
CA ILE E 850 -75.13 -56.36 -2.98
C ILE E 850 -74.19 -56.91 -1.93
N GLN E 851 -74.65 -57.84 -1.12
CA GLN E 851 -73.74 -58.56 -0.24
C GLN E 851 -73.25 -59.84 -0.89
N SER E 852 -73.84 -60.24 -2.01
CA SER E 852 -73.17 -61.15 -2.91
C SER E 852 -72.04 -60.45 -3.66
N ILE E 853 -71.84 -59.16 -3.43
CA ILE E 853 -70.66 -58.44 -3.92
C ILE E 853 -69.40 -58.97 -3.25
N PRO E 854 -68.43 -59.45 -4.02
CA PRO E 854 -67.05 -59.41 -3.53
C PRO E 854 -66.58 -57.97 -3.56
N ASP E 855 -66.19 -57.46 -2.41
CA ASP E 855 -66.25 -56.02 -2.13
C ASP E 855 -65.09 -55.24 -2.72
N ASN E 856 -64.50 -55.71 -3.81
CA ASN E 856 -63.41 -55.02 -4.49
C ASN E 856 -63.59 -55.01 -6.01
N GLN E 857 -64.80 -54.66 -6.48
CA GLN E 857 -65.12 -54.72 -7.91
C GLN E 857 -66.06 -53.59 -8.29
N LEU E 858 -65.63 -52.72 -9.20
CA LEU E 858 -66.47 -51.69 -9.81
C LEU E 858 -67.09 -50.78 -8.75
N VAL E 859 -66.23 -50.03 -8.08
CA VAL E 859 -66.64 -49.27 -6.91
C VAL E 859 -67.54 -48.09 -7.29
N ARG E 860 -67.06 -47.20 -8.14
CA ARG E 860 -67.90 -46.07 -8.52
C ARG E 860 -69.14 -46.53 -9.29
N GLN E 861 -69.08 -47.72 -9.85
CA GLN E 861 -70.22 -48.25 -10.60
C GLN E 861 -71.37 -48.60 -9.66
N LYS E 862 -71.08 -49.34 -8.60
CA LYS E 862 -72.09 -49.56 -7.58
C LYS E 862 -72.45 -48.26 -6.86
N LEU E 863 -71.53 -47.31 -6.80
CA LEU E 863 -71.92 -45.98 -6.34
C LEU E 863 -73.02 -45.43 -7.22
N ASN E 864 -72.85 -45.54 -8.52
CA ASN E 864 -73.90 -45.14 -9.46
C ASN E 864 -75.17 -45.92 -9.20
N CYS E 865 -75.02 -47.23 -8.94
CA CYS E 865 -76.18 -48.07 -8.75
C CYS E 865 -77.01 -47.59 -7.58
N MET E 866 -76.39 -47.46 -6.42
CA MET E 866 -77.13 -46.99 -5.27
C MET E 866 -77.66 -45.60 -5.50
N THR E 867 -76.92 -44.78 -6.25
CA THR E 867 -77.32 -43.40 -6.47
C THR E 867 -78.60 -43.33 -7.26
N LYS E 868 -78.68 -44.11 -8.34
CA LYS E 868 -79.92 -44.21 -9.10
C LYS E 868 -81.00 -44.88 -8.26
N ILE E 869 -80.60 -45.73 -7.31
CA ILE E 869 -81.59 -46.37 -6.44
C ILE E 869 -82.26 -45.33 -5.56
N VAL E 870 -81.47 -44.57 -4.80
CA VAL E 870 -82.00 -43.54 -3.93
C VAL E 870 -82.63 -42.43 -4.74
N GLU E 871 -82.25 -42.32 -6.01
CA GLU E 871 -82.94 -41.41 -6.92
C GLU E 871 -84.42 -41.72 -6.95
N SER E 872 -84.79 -42.88 -7.47
CA SER E 872 -86.14 -43.36 -7.37
C SER E 872 -86.34 -43.97 -6.00
N THR E 873 -87.50 -44.56 -5.76
CA THR E 873 -87.66 -45.61 -4.76
C THR E 873 -87.38 -45.08 -3.35
N LEU E 874 -86.91 -43.84 -3.27
CA LEU E 874 -86.68 -43.24 -1.97
C LEU E 874 -87.75 -42.24 -1.60
N PHE E 875 -88.50 -41.73 -2.57
CA PHE E 875 -89.74 -41.04 -2.25
C PHE E 875 -90.57 -41.84 -1.26
N ARG E 876 -90.44 -43.16 -1.29
CA ARG E 876 -90.85 -44.03 -0.19
C ARG E 876 -89.61 -44.36 0.64
N GLN E 877 -89.32 -43.45 1.57
CA GLN E 877 -88.02 -43.44 2.22
C GLN E 877 -87.97 -44.38 3.43
N SER E 878 -88.86 -44.17 4.39
CA SER E 878 -88.77 -44.81 5.71
C SER E 878 -88.76 -46.32 5.67
N GLU E 879 -88.96 -46.95 4.51
CA GLU E 879 -89.00 -48.41 4.43
C GLU E 879 -87.81 -49.01 3.70
N CYS E 880 -86.97 -48.22 3.05
CA CYS E 880 -85.79 -48.75 2.40
C CYS E 880 -84.56 -47.98 2.85
N ARG E 881 -84.77 -46.71 3.20
CA ARG E 881 -83.68 -45.87 3.69
C ARG E 881 -82.93 -46.55 4.81
N GLU E 882 -83.67 -47.05 5.80
CA GLU E 882 -83.11 -47.70 6.97
C GLU E 882 -82.56 -49.09 6.66
N VAL E 883 -82.87 -49.66 5.49
CA VAL E 883 -82.31 -50.96 5.12
C VAL E 883 -81.15 -50.83 4.16
N LEU E 884 -81.07 -49.73 3.41
CA LEU E 884 -79.95 -49.56 2.49
C LEU E 884 -78.81 -48.82 3.14
N LEU E 885 -79.11 -47.70 3.82
CA LEU E 885 -78.07 -46.96 4.53
C LEU E 885 -77.18 -47.85 5.39
N PRO E 886 -77.65 -48.94 6.00
CA PRO E 886 -76.71 -49.88 6.59
C PRO E 886 -75.60 -50.26 5.62
N LEU E 887 -76.01 -50.85 4.50
CA LEU E 887 -75.05 -51.31 3.51
C LEU E 887 -74.27 -50.15 2.91
N LEU E 888 -74.91 -48.98 2.81
CA LEU E 888 -74.28 -47.89 2.12
C LEU E 888 -73.27 -47.19 3.03
N THR E 889 -73.55 -47.11 4.31
CA THR E 889 -72.51 -46.69 5.23
C THR E 889 -71.43 -47.76 5.34
N ASP E 890 -71.78 -49.02 5.10
CA ASP E 890 -70.73 -50.01 4.96
C ASP E 890 -69.75 -49.60 3.87
N GLN E 891 -70.27 -49.28 2.68
CA GLN E 891 -69.35 -48.87 1.62
C GLN E 891 -68.66 -47.57 1.98
N LEU E 892 -69.34 -46.69 2.72
CA LEU E 892 -68.74 -45.42 3.11
C LEU E 892 -67.55 -45.63 4.03
N SER E 893 -67.75 -46.37 5.12
CA SER E 893 -66.67 -46.64 6.04
C SER E 893 -65.56 -47.43 5.38
N GLY E 894 -65.88 -48.25 4.38
CA GLY E 894 -64.83 -48.80 3.54
C GLY E 894 -64.09 -47.72 2.78
N GLN E 895 -64.81 -46.72 2.32
CA GLN E 895 -64.23 -45.57 1.63
C GLN E 895 -63.54 -44.60 2.59
N LEU E 896 -63.69 -44.79 3.89
CA LEU E 896 -63.17 -43.89 4.92
C LEU E 896 -61.69 -43.68 4.66
N ASP E 897 -60.97 -44.79 4.65
CA ASP E 897 -59.58 -44.81 4.22
C ASP E 897 -59.27 -46.23 3.78
N ASP E 898 -59.34 -46.48 2.48
CA ASP E 898 -58.91 -47.74 1.91
C ASP E 898 -57.75 -47.56 0.96
N ASN E 899 -57.25 -46.33 0.81
CA ASN E 899 -56.18 -45.96 -0.10
C ASN E 899 -56.52 -46.29 -1.55
N SER E 900 -57.77 -46.65 -1.81
CA SER E 900 -58.28 -46.91 -3.16
C SER E 900 -59.44 -45.99 -3.50
N ASN E 901 -59.61 -44.90 -2.73
CA ASN E 901 -60.64 -43.93 -2.99
C ASN E 901 -60.37 -43.10 -4.23
N LYS E 902 -59.16 -43.22 -4.81
CA LYS E 902 -58.80 -42.34 -5.93
C LYS E 902 -59.71 -42.48 -7.13
N PRO E 903 -60.39 -43.60 -7.39
CA PRO E 903 -61.56 -43.55 -8.27
C PRO E 903 -62.80 -43.08 -7.56
N ASP E 904 -62.91 -43.33 -6.26
CA ASP E 904 -64.15 -43.10 -5.56
C ASP E 904 -64.25 -41.74 -4.89
N HIS E 905 -63.23 -40.88 -4.96
CA HIS E 905 -63.34 -39.59 -4.32
C HIS E 905 -64.54 -38.80 -4.83
N GLU E 906 -64.50 -38.42 -6.10
CA GLU E 906 -65.59 -37.61 -6.64
C GLU E 906 -66.89 -38.40 -6.67
N ALA E 907 -66.80 -39.71 -6.89
CA ALA E 907 -68.00 -40.53 -6.91
C ALA E 907 -68.68 -40.54 -5.54
N SER E 908 -67.89 -40.66 -4.47
CA SER E 908 -68.43 -40.65 -3.12
C SER E 908 -68.95 -39.27 -2.75
N SER E 909 -68.26 -38.22 -3.17
CA SER E 909 -68.80 -36.88 -2.97
C SER E 909 -70.16 -36.76 -3.64
N GLN E 910 -70.29 -37.29 -4.86
CA GLN E 910 -71.57 -37.32 -5.55
C GLN E 910 -72.59 -38.13 -4.75
N LEU E 911 -72.14 -39.24 -4.16
CA LEU E 911 -73.01 -40.04 -3.33
C LEU E 911 -73.60 -39.13 -2.26
N LEU E 912 -72.72 -38.63 -1.39
CA LEU E 912 -73.05 -37.62 -0.39
C LEU E 912 -74.03 -36.60 -0.91
N SER E 913 -73.75 -36.04 -2.08
CA SER E 913 -74.61 -35.03 -2.67
C SER E 913 -76.04 -35.52 -2.79
N ASN E 914 -76.22 -36.58 -3.57
CA ASN E 914 -77.57 -37.02 -3.89
C ASN E 914 -78.28 -37.54 -2.65
N ILE E 915 -77.54 -38.18 -1.76
CA ILE E 915 -78.16 -38.71 -0.55
C ILE E 915 -78.56 -37.57 0.37
N LEU E 916 -77.73 -36.53 0.50
CA LEU E 916 -78.11 -35.39 1.31
C LEU E 916 -79.32 -34.70 0.71
N GLU E 917 -79.40 -34.67 -0.62
CA GLU E 917 -80.60 -34.19 -1.30
C GLU E 917 -81.82 -34.98 -0.85
N VAL E 918 -81.83 -36.27 -1.17
CA VAL E 918 -83.03 -37.08 -1.00
C VAL E 918 -83.41 -37.19 0.46
N LEU E 919 -82.43 -37.37 1.35
CA LEU E 919 -82.71 -37.35 2.78
C LEU E 919 -83.20 -35.98 3.21
N ASP E 920 -82.70 -34.92 2.58
CA ASP E 920 -83.18 -33.58 2.83
C ASP E 920 -84.39 -33.22 1.99
N ARG E 921 -84.70 -34.01 0.96
CA ARG E 921 -85.95 -33.80 0.25
C ARG E 921 -87.13 -34.04 1.19
N LYS E 922 -87.95 -33.00 1.35
CA LYS E 922 -88.96 -33.00 2.42
C LYS E 922 -90.01 -34.08 2.19
N ASP E 923 -90.48 -34.22 0.95
CA ASP E 923 -91.51 -35.19 0.61
C ASP E 923 -90.99 -36.62 0.51
N VAL E 924 -89.71 -36.78 0.17
CA VAL E 924 -89.14 -38.10 -0.03
C VAL E 924 -89.27 -38.97 1.23
N GLY E 925 -89.19 -38.35 2.41
CA GLY E 925 -89.49 -39.10 3.62
C GLY E 925 -88.80 -38.57 4.86
N ALA E 926 -89.49 -38.62 5.98
CA ALA E 926 -88.90 -38.17 7.24
C ALA E 926 -87.75 -39.08 7.63
N THR E 927 -86.61 -38.47 7.94
CA THR E 927 -85.40 -39.22 8.24
C THR E 927 -84.58 -38.62 9.36
N ALA E 928 -85.16 -37.72 10.17
CA ALA E 928 -84.39 -36.99 11.17
C ALA E 928 -83.64 -37.95 12.10
N VAL E 929 -84.33 -38.96 12.61
CA VAL E 929 -83.64 -39.96 13.41
C VAL E 929 -82.66 -40.76 12.56
N HIS E 930 -83.06 -41.10 11.34
CA HIS E 930 -82.13 -41.74 10.41
C HIS E 930 -81.04 -40.77 9.99
N ILE E 931 -81.33 -39.46 10.01
CA ILE E 931 -80.28 -38.45 9.84
C ILE E 931 -79.26 -38.57 10.95
N GLN E 932 -79.73 -38.72 12.19
CA GLN E 932 -78.80 -38.95 13.29
C GLN E 932 -78.06 -40.26 13.13
N LEU E 933 -78.72 -41.28 12.58
CA LEU E 933 -78.04 -42.53 12.24
C LEU E 933 -76.88 -42.25 11.29
N ILE E 934 -77.17 -41.47 10.25
CA ILE E 934 -76.14 -41.04 9.32
C ILE E 934 -75.02 -40.34 10.05
N MET E 935 -75.36 -39.47 10.99
CA MET E 935 -74.29 -38.77 11.69
C MET E 935 -73.39 -39.76 12.42
N GLU E 936 -74.01 -40.53 13.30
CA GLU E 936 -73.29 -41.46 14.15
C GLU E 936 -72.49 -42.47 13.35
N ARG E 937 -72.92 -42.80 12.13
CA ARG E 937 -72.19 -43.80 11.38
C ARG E 937 -71.37 -43.24 10.22
N LEU E 938 -71.40 -41.93 10.01
CA LEU E 938 -70.72 -41.37 8.86
C LEU E 938 -69.83 -40.18 9.14
N LEU E 939 -69.90 -39.54 10.31
CA LEU E 939 -69.16 -38.30 10.49
C LEU E 939 -67.70 -38.50 10.90
N ARG E 940 -67.41 -39.26 11.96
CA ARG E 940 -66.00 -39.56 12.19
C ARG E 940 -65.39 -40.18 10.95
N ARG E 941 -66.19 -40.99 10.26
CA ARG E 941 -65.85 -41.57 8.98
C ARG E 941 -65.39 -40.52 7.98
N ILE E 942 -66.29 -39.61 7.61
CA ILE E 942 -65.98 -38.67 6.55
C ILE E 942 -64.98 -37.62 7.01
N ASN E 943 -64.89 -37.37 8.31
CA ASN E 943 -63.92 -36.40 8.79
C ASN E 943 -62.52 -36.97 8.77
N ARG E 944 -62.37 -38.25 9.10
CA ARG E 944 -61.09 -38.85 8.79
C ARG E 944 -60.88 -38.96 7.29
N THR E 945 -61.95 -39.02 6.51
CA THR E 945 -61.80 -39.10 5.07
C THR E 945 -61.34 -37.77 4.49
N VAL E 946 -61.75 -36.65 5.10
CA VAL E 946 -61.28 -35.35 4.66
C VAL E 946 -59.97 -35.01 5.33
N ILE E 947 -59.62 -35.72 6.40
CA ILE E 947 -58.21 -35.86 6.73
C ILE E 947 -57.50 -36.43 5.52
N GLY E 948 -58.11 -37.42 4.88
CA GLY E 948 -57.60 -37.90 3.61
C GLY E 948 -57.68 -36.87 2.50
N MET E 949 -58.86 -36.28 2.28
CA MET E 949 -58.99 -35.37 1.15
C MET E 949 -58.67 -33.94 1.49
N ASN E 950 -57.77 -33.72 2.46
CA ASN E 950 -57.43 -32.37 2.90
C ASN E 950 -56.64 -31.58 1.87
N ARG E 951 -56.47 -32.10 0.66
CA ARG E 951 -55.76 -31.40 -0.40
C ARG E 951 -56.68 -30.46 -1.16
N GLN E 952 -56.20 -29.23 -1.40
CA GLN E 952 -57.05 -28.19 -1.98
C GLN E 952 -57.32 -28.45 -3.46
N SER E 953 -56.33 -28.93 -4.21
CA SER E 953 -56.49 -29.06 -5.66
C SER E 953 -57.68 -29.91 -6.08
N PRO E 954 -57.99 -31.06 -5.47
CA PRO E 954 -59.15 -31.82 -5.91
C PRO E 954 -60.45 -31.15 -5.51
N HIS E 955 -61.52 -31.90 -5.64
CA HIS E 955 -62.88 -31.48 -5.35
C HIS E 955 -63.12 -31.40 -3.85
N ILE E 956 -62.04 -31.26 -3.09
CA ILE E 956 -62.13 -30.97 -1.67
C ILE E 956 -63.25 -29.98 -1.38
N GLY E 957 -63.40 -28.97 -2.23
CA GLY E 957 -64.48 -28.02 -2.03
C GLY E 957 -65.84 -28.67 -2.17
N SER E 958 -65.98 -29.57 -3.14
CA SER E 958 -67.26 -30.26 -3.30
C SER E 958 -67.55 -31.15 -2.10
N PHE E 959 -66.52 -31.84 -1.58
CA PHE E 959 -66.70 -32.61 -0.35
C PHE E 959 -67.07 -31.69 0.80
N VAL E 960 -66.44 -30.53 0.87
CA VAL E 960 -66.80 -29.54 1.88
C VAL E 960 -68.28 -29.23 1.77
N ALA E 961 -68.74 -28.96 0.55
CA ALA E 961 -70.15 -28.71 0.30
C ALA E 961 -70.98 -29.87 0.81
N CYS E 962 -70.52 -31.09 0.57
CA CYS E 962 -71.25 -32.26 1.03
C CYS E 962 -71.50 -32.19 2.53
N MET E 963 -70.42 -32.24 3.32
CA MET E 963 -70.72 -32.43 4.73
C MET E 963 -71.31 -31.17 5.34
N ILE E 964 -71.12 -30.02 4.72
CA ILE E 964 -71.74 -28.85 5.31
C ILE E 964 -73.21 -28.78 4.92
N ALA E 965 -73.56 -29.33 3.77
CA ALA E 965 -74.96 -29.57 3.48
C ALA E 965 -75.55 -30.47 4.54
N LEU E 966 -74.83 -31.54 4.88
CA LEU E 966 -75.23 -32.38 5.99
C LEU E 966 -75.50 -31.53 7.23
N LEU E 967 -74.56 -30.66 7.57
CA LEU E 967 -74.74 -29.78 8.71
C LEU E 967 -76.04 -29.00 8.59
N GLN E 968 -76.29 -28.43 7.41
CA GLN E 968 -77.48 -27.62 7.19
C GLN E 968 -78.74 -28.43 7.42
N GLN E 969 -78.81 -29.60 6.84
CA GLN E 969 -80.00 -30.43 6.80
C GLN E 969 -80.30 -31.06 8.10
N MET E 970 -79.62 -30.66 9.16
CA MET E 970 -79.54 -31.49 10.35
C MET E 970 -79.73 -30.60 11.57
N ASP E 971 -80.03 -31.24 12.71
CA ASP E 971 -80.38 -30.53 13.93
C ASP E 971 -79.40 -30.86 15.06
N ASP E 972 -79.27 -29.91 15.98
CA ASP E 972 -78.45 -30.11 17.17
C ASP E 972 -79.01 -31.22 18.04
N SER E 973 -80.31 -31.48 17.94
CA SER E 973 -80.84 -32.71 18.51
C SER E 973 -80.07 -33.91 18.00
N HIS E 974 -79.65 -33.85 16.75
CA HIS E 974 -78.85 -34.93 16.19
C HIS E 974 -77.38 -34.75 16.55
N TYR E 975 -76.87 -33.52 16.44
CA TYR E 975 -75.47 -33.30 16.80
C TYR E 975 -75.16 -33.67 18.24
N SER E 976 -75.63 -32.87 19.20
CA SER E 976 -75.26 -33.11 20.59
C SER E 976 -75.66 -34.49 21.07
N HIS E 977 -76.47 -35.20 20.29
CA HIS E 977 -76.81 -36.57 20.64
C HIS E 977 -75.56 -37.45 20.69
N TYR E 978 -74.71 -37.37 19.65
CA TYR E 978 -73.53 -38.22 19.61
C TYR E 978 -72.27 -37.50 19.14
N ILE E 979 -72.36 -36.37 18.44
CA ILE E 979 -71.24 -35.44 18.37
C ILE E 979 -70.78 -35.07 19.78
N SER E 980 -71.71 -34.75 20.67
CA SER E 980 -71.32 -34.49 22.04
C SER E 980 -71.08 -35.77 22.84
N THR E 981 -71.36 -36.92 22.25
CA THR E 981 -71.34 -38.19 22.96
C THR E 981 -70.59 -39.26 22.15
N PHE E 982 -69.40 -38.92 21.65
CA PHE E 982 -68.55 -39.92 21.02
C PHE E 982 -67.90 -40.83 22.03
N LYS E 983 -66.85 -41.53 21.60
CA LYS E 983 -66.10 -42.46 22.43
C LYS E 983 -65.30 -41.67 23.47
N THR E 984 -64.33 -42.34 24.10
CA THR E 984 -63.52 -41.75 25.16
C THR E 984 -63.11 -40.31 24.83
N ARG E 985 -63.04 -39.48 25.88
CA ARG E 985 -62.84 -38.06 25.71
C ARG E 985 -61.59 -37.76 24.88
N GLN E 986 -60.60 -38.64 24.94
CA GLN E 986 -59.39 -38.43 24.16
C GLN E 986 -59.67 -38.53 22.67
N ASP E 987 -60.40 -39.57 22.25
CA ASP E 987 -60.74 -39.72 20.83
C ASP E 987 -61.57 -38.54 20.34
N ILE E 988 -62.56 -38.12 21.11
CA ILE E 988 -63.40 -37.03 20.66
C ILE E 988 -62.60 -35.73 20.55
N ILE E 989 -61.67 -35.50 21.48
CA ILE E 989 -60.86 -34.29 21.37
C ILE E 989 -59.89 -34.39 20.19
N ASP E 990 -59.42 -35.60 19.89
CA ASP E 990 -58.63 -35.76 18.67
C ASP E 990 -59.47 -35.43 17.44
N PHE E 991 -60.72 -35.90 17.44
CA PHE E 991 -61.66 -35.53 16.40
C PHE E 991 -61.80 -34.03 16.27
N LEU E 992 -61.95 -33.33 17.40
CA LEU E 992 -62.15 -31.89 17.32
C LEU E 992 -60.87 -31.15 16.94
N MET E 993 -59.70 -31.66 17.34
CA MET E 993 -58.46 -31.19 16.75
C MET E 993 -58.53 -31.26 15.24
N GLU E 994 -58.90 -32.44 14.72
CA GLU E 994 -59.03 -32.62 13.28
C GLU E 994 -59.93 -31.56 12.69
N THR E 995 -61.16 -31.48 13.17
CA THR E 995 -62.16 -30.64 12.56
C THR E 995 -61.77 -29.17 12.65
N PHE E 996 -61.18 -28.76 13.78
CA PHE E 996 -60.85 -27.36 13.96
C PHE E 996 -59.66 -26.94 13.10
N ILE E 997 -58.62 -27.78 13.02
CA ILE E 997 -57.51 -27.43 12.15
C ILE E 997 -57.99 -27.41 10.71
N MET E 998 -58.88 -28.31 10.34
CA MET E 998 -59.43 -28.32 8.99
C MET E 998 -60.20 -27.04 8.72
N PHE E 999 -61.02 -26.63 9.68
CA PHE E 999 -61.76 -25.39 9.50
C PHE E 999 -60.81 -24.21 9.34
N LYS E 1000 -59.78 -24.15 10.18
CA LYS E 1000 -58.85 -23.03 10.10
C LYS E 1000 -58.08 -23.08 8.79
N ASP E 1001 -57.89 -24.27 8.24
CA ASP E 1001 -57.19 -24.39 6.97
C ASP E 1001 -58.10 -24.12 5.78
N LEU E 1002 -59.40 -24.23 5.96
CA LEU E 1002 -60.32 -23.82 4.91
C LEU E 1002 -60.58 -22.31 4.92
N ILE E 1003 -60.71 -21.70 6.09
CA ILE E 1003 -60.90 -20.26 6.13
C ILE E 1003 -59.67 -19.56 5.57
N GLY E 1004 -58.49 -19.98 5.99
CA GLY E 1004 -57.30 -19.66 5.25
C GLY E 1004 -57.31 -20.40 3.92
N LYS E 1005 -56.64 -19.82 2.93
CA LYS E 1005 -56.65 -20.32 1.55
C LYS E 1005 -58.04 -20.82 1.18
N ASN E 1006 -59.00 -19.90 1.27
CA ASN E 1006 -60.39 -20.24 1.05
C ASN E 1006 -60.57 -20.95 -0.29
N VAL E 1007 -61.64 -21.74 -0.36
CA VAL E 1007 -61.80 -22.66 -1.47
C VAL E 1007 -62.86 -22.16 -2.44
N TYR E 1008 -63.11 -20.85 -2.42
CA TYR E 1008 -64.00 -20.23 -3.40
C TYR E 1008 -63.19 -19.47 -4.44
N ALA E 1009 -63.90 -18.88 -5.38
CA ALA E 1009 -63.30 -18.03 -6.39
C ALA E 1009 -63.38 -16.55 -6.03
N LYS E 1010 -63.72 -16.23 -4.79
CA LYS E 1010 -64.04 -14.89 -4.29
C LYS E 1010 -65.31 -14.35 -4.89
N ASP E 1011 -65.85 -15.02 -5.92
CA ASP E 1011 -67.11 -14.68 -6.53
C ASP E 1011 -68.27 -15.34 -5.81
N TRP E 1012 -67.99 -16.08 -4.75
CA TRP E 1012 -68.97 -16.95 -4.15
C TRP E 1012 -69.37 -16.44 -2.78
N MET E 1013 -69.49 -15.11 -2.70
CA MET E 1013 -70.03 -14.49 -1.52
C MET E 1013 -71.32 -15.16 -1.10
N VAL E 1014 -72.12 -15.61 -2.06
CA VAL E 1014 -73.27 -16.41 -1.72
C VAL E 1014 -72.82 -17.70 -1.05
N MET E 1015 -72.02 -18.49 -1.77
CA MET E 1015 -71.46 -19.67 -1.16
C MET E 1015 -70.60 -19.33 0.03
N ASN E 1016 -69.97 -18.15 0.01
CA ASN E 1016 -69.27 -17.72 1.20
C ASN E 1016 -70.21 -17.70 2.39
N MET E 1017 -71.35 -17.05 2.25
CA MET E 1017 -72.28 -16.93 3.35
C MET E 1017 -72.79 -18.30 3.77
N THR E 1018 -73.07 -19.15 2.79
CA THR E 1018 -73.52 -20.50 3.09
C THR E 1018 -72.50 -21.22 3.94
N GLN E 1019 -71.26 -21.19 3.48
CA GLN E 1019 -70.16 -21.80 4.20
C GLN E 1019 -70.06 -21.23 5.60
N ASN E 1020 -70.24 -19.92 5.72
CA ASN E 1020 -70.20 -19.28 7.02
C ASN E 1020 -71.23 -19.91 7.94
N ARG E 1021 -72.47 -19.99 7.46
CA ARG E 1021 -73.55 -20.47 8.32
C ARG E 1021 -73.32 -21.91 8.73
N VAL E 1022 -72.90 -22.76 7.79
CA VAL E 1022 -72.76 -24.17 8.10
C VAL E 1022 -71.58 -24.40 9.03
N PHE E 1023 -70.46 -23.73 8.77
CA PHE E 1023 -69.33 -23.86 9.67
C PHE E 1023 -69.69 -23.32 11.04
N LEU E 1024 -70.49 -22.25 11.06
CA LEU E 1024 -71.04 -21.75 12.31
C LEU E 1024 -71.79 -22.84 13.04
N ARG E 1025 -72.65 -23.54 12.32
CA ARG E 1025 -73.42 -24.61 12.92
C ARG E 1025 -72.50 -25.65 13.54
N ALA E 1026 -71.57 -26.16 12.74
CA ALA E 1026 -70.68 -27.21 13.22
C ALA E 1026 -69.90 -26.76 14.44
N ILE E 1027 -69.26 -25.59 14.34
CA ILE E 1027 -68.44 -25.10 15.44
C ILE E 1027 -69.30 -24.80 16.65
N ASN E 1028 -70.56 -24.42 16.46
CA ASN E 1028 -71.45 -24.24 17.59
C ASN E 1028 -71.62 -25.55 18.33
N GLN E 1029 -71.85 -26.63 17.57
CA GLN E 1029 -72.00 -27.94 18.20
C GLN E 1029 -70.76 -28.31 18.97
N PHE E 1030 -69.61 -28.07 18.36
CA PHE E 1030 -68.36 -28.32 19.07
C PHE E 1030 -68.17 -27.39 20.26
N ALA E 1031 -68.78 -26.22 20.23
CA ALA E 1031 -68.78 -25.35 21.39
C ALA E 1031 -69.58 -25.95 22.53
N GLU E 1032 -70.75 -26.50 22.25
CA GLU E 1032 -71.48 -27.14 23.35
C GLU E 1032 -70.73 -28.36 23.86
N VAL E 1033 -70.12 -29.15 22.96
CA VAL E 1033 -69.38 -30.31 23.47
C VAL E 1033 -68.17 -29.85 24.27
N LEU E 1034 -67.55 -28.74 23.88
CA LEU E 1034 -66.46 -28.18 24.66
C LEU E 1034 -66.94 -27.77 26.05
N THR E 1035 -68.04 -27.03 26.12
CA THR E 1035 -68.51 -26.53 27.40
C THR E 1035 -68.94 -27.68 28.31
N ARG E 1036 -69.57 -28.70 27.75
CA ARG E 1036 -70.14 -29.76 28.56
C ARG E 1036 -69.23 -30.97 28.73
N PHE E 1037 -68.08 -31.01 28.06
CA PHE E 1037 -67.22 -32.17 28.17
C PHE E 1037 -65.75 -31.85 28.28
N PHE E 1038 -65.33 -30.62 27.99
CA PHE E 1038 -63.91 -30.29 28.03
C PHE E 1038 -63.65 -28.94 28.68
N MET E 1039 -64.69 -28.27 29.17
CA MET E 1039 -64.63 -26.99 29.87
C MET E 1039 -64.17 -27.21 31.29
N ASP E 1040 -64.42 -26.25 32.19
CA ASP E 1040 -64.28 -26.49 33.62
C ASP E 1040 -64.85 -27.86 33.98
N GLN E 1041 -65.88 -28.27 33.22
CA GLN E 1041 -66.34 -29.65 33.24
C GLN E 1041 -65.16 -30.61 33.24
N ALA E 1042 -64.34 -30.57 32.19
CA ALA E 1042 -63.09 -31.32 32.24
C ALA E 1042 -62.13 -30.67 33.21
N SER E 1043 -61.31 -31.50 33.84
CA SER E 1043 -60.33 -30.96 34.78
C SER E 1043 -59.21 -30.23 34.04
N PHE E 1044 -59.00 -30.55 32.77
CA PHE E 1044 -57.85 -30.01 32.04
C PHE E 1044 -58.23 -29.88 30.56
N GLU E 1045 -57.21 -29.77 29.71
CA GLU E 1045 -57.32 -29.73 28.25
C GLU E 1045 -58.38 -28.73 27.80
N LEU E 1046 -58.16 -27.52 28.32
CA LEU E 1046 -58.87 -26.31 27.94
C LEU E 1046 -58.19 -25.62 26.76
N GLN E 1047 -57.37 -26.36 26.02
CA GLN E 1047 -56.52 -25.77 25.00
C GLN E 1047 -56.85 -26.25 23.59
N LEU E 1048 -57.92 -27.01 23.43
CA LEU E 1048 -58.63 -26.94 22.16
C LEU E 1048 -59.13 -25.52 21.93
N TRP E 1049 -59.39 -24.79 23.01
CA TRP E 1049 -59.85 -23.42 22.89
C TRP E 1049 -58.91 -22.54 22.10
N ASN E 1050 -57.62 -22.88 22.06
CA ASN E 1050 -56.73 -22.13 21.18
C ASN E 1050 -57.20 -22.26 19.75
N ASN E 1051 -57.40 -23.51 19.31
CA ASN E 1051 -57.91 -23.73 17.97
C ASN E 1051 -59.28 -23.09 17.81
N TYR E 1052 -60.16 -23.30 18.78
CA TYR E 1052 -61.47 -22.66 18.76
C TYR E 1052 -61.38 -21.18 18.48
N PHE E 1053 -60.75 -20.44 19.40
CA PHE E 1053 -60.77 -18.99 19.33
C PHE E 1053 -60.07 -18.49 18.10
N HIS E 1054 -58.87 -19.01 17.82
CA HIS E 1054 -58.08 -18.50 16.70
C HIS E 1054 -58.75 -18.85 15.37
N LEU E 1055 -59.26 -20.07 15.25
CA LEU E 1055 -60.07 -20.43 14.11
C LEU E 1055 -61.24 -19.47 13.92
N ALA E 1056 -61.98 -19.22 14.99
CA ALA E 1056 -63.14 -18.35 14.89
C ALA E 1056 -62.76 -16.95 14.43
N VAL E 1057 -61.68 -16.42 14.99
CA VAL E 1057 -61.23 -15.07 14.64
C VAL E 1057 -60.77 -15.03 13.19
N ALA E 1058 -59.94 -16.00 12.80
CA ALA E 1058 -59.38 -16.00 11.45
C ALA E 1058 -60.49 -16.10 10.41
N PHE E 1059 -61.50 -16.91 10.70
CA PHE E 1059 -62.71 -16.85 9.90
C PHE E 1059 -63.30 -15.46 9.93
N LEU E 1060 -63.43 -14.89 11.12
CA LEU E 1060 -64.10 -13.62 11.32
C LEU E 1060 -63.41 -12.47 10.62
N THR E 1061 -62.17 -12.65 10.20
CA THR E 1061 -61.36 -11.55 9.70
C THR E 1061 -61.52 -11.39 8.19
N HIS E 1062 -62.72 -11.64 7.68
CA HIS E 1062 -63.07 -11.19 6.35
C HIS E 1062 -64.51 -10.70 6.37
N GLU E 1063 -64.91 -10.03 5.29
CA GLU E 1063 -66.27 -9.52 5.13
C GLU E 1063 -66.62 -8.50 6.21
N SER E 1064 -65.95 -7.35 6.20
CA SER E 1064 -66.18 -6.29 7.16
C SER E 1064 -67.03 -5.17 6.57
N LEU E 1065 -67.24 -4.10 7.35
CA LEU E 1065 -68.16 -3.05 6.92
C LEU E 1065 -67.76 -2.43 5.60
N GLN E 1066 -66.48 -2.24 5.32
CA GLN E 1066 -66.17 -1.78 3.98
C GLN E 1066 -66.50 -2.85 2.96
N LEU E 1067 -66.18 -4.11 3.25
CA LEU E 1067 -66.64 -5.17 2.38
C LEU E 1067 -68.14 -5.08 2.20
N GLU E 1068 -68.87 -4.75 3.25
CA GLU E 1068 -70.29 -4.53 3.11
C GLU E 1068 -70.56 -3.27 2.27
N THR E 1069 -69.57 -2.39 2.16
CA THR E 1069 -69.73 -1.06 1.60
C THR E 1069 -69.47 -1.02 0.11
N PHE E 1070 -69.19 -2.18 -0.51
CA PHE E 1070 -68.91 -2.22 -1.94
C PHE E 1070 -69.98 -1.50 -2.74
N SER E 1071 -71.21 -2.00 -2.69
CA SER E 1071 -72.33 -1.30 -3.27
C SER E 1071 -73.14 -0.67 -2.15
N GLN E 1072 -74.05 0.21 -2.53
CA GLN E 1072 -74.87 0.86 -1.52
C GLN E 1072 -75.86 -0.12 -0.92
N ALA E 1073 -76.53 -0.91 -1.76
CA ALA E 1073 -77.38 -1.98 -1.27
C ALA E 1073 -76.58 -3.10 -0.66
N LYS E 1074 -75.26 -3.14 -0.87
CA LYS E 1074 -74.46 -4.25 -0.40
C LYS E 1074 -74.62 -4.42 1.11
N ARG E 1075 -74.49 -3.32 1.86
CA ARG E 1075 -74.82 -3.36 3.29
C ARG E 1075 -76.22 -3.92 3.46
N ASN E 1076 -77.18 -3.34 2.75
CA ASN E 1076 -78.56 -3.76 2.86
C ASN E 1076 -78.73 -5.18 2.40
N LYS E 1077 -78.13 -5.54 1.26
CA LYS E 1077 -78.27 -6.89 0.74
C LYS E 1077 -77.85 -7.91 1.78
N ILE E 1078 -76.68 -7.70 2.38
CA ILE E 1078 -76.21 -8.67 3.36
C ILE E 1078 -77.10 -8.67 4.59
N VAL E 1079 -77.41 -7.48 5.12
CA VAL E 1079 -78.13 -7.42 6.38
C VAL E 1079 -79.51 -8.04 6.24
N LYS E 1080 -80.18 -7.77 5.11
CA LYS E 1080 -81.47 -8.40 4.86
C LYS E 1080 -81.30 -9.90 4.68
N LYS E 1081 -80.41 -10.31 3.79
CA LYS E 1081 -80.30 -11.72 3.45
C LYS E 1081 -79.50 -12.48 4.49
N TYR E 1082 -78.63 -11.80 5.24
CA TYR E 1082 -77.75 -12.48 6.19
C TYR E 1082 -77.59 -11.76 7.52
N GLY E 1083 -78.15 -10.57 7.69
CA GLY E 1083 -77.82 -9.84 8.89
C GLY E 1083 -76.36 -9.46 8.83
N ASP E 1084 -75.70 -9.62 9.97
CA ASP E 1084 -74.25 -9.50 10.04
C ASP E 1084 -73.72 -10.75 10.74
N MET E 1085 -73.25 -11.69 9.93
CA MET E 1085 -72.69 -12.92 10.47
C MET E 1085 -71.64 -12.63 11.53
N ARG E 1086 -70.81 -11.61 11.28
CA ARG E 1086 -69.77 -11.25 12.23
C ARG E 1086 -70.36 -11.02 13.61
N LYS E 1087 -71.55 -10.45 13.67
CA LYS E 1087 -72.15 -10.11 14.96
C LYS E 1087 -72.39 -11.37 15.77
N GLU E 1088 -73.05 -12.36 15.18
CA GLU E 1088 -73.25 -13.62 15.88
C GLU E 1088 -71.92 -14.27 16.22
N ILE E 1089 -70.99 -14.26 15.27
CA ILE E 1089 -69.69 -14.89 15.52
C ILE E 1089 -69.09 -14.31 16.79
N GLY E 1090 -69.05 -12.98 16.85
CA GLY E 1090 -68.41 -12.32 17.96
C GLY E 1090 -69.14 -12.55 19.28
N PHE E 1091 -70.47 -12.47 19.26
CA PHE E 1091 -71.19 -12.64 20.52
C PHE E 1091 -71.12 -14.08 20.99
N ARG E 1092 -71.10 -15.02 20.05
CA ARG E 1092 -70.83 -16.41 20.38
C ARG E 1092 -69.50 -16.54 21.10
N ILE E 1093 -68.45 -15.99 20.51
CA ILE E 1093 -67.14 -16.10 21.13
C ILE E 1093 -67.13 -15.39 22.47
N ARG E 1094 -67.89 -14.31 22.60
CA ARG E 1094 -67.90 -13.54 23.83
C ARG E 1094 -68.54 -14.33 24.97
N ASP E 1095 -69.67 -14.99 24.69
CA ASP E 1095 -70.27 -15.82 25.73
C ASP E 1095 -69.38 -17.02 26.04
N MET E 1096 -68.70 -17.58 25.04
CA MET E 1096 -67.68 -18.58 25.34
C MET E 1096 -66.61 -18.04 26.27
N TRP E 1097 -66.13 -16.82 26.01
CA TRP E 1097 -65.10 -16.23 26.85
C TRP E 1097 -65.59 -16.08 28.29
N TYR E 1098 -66.77 -15.48 28.45
CA TYR E 1098 -67.34 -15.34 29.79
C TYR E 1098 -67.52 -16.71 30.46
N ASN E 1099 -67.76 -17.76 29.67
CA ASN E 1099 -67.90 -19.08 30.24
C ASN E 1099 -66.56 -19.65 30.67
N LEU E 1100 -65.47 -19.24 30.01
CA LEU E 1100 -64.15 -19.72 30.41
C LEU E 1100 -63.84 -19.42 31.87
N GLY E 1101 -64.19 -18.22 32.33
CA GLY E 1101 -64.02 -17.87 33.72
C GLY E 1101 -62.57 -17.77 34.14
N PRO E 1102 -62.15 -18.65 35.03
CA PRO E 1102 -60.78 -18.56 35.57
C PRO E 1102 -59.70 -18.67 34.51
N HIS E 1103 -59.89 -19.55 33.53
CA HIS E 1103 -58.82 -19.93 32.62
C HIS E 1103 -58.59 -18.92 31.52
N LYS E 1104 -59.18 -17.74 31.67
CA LYS E 1104 -58.76 -16.61 30.85
C LYS E 1104 -57.27 -16.37 31.02
N ILE E 1105 -56.81 -16.33 32.28
CA ILE E 1105 -55.38 -16.18 32.56
C ILE E 1105 -54.59 -17.28 31.87
N LYS E 1106 -55.07 -18.51 31.95
CA LYS E 1106 -54.38 -19.63 31.33
C LYS E 1106 -54.47 -19.60 29.82
N PHE E 1107 -55.09 -18.56 29.28
CA PHE E 1107 -55.35 -18.46 27.86
C PHE E 1107 -55.07 -17.09 27.26
N ILE E 1108 -55.00 -16.04 28.07
CA ILE E 1108 -54.92 -14.65 27.62
C ILE E 1108 -53.81 -14.45 26.58
N PRO E 1109 -52.53 -14.69 26.87
CA PRO E 1109 -51.49 -14.31 25.90
C PRO E 1109 -51.69 -14.97 24.55
N SER E 1110 -52.27 -16.16 24.52
CA SER E 1110 -52.57 -16.80 23.26
C SER E 1110 -53.52 -15.96 22.42
N MET E 1111 -54.56 -15.41 23.03
CA MET E 1111 -55.65 -14.78 22.31
C MET E 1111 -55.60 -13.26 22.35
N VAL E 1112 -54.54 -12.69 22.93
CA VAL E 1112 -54.44 -11.24 22.98
C VAL E 1112 -54.49 -10.65 21.58
N GLY E 1113 -53.72 -11.24 20.66
CA GLY E 1113 -53.65 -10.77 19.30
C GLY E 1113 -54.99 -10.77 18.57
N PRO E 1114 -55.64 -11.93 18.50
CA PRO E 1114 -56.92 -11.99 17.77
C PRO E 1114 -58.00 -11.08 18.32
N ILE E 1115 -58.08 -10.91 19.64
CA ILE E 1115 -59.22 -10.18 20.18
C ILE E 1115 -59.09 -8.70 19.90
N LEU E 1116 -57.87 -8.17 19.89
CA LEU E 1116 -57.69 -6.79 19.49
C LEU E 1116 -58.20 -6.58 18.07
N GLU E 1117 -57.88 -7.52 17.17
CA GLU E 1117 -58.35 -7.42 15.80
C GLU E 1117 -59.87 -7.46 15.73
N VAL E 1118 -60.49 -8.39 16.47
CA VAL E 1118 -61.94 -8.47 16.38
C VAL E 1118 -62.55 -7.18 16.91
N THR E 1119 -61.93 -6.58 17.92
CA THR E 1119 -62.37 -5.28 18.38
C THR E 1119 -62.16 -4.23 17.30
N LEU E 1120 -61.11 -4.38 16.49
CA LEU E 1120 -60.85 -3.45 15.41
C LEU E 1120 -62.00 -3.37 14.44
N THR E 1121 -62.79 -4.42 14.34
CA THR E 1121 -63.75 -4.54 13.26
C THR E 1121 -64.64 -3.31 13.23
N PRO E 1122 -64.85 -2.70 12.06
CA PRO E 1122 -65.62 -1.45 12.00
C PRO E 1122 -67.00 -1.55 12.64
N GLU E 1123 -67.46 -2.75 12.99
CA GLU E 1123 -68.74 -2.90 13.66
C GLU E 1123 -68.73 -2.19 15.00
N VAL E 1124 -69.79 -1.42 15.25
CA VAL E 1124 -69.89 -0.67 16.50
C VAL E 1124 -70.14 -1.62 17.67
N GLU E 1125 -71.04 -2.57 17.49
CA GLU E 1125 -71.60 -3.29 18.62
C GLU E 1125 -70.70 -4.39 19.13
N LEU E 1126 -70.16 -5.22 18.25
CA LEU E 1126 -69.24 -6.26 18.70
C LEU E 1126 -68.01 -5.65 19.35
N ARG E 1127 -67.50 -4.57 18.77
CA ARG E 1127 -66.37 -3.88 19.38
C ARG E 1127 -66.75 -3.31 20.74
N LYS E 1128 -67.93 -2.69 20.81
CA LYS E 1128 -68.41 -2.14 22.09
C LYS E 1128 -68.52 -3.24 23.14
N ALA E 1129 -68.89 -4.45 22.71
CA ALA E 1129 -68.91 -5.59 23.61
C ALA E 1129 -67.53 -6.17 23.84
N THR E 1130 -66.55 -5.80 23.02
CA THR E 1130 -65.28 -6.50 23.08
C THR E 1130 -64.23 -5.78 23.91
N ILE E 1131 -64.22 -4.45 23.93
CA ILE E 1131 -63.32 -3.75 24.86
C ILE E 1131 -63.58 -4.17 26.31
N PRO E 1132 -64.83 -4.33 26.76
CA PRO E 1132 -65.03 -4.92 28.08
C PRO E 1132 -64.38 -6.29 28.23
N ILE E 1133 -64.19 -7.05 27.15
CA ILE E 1133 -63.43 -8.30 27.23
C ILE E 1133 -61.97 -8.02 27.49
N PHE E 1134 -61.48 -6.91 26.96
CA PHE E 1134 -60.16 -6.43 27.35
C PHE E 1134 -60.12 -6.17 28.85
N PHE E 1135 -61.11 -5.47 29.38
CA PHE E 1135 -61.15 -5.30 30.82
C PHE E 1135 -61.29 -6.63 31.54
N ASP E 1136 -62.00 -7.59 30.93
CA ASP E 1136 -62.15 -8.90 31.55
C ASP E 1136 -60.80 -9.57 31.73
N MET E 1137 -59.97 -9.63 30.68
CA MET E 1137 -58.75 -10.39 30.90
C MET E 1137 -57.73 -9.56 31.68
N MET E 1138 -57.76 -8.23 31.57
CA MET E 1138 -56.84 -7.50 32.45
C MET E 1138 -57.25 -7.65 33.90
N GLN E 1139 -58.55 -7.76 34.17
CA GLN E 1139 -59.02 -8.08 35.51
C GLN E 1139 -58.55 -9.47 35.93
N CYS E 1140 -58.61 -10.44 35.03
CA CYS E 1140 -58.14 -11.78 35.37
C CYS E 1140 -56.66 -11.75 35.71
N GLU E 1141 -55.84 -11.08 34.90
CA GLU E 1141 -54.43 -10.95 35.22
C GLU E 1141 -54.19 -10.01 36.40
N PHE E 1142 -55.18 -9.19 36.75
CA PHE E 1142 -55.17 -8.48 38.03
C PHE E 1142 -55.27 -9.48 39.17
N ASN E 1143 -56.10 -10.50 39.02
CA ASN E 1143 -56.05 -11.62 39.95
C ASN E 1143 -54.70 -12.32 39.86
N PHE E 1144 -54.19 -12.49 38.65
CA PHE E 1144 -52.81 -12.95 38.47
C PHE E 1144 -51.79 -11.90 38.88
N SER E 1145 -52.19 -10.63 38.96
CA SER E 1145 -51.25 -9.60 39.39
C SER E 1145 -50.82 -9.77 40.84
N GLY E 1146 -51.51 -10.62 41.60
CA GLY E 1146 -50.97 -11.01 42.89
C GLY E 1146 -49.59 -11.63 42.77
N ASN E 1147 -49.40 -12.43 41.73
CA ASN E 1147 -48.08 -12.94 41.35
C ASN E 1147 -47.79 -12.46 39.93
N GLY E 1148 -47.26 -11.26 39.80
CA GLY E 1148 -46.99 -10.70 38.49
C GLY E 1148 -47.92 -9.55 38.17
N ASN E 1149 -48.35 -9.45 36.93
CA ASN E 1149 -49.22 -8.38 36.47
C ASN E 1149 -49.64 -8.70 35.03
N PHE E 1150 -50.43 -7.82 34.44
CA PHE E 1150 -50.82 -7.97 33.05
C PHE E 1150 -49.76 -7.46 32.08
N HIS E 1151 -48.51 -7.39 32.54
CA HIS E 1151 -47.45 -6.82 31.72
C HIS E 1151 -47.25 -7.63 30.45
N MET E 1152 -47.30 -8.96 30.54
CA MET E 1152 -47.26 -9.76 29.32
C MET E 1152 -48.48 -9.48 28.46
N PHE E 1153 -49.66 -9.40 29.07
CA PHE E 1153 -50.86 -9.08 28.35
C PHE E 1153 -50.73 -7.75 27.64
N GLU E 1154 -50.37 -6.70 28.37
CA GLU E 1154 -50.29 -5.40 27.75
C GLU E 1154 -49.16 -5.32 26.75
N ASN E 1155 -48.08 -6.06 26.97
CA ASN E 1155 -46.96 -6.03 26.02
C ASN E 1155 -47.38 -6.61 24.69
N GLU E 1156 -47.98 -7.80 24.72
CA GLU E 1156 -48.48 -8.39 23.49
C GLU E 1156 -49.54 -7.51 22.87
N LEU E 1157 -50.41 -6.95 23.71
CA LEU E 1157 -51.45 -6.05 23.24
C LEU E 1157 -50.83 -4.89 22.49
N ILE E 1158 -49.80 -4.28 23.09
CA ILE E 1158 -49.14 -3.14 22.47
C ILE E 1158 -48.53 -3.55 21.15
N THR E 1159 -47.80 -4.66 21.16
CA THR E 1159 -47.18 -5.15 19.95
C THR E 1159 -48.20 -5.27 18.83
N LYS E 1160 -49.21 -6.11 19.06
CA LYS E 1160 -50.18 -6.36 18.01
C LYS E 1160 -50.91 -5.09 17.66
N LEU E 1161 -51.15 -4.23 18.65
CA LEU E 1161 -51.72 -2.93 18.40
C LEU E 1161 -50.88 -2.16 17.39
N ASP E 1162 -49.57 -2.22 17.56
CA ASP E 1162 -48.68 -1.50 16.67
C ASP E 1162 -48.84 -2.00 15.26
N GLN E 1163 -48.71 -3.31 15.09
CA GLN E 1163 -48.79 -3.87 13.74
C GLN E 1163 -50.13 -3.58 13.11
N GLU E 1164 -51.19 -3.74 13.89
CA GLU E 1164 -52.54 -3.64 13.34
C GLU E 1164 -52.87 -2.20 12.95
N VAL E 1165 -52.61 -1.24 13.84
CA VAL E 1165 -52.92 0.14 13.51
C VAL E 1165 -52.03 0.60 12.36
N GLU E 1166 -50.82 0.04 12.28
CA GLU E 1166 -50.04 0.18 11.06
C GLU E 1166 -50.85 -0.28 9.85
N GLY E 1167 -51.51 -1.43 9.98
CA GLY E 1167 -52.32 -1.91 8.87
C GLY E 1167 -53.38 -0.90 8.46
N GLY E 1168 -54.15 -0.40 9.42
CA GLY E 1168 -55.06 0.69 9.15
C GLY E 1168 -56.54 0.35 9.06
N ARG E 1169 -57.01 -0.57 9.88
CA ARG E 1169 -58.45 -0.82 9.96
C ARG E 1169 -59.17 0.26 10.74
N GLY E 1170 -58.81 0.44 12.01
CA GLY E 1170 -59.59 1.24 12.92
C GLY E 1170 -59.62 2.71 12.55
N ASP E 1171 -60.19 3.49 13.45
CA ASP E 1171 -60.38 4.92 13.21
C ASP E 1171 -60.53 5.65 14.52
N GLU E 1172 -61.01 6.88 14.41
CA GLU E 1172 -60.89 7.85 15.49
C GLU E 1172 -61.97 7.63 16.53
N GLN E 1173 -63.23 7.76 16.11
CA GLN E 1173 -64.33 7.25 16.91
C GLN E 1173 -64.02 5.88 17.47
N TYR E 1174 -63.26 5.07 16.73
CA TYR E 1174 -62.94 3.73 17.20
C TYR E 1174 -62.10 3.80 18.46
N LYS E 1175 -61.00 4.54 18.42
CA LYS E 1175 -60.19 4.66 19.62
C LYS E 1175 -60.97 5.33 20.72
N VAL E 1176 -61.90 6.20 20.34
CA VAL E 1176 -62.78 6.81 21.33
C VAL E 1176 -63.56 5.74 22.06
N LEU E 1177 -64.18 4.83 21.31
CA LEU E 1177 -64.93 3.74 21.91
C LEU E 1177 -64.03 2.88 22.78
N LEU E 1178 -62.86 2.53 22.24
CA LEU E 1178 -61.91 1.72 22.99
C LEU E 1178 -61.62 2.33 24.34
N GLU E 1179 -61.23 3.59 24.33
CA GLU E 1179 -60.79 4.24 25.55
C GLU E 1179 -61.96 4.42 26.50
N LYS E 1180 -63.09 4.90 26.00
CA LYS E 1180 -64.26 5.06 26.85
C LYS E 1180 -64.59 3.76 27.55
N LEU E 1181 -64.72 2.69 26.77
CA LEU E 1181 -65.09 1.40 27.36
C LEU E 1181 -64.07 0.99 28.41
N LEU E 1182 -62.83 0.73 27.98
CA LEU E 1182 -61.86 0.16 28.91
C LEU E 1182 -61.64 1.06 30.12
N LEU E 1183 -61.49 2.37 29.91
CA LEU E 1183 -61.34 3.27 31.04
C LEU E 1183 -62.50 3.09 32.00
N GLU E 1184 -63.72 3.17 31.50
CA GLU E 1184 -64.91 3.03 32.34
C GLU E 1184 -64.89 1.71 33.11
N HIS E 1185 -64.60 0.63 32.41
CA HIS E 1185 -64.59 -0.68 33.05
C HIS E 1185 -63.56 -0.72 34.17
N CYS E 1186 -62.43 -0.07 33.96
CA CYS E 1186 -61.41 -0.05 34.98
C CYS E 1186 -61.77 0.88 36.13
N ARG E 1187 -62.52 1.95 35.85
CA ARG E 1187 -63.18 2.67 36.93
C ARG E 1187 -64.01 1.71 37.77
N LYS E 1188 -64.73 0.79 37.11
CA LYS E 1188 -65.50 -0.21 37.81
C LYS E 1188 -64.60 -1.11 38.64
N HIS E 1189 -63.30 -0.84 38.63
CA HIS E 1189 -62.34 -1.70 39.28
C HIS E 1189 -61.35 -0.83 40.05
N LYS E 1190 -60.25 -1.45 40.46
CA LYS E 1190 -59.42 -0.98 41.56
C LYS E 1190 -58.28 -0.09 41.06
N TYR E 1191 -57.30 0.12 41.94
CA TYR E 1191 -56.13 0.94 41.63
C TYR E 1191 -55.33 0.36 40.46
N LEU E 1192 -55.17 -0.96 40.41
CA LEU E 1192 -54.39 -1.51 39.32
C LEU E 1192 -55.15 -1.41 38.01
N SER E 1193 -56.48 -1.41 38.08
CA SER E 1193 -57.23 -1.04 36.90
C SER E 1193 -57.02 0.43 36.55
N SER E 1194 -56.69 1.28 37.51
CA SER E 1194 -56.27 2.64 37.16
C SER E 1194 -54.92 2.63 36.46
N SER E 1195 -54.04 1.73 36.88
CA SER E 1195 -52.79 1.53 36.13
C SER E 1195 -53.09 1.12 34.71
N GLY E 1196 -53.92 0.09 34.54
CA GLY E 1196 -54.35 -0.31 33.22
C GLY E 1196 -55.04 0.81 32.48
N GLU E 1197 -55.69 1.72 33.21
CA GLU E 1197 -56.30 2.89 32.59
C GLU E 1197 -55.25 3.81 31.99
N VAL E 1198 -54.22 4.15 32.76
CA VAL E 1198 -53.20 5.04 32.21
C VAL E 1198 -52.44 4.31 31.11
N PHE E 1199 -52.41 3.00 31.16
CA PHE E 1199 -51.77 2.25 30.09
C PHE E 1199 -52.62 2.26 28.83
N ALA E 1200 -53.93 2.13 28.99
CA ALA E 1200 -54.84 2.33 27.87
C ALA E 1200 -54.79 3.76 27.37
N LEU E 1201 -54.50 4.70 28.26
CA LEU E 1201 -54.26 6.07 27.85
C LEU E 1201 -53.04 6.15 26.96
N LEU E 1202 -51.96 5.48 27.38
CA LEU E 1202 -50.79 5.36 26.53
C LEU E 1202 -51.18 4.72 25.21
N VAL E 1203 -52.05 3.72 25.27
CA VAL E 1203 -52.54 3.05 24.09
C VAL E 1203 -53.21 4.05 23.17
N SER E 1204 -54.12 4.85 23.71
CA SER E 1204 -54.86 5.81 22.90
C SER E 1204 -53.93 6.86 22.33
N SER E 1205 -52.97 7.32 23.13
CA SER E 1205 -51.96 8.22 22.63
C SER E 1205 -51.28 7.62 21.43
N LEU E 1206 -50.62 6.47 21.63
CA LEU E 1206 -50.17 5.62 20.55
C LEU E 1206 -51.11 5.66 19.35
N LEU E 1207 -52.39 5.41 19.59
CA LEU E 1207 -53.34 5.27 18.51
C LEU E 1207 -53.40 6.55 17.71
N GLU E 1208 -53.83 7.63 18.33
CA GLU E 1208 -53.96 8.91 17.65
C GLU E 1208 -52.65 9.31 16.99
N ASN E 1209 -51.52 8.91 17.59
CA ASN E 1209 -50.24 9.13 16.94
C ASN E 1209 -50.18 8.38 15.63
N LEU E 1210 -50.62 7.14 15.64
CA LEU E 1210 -50.67 6.40 14.40
C LEU E 1210 -51.70 7.01 13.46
N LEU E 1211 -52.76 7.55 14.03
CA LEU E 1211 -53.83 8.13 13.24
C LEU E 1211 -53.31 9.28 12.41
N ASP E 1212 -52.89 10.34 13.08
CA ASP E 1212 -52.37 11.50 12.35
C ASP E 1212 -51.10 11.14 11.61
N TYR E 1213 -50.27 10.27 12.18
CA TYR E 1213 -49.12 9.77 11.48
C TYR E 1213 -49.50 9.25 10.11
N ARG E 1214 -50.34 8.23 10.07
CA ARG E 1214 -50.71 7.62 8.81
C ARG E 1214 -51.44 8.60 7.92
N THR E 1215 -52.26 9.46 8.51
CA THR E 1215 -52.98 10.40 7.66
C THR E 1215 -51.99 11.29 6.93
N ILE E 1216 -50.89 11.65 7.59
CA ILE E 1216 -49.85 12.39 6.89
C ILE E 1216 -49.14 11.49 5.90
N ILE E 1217 -48.91 10.23 6.29
CA ILE E 1217 -48.22 9.28 5.43
C ILE E 1217 -48.97 9.16 4.11
N MET E 1218 -50.29 9.20 4.17
CA MET E 1218 -51.13 9.14 2.99
C MET E 1218 -51.77 10.49 2.67
N GLN E 1219 -51.22 11.58 3.18
CA GLN E 1219 -51.65 12.92 2.80
C GLN E 1219 -50.57 13.70 2.06
N ASP E 1220 -49.40 13.87 2.67
CA ASP E 1220 -48.39 14.71 2.08
C ASP E 1220 -47.54 13.97 1.06
N GLU E 1221 -47.14 12.73 1.38
CA GLU E 1221 -46.26 11.95 0.52
C GLU E 1221 -45.04 12.75 0.07
N SER E 1222 -44.65 13.69 0.90
CA SER E 1222 -43.35 14.33 0.79
C SER E 1222 -42.36 13.51 1.60
N LYS E 1223 -41.16 14.03 1.82
CA LYS E 1223 -40.21 13.36 2.69
C LYS E 1223 -40.33 13.88 4.12
N GLU E 1224 -40.20 15.19 4.26
CA GLU E 1224 -39.96 15.81 5.56
C GLU E 1224 -41.09 15.50 6.53
N ASN E 1225 -42.34 15.53 6.08
CA ASN E 1225 -43.43 15.28 7.00
C ASN E 1225 -43.39 13.84 7.47
N ARG E 1226 -42.99 12.92 6.59
CA ARG E 1226 -42.84 11.53 6.99
C ARG E 1226 -41.82 11.43 8.11
N MET E 1227 -40.66 12.03 7.92
CA MET E 1227 -39.68 11.96 8.99
C MET E 1227 -40.19 12.67 10.23
N SER E 1228 -40.92 13.77 10.05
CA SER E 1228 -41.53 14.44 11.17
C SER E 1228 -42.32 13.46 12.02
N CYS E 1229 -43.36 12.89 11.43
CA CYS E 1229 -44.23 12.02 12.19
C CYS E 1229 -43.47 10.82 12.73
N THR E 1230 -42.54 10.27 11.96
CA THR E 1230 -41.89 9.07 12.44
C THR E 1230 -40.97 9.38 13.62
N VAL E 1231 -40.29 10.51 13.60
CA VAL E 1231 -39.47 10.84 14.76
C VAL E 1231 -40.36 11.13 15.95
N ASN E 1232 -41.52 11.71 15.72
CA ASN E 1232 -42.45 11.92 16.81
C ASN E 1232 -42.82 10.60 17.47
N VAL E 1233 -43.29 9.67 16.65
CA VAL E 1233 -43.73 8.39 17.20
C VAL E 1233 -42.56 7.64 17.80
N LEU E 1234 -41.38 7.75 17.18
CA LEU E 1234 -40.19 7.17 17.76
C LEU E 1234 -39.96 7.71 19.16
N ASN E 1235 -39.99 9.03 19.29
CA ASN E 1235 -39.89 9.63 20.61
C ASN E 1235 -40.94 9.06 21.54
N PHE E 1236 -42.11 8.75 21.02
CA PHE E 1236 -43.16 8.25 21.90
C PHE E 1236 -42.83 6.85 22.39
N TYR E 1237 -42.26 6.02 21.52
CA TYR E 1237 -41.72 4.75 22.00
C TYR E 1237 -40.63 4.98 23.03
N LYS E 1238 -39.72 5.90 22.74
CA LYS E 1238 -38.70 6.29 23.69
C LYS E 1238 -39.31 6.62 25.04
N GLU E 1239 -40.41 7.34 25.02
CA GLU E 1239 -41.18 7.60 26.23
C GLU E 1239 -41.64 6.30 26.84
N LYS E 1240 -42.15 5.40 26.02
CA LYS E 1240 -42.67 4.14 26.51
C LYS E 1240 -41.62 3.05 26.54
N LYS E 1241 -40.41 3.37 26.10
CA LYS E 1241 -39.30 2.41 26.07
C LYS E 1241 -39.65 1.16 25.29
N ARG E 1242 -40.60 1.25 24.37
CA ARG E 1242 -40.95 0.07 23.58
C ARG E 1242 -39.76 -0.21 22.68
N GLU E 1243 -38.71 -0.73 23.30
CA GLU E 1243 -37.38 -0.77 22.70
C GLU E 1243 -37.42 -1.41 21.34
N ASP E 1244 -38.02 -2.59 21.23
CA ASP E 1244 -38.02 -3.33 19.98
C ASP E 1244 -38.68 -2.55 18.86
N ILE E 1245 -39.92 -2.11 19.06
CA ILE E 1245 -40.60 -1.37 18.01
C ILE E 1245 -39.96 -0.01 17.84
N TYR E 1246 -39.46 0.56 18.92
CA TYR E 1246 -38.70 1.79 18.81
C TYR E 1246 -37.59 1.60 17.79
N ILE E 1247 -36.82 0.52 17.93
CA ILE E 1247 -35.81 0.15 16.97
C ILE E 1247 -36.41 0.02 15.60
N ARG E 1248 -37.58 -0.62 15.52
CA ARG E 1248 -38.16 -0.91 14.23
C ARG E 1248 -38.44 0.38 13.46
N TYR E 1249 -39.02 1.35 14.13
CA TYR E 1249 -39.24 2.61 13.45
C TYR E 1249 -37.99 3.45 13.33
N LEU E 1250 -36.99 3.21 14.18
CA LEU E 1250 -35.67 3.72 13.87
C LEU E 1250 -35.22 3.19 12.54
N TYR E 1251 -35.55 1.94 12.24
CA TYR E 1251 -35.16 1.35 10.96
C TYR E 1251 -35.92 1.99 9.82
N LYS E 1252 -37.22 2.18 10.00
CA LYS E 1252 -37.97 2.91 8.98
C LYS E 1252 -37.36 4.28 8.78
N LEU E 1253 -36.98 4.94 9.86
CA LEU E 1253 -36.50 6.31 9.77
C LEU E 1253 -35.15 6.37 9.07
N ARG E 1254 -34.24 5.47 9.44
CA ARG E 1254 -32.98 5.41 8.72
C ARG E 1254 -33.19 5.02 7.28
N ASP E 1255 -34.23 4.23 7.01
CA ASP E 1255 -34.57 3.94 5.64
C ASP E 1255 -34.90 5.23 4.91
N LEU E 1256 -35.68 6.09 5.57
CA LEU E 1256 -35.97 7.40 5.03
C LEU E 1256 -34.68 8.19 4.80
N HIS E 1257 -33.74 8.12 5.74
CA HIS E 1257 -32.54 8.93 5.60
C HIS E 1257 -31.62 8.45 4.49
N ARG E 1258 -31.51 7.14 4.27
CA ARG E 1258 -30.70 6.80 3.11
C ARG E 1258 -31.51 6.85 1.82
N ASP E 1259 -32.83 6.99 1.91
CA ASP E 1259 -33.55 7.57 0.78
C ASP E 1259 -33.08 9.00 0.56
N CYS E 1260 -32.81 9.71 1.64
CA CYS E 1260 -32.27 11.07 1.62
C CYS E 1260 -30.75 11.08 1.67
N GLU E 1261 -30.13 9.91 1.70
CA GLU E 1261 -28.68 9.78 1.81
C GLU E 1261 -28.15 10.59 2.97
N ASN E 1262 -28.95 10.66 4.03
CA ASN E 1262 -28.56 11.34 5.27
C ASN E 1262 -27.61 10.45 6.06
N TYR E 1263 -26.51 10.08 5.41
CA TYR E 1263 -25.43 9.37 6.09
C TYR E 1263 -25.17 10.01 7.43
N THR E 1264 -25.28 11.33 7.48
CA THR E 1264 -25.26 12.07 8.73
C THR E 1264 -26.37 11.57 9.66
N GLU E 1265 -27.62 11.80 9.28
CA GLU E 1265 -28.74 11.37 10.13
C GLU E 1265 -28.80 9.87 10.27
N ALA E 1266 -28.57 9.14 9.17
CA ALA E 1266 -28.62 7.69 9.24
C ALA E 1266 -27.60 7.17 10.24
N ALA E 1267 -26.41 7.76 10.24
CA ALA E 1267 -25.41 7.40 11.23
C ALA E 1267 -25.91 7.71 12.63
N TYR E 1268 -26.46 8.90 12.84
CA TYR E 1268 -26.97 9.21 14.17
C TYR E 1268 -27.94 8.14 14.63
N THR E 1269 -28.91 7.81 13.79
CA THR E 1269 -29.95 6.89 14.19
C THR E 1269 -29.39 5.51 14.46
N LEU E 1270 -28.57 5.00 13.54
CA LEU E 1270 -28.00 3.69 13.74
C LEU E 1270 -27.21 3.65 15.04
N LEU E 1271 -26.48 4.72 15.32
CA LEU E 1271 -25.79 4.84 16.59
C LEU E 1271 -26.78 4.78 17.75
N LEU E 1272 -27.84 5.58 17.66
CA LEU E 1272 -28.84 5.61 18.71
C LEU E 1272 -29.27 4.20 19.05
N HIS E 1273 -29.45 3.38 18.02
CA HIS E 1273 -29.71 1.97 18.27
C HIS E 1273 -28.53 1.32 18.98
N ALA E 1274 -27.34 1.45 18.40
CA ALA E 1274 -26.14 0.90 19.03
C ALA E 1274 -25.96 1.49 20.42
N GLU E 1275 -26.35 2.74 20.60
CA GLU E 1275 -26.32 3.36 21.91
C GLU E 1275 -27.07 2.52 22.94
N LEU E 1276 -28.16 1.88 22.53
CA LEU E 1276 -28.84 0.96 23.43
C LEU E 1276 -27.95 -0.23 23.76
N LEU E 1277 -27.24 -0.74 22.76
CA LEU E 1277 -26.47 -1.96 22.98
C LEU E 1277 -25.31 -1.73 23.94
N GLN E 1278 -24.78 -2.85 24.42
CA GLN E 1278 -23.61 -2.85 25.28
C GLN E 1278 -22.59 -3.80 24.67
N TRP E 1279 -21.32 -3.54 24.95
CA TRP E 1279 -20.25 -4.36 24.38
C TRP E 1279 -20.17 -5.73 25.01
N SER E 1280 -21.20 -6.10 25.76
CA SER E 1280 -21.24 -7.39 26.43
C SER E 1280 -20.95 -8.52 25.45
N ASP E 1281 -20.42 -9.61 25.99
CA ASP E 1281 -20.01 -10.77 25.24
C ASP E 1281 -21.17 -11.63 24.78
N LYS E 1282 -22.40 -11.27 25.10
CA LYS E 1282 -23.43 -12.26 24.86
C LYS E 1282 -24.55 -11.72 23.98
N PRO E 1283 -25.29 -12.60 23.32
CA PRO E 1283 -26.61 -12.22 22.80
C PRO E 1283 -27.61 -12.13 23.94
N CYS E 1284 -28.04 -10.93 24.31
CA CYS E 1284 -28.79 -10.77 25.55
C CYS E 1284 -30.30 -10.86 25.34
N VAL E 1285 -30.89 -9.96 24.56
CA VAL E 1285 -32.34 -9.97 24.40
C VAL E 1285 -32.71 -10.03 22.93
N PRO E 1286 -33.64 -10.92 22.55
CA PRO E 1286 -34.01 -11.05 21.14
C PRO E 1286 -34.83 -9.90 20.60
N HIS E 1287 -35.25 -8.96 21.46
CA HIS E 1287 -35.92 -7.76 20.98
C HIS E 1287 -35.02 -7.01 20.00
N LEU E 1288 -33.79 -6.74 20.42
CA LEU E 1288 -32.78 -6.19 19.53
C LEU E 1288 -32.28 -7.21 18.52
N LEU E 1289 -32.53 -8.49 18.72
CA LEU E 1289 -32.17 -9.44 17.68
C LEU E 1289 -33.02 -9.14 16.45
N GLN E 1290 -32.42 -8.47 15.49
CA GLN E 1290 -33.15 -7.91 14.36
C GLN E 1290 -33.69 -9.02 13.46
N ARG E 1291 -34.51 -8.60 12.51
CA ARG E 1291 -35.20 -9.53 11.64
C ARG E 1291 -34.60 -9.58 10.24
N ASP E 1292 -33.64 -8.70 9.94
CA ASP E 1292 -32.95 -8.77 8.65
C ASP E 1292 -32.15 -10.07 8.54
N SER E 1293 -31.34 -10.35 9.54
CA SER E 1293 -30.64 -11.62 9.67
C SER E 1293 -30.78 -12.08 11.11
N TYR E 1294 -30.62 -13.37 11.34
CA TYR E 1294 -30.80 -13.88 12.70
C TYR E 1294 -29.98 -15.14 12.89
N TYR E 1295 -28.96 -15.04 13.73
CA TYR E 1295 -28.38 -16.18 14.43
C TYR E 1295 -27.86 -15.65 15.77
N VAL E 1296 -26.95 -16.38 16.40
CA VAL E 1296 -26.57 -16.17 17.79
C VAL E 1296 -26.42 -14.68 18.12
N TYR E 1297 -25.59 -13.96 17.38
CA TYR E 1297 -25.55 -12.50 17.46
C TYR E 1297 -25.30 -12.01 18.90
N THR E 1298 -24.09 -12.28 19.35
CA THR E 1298 -23.60 -11.73 20.60
C THR E 1298 -23.45 -10.21 20.55
N GLN E 1299 -23.74 -9.56 21.69
CA GLN E 1299 -23.90 -8.11 21.72
C GLN E 1299 -22.71 -7.37 21.15
N GLN E 1300 -21.51 -7.74 21.60
CA GLN E 1300 -20.32 -7.09 21.07
C GLN E 1300 -20.21 -7.27 19.57
N GLU E 1301 -20.60 -8.44 19.04
CA GLU E 1301 -20.60 -8.62 17.60
C GLU E 1301 -21.57 -7.66 16.93
N LEU E 1302 -22.71 -7.42 17.57
CA LEU E 1302 -23.68 -6.51 16.99
C LEU E 1302 -23.17 -5.09 16.98
N LYS E 1303 -22.63 -4.65 18.11
CA LYS E 1303 -22.01 -3.34 18.14
C LYS E 1303 -20.90 -3.26 17.11
N GLU E 1304 -20.24 -4.37 16.85
CA GLU E 1304 -19.19 -4.39 15.85
C GLU E 1304 -19.77 -4.12 14.46
N LYS E 1305 -20.82 -4.85 14.11
CA LYS E 1305 -21.54 -4.60 12.86
C LYS E 1305 -21.95 -3.13 12.77
N LEU E 1306 -22.60 -2.67 13.83
CA LEU E 1306 -23.16 -1.32 13.86
C LEU E 1306 -22.08 -0.28 13.70
N TYR E 1307 -20.96 -0.48 14.36
CA TYR E 1307 -19.89 0.51 14.32
C TYR E 1307 -19.22 0.49 12.95
N GLN E 1308 -19.09 -0.69 12.36
CA GLN E 1308 -18.64 -0.74 10.97
C GLN E 1308 -19.51 0.12 10.09
N GLU E 1309 -20.83 -0.09 10.16
CA GLU E 1309 -21.72 0.66 9.28
C GLU E 1309 -21.72 2.15 9.62
N ILE E 1310 -21.66 2.48 10.91
CA ILE E 1310 -21.65 3.87 11.33
C ILE E 1310 -20.43 4.58 10.79
N ILE E 1311 -19.27 3.94 10.91
CA ILE E 1311 -18.05 4.54 10.42
C ILE E 1311 -18.08 4.66 8.90
N SER E 1312 -18.66 3.66 8.23
CA SER E 1312 -18.82 3.76 6.79
C SER E 1312 -19.65 4.99 6.44
N TYR E 1313 -20.77 5.16 7.15
CA TYR E 1313 -21.62 6.33 6.96
C TYR E 1313 -20.81 7.61 7.11
N PHE E 1314 -20.09 7.73 8.22
CA PHE E 1314 -19.39 8.96 8.52
C PHE E 1314 -18.33 9.25 7.47
N ASP E 1315 -17.66 8.20 7.00
CA ASP E 1315 -16.71 8.35 5.92
C ASP E 1315 -17.39 8.91 4.68
N LYS E 1316 -18.47 8.27 4.24
CA LYS E 1316 -19.24 8.85 3.15
C LYS E 1316 -20.10 10.02 3.61
N GLY E 1317 -20.23 10.22 4.92
CA GLY E 1317 -20.84 11.41 5.48
C GLY E 1317 -19.86 12.51 5.83
N LYS E 1318 -18.58 12.32 5.51
CA LYS E 1318 -17.53 13.33 5.66
C LYS E 1318 -17.28 13.71 7.11
N MET E 1319 -17.91 13.05 8.07
CA MET E 1319 -17.82 13.50 9.45
C MET E 1319 -16.77 12.66 10.18
N TRP E 1320 -15.54 12.78 9.70
CA TRP E 1320 -14.47 11.91 10.18
C TRP E 1320 -14.12 12.17 11.63
N GLU E 1321 -14.47 13.34 12.16
CA GLU E 1321 -14.32 13.56 13.59
C GLU E 1321 -15.04 12.47 14.37
N LYS E 1322 -16.30 12.25 14.05
CA LYS E 1322 -17.05 11.16 14.67
C LYS E 1322 -16.42 9.82 14.36
N ALA E 1323 -15.99 9.63 13.11
CA ALA E 1323 -15.41 8.36 12.70
C ALA E 1323 -14.27 7.97 13.63
N ILE E 1324 -13.34 8.88 13.83
CA ILE E 1324 -12.22 8.63 14.71
C ILE E 1324 -12.69 8.50 16.16
N LYS E 1325 -13.60 9.39 16.58
CA LYS E 1325 -14.00 9.42 17.97
C LYS E 1325 -14.60 8.09 18.39
N LEU E 1326 -15.17 7.35 17.44
CA LEU E 1326 -15.62 6.00 17.76
C LEU E 1326 -14.53 4.97 17.52
N SER E 1327 -13.80 5.09 16.41
CA SER E 1327 -12.81 4.08 16.06
C SER E 1327 -11.83 3.86 17.19
N LYS E 1328 -11.59 4.90 17.98
CA LYS E 1328 -10.73 4.77 19.15
C LYS E 1328 -11.19 3.62 20.05
N GLU E 1329 -12.36 3.77 20.65
CA GLU E 1329 -12.83 2.71 21.54
C GLU E 1329 -13.20 1.45 20.77
N LEU E 1330 -13.40 1.52 19.46
CA LEU E 1330 -13.55 0.29 18.69
C LEU E 1330 -12.30 -0.57 18.76
N ALA E 1331 -11.14 0.00 18.42
CA ALA E 1331 -9.90 -0.75 18.56
C ALA E 1331 -9.66 -1.12 20.00
N GLU E 1332 -10.08 -0.26 20.93
CA GLU E 1332 -9.99 -0.59 22.35
C GLU E 1332 -10.70 -1.90 22.63
N THR E 1333 -11.94 -2.04 22.18
CA THR E 1333 -12.68 -3.27 22.39
C THR E 1333 -12.01 -4.44 21.69
N TYR E 1334 -11.58 -4.23 20.45
CA TYR E 1334 -10.81 -5.24 19.74
C TYR E 1334 -9.76 -5.87 20.63
N GLU E 1335 -8.79 -5.06 21.05
CA GLU E 1335 -7.68 -5.60 21.82
C GLU E 1335 -8.16 -6.11 23.17
N SER E 1336 -9.07 -5.37 23.80
CA SER E 1336 -9.41 -5.65 25.18
C SER E 1336 -10.18 -6.94 25.32
N LYS E 1337 -10.85 -7.37 24.26
CA LYS E 1337 -11.61 -8.61 24.33
C LYS E 1337 -11.23 -9.61 23.25
N VAL E 1338 -11.16 -9.19 22.00
CA VAL E 1338 -11.17 -10.13 20.88
C VAL E 1338 -9.82 -10.27 20.22
N PHE E 1339 -8.94 -9.29 20.32
CA PHE E 1339 -7.64 -9.32 19.66
C PHE E 1339 -7.80 -9.38 18.15
N ASP E 1340 -8.72 -8.57 17.64
CA ASP E 1340 -8.96 -8.48 16.21
C ASP E 1340 -7.81 -7.72 15.55
N TYR E 1341 -6.59 -8.25 15.74
CA TYR E 1341 -5.41 -7.46 15.41
C TYR E 1341 -5.42 -7.04 13.95
N GLU E 1342 -5.89 -7.92 13.07
CA GLU E 1342 -6.16 -7.52 11.69
C GLU E 1342 -7.15 -6.37 11.64
N GLY E 1343 -8.26 -6.49 12.38
CA GLY E 1343 -9.22 -5.42 12.44
C GLY E 1343 -8.67 -4.22 13.17
N LEU E 1344 -7.91 -4.44 14.24
CA LEU E 1344 -7.17 -3.34 14.84
C LEU E 1344 -6.46 -2.53 13.77
N GLY E 1345 -5.59 -3.20 13.02
CA GLY E 1345 -4.70 -2.49 12.11
C GLY E 1345 -5.44 -1.81 10.98
N ASN E 1346 -6.37 -2.52 10.35
CA ASN E 1346 -7.12 -1.89 9.27
C ASN E 1346 -7.94 -0.73 9.78
N LEU E 1347 -8.59 -0.89 10.94
CA LEU E 1347 -9.35 0.19 11.55
C LEU E 1347 -8.48 1.41 11.76
N LEU E 1348 -7.27 1.20 12.27
CA LEU E 1348 -6.40 2.35 12.52
C LEU E 1348 -5.92 2.97 11.23
N LYS E 1349 -5.71 2.16 10.19
CA LYS E 1349 -5.35 2.73 8.90
C LYS E 1349 -6.47 3.62 8.38
N LYS E 1350 -7.71 3.18 8.57
CA LYS E 1350 -8.84 4.05 8.25
C LYS E 1350 -8.84 5.31 9.10
N ARG E 1351 -8.48 5.19 10.37
CA ARG E 1351 -8.39 6.38 11.22
C ARG E 1351 -7.36 7.37 10.67
N ALA E 1352 -6.24 6.84 10.21
CA ALA E 1352 -5.24 7.67 9.54
C ALA E 1352 -5.83 8.35 8.32
N SER E 1353 -6.56 7.59 7.51
CA SER E 1353 -7.23 8.17 6.36
C SER E 1353 -8.11 9.33 6.77
N PHE E 1354 -8.89 9.15 7.84
CA PHE E 1354 -9.80 10.20 8.29
C PHE E 1354 -9.02 11.44 8.67
N TYR E 1355 -7.94 11.28 9.45
CA TYR E 1355 -7.16 12.44 9.88
C TYR E 1355 -6.61 13.20 8.67
N GLU E 1356 -6.10 12.46 7.68
CA GLU E 1356 -5.60 13.11 6.48
C GLU E 1356 -6.71 13.87 5.78
N ASN E 1357 -7.90 13.27 5.70
CA ASN E 1357 -9.04 13.97 5.11
C ASN E 1357 -9.30 15.27 5.86
N ILE E 1358 -9.21 15.22 7.18
CA ILE E 1358 -9.49 16.40 8.00
C ILE E 1358 -8.54 17.53 7.64
N ILE E 1359 -7.24 17.28 7.77
CA ILE E 1359 -6.28 18.35 7.50
C ILE E 1359 -6.39 18.81 6.05
N LYS E 1360 -6.52 17.87 5.13
CA LYS E 1360 -6.52 18.20 3.71
C LYS E 1360 -7.84 18.79 3.27
N ALA E 1361 -8.92 18.01 3.34
CA ALA E 1361 -10.17 18.40 2.71
C ALA E 1361 -10.87 19.50 3.50
N MET E 1362 -11.51 20.41 2.77
CA MET E 1362 -12.20 21.57 3.32
C MET E 1362 -13.71 21.38 3.15
N ARG E 1363 -14.48 22.04 4.02
CA ARG E 1363 -15.91 21.79 4.06
C ARG E 1363 -16.70 23.10 4.06
N PRO E 1364 -17.81 23.18 3.34
CA PRO E 1364 -18.57 24.43 3.27
C PRO E 1364 -19.58 24.56 4.40
N GLN E 1365 -20.00 25.81 4.63
CA GLN E 1365 -20.83 26.15 5.78
C GLN E 1365 -22.26 26.41 5.36
N PRO E 1366 -23.21 25.54 5.68
CA PRO E 1366 -24.60 25.75 5.25
C PRO E 1366 -25.22 26.99 5.87
N GLU E 1367 -25.98 27.69 5.05
CA GLU E 1367 -26.74 28.83 5.54
C GLU E 1367 -27.87 28.35 6.43
N TYR E 1368 -28.17 29.15 7.44
CA TYR E 1368 -29.03 28.72 8.52
C TYR E 1368 -30.22 29.65 8.63
N PHE E 1369 -31.38 29.07 8.93
CA PHE E 1369 -32.64 29.81 8.90
C PHE E 1369 -33.55 29.33 10.03
N ALA E 1370 -33.97 30.28 10.87
CA ALA E 1370 -34.98 30.03 11.89
C ALA E 1370 -36.33 30.41 11.30
N VAL E 1371 -37.19 29.43 11.08
CA VAL E 1371 -38.30 29.54 10.14
C VAL E 1371 -39.61 29.60 10.90
N GLY E 1372 -40.36 30.68 10.69
CA GLY E 1372 -41.68 30.85 11.26
C GLY E 1372 -42.83 30.53 10.33
N TYR E 1373 -43.37 29.33 10.45
CA TYR E 1373 -44.65 28.97 9.82
C TYR E 1373 -45.78 29.55 10.63
N TYR E 1374 -46.43 30.57 10.08
CA TYR E 1374 -47.49 31.26 10.78
C TYR E 1374 -48.80 31.02 10.04
N GLY E 1375 -49.85 30.78 10.81
CA GLY E 1375 -51.08 30.32 10.23
C GLY E 1375 -51.66 29.22 11.07
N GLN E 1376 -52.87 29.44 11.55
CA GLN E 1376 -53.64 28.34 12.10
C GLN E 1376 -53.81 27.26 11.06
N GLY E 1377 -53.69 27.63 9.78
CA GLY E 1377 -53.76 26.68 8.70
C GLY E 1377 -52.68 25.61 8.76
N PHE E 1378 -51.51 25.92 9.31
CA PHE E 1378 -50.55 24.85 9.53
C PHE E 1378 -51.07 23.88 10.58
N PRO E 1379 -50.63 22.62 10.52
CA PRO E 1379 -50.87 21.69 11.62
C PRO E 1379 -50.43 22.28 12.96
N SER E 1380 -50.86 21.59 14.02
CA SER E 1380 -50.59 22.06 15.37
C SER E 1380 -49.10 22.27 15.59
N PHE E 1381 -48.28 21.30 15.19
CA PHE E 1381 -46.84 21.47 15.33
C PHE E 1381 -46.27 22.43 14.30
N LEU E 1382 -46.90 22.54 13.14
CA LEU E 1382 -46.38 23.37 12.08
C LEU E 1382 -46.78 24.83 12.20
N ARG E 1383 -47.56 25.21 13.19
CA ARG E 1383 -48.06 26.59 13.26
C ARG E 1383 -47.22 27.42 14.23
N ASN E 1384 -46.89 28.64 13.80
CA ASN E 1384 -46.55 29.73 14.72
C ASN E 1384 -45.32 29.43 15.57
N LYS E 1385 -44.46 28.53 15.11
CA LYS E 1385 -43.26 28.19 15.85
C LYS E 1385 -42.05 28.31 14.93
N ILE E 1386 -40.97 28.84 15.48
CA ILE E 1386 -39.78 29.16 14.70
C ILE E 1386 -38.92 27.91 14.62
N PHE E 1387 -38.91 27.31 13.44
CA PHE E 1387 -38.15 26.10 13.19
C PHE E 1387 -36.83 26.52 12.57
N ILE E 1388 -35.73 26.27 13.27
CA ILE E 1388 -34.42 26.57 12.72
C ILE E 1388 -34.05 25.48 11.72
N TYR E 1389 -33.72 25.88 10.51
CA TYR E 1389 -33.51 24.95 9.41
C TYR E 1389 -32.05 24.91 9.03
N ARG E 1390 -31.46 23.71 9.04
CA ARG E 1390 -30.16 23.50 8.44
C ARG E 1390 -30.34 23.27 6.95
N GLY E 1391 -30.14 24.31 6.16
CA GLY E 1391 -30.24 24.20 4.72
C GLY E 1391 -29.08 23.43 4.13
N LYS E 1392 -28.77 23.76 2.89
CA LYS E 1392 -27.63 23.20 2.18
C LYS E 1392 -26.45 24.14 2.37
N GLU E 1393 -25.27 23.67 1.94
CA GLU E 1393 -24.03 24.37 2.22
C GLU E 1393 -24.07 25.81 1.77
N TYR E 1394 -24.73 26.11 0.65
CA TYR E 1394 -24.68 27.44 0.07
C TYR E 1394 -26.06 27.97 -0.27
N GLU E 1395 -27.02 27.83 0.64
CA GLU E 1395 -28.41 28.12 0.33
C GLU E 1395 -28.67 29.61 0.19
N ARG E 1396 -29.46 29.96 -0.81
CA ARG E 1396 -30.05 31.28 -0.92
C ARG E 1396 -31.41 31.28 -0.23
N ARG E 1397 -31.61 32.22 0.70
CA ARG E 1397 -32.83 32.26 1.49
C ARG E 1397 -34.07 32.34 0.60
N GLU E 1398 -33.94 32.99 -0.56
CA GLU E 1398 -35.07 33.09 -1.47
C GLU E 1398 -35.47 31.71 -1.99
N ASP E 1399 -34.50 30.91 -2.45
CA ASP E 1399 -34.83 29.56 -2.92
C ASP E 1399 -35.34 28.71 -1.77
N PHE E 1400 -34.85 28.97 -0.56
CA PHE E 1400 -35.34 28.28 0.61
C PHE E 1400 -36.83 28.53 0.80
N SER E 1401 -37.23 29.80 0.86
CA SER E 1401 -38.65 30.11 0.97
C SER E 1401 -39.41 29.57 -0.23
N LEU E 1402 -38.76 29.49 -1.39
CA LEU E 1402 -39.38 28.88 -2.55
C LEU E 1402 -39.80 27.45 -2.28
N ARG E 1403 -38.89 26.64 -1.75
CA ARG E 1403 -39.25 25.26 -1.44
C ARG E 1403 -40.22 25.14 -0.27
N LEU E 1404 -40.20 26.08 0.67
CA LEU E 1404 -41.33 26.20 1.58
C LEU E 1404 -42.64 26.40 0.84
N LEU E 1405 -42.64 27.21 -0.22
CA LEU E 1405 -43.84 27.35 -1.04
C LEU E 1405 -44.15 26.04 -1.74
N THR E 1406 -43.12 25.32 -2.15
CA THR E 1406 -43.28 23.93 -2.55
C THR E 1406 -43.73 23.08 -1.38
N GLN E 1407 -43.23 23.39 -0.19
CA GLN E 1407 -43.55 22.60 0.99
C GLN E 1407 -45.01 22.73 1.37
N PHE E 1408 -45.58 23.92 1.24
CA PHE E 1408 -46.91 24.20 1.74
C PHE E 1408 -47.77 24.90 0.71
N PRO E 1409 -49.08 24.77 0.83
CA PRO E 1409 -49.97 25.62 0.05
C PRO E 1409 -49.83 27.06 0.47
N ASN E 1410 -50.71 27.92 -0.03
CA ASN E 1410 -50.81 29.32 0.37
C ASN E 1410 -49.43 29.98 0.42
N ALA E 1411 -48.81 30.02 -0.75
CA ALA E 1411 -47.46 30.56 -0.89
C ALA E 1411 -47.54 32.07 -0.66
N GLU E 1412 -47.48 32.45 0.61
CA GLU E 1412 -47.38 33.85 1.01
C GLU E 1412 -46.82 33.91 2.42
N LYS E 1413 -46.19 35.04 2.73
CA LYS E 1413 -45.26 35.15 3.85
C LYS E 1413 -45.63 36.34 4.72
N MET E 1414 -44.78 36.64 5.70
CA MET E 1414 -44.76 37.95 6.34
C MET E 1414 -43.55 38.74 5.87
N THR E 1415 -43.79 40.01 5.50
CA THR E 1415 -42.70 40.97 5.52
C THR E 1415 -42.29 41.31 6.93
N SER E 1416 -43.06 40.86 7.92
CA SER E 1416 -42.72 40.97 9.32
C SER E 1416 -41.56 40.03 9.60
N THR E 1417 -40.40 40.34 9.02
CA THR E 1417 -39.24 39.46 9.16
C THR E 1417 -38.81 39.37 10.62
N THR E 1418 -38.77 40.49 11.32
CA THR E 1418 -38.39 40.50 12.72
C THR E 1418 -39.55 40.13 13.64
N PRO E 1419 -40.70 40.79 13.56
CA PRO E 1419 -41.77 40.50 14.52
C PRO E 1419 -42.64 39.35 14.04
N PRO E 1420 -43.36 38.69 14.95
CA PRO E 1420 -44.26 37.63 14.54
C PRO E 1420 -45.49 38.19 13.83
N GLY E 1421 -46.14 37.33 13.05
CA GLY E 1421 -47.42 37.67 12.45
C GLY E 1421 -48.58 37.24 13.33
N GLU E 1422 -49.06 38.15 14.17
CA GLU E 1422 -50.09 37.81 15.15
C GLU E 1422 -51.41 37.45 14.47
N ASP E 1423 -51.78 38.17 13.42
CA ASP E 1423 -52.98 37.83 12.68
C ASP E 1423 -52.93 36.37 12.25
N ILE E 1424 -51.81 35.96 11.71
CA ILE E 1424 -51.60 34.62 11.17
C ILE E 1424 -50.98 33.74 12.25
N LYS E 1425 -50.99 34.23 13.49
CA LYS E 1425 -50.81 33.31 14.60
C LYS E 1425 -52.00 32.36 14.70
N SER E 1426 -53.21 32.91 14.56
CA SER E 1426 -54.42 32.10 14.58
C SER E 1426 -55.20 32.18 13.28
N SER E 1427 -54.71 32.92 12.29
CA SER E 1427 -55.46 32.94 11.05
C SER E 1427 -55.17 31.70 10.21
N PRO E 1428 -56.12 31.29 9.40
CA PRO E 1428 -55.83 30.32 8.34
C PRO E 1428 -55.06 31.01 7.22
N LYS E 1429 -54.92 30.33 6.09
CA LYS E 1429 -54.15 30.83 4.95
C LYS E 1429 -52.71 31.10 5.41
N GLN E 1430 -52.10 30.00 5.82
CA GLN E 1430 -50.76 29.93 6.38
C GLN E 1430 -49.85 30.99 5.78
N TYR E 1431 -49.20 31.77 6.63
CA TYR E 1431 -48.12 32.60 6.12
C TYR E 1431 -46.78 32.02 6.53
N MET E 1432 -45.72 32.76 6.23
CA MET E 1432 -44.36 32.33 6.48
C MET E 1432 -43.46 33.54 6.74
N GLN E 1433 -42.21 33.25 7.11
CA GLN E 1433 -41.18 34.26 7.32
C GLN E 1433 -39.85 33.54 7.46
N CYS E 1434 -38.80 34.04 6.80
CA CYS E 1434 -37.49 33.40 6.85
C CYS E 1434 -36.38 34.38 6.53
N PHE E 1435 -35.16 33.95 6.82
CA PHE E 1435 -33.93 34.71 6.65
C PHE E 1435 -32.75 33.84 7.03
N THR E 1436 -31.58 34.19 6.52
CA THR E 1436 -30.36 33.45 6.83
C THR E 1436 -29.82 33.90 8.18
N VAL E 1437 -29.94 33.04 9.18
CA VAL E 1437 -29.55 33.39 10.51
C VAL E 1437 -28.06 33.15 10.67
N LYS E 1438 -27.48 33.70 11.74
CA LYS E 1438 -26.07 33.56 12.01
C LYS E 1438 -25.78 32.16 12.53
N PRO E 1439 -24.86 31.41 11.92
CA PRO E 1439 -24.34 30.21 12.59
C PRO E 1439 -23.42 30.61 13.73
N VAL E 1440 -23.92 30.48 14.97
CA VAL E 1440 -23.10 30.78 16.13
C VAL E 1440 -21.93 29.81 16.19
N MET E 1441 -20.76 30.32 16.62
CA MET E 1441 -19.53 29.55 16.56
C MET E 1441 -19.62 28.29 17.41
N SER E 1442 -18.92 27.25 16.98
CA SER E 1442 -18.73 26.08 17.82
C SER E 1442 -17.71 26.37 18.90
N LEU E 1443 -17.61 25.43 19.85
CA LEU E 1443 -16.65 25.52 20.94
C LEU E 1443 -15.67 24.37 20.80
N PRO E 1444 -14.52 24.62 20.17
CA PRO E 1444 -13.47 23.61 20.12
C PRO E 1444 -12.85 23.42 21.49
N PRO E 1445 -13.11 22.28 22.12
CA PRO E 1445 -12.67 22.09 23.51
C PRO E 1445 -11.15 22.03 23.60
N SER E 1446 -10.61 22.78 24.57
CA SER E 1446 -9.18 22.82 24.85
C SER E 1446 -8.37 23.31 23.66
N TYR E 1447 -9.03 23.96 22.70
CA TYR E 1447 -8.35 24.52 21.54
C TYR E 1447 -8.22 26.03 21.62
N LYS E 1448 -8.98 26.68 22.50
CA LYS E 1448 -8.95 28.13 22.59
C LYS E 1448 -7.57 28.63 23.02
N ASP E 1449 -6.95 27.96 23.99
CA ASP E 1449 -5.57 28.27 24.34
C ASP E 1449 -4.61 27.81 23.26
N LYS E 1450 -5.09 26.98 22.37
CA LYS E 1450 -4.18 26.27 21.50
C LYS E 1450 -4.15 26.90 20.12
N PRO E 1451 -2.99 27.27 19.63
CA PRO E 1451 -2.87 27.70 18.23
C PRO E 1451 -3.07 26.53 17.27
N VAL E 1452 -4.30 26.02 17.29
CA VAL E 1452 -4.67 24.91 16.42
C VAL E 1452 -4.65 25.43 14.98
N PRO E 1453 -4.31 24.60 14.00
CA PRO E 1453 -4.49 25.02 12.62
C PRO E 1453 -5.96 25.24 12.32
N GLU E 1454 -6.23 25.69 11.08
CA GLU E 1454 -7.58 26.17 10.75
C GLU E 1454 -8.59 25.03 10.66
N GLN E 1455 -8.16 23.83 10.28
CA GLN E 1455 -9.10 22.79 9.90
C GLN E 1455 -10.16 22.58 10.97
N ILE E 1456 -9.74 22.62 12.24
CA ILE E 1456 -10.71 22.49 13.31
C ILE E 1456 -11.74 23.61 13.25
N LEU E 1457 -11.30 24.84 13.06
CA LEU E 1457 -12.25 25.95 13.01
C LEU E 1457 -13.19 25.82 11.82
N ASN E 1458 -12.65 25.59 10.63
CA ASN E 1458 -13.51 25.44 9.46
C ASN E 1458 -14.52 24.34 9.65
N TYR E 1459 -14.09 23.24 10.26
CA TYR E 1459 -15.01 22.19 10.63
C TYR E 1459 -15.99 22.62 11.71
N TYR E 1460 -15.69 23.68 12.45
CA TYR E 1460 -16.55 24.08 13.55
C TYR E 1460 -17.36 25.33 13.30
N ARG E 1461 -17.18 26.01 12.18
CA ARG E 1461 -17.85 27.29 12.04
C ARG E 1461 -19.33 27.12 11.73
N ALA E 1462 -19.74 25.96 11.24
CA ALA E 1462 -21.14 25.73 10.91
C ALA E 1462 -21.70 24.41 11.41
N ASN E 1463 -20.89 23.54 12.00
CA ASN E 1463 -21.40 22.31 12.57
C ASN E 1463 -21.46 22.45 14.08
N GLU E 1464 -22.16 21.51 14.71
CA GLU E 1464 -22.32 21.48 16.16
C GLU E 1464 -22.87 22.81 16.66
N VAL E 1465 -23.81 23.34 15.90
CA VAL E 1465 -24.34 24.69 16.13
C VAL E 1465 -25.79 24.60 16.56
N GLN E 1466 -26.09 25.23 17.68
CA GLN E 1466 -27.42 25.24 18.25
C GLN E 1466 -27.92 26.66 18.51
N GLN E 1467 -27.02 27.57 18.86
CA GLN E 1467 -27.35 28.97 18.98
C GLN E 1467 -27.31 29.60 17.59
N PHE E 1468 -28.21 30.56 17.37
CA PHE E 1468 -28.27 31.25 16.09
C PHE E 1468 -28.83 32.65 16.31
N ARG E 1469 -28.75 33.46 15.27
CA ARG E 1469 -29.19 34.84 15.35
C ARG E 1469 -29.32 35.38 13.94
N TYR E 1470 -30.18 36.39 13.78
CA TYR E 1470 -30.24 37.10 12.52
C TYR E 1470 -30.12 38.60 12.80
N SER E 1471 -29.68 39.33 11.79
CA SER E 1471 -29.43 40.75 11.94
C SER E 1471 -30.72 41.56 11.97
N ARG E 1472 -30.73 42.59 12.82
CA ARG E 1472 -31.83 43.56 12.86
C ARG E 1472 -31.23 44.96 12.88
N PRO E 1473 -30.85 45.49 11.73
CA PRO E 1473 -30.43 46.89 11.66
C PRO E 1473 -31.58 47.81 12.06
N PHE E 1474 -31.28 48.77 12.92
CA PHE E 1474 -32.27 49.67 13.46
C PHE E 1474 -31.67 51.07 13.55
N ARG E 1475 -32.54 52.07 13.55
CA ARG E 1475 -32.13 53.48 13.51
C ARG E 1475 -32.63 54.15 14.78
N LYS E 1476 -31.83 54.07 15.85
CA LYS E 1476 -32.16 54.70 17.13
C LYS E 1476 -31.18 55.83 17.37
N GLY E 1477 -31.55 57.02 16.91
CA GLY E 1477 -30.70 58.19 17.06
C GLY E 1477 -31.10 59.25 16.06
N GLU E 1478 -30.17 60.18 15.83
CA GLU E 1478 -30.37 61.26 14.87
C GLU E 1478 -29.95 60.79 13.48
N LYS E 1479 -30.94 60.54 12.61
CA LYS E 1479 -30.69 59.93 11.30
C LYS E 1479 -30.23 60.98 10.29
N ASP E 1480 -29.10 61.60 10.60
CA ASP E 1480 -28.47 62.51 9.67
C ASP E 1480 -27.95 61.72 8.45
N PRO E 1481 -27.79 62.40 7.30
CA PRO E 1481 -27.44 61.64 6.08
C PRO E 1481 -26.09 60.95 6.14
N ASP E 1482 -25.02 61.70 6.41
CA ASP E 1482 -23.68 61.11 6.38
C ASP E 1482 -23.54 60.02 7.42
N ASN E 1483 -23.90 60.32 8.66
CA ASN E 1483 -23.79 59.35 9.74
C ASN E 1483 -25.02 58.46 9.79
N GLU E 1484 -24.79 57.16 9.68
CA GLU E 1484 -25.81 56.17 9.98
C GLU E 1484 -25.57 55.55 11.34
N PHE E 1485 -24.65 56.14 12.12
CA PHE E 1485 -23.95 55.43 13.18
C PHE E 1485 -24.42 55.76 14.58
N ALA E 1486 -24.86 56.99 14.85
CA ALA E 1486 -25.50 57.27 16.12
C ALA E 1486 -26.90 56.69 16.20
N THR E 1487 -27.43 56.20 15.08
CA THR E 1487 -28.75 55.59 15.03
C THR E 1487 -28.69 54.09 14.89
N MET E 1488 -27.63 53.56 14.29
CA MET E 1488 -27.54 52.15 13.98
C MET E 1488 -27.61 51.31 15.25
N TRP E 1489 -28.62 50.46 15.31
CA TRP E 1489 -28.80 49.51 16.39
C TRP E 1489 -29.12 48.14 15.79
N ILE E 1490 -28.48 47.11 16.30
CA ILE E 1490 -28.73 45.75 15.83
C ILE E 1490 -29.49 45.04 16.94
N GLU E 1491 -30.73 44.70 16.65
CA GLU E 1491 -31.54 43.88 17.55
C GLU E 1491 -31.31 42.41 17.18
N ARG E 1492 -30.09 41.95 17.49
CA ARG E 1492 -29.72 40.57 17.26
C ARG E 1492 -30.82 39.64 17.72
N THR E 1493 -31.10 38.63 16.91
CA THR E 1493 -32.22 37.74 17.18
C THR E 1493 -31.65 36.41 17.62
N THR E 1494 -31.30 36.34 18.91
CA THR E 1494 -30.64 35.16 19.42
C THR E 1494 -31.56 33.96 19.38
N TYR E 1495 -31.01 32.82 18.99
CA TYR E 1495 -31.73 31.56 18.93
C TYR E 1495 -30.99 30.49 19.69
N THR E 1496 -31.75 29.52 20.17
CA THR E 1496 -31.18 28.26 20.66
C THR E 1496 -31.92 27.15 19.93
N THR E 1497 -31.18 26.21 19.37
CA THR E 1497 -31.79 25.06 18.73
C THR E 1497 -31.85 23.91 19.73
N ALA E 1498 -32.97 23.20 19.74
CA ALA E 1498 -33.12 22.07 20.64
C ALA E 1498 -32.05 21.00 20.41
N TYR E 1499 -31.47 20.93 19.21
CA TYR E 1499 -30.57 19.84 18.89
C TYR E 1499 -29.46 20.28 17.96
N THR E 1500 -28.39 19.50 17.95
CA THR E 1500 -27.17 19.90 17.27
C THR E 1500 -27.39 20.04 15.78
N PHE E 1501 -26.77 21.02 15.22
CA PHE E 1501 -26.67 21.08 13.78
C PHE E 1501 -25.23 20.79 13.37
N PRO E 1502 -24.97 19.68 12.67
CA PRO E 1502 -26.00 18.75 12.21
C PRO E 1502 -26.49 17.82 13.31
N GLY E 1503 -27.65 17.21 13.05
CA GLY E 1503 -28.26 16.28 13.98
C GLY E 1503 -29.19 15.30 13.27
N ILE E 1504 -30.04 14.64 14.05
CA ILE E 1504 -30.94 13.63 13.50
C ILE E 1504 -31.90 14.23 12.49
N LEU E 1505 -32.17 15.51 12.58
CA LEU E 1505 -33.08 16.19 11.67
C LEU E 1505 -32.38 17.42 11.13
N LYS E 1506 -32.53 17.67 9.83
CA LYS E 1506 -31.90 18.85 9.26
C LYS E 1506 -32.40 20.11 9.97
N TRP E 1507 -33.67 20.42 9.81
CA TRP E 1507 -34.24 21.53 10.55
C TRP E 1507 -34.48 21.12 11.98
N PHE E 1508 -34.87 22.11 12.78
CA PHE E 1508 -35.30 21.92 14.14
C PHE E 1508 -36.02 23.18 14.54
N GLU E 1509 -36.79 23.10 15.61
CA GLU E 1509 -37.32 24.33 16.17
C GLU E 1509 -36.19 25.21 16.68
N VAL E 1510 -36.51 26.46 16.95
CA VAL E 1510 -35.72 27.20 17.92
C VAL E 1510 -36.14 26.74 19.31
N LYS E 1511 -35.17 26.33 20.11
CA LYS E 1511 -35.53 25.97 21.48
C LYS E 1511 -35.77 27.22 22.30
N GLN E 1512 -35.05 28.30 22.00
CA GLN E 1512 -35.29 29.58 22.66
C GLN E 1512 -34.82 30.71 21.76
N ILE E 1513 -35.70 31.66 21.53
CA ILE E 1513 -35.41 32.86 20.76
C ILE E 1513 -35.14 34.00 21.73
N SER E 1514 -34.23 34.90 21.36
CA SER E 1514 -33.96 36.10 22.14
C SER E 1514 -33.64 37.26 21.23
N THR E 1515 -34.32 38.37 21.42
CA THR E 1515 -33.95 39.60 20.73
C THR E 1515 -32.85 40.30 21.51
N GLU E 1516 -32.21 41.28 20.86
CA GLU E 1516 -31.09 42.00 21.47
C GLU E 1516 -31.20 43.47 21.10
N GLU E 1517 -30.14 44.21 21.42
CA GLU E 1517 -30.00 45.63 21.11
C GLU E 1517 -28.51 45.92 21.00
N ILE E 1518 -28.15 46.94 20.21
CA ILE E 1518 -26.75 47.30 20.02
C ILE E 1518 -26.63 48.81 19.88
N SER E 1519 -25.93 49.43 20.83
CA SER E 1519 -25.87 50.89 20.95
C SER E 1519 -25.04 51.49 19.81
N PRO E 1520 -25.14 52.80 19.59
CA PRO E 1520 -24.29 53.43 18.56
C PRO E 1520 -22.82 53.22 18.80
N LEU E 1521 -22.37 53.25 20.06
CA LEU E 1521 -21.01 52.83 20.35
C LEU E 1521 -20.81 51.35 20.04
N GLU E 1522 -21.73 50.49 20.50
CA GLU E 1522 -21.56 49.07 20.28
C GLU E 1522 -21.66 48.72 18.80
N ASN E 1523 -22.45 49.49 18.05
CA ASN E 1523 -22.56 49.21 16.63
C ASN E 1523 -21.37 49.79 15.86
N ALA E 1524 -20.78 50.87 16.37
CA ALA E 1524 -19.49 51.30 15.87
C ALA E 1524 -18.44 50.24 16.13
N ILE E 1525 -18.49 49.67 17.34
CA ILE E 1525 -17.62 48.58 17.72
C ILE E 1525 -17.73 47.46 16.72
N GLU E 1526 -18.96 47.06 16.39
CA GLU E 1526 -19.12 45.90 15.53
C GLU E 1526 -18.76 46.23 14.09
N THR E 1527 -19.03 47.44 13.62
CA THR E 1527 -18.61 47.81 12.26
C THR E 1527 -17.10 47.74 12.12
N MET E 1528 -16.40 48.39 13.05
CA MET E 1528 -14.94 48.32 13.00
C MET E 1528 -14.45 46.91 13.28
N GLU E 1529 -15.21 46.14 14.06
CA GLU E 1529 -14.78 44.78 14.38
C GLU E 1529 -14.89 43.88 13.16
N LEU E 1530 -16.01 43.95 12.43
CA LEU E 1530 -16.11 43.20 11.19
C LEU E 1530 -15.07 43.68 10.19
N THR E 1531 -14.87 45.00 10.13
CA THR E 1531 -13.78 45.55 9.36
C THR E 1531 -12.48 44.82 9.64
N ASN E 1532 -12.04 44.88 10.90
CA ASN E 1532 -10.73 44.37 11.25
C ASN E 1532 -10.68 42.86 11.15
N GLU E 1533 -11.76 42.19 11.50
CA GLU E 1533 -11.77 40.75 11.42
C GLU E 1533 -11.69 40.30 9.97
N ARG E 1534 -12.26 41.05 9.04
CA ARG E 1534 -12.13 40.67 7.64
C ARG E 1534 -10.74 41.02 7.11
N ILE E 1535 -10.17 42.14 7.56
CA ILE E 1535 -8.77 42.39 7.25
C ILE E 1535 -7.92 41.20 7.68
N SER E 1536 -7.95 40.89 8.97
CA SER E 1536 -7.21 39.74 9.49
C SER E 1536 -7.59 38.47 8.77
N ASN E 1537 -8.86 38.35 8.36
CA ASN E 1537 -9.33 37.15 7.69
C ASN E 1537 -8.61 36.96 6.37
N CYS E 1538 -8.69 37.95 5.50
CA CYS E 1538 -8.04 37.85 4.21
C CYS E 1538 -6.53 37.73 4.38
N VAL E 1539 -5.97 38.48 5.34
CA VAL E 1539 -4.54 38.43 5.58
C VAL E 1539 -4.12 37.01 5.95
N GLN E 1540 -4.85 36.38 6.86
CA GLN E 1540 -4.44 35.09 7.37
C GLN E 1540 -4.71 34.00 6.36
N GLN E 1541 -5.88 34.04 5.70
CA GLN E 1541 -6.13 33.04 4.66
C GLN E 1541 -5.09 33.13 3.57
N HIS E 1542 -4.60 34.34 3.29
CA HIS E 1542 -3.45 34.45 2.41
C HIS E 1542 -2.19 33.94 3.08
N ALA E 1543 -2.10 34.04 4.40
CA ALA E 1543 -0.83 33.79 5.08
C ALA E 1543 -0.38 32.35 4.91
N TRP E 1544 -1.24 31.39 5.25
CA TRP E 1544 -0.91 29.99 5.08
C TRP E 1544 -1.16 29.51 3.66
N ASP E 1545 -1.96 30.23 2.89
CA ASP E 1545 -2.13 29.94 1.48
C ASP E 1545 -0.96 30.53 0.72
N ARG E 1546 -0.78 30.04 -0.49
CA ARG E 1546 0.15 30.63 -1.43
C ARG E 1546 -0.43 30.79 -2.83
N SER E 1547 -1.38 29.93 -3.22
CA SER E 1547 -2.05 30.04 -4.51
C SER E 1547 -3.31 30.89 -4.38
N LEU E 1548 -3.11 32.20 -4.23
CA LEU E 1548 -4.18 33.13 -3.96
C LEU E 1548 -4.10 34.34 -4.88
N SER E 1549 -5.26 34.76 -5.39
CA SER E 1549 -5.34 36.00 -6.13
C SER E 1549 -5.19 37.19 -5.18
N VAL E 1550 -4.54 38.25 -5.66
CA VAL E 1550 -4.31 39.43 -4.84
C VAL E 1550 -5.45 40.43 -4.98
N HIS E 1551 -6.41 40.16 -5.87
CA HIS E 1551 -7.61 40.97 -6.00
C HIS E 1551 -8.29 41.29 -4.67
N PRO E 1552 -8.51 40.32 -3.77
CA PRO E 1552 -9.10 40.69 -2.47
C PRO E 1552 -8.27 41.67 -1.67
N LEU E 1553 -6.94 41.60 -1.76
CA LEU E 1553 -6.13 42.60 -1.09
C LEU E 1553 -6.40 43.98 -1.65
N SER E 1554 -6.50 44.07 -2.98
CA SER E 1554 -6.90 45.33 -3.59
C SER E 1554 -8.26 45.78 -3.07
N MET E 1555 -9.20 44.85 -2.95
CA MET E 1555 -10.54 45.15 -2.46
C MET E 1555 -10.46 45.80 -1.10
N LEU E 1556 -9.91 45.05 -0.14
CA LEU E 1556 -9.81 45.52 1.24
C LEU E 1556 -9.12 46.87 1.29
N LEU E 1557 -7.93 46.96 0.71
CA LEU E 1557 -7.11 48.14 0.93
C LEU E 1557 -7.64 49.35 0.18
N SER E 1558 -8.10 49.16 -1.05
CA SER E 1558 -8.70 50.25 -1.80
C SER E 1558 -9.93 50.78 -1.09
N GLY E 1559 -10.74 49.89 -0.50
CA GLY E 1559 -11.87 50.35 0.27
C GLY E 1559 -11.46 51.05 1.56
N ILE E 1560 -10.44 50.54 2.23
CA ILE E 1560 -10.02 51.12 3.50
C ILE E 1560 -9.49 52.52 3.29
N VAL E 1561 -8.54 52.66 2.36
CA VAL E 1561 -7.80 53.91 2.23
C VAL E 1561 -8.76 55.07 2.04
N ASP E 1562 -9.85 54.81 1.35
CA ASP E 1562 -10.87 55.83 1.19
C ASP E 1562 -12.05 55.52 2.09
N PRO E 1563 -12.24 56.23 3.16
CA PRO E 1563 -13.54 56.18 3.81
C PRO E 1563 -14.50 56.86 2.85
N ALA E 1564 -14.84 56.14 1.79
CA ALA E 1564 -15.17 56.77 0.52
C ALA E 1564 -16.63 57.18 0.45
N VAL E 1565 -17.55 56.20 0.50
CA VAL E 1565 -18.97 56.51 0.36
C VAL E 1565 -19.42 57.43 1.49
N MET E 1566 -18.98 57.13 2.70
CA MET E 1566 -19.03 58.04 3.82
C MET E 1566 -17.71 57.90 4.56
N GLY E 1567 -17.23 58.98 5.17
CA GLY E 1567 -15.90 58.85 5.71
C GLY E 1567 -15.95 58.19 7.06
N GLY E 1568 -15.89 56.87 7.07
CA GLY E 1568 -16.15 56.14 8.30
C GLY E 1568 -15.16 56.50 9.37
N PHE E 1569 -13.98 56.91 8.95
CA PHE E 1569 -12.97 57.47 9.81
C PHE E 1569 -13.57 58.73 10.42
N SER E 1570 -13.88 59.68 9.54
CA SER E 1570 -14.54 60.91 9.94
C SER E 1570 -15.94 60.65 10.52
N ASN E 1571 -16.67 59.67 9.97
CA ASN E 1571 -17.98 59.37 10.52
C ASN E 1571 -17.89 59.01 12.00
N TYR E 1572 -16.98 58.11 12.36
CA TYR E 1572 -16.87 57.74 13.76
C TYR E 1572 -16.32 58.88 14.60
N GLU E 1573 -15.41 59.68 14.02
CA GLU E 1573 -14.96 60.86 14.76
C GLU E 1573 -16.14 61.73 15.15
N LYS E 1574 -16.98 62.08 14.18
CA LYS E 1574 -18.13 62.94 14.45
C LYS E 1574 -19.14 62.25 15.35
N ALA E 1575 -19.41 60.97 15.10
CA ALA E 1575 -20.51 60.28 15.76
C ALA E 1575 -20.19 60.00 17.23
N PHE E 1576 -18.97 59.54 17.51
CA PHE E 1576 -18.65 59.05 18.85
C PHE E 1576 -17.35 59.63 19.41
N PHE E 1577 -16.35 59.83 18.55
CA PHE E 1577 -15.07 60.32 19.04
C PHE E 1577 -15.16 61.79 19.44
N THR E 1578 -15.95 62.58 18.71
CA THR E 1578 -16.04 64.00 18.98
C THR E 1578 -16.72 64.28 20.32
N GLU E 1579 -16.86 65.57 20.62
CA GLU E 1579 -17.40 66.02 21.89
C GLU E 1579 -18.91 65.85 21.98
N LYS E 1580 -19.62 65.88 20.85
CA LYS E 1580 -21.07 65.83 20.90
C LYS E 1580 -21.57 64.55 21.52
N TYR E 1581 -20.79 63.48 21.42
CA TYR E 1581 -21.27 62.18 21.83
C TYR E 1581 -20.85 61.90 23.26
N LEU E 1582 -19.81 62.62 23.72
CA LEU E 1582 -19.59 62.84 25.14
C LEU E 1582 -20.76 63.58 25.76
N GLN E 1583 -21.30 64.57 25.04
CA GLN E 1583 -22.52 65.22 25.47
C GLN E 1583 -23.64 64.20 25.59
N GLU E 1584 -23.80 63.35 24.57
CA GLU E 1584 -24.73 62.25 24.69
C GLU E 1584 -24.33 61.26 25.79
N HIS E 1585 -23.04 61.10 26.06
CA HIS E 1585 -22.56 60.05 26.96
C HIS E 1585 -21.26 60.43 27.65
N PRO E 1586 -21.30 61.23 28.71
CA PRO E 1586 -20.08 61.56 29.45
C PRO E 1586 -19.52 60.38 30.24
N GLU E 1587 -20.36 59.79 31.11
CA GLU E 1587 -19.89 58.68 31.96
C GLU E 1587 -19.50 57.48 31.12
N ASP E 1588 -20.40 57.01 30.27
CA ASP E 1588 -20.13 55.88 29.38
C ASP E 1588 -19.64 56.41 28.03
N GLN E 1589 -18.47 57.05 28.08
CA GLN E 1589 -17.69 57.35 26.90
C GLN E 1589 -16.44 56.51 26.83
N GLU E 1590 -16.17 55.68 27.83
CA GLU E 1590 -14.96 54.85 27.88
C GLU E 1590 -14.99 53.74 26.88
N LYS E 1591 -15.96 53.82 25.97
CA LYS E 1591 -16.02 52.93 24.82
C LYS E 1591 -15.63 53.61 23.52
N VAL E 1592 -15.65 54.95 23.45
CA VAL E 1592 -15.11 55.58 22.25
C VAL E 1592 -13.59 55.54 22.31
N GLU E 1593 -13.02 55.57 23.51
CA GLU E 1593 -11.62 55.19 23.65
C GLU E 1593 -11.42 53.75 23.22
N LEU E 1594 -12.44 52.91 23.36
CA LEU E 1594 -12.32 51.56 22.86
C LEU E 1594 -12.44 51.51 21.34
N LEU E 1595 -13.19 52.44 20.74
CA LEU E 1595 -13.17 52.58 19.29
C LEU E 1595 -11.80 53.04 18.81
N LYS E 1596 -11.20 53.98 19.55
CA LYS E 1596 -9.82 54.35 19.31
C LYS E 1596 -8.91 53.14 19.40
N ARG E 1597 -9.14 52.27 20.38
CA ARG E 1597 -8.37 51.03 20.47
C ARG E 1597 -8.63 50.12 19.28
N LEU E 1598 -9.88 50.07 18.83
CA LEU E 1598 -10.24 49.24 17.69
C LEU E 1598 -9.45 49.64 16.45
N ILE E 1599 -9.47 50.93 16.14
CA ILE E 1599 -8.67 51.39 15.00
C ILE E 1599 -7.18 51.22 15.30
N ALA E 1600 -6.77 51.49 16.55
CA ALA E 1600 -5.36 51.44 16.89
C ALA E 1600 -4.79 50.04 16.80
N LEU E 1601 -5.63 49.03 16.82
CA LEU E 1601 -5.20 47.68 16.48
C LEU E 1601 -5.55 47.31 15.05
N GLN E 1602 -6.48 48.04 14.43
CA GLN E 1602 -6.80 47.85 13.03
C GLN E 1602 -5.64 48.23 12.13
N MET E 1603 -5.03 49.36 12.40
CA MET E 1603 -3.95 49.81 11.53
C MET E 1603 -2.67 49.00 11.68
N PRO E 1604 -2.33 48.44 12.83
CA PRO E 1604 -1.32 47.37 12.79
C PRO E 1604 -1.82 46.16 12.05
N LEU E 1605 -3.11 45.87 12.18
CA LEU E 1605 -3.72 44.85 11.34
C LEU E 1605 -3.70 45.26 9.88
N LEU E 1606 -4.01 46.53 9.61
CA LEU E 1606 -3.78 47.07 8.29
C LEU E 1606 -2.31 46.95 7.90
N THR E 1607 -1.43 46.87 8.89
CA THR E 1607 -0.01 46.76 8.59
C THR E 1607 0.33 45.36 8.12
N GLU E 1608 -0.26 44.34 8.75
CA GLU E 1608 -0.09 43.01 8.18
C GLU E 1608 -0.74 42.93 6.80
N GLY E 1609 -1.83 43.66 6.61
CA GLY E 1609 -2.36 43.81 5.26
C GLY E 1609 -1.34 44.41 4.32
N ILE E 1610 -0.61 45.42 4.78
CA ILE E 1610 0.44 46.04 3.99
C ILE E 1610 1.53 45.02 3.70
N ARG E 1611 1.90 44.22 4.70
CA ARG E 1611 2.93 43.21 4.51
C ARG E 1611 2.55 42.20 3.46
N ILE E 1612 1.36 41.64 3.57
CA ILE E 1612 0.93 40.64 2.60
C ILE E 1612 0.80 41.27 1.22
N HIS E 1613 0.29 42.51 1.16
CA HIS E 1613 0.25 43.22 -0.11
C HIS E 1613 1.63 43.34 -0.70
N GLY E 1614 2.59 43.83 0.07
CA GLY E 1614 3.93 44.05 -0.46
C GLY E 1614 4.58 42.76 -0.92
N GLU E 1615 4.44 41.69 -0.15
CA GLU E 1615 5.03 40.43 -0.58
C GLU E 1615 4.29 39.83 -1.76
N LYS E 1616 3.05 40.27 -2.02
CA LYS E 1616 2.35 39.94 -3.26
C LYS E 1616 2.00 41.18 -4.06
N LEU E 1617 2.95 42.11 -4.18
CA LEU E 1617 2.71 43.40 -4.79
C LEU E 1617 3.16 43.41 -6.25
N THR E 1618 2.34 44.01 -7.11
CA THR E 1618 2.60 44.00 -8.54
C THR E 1618 2.58 45.42 -9.09
N GLU E 1619 2.76 45.50 -10.40
CA GLU E 1619 2.94 46.79 -11.07
C GLU E 1619 1.72 47.68 -10.96
N GLN E 1620 0.52 47.15 -11.20
CA GLN E 1620 -0.66 48.00 -11.04
C GLN E 1620 -1.00 48.19 -9.57
N LEU E 1621 -0.62 47.24 -8.73
CA LEU E 1621 -0.69 47.44 -7.29
C LEU E 1621 0.35 48.43 -6.78
N LYS E 1622 1.37 48.71 -7.59
CA LYS E 1622 2.41 49.62 -7.14
C LYS E 1622 1.88 51.04 -6.88
N PRO E 1623 1.08 51.65 -7.76
CA PRO E 1623 0.39 52.87 -7.33
C PRO E 1623 -0.55 52.60 -6.17
N LEU E 1624 -1.20 51.44 -6.20
CA LEU E 1624 -2.07 51.06 -5.10
C LEU E 1624 -1.27 50.95 -3.81
N HIS E 1625 -0.14 50.22 -3.83
CA HIS E 1625 0.64 50.11 -2.61
C HIS E 1625 1.31 51.41 -2.21
N GLU E 1626 1.62 52.25 -3.20
CA GLU E 1626 2.05 53.60 -2.90
C GLU E 1626 1.03 54.31 -2.04
N ARG E 1627 -0.23 54.31 -2.49
CA ARG E 1627 -1.29 54.91 -1.70
C ARG E 1627 -1.43 54.21 -0.37
N LEU E 1628 -1.26 52.88 -0.37
CA LEU E 1628 -1.32 52.12 0.88
C LEU E 1628 -0.31 52.67 1.88
N SER E 1629 0.97 52.60 1.55
CA SER E 1629 1.99 53.10 2.45
C SER E 1629 1.72 54.55 2.84
N SER E 1630 1.50 55.41 1.86
CA SER E 1630 1.37 56.83 2.13
C SER E 1630 0.19 57.12 3.05
N CYS E 1631 -1.02 56.89 2.55
CA CYS E 1631 -2.21 57.24 3.32
C CYS E 1631 -2.33 56.37 4.56
N PHE E 1632 -1.72 55.19 4.58
CA PHE E 1632 -1.82 54.35 5.76
C PHE E 1632 -0.96 54.89 6.88
N ARG E 1633 0.28 55.26 6.59
CA ARG E 1633 1.08 55.90 7.62
C ARG E 1633 0.48 57.24 7.99
N GLU E 1634 -0.23 57.86 7.04
CA GLU E 1634 -1.01 59.05 7.36
C GLU E 1634 -2.04 58.75 8.44
N LEU E 1635 -2.87 57.72 8.23
CA LEU E 1635 -3.85 57.36 9.24
C LEU E 1635 -3.19 56.89 10.52
N LYS E 1636 -2.00 56.28 10.42
CA LYS E 1636 -1.23 55.93 11.59
C LYS E 1636 -0.98 57.15 12.45
N GLU E 1637 -0.21 58.10 11.93
CA GLU E 1637 0.07 59.31 12.69
C GLU E 1637 -1.21 60.06 13.05
N LYS E 1638 -2.24 59.98 12.20
CA LYS E 1638 -3.51 60.65 12.48
C LYS E 1638 -4.16 60.11 13.73
N VAL E 1639 -4.22 58.79 13.88
CA VAL E 1639 -4.81 58.23 15.08
C VAL E 1639 -3.88 58.47 16.26
N GLU E 1640 -2.57 58.48 16.02
CA GLU E 1640 -1.64 58.78 17.10
C GLU E 1640 -1.85 60.19 17.63
N LYS E 1641 -2.34 61.11 16.80
CA LYS E 1641 -2.62 62.46 17.26
C LYS E 1641 -4.10 62.82 17.26
N HIS E 1642 -4.80 62.71 16.13
CA HIS E 1642 -6.15 63.25 16.08
C HIS E 1642 -7.15 62.32 16.76
N TYR E 1643 -7.07 61.03 16.44
CA TYR E 1643 -7.99 60.06 17.05
C TYR E 1643 -7.63 59.82 18.51
N GLY E 1644 -6.42 60.17 18.92
CA GLY E 1644 -6.03 60.07 20.31
C GLY E 1644 -5.66 58.68 20.77
N VAL E 1645 -5.23 57.81 19.87
CA VAL E 1645 -4.92 56.44 20.25
C VAL E 1645 -3.56 56.42 20.93
N ILE E 1646 -3.33 55.40 21.73
CA ILE E 1646 -2.03 55.11 22.30
C ILE E 1646 -1.59 53.79 21.71
N THR E 1647 -0.86 53.84 20.59
CA THR E 1647 -0.60 52.65 19.79
C THR E 1647 0.35 51.70 20.51
N LEU E 1648 0.62 50.58 19.86
CA LEU E 1648 1.56 49.59 20.38
C LEU E 1648 2.88 49.65 19.60
N MET F 8 -11.21 26.15 -8.08
CA MET F 8 -11.87 27.37 -7.62
C MET F 8 -11.61 28.49 -8.61
N GLN F 9 -12.54 29.43 -8.69
CA GLN F 9 -12.48 30.52 -9.66
C GLN F 9 -12.78 31.84 -8.97
N ALA F 10 -12.14 32.90 -9.46
CA ALA F 10 -12.34 34.26 -8.98
C ALA F 10 -12.61 35.16 -10.18
N ILE F 11 -13.74 35.85 -10.16
CA ILE F 11 -14.15 36.73 -11.26
C ILE F 11 -13.99 38.16 -10.81
N LYS F 12 -13.30 38.96 -11.62
CA LYS F 12 -13.14 40.39 -11.40
C LYS F 12 -14.12 41.11 -12.31
N CYS F 13 -14.87 42.04 -11.73
CA CYS F 13 -15.91 42.77 -12.45
C CYS F 13 -15.91 44.22 -12.00
N VAL F 14 -15.53 45.12 -12.90
CA VAL F 14 -15.52 46.55 -12.59
C VAL F 14 -16.92 47.08 -12.85
N VAL F 15 -17.66 47.37 -11.78
CA VAL F 15 -19.00 47.93 -11.90
C VAL F 15 -18.87 49.40 -12.27
N VAL F 16 -19.53 49.79 -13.36
CA VAL F 16 -19.39 51.12 -13.91
C VAL F 16 -20.76 51.73 -14.11
N GLY F 17 -20.94 52.95 -13.61
CA GLY F 17 -22.22 53.62 -13.64
C GLY F 17 -22.19 54.85 -12.74
N ASP F 18 -23.16 55.74 -12.92
CA ASP F 18 -23.14 56.99 -12.16
C ASP F 18 -23.48 56.75 -10.70
N GLY F 19 -22.90 57.59 -9.84
CA GLY F 19 -23.21 57.56 -8.43
C GLY F 19 -24.47 58.28 -8.03
N ALA F 20 -25.03 59.09 -8.94
CA ALA F 20 -26.29 59.77 -8.69
C ALA F 20 -27.45 58.81 -8.52
N VAL F 21 -27.29 57.56 -8.98
CA VAL F 21 -28.31 56.54 -8.80
C VAL F 21 -28.04 55.70 -7.56
N ALA F 22 -26.80 55.68 -7.06
CA ALA F 22 -26.43 54.97 -5.84
C ALA F 22 -26.65 53.46 -5.98
N LYS F 23 -26.03 52.90 -7.03
CA LYS F 23 -26.02 51.45 -7.21
C LYS F 23 -25.25 50.75 -6.11
N THR F 24 -24.38 51.47 -5.39
CA THR F 24 -23.63 50.86 -4.30
C THR F 24 -24.58 50.31 -3.25
N CYS F 25 -25.70 50.99 -3.01
CA CYS F 25 -26.72 50.48 -2.11
C CYS F 25 -27.16 49.08 -2.55
N LEU F 26 -27.50 48.93 -3.83
CA LEU F 26 -27.91 47.64 -4.36
C LEU F 26 -26.81 46.60 -4.20
N LEU F 27 -25.58 46.97 -4.55
CA LEU F 27 -24.48 46.01 -4.54
C LEU F 27 -24.23 45.50 -3.12
N ILE F 28 -24.09 46.41 -2.17
CA ILE F 28 -23.85 45.96 -0.80
C ILE F 28 -25.06 45.24 -0.24
N SER F 29 -26.27 45.65 -0.63
CA SER F 29 -27.46 44.96 -0.19
C SER F 29 -27.43 43.51 -0.63
N TYR F 30 -27.02 43.25 -1.87
CA TYR F 30 -26.85 41.88 -2.30
C TYR F 30 -25.74 41.19 -1.53
N THR F 31 -24.61 41.87 -1.34
CA THR F 31 -23.58 41.29 -0.50
C THR F 31 -24.12 41.08 0.90
N THR F 32 -24.90 42.04 1.39
CA THR F 32 -25.65 41.82 2.62
C THR F 32 -26.65 40.69 2.46
N ASN F 33 -27.05 40.37 1.23
CA ASN F 33 -28.08 39.36 0.96
C ASN F 33 -29.35 39.69 1.73
N ALA F 34 -29.57 40.97 1.94
CA ALA F 34 -30.41 41.44 3.03
C ALA F 34 -31.88 41.14 2.78
N PHE F 35 -32.64 41.18 3.86
CA PHE F 35 -34.07 41.36 3.75
C PHE F 35 -34.32 42.74 3.15
N PRO F 36 -35.36 42.92 2.34
CA PRO F 36 -35.56 44.20 1.65
C PRO F 36 -35.52 45.41 2.59
N GLY F 37 -34.62 46.35 2.30
CA GLY F 37 -34.48 47.54 3.11
C GLY F 37 -33.75 47.35 4.43
N GLU F 38 -33.21 46.16 4.69
CA GLU F 38 -32.55 45.90 5.97
C GLU F 38 -31.05 45.71 5.82
N TYR F 39 -30.47 46.14 4.71
CA TYR F 39 -29.03 46.01 4.55
C TYR F 39 -28.30 47.11 5.31
N ILE F 40 -26.99 46.95 5.41
CA ILE F 40 -26.14 47.97 6.00
C ILE F 40 -25.13 48.42 4.97
N PRO F 41 -25.25 49.64 4.43
CA PRO F 41 -24.19 50.17 3.58
C PRO F 41 -22.95 50.45 4.41
N THR F 42 -21.79 50.40 3.75
CA THR F 42 -20.52 50.51 4.46
C THR F 42 -19.67 51.61 3.83
N VAL F 43 -18.41 51.64 4.27
CA VAL F 43 -17.45 52.69 3.96
C VAL F 43 -16.50 52.16 2.89
N PHE F 44 -16.59 50.86 2.64
CA PHE F 44 -15.69 50.16 1.74
C PHE F 44 -16.11 50.33 0.29
N ASP F 45 -15.20 49.97 -0.61
CA ASP F 45 -15.48 49.95 -2.03
C ASP F 45 -15.30 48.53 -2.55
N ASN F 46 -15.85 48.30 -3.75
CA ASN F 46 -15.59 47.09 -4.52
C ASN F 46 -15.97 45.84 -3.73
N TYR F 47 -17.24 45.80 -3.33
CA TYR F 47 -17.75 44.69 -2.53
C TYR F 47 -17.69 43.40 -3.33
N SER F 48 -17.10 42.38 -2.71
CA SER F 48 -16.91 41.08 -3.34
C SER F 48 -17.43 40.01 -2.39
N ALA F 49 -17.74 38.84 -2.94
CA ALA F 49 -18.35 37.77 -2.16
C ALA F 49 -18.07 36.43 -2.85
N ASN F 50 -18.79 35.39 -2.45
CA ASN F 50 -18.59 34.06 -3.03
C ASN F 50 -19.92 33.29 -2.93
N VAL F 51 -20.61 33.18 -4.05
CA VAL F 51 -21.91 32.51 -4.14
C VAL F 51 -21.91 31.63 -5.38
N MET F 52 -22.44 30.41 -5.26
CA MET F 52 -22.65 29.65 -6.48
C MET F 52 -23.84 30.19 -7.25
N VAL F 53 -23.96 29.72 -8.49
CA VAL F 53 -25.22 29.67 -9.22
C VAL F 53 -25.48 28.21 -9.54
N ASP F 54 -24.43 27.50 -9.96
CA ASP F 54 -24.53 26.10 -10.33
C ASP F 54 -23.17 25.44 -10.20
N GLY F 55 -23.16 24.22 -9.68
CA GLY F 55 -21.98 23.37 -9.77
C GLY F 55 -20.84 23.77 -8.88
N LYS F 56 -20.49 25.06 -8.89
CA LYS F 56 -19.29 25.53 -8.23
C LYS F 56 -19.43 26.98 -7.81
N PRO F 57 -19.20 27.31 -6.54
CA PRO F 57 -19.19 28.71 -6.13
C PRO F 57 -18.00 29.44 -6.72
N VAL F 58 -18.12 30.77 -6.78
CA VAL F 58 -17.14 31.63 -7.44
C VAL F 58 -16.73 32.73 -6.48
N ASN F 59 -15.43 33.03 -6.44
CA ASN F 59 -14.96 34.22 -5.75
C ASN F 59 -15.34 35.44 -6.59
N LEU F 60 -16.52 35.98 -6.33
CA LEU F 60 -17.11 37.01 -7.18
C LEU F 60 -16.64 38.37 -6.69
N GLY F 61 -16.09 39.15 -7.60
CA GLY F 61 -15.53 40.45 -7.26
C GLY F 61 -16.23 41.54 -8.03
N LEU F 62 -16.98 42.36 -7.32
CA LEU F 62 -17.76 43.45 -7.91
C LEU F 62 -17.06 44.76 -7.56
N TRP F 63 -16.12 45.17 -8.43
CA TRP F 63 -15.37 46.40 -8.25
C TRP F 63 -16.25 47.63 -8.35
N ASP F 64 -16.40 48.34 -7.23
CA ASP F 64 -17.22 49.55 -7.16
C ASP F 64 -16.40 50.76 -7.61
N THR F 65 -16.45 51.02 -8.91
CA THR F 65 -15.99 52.30 -9.43
C THR F 65 -17.17 53.28 -9.41
N ALA F 66 -17.13 54.22 -8.47
CA ALA F 66 -18.23 55.15 -8.29
C ALA F 66 -18.45 55.99 -9.53
N GLY F 67 -19.55 56.75 -9.53
CA GLY F 67 -19.91 57.55 -10.68
C GLY F 67 -18.95 58.66 -11.02
N GLN F 68 -18.01 58.96 -10.13
CA GLN F 68 -17.06 60.03 -10.37
C GLN F 68 -16.22 59.74 -11.61
N GLU F 69 -16.22 60.68 -12.55
CA GLU F 69 -15.49 60.49 -13.79
C GLU F 69 -13.99 60.73 -13.60
N ASP F 70 -13.60 61.43 -12.53
CA ASP F 70 -12.20 61.72 -12.31
C ASP F 70 -11.40 60.44 -12.13
N TYR F 71 -12.01 59.42 -11.54
CA TYR F 71 -11.34 58.16 -11.27
C TYR F 71 -11.01 57.42 -12.56
N ASP F 72 -11.33 58.03 -13.71
CA ASP F 72 -10.94 57.51 -15.01
C ASP F 72 -9.44 57.59 -15.24
N ARG F 73 -8.65 57.99 -14.24
CA ARG F 73 -7.22 57.82 -14.31
C ARG F 73 -6.78 56.39 -13.98
N LEU F 74 -7.40 55.75 -12.99
CA LEU F 74 -7.01 54.39 -12.64
C LEU F 74 -8.11 53.36 -12.88
N ARG F 75 -9.30 53.80 -13.31
CA ARG F 75 -10.25 52.82 -13.83
C ARG F 75 -9.77 52.21 -15.15
N PRO F 76 -8.97 52.87 -16.00
CA PRO F 76 -8.35 52.15 -17.12
C PRO F 76 -7.24 51.20 -16.69
N LEU F 77 -6.97 51.07 -15.39
CA LEU F 77 -6.27 49.89 -14.89
C LEU F 77 -7.24 48.82 -14.46
N SER F 78 -8.41 49.23 -13.97
CA SER F 78 -9.45 48.28 -13.62
C SER F 78 -10.02 47.56 -14.84
N TYR F 79 -10.09 48.25 -15.97
CA TYR F 79 -10.60 47.63 -17.19
C TYR F 79 -9.73 46.49 -17.68
N PRO F 80 -8.40 46.62 -17.81
CA PRO F 80 -7.60 45.48 -18.21
C PRO F 80 -7.68 44.35 -17.20
N GLN F 81 -7.65 43.12 -17.72
CA GLN F 81 -7.58 41.92 -16.88
C GLN F 81 -8.76 41.83 -15.91
N THR F 82 -9.94 42.22 -16.39
CA THR F 82 -11.17 42.12 -15.64
C THR F 82 -12.14 41.21 -16.39
N ASP F 83 -12.67 40.21 -15.69
CA ASP F 83 -13.36 39.11 -16.36
C ASP F 83 -14.64 39.60 -17.04
N VAL F 84 -15.47 40.36 -16.32
CA VAL F 84 -16.67 40.93 -16.87
C VAL F 84 -16.81 42.35 -16.36
N PHE F 85 -17.90 43.00 -16.74
CA PHE F 85 -18.14 44.38 -16.35
C PHE F 85 -19.63 44.58 -16.13
N LEU F 86 -19.98 45.38 -15.13
CA LEU F 86 -21.37 45.77 -14.87
C LEU F 86 -21.54 47.24 -15.24
N ILE F 87 -22.12 47.48 -16.41
CA ILE F 87 -22.51 48.84 -16.77
C ILE F 87 -23.94 49.08 -16.31
N CYS F 88 -24.14 50.20 -15.62
CA CYS F 88 -25.32 50.40 -14.78
C CYS F 88 -25.94 51.75 -15.05
N PHE F 89 -27.25 51.78 -15.25
CA PHE F 89 -28.00 53.03 -15.39
C PHE F 89 -29.34 52.86 -14.71
N SER F 90 -30.06 53.97 -14.57
CA SER F 90 -31.40 53.97 -14.02
C SER F 90 -32.42 54.26 -15.11
N LEU F 91 -33.52 53.51 -15.09
CA LEU F 91 -34.56 53.65 -16.12
C LEU F 91 -35.40 54.91 -15.93
N VAL F 92 -35.45 55.45 -14.71
CA VAL F 92 -36.24 56.64 -14.44
C VAL F 92 -35.35 57.83 -14.16
N SER F 93 -34.03 57.65 -14.24
CA SER F 93 -33.07 58.76 -14.21
C SER F 93 -32.53 58.89 -15.63
N PRO F 94 -33.18 59.70 -16.47
CA PRO F 94 -32.70 59.83 -17.86
C PRO F 94 -31.28 60.34 -17.92
N ALA F 95 -30.90 61.24 -17.03
CA ALA F 95 -29.52 61.68 -16.96
C ALA F 95 -28.57 60.50 -16.81
N SER F 96 -28.97 59.50 -16.02
CA SER F 96 -28.17 58.27 -15.93
C SER F 96 -28.08 57.59 -17.29
N PHE F 97 -29.19 57.49 -18.01
CA PHE F 97 -29.20 56.91 -19.35
C PHE F 97 -28.15 57.58 -20.23
N GLU F 98 -28.29 58.90 -20.42
CA GLU F 98 -27.40 59.58 -21.35
C GLU F 98 -25.96 59.62 -20.85
N ASN F 99 -25.75 59.77 -19.54
CA ASN F 99 -24.40 59.72 -19.00
C ASN F 99 -23.74 58.39 -19.28
N VAL F 100 -24.48 57.29 -19.12
CA VAL F 100 -23.92 55.98 -19.43
C VAL F 100 -23.57 55.91 -20.91
N ARG F 101 -24.54 56.20 -21.78
CA ARG F 101 -24.25 56.08 -23.21
C ARG F 101 -23.17 57.04 -23.67
N ALA F 102 -22.84 58.06 -22.88
CA ALA F 102 -21.84 59.05 -23.23
C ALA F 102 -20.49 58.84 -22.54
N LYS F 103 -20.48 58.49 -21.25
CA LYS F 103 -19.25 58.24 -20.54
C LYS F 103 -19.15 56.79 -20.09
N TRP F 104 -20.12 56.29 -19.34
CA TRP F 104 -19.99 54.97 -18.74
C TRP F 104 -20.05 53.86 -19.79
N TYR F 105 -20.89 54.01 -20.82
CA TYR F 105 -20.87 53.03 -21.90
C TYR F 105 -19.60 53.15 -22.74
N PRO F 106 -19.26 54.31 -23.32
CA PRO F 106 -18.13 54.35 -24.25
C PRO F 106 -16.79 54.10 -23.58
N GLU F 107 -16.52 54.74 -22.45
CA GLU F 107 -15.20 54.59 -21.83
C GLU F 107 -14.93 53.14 -21.49
N VAL F 108 -15.92 52.46 -20.90
CA VAL F 108 -15.77 51.04 -20.59
C VAL F 108 -15.65 50.23 -21.87
N ARG F 109 -16.49 50.52 -22.86
CA ARG F 109 -16.48 49.75 -24.10
C ARG F 109 -15.14 49.84 -24.77
N HIS F 110 -14.53 51.02 -24.77
CA HIS F 110 -13.33 51.21 -25.56
C HIS F 110 -12.07 50.88 -24.79
N HIS F 111 -12.07 51.04 -23.47
CA HIS F 111 -10.96 50.53 -22.68
C HIS F 111 -10.81 49.04 -22.87
N CYS F 112 -11.93 48.34 -23.08
CA CYS F 112 -11.93 46.90 -23.32
C CYS F 112 -13.09 46.56 -24.25
N PRO F 113 -12.87 46.67 -25.56
CA PRO F 113 -13.90 46.23 -26.52
C PRO F 113 -14.06 44.73 -26.61
N ASN F 114 -13.31 43.97 -25.81
CA ASN F 114 -13.42 42.51 -25.74
C ASN F 114 -13.58 42.05 -24.29
N THR F 115 -14.84 42.05 -23.81
CA THR F 115 -15.25 41.56 -22.50
C THR F 115 -16.77 41.49 -22.46
N PRO F 116 -17.36 40.43 -21.91
CA PRO F 116 -18.82 40.43 -21.72
C PRO F 116 -19.26 41.59 -20.84
N ILE F 117 -20.31 42.28 -21.30
CA ILE F 117 -20.80 43.51 -20.69
C ILE F 117 -22.30 43.42 -20.48
N ILE F 118 -22.75 43.86 -19.33
CA ILE F 118 -24.14 43.70 -18.92
C ILE F 118 -24.69 45.06 -18.54
N LEU F 119 -25.61 45.57 -19.36
CA LEU F 119 -26.29 46.81 -19.07
C LEU F 119 -27.48 46.52 -18.18
N VAL F 120 -27.61 47.29 -17.10
CA VAL F 120 -28.68 47.07 -16.13
C VAL F 120 -29.40 48.38 -15.90
N GLY F 121 -30.73 48.32 -15.94
CA GLY F 121 -31.55 49.49 -15.68
C GLY F 121 -31.97 49.57 -14.23
N THR F 122 -31.43 50.54 -13.52
CA THR F 122 -31.76 50.72 -12.11
C THR F 122 -33.10 51.43 -11.98
N LYS F 123 -33.69 51.32 -10.80
CA LYS F 123 -34.96 51.98 -10.48
C LYS F 123 -36.06 51.58 -11.45
N LEU F 124 -36.06 50.30 -11.86
CA LEU F 124 -37.17 49.78 -12.63
C LEU F 124 -38.47 49.89 -11.84
N ASP F 125 -38.40 49.74 -10.52
CA ASP F 125 -39.57 49.96 -9.67
C ASP F 125 -40.15 51.35 -9.87
N LEU F 126 -39.30 52.31 -10.22
CA LEU F 126 -39.74 53.67 -10.46
C LEU F 126 -39.88 53.99 -11.95
N ARG F 127 -39.49 53.09 -12.85
CA ARG F 127 -39.72 53.29 -14.27
C ARG F 127 -41.21 53.42 -14.56
N ASP F 128 -42.04 52.71 -13.81
CA ASP F 128 -43.49 52.80 -13.94
C ASP F 128 -44.15 53.46 -12.73
N ASP F 129 -43.37 54.20 -11.93
CA ASP F 129 -43.90 54.87 -10.75
C ASP F 129 -44.63 56.13 -11.19
N LYS F 130 -45.96 56.13 -11.04
CA LYS F 130 -46.78 57.21 -11.57
C LYS F 130 -46.33 58.57 -11.06
N ASP F 131 -45.97 58.66 -9.77
CA ASP F 131 -45.55 59.94 -9.22
C ASP F 131 -44.19 60.36 -9.80
N THR F 132 -43.22 59.45 -9.80
CA THR F 132 -41.90 59.81 -10.32
C THR F 132 -41.97 60.05 -11.82
N ILE F 133 -42.79 59.28 -12.54
CA ILE F 133 -42.94 59.47 -13.98
C ILE F 133 -43.59 60.81 -14.29
N GLU F 134 -44.62 61.18 -13.52
CA GLU F 134 -45.25 62.48 -13.77
C GLU F 134 -44.31 63.62 -13.40
N LYS F 135 -43.44 63.40 -12.40
CA LYS F 135 -42.38 64.37 -12.15
C LYS F 135 -41.45 64.50 -13.35
N LEU F 136 -41.02 63.36 -13.90
CA LEU F 136 -40.11 63.38 -15.05
C LEU F 136 -40.74 64.08 -16.25
N LYS F 137 -42.02 63.81 -16.51
CA LYS F 137 -42.71 64.53 -17.57
C LYS F 137 -42.80 66.01 -17.26
N GLU F 138 -43.13 66.36 -16.01
CA GLU F 138 -43.07 67.76 -15.60
C GLU F 138 -41.64 68.28 -15.70
N LYS F 139 -40.66 67.45 -15.31
CA LYS F 139 -39.26 67.76 -15.53
C LYS F 139 -38.81 67.44 -16.94
N LYS F 140 -39.76 67.25 -17.86
CA LYS F 140 -39.54 66.91 -19.27
C LYS F 140 -38.46 65.86 -19.44
N LEU F 141 -38.44 64.87 -18.55
CA LEU F 141 -37.49 63.77 -18.60
C LEU F 141 -38.23 62.51 -19.03
N THR F 142 -37.69 61.80 -20.01
CA THR F 142 -38.35 60.63 -20.56
C THR F 142 -38.05 59.41 -19.69
N PRO F 143 -39.06 58.72 -19.17
CA PRO F 143 -38.82 57.46 -18.47
C PRO F 143 -38.33 56.40 -19.45
N ILE F 144 -37.09 55.96 -19.27
CA ILE F 144 -36.50 54.99 -20.18
C ILE F 144 -37.28 53.70 -20.10
N THR F 145 -37.96 53.36 -21.19
CA THR F 145 -38.73 52.13 -21.22
C THR F 145 -37.84 50.96 -21.61
N TYR F 146 -38.42 49.77 -21.52
CA TYR F 146 -37.72 48.56 -21.98
C TYR F 146 -37.20 48.67 -23.40
N PRO F 147 -37.96 49.15 -24.39
CA PRO F 147 -37.39 49.26 -25.74
C PRO F 147 -36.17 50.16 -25.82
N GLN F 148 -36.08 51.21 -25.02
CA GLN F 148 -34.91 52.09 -25.09
C GLN F 148 -33.64 51.34 -24.73
N GLY F 149 -33.65 50.65 -23.59
CA GLY F 149 -32.51 49.85 -23.21
C GLY F 149 -32.28 48.69 -24.16
N LEU F 150 -33.36 48.11 -24.69
CA LEU F 150 -33.22 47.04 -25.68
C LEU F 150 -32.46 47.54 -26.91
N ALA F 151 -32.84 48.71 -27.39
CA ALA F 151 -32.18 49.30 -28.55
C ALA F 151 -30.72 49.62 -28.26
N MET F 152 -30.45 50.21 -27.09
CA MET F 152 -29.05 50.51 -26.77
C MET F 152 -28.23 49.24 -26.64
N ALA F 153 -28.82 48.19 -26.07
CA ALA F 153 -28.11 46.92 -25.95
C ALA F 153 -27.78 46.35 -27.32
N LYS F 154 -28.78 46.21 -28.18
CA LYS F 154 -28.51 45.70 -29.53
C LYS F 154 -27.57 46.64 -30.28
N GLU F 155 -27.55 47.92 -29.92
CA GLU F 155 -26.54 48.84 -30.43
C GLU F 155 -25.14 48.37 -30.07
N ILE F 156 -24.88 48.18 -28.78
CA ILE F 156 -23.55 47.74 -28.38
C ILE F 156 -23.41 46.23 -28.42
N GLY F 157 -24.52 45.49 -28.38
CA GLY F 157 -24.42 44.04 -28.25
C GLY F 157 -23.94 43.61 -26.88
N ALA F 158 -24.46 44.23 -25.82
CA ALA F 158 -24.14 43.80 -24.47
C ALA F 158 -24.56 42.35 -24.29
N VAL F 159 -23.72 41.58 -23.57
CA VAL F 159 -23.96 40.14 -23.48
C VAL F 159 -25.32 39.87 -22.83
N LYS F 160 -25.83 40.82 -22.04
CA LYS F 160 -27.22 40.82 -21.65
C LYS F 160 -27.56 42.17 -21.04
N TYR F 161 -28.72 42.71 -21.40
CA TYR F 161 -29.23 43.93 -20.82
C TYR F 161 -30.37 43.61 -19.87
N LEU F 162 -30.35 44.23 -18.69
CA LEU F 162 -31.27 43.86 -17.63
C LEU F 162 -31.81 45.08 -16.92
N GLU F 163 -32.82 44.86 -16.09
CA GLU F 163 -33.46 45.90 -15.28
C GLU F 163 -34.02 45.23 -14.04
N CYS F 164 -33.42 45.49 -12.88
CA CYS F 164 -33.90 44.89 -11.64
C CYS F 164 -34.11 45.95 -10.55
N SER F 165 -34.30 45.50 -9.31
CA SER F 165 -34.66 46.38 -8.21
C SER F 165 -33.60 46.35 -7.12
N ALA F 166 -33.42 47.49 -6.46
CA ALA F 166 -32.46 47.65 -5.38
C ALA F 166 -33.12 47.64 -4.00
N LEU F 167 -34.07 48.54 -3.77
CA LEU F 167 -34.77 48.57 -2.49
C LEU F 167 -35.50 47.28 -2.22
N THR F 168 -36.03 46.64 -3.27
CA THR F 168 -36.85 45.46 -3.14
C THR F 168 -36.17 44.19 -3.60
N GLN F 169 -34.94 44.28 -4.11
CA GLN F 169 -34.11 43.11 -4.41
C GLN F 169 -34.72 42.25 -5.52
N ARG F 170 -35.69 42.78 -6.25
CA ARG F 170 -36.42 41.96 -7.21
C ARG F 170 -35.64 41.86 -8.51
N GLY F 171 -35.47 40.63 -8.98
CA GLY F 171 -34.64 40.35 -10.14
C GLY F 171 -33.17 40.52 -9.82
N LEU F 172 -32.89 41.23 -8.73
CA LEU F 172 -31.52 41.49 -8.30
C LEU F 172 -30.76 40.19 -8.14
N LYS F 173 -31.31 39.26 -7.36
CA LYS F 173 -30.66 37.97 -7.21
C LYS F 173 -30.55 37.26 -8.55
N THR F 174 -31.62 37.28 -9.36
CA THR F 174 -31.58 36.67 -10.67
C THR F 174 -30.55 37.34 -11.56
N VAL F 175 -30.52 38.68 -11.53
CA VAL F 175 -29.55 39.42 -12.34
C VAL F 175 -28.14 38.97 -11.98
N PHE F 176 -27.84 38.89 -10.69
CA PHE F 176 -26.51 38.46 -10.32
C PHE F 176 -26.27 36.98 -10.61
N ASP F 177 -27.34 36.18 -10.63
CA ASP F 177 -27.17 34.78 -10.97
C ASP F 177 -26.71 34.63 -12.41
N GLU F 178 -27.38 35.32 -13.32
CA GLU F 178 -26.88 35.34 -14.69
C GLU F 178 -25.52 36.03 -14.78
N ALA F 179 -25.24 36.96 -13.88
CA ALA F 179 -23.91 37.58 -13.85
C ALA F 179 -22.84 36.55 -13.54
N ILE F 180 -23.12 35.66 -12.59
CA ILE F 180 -22.15 34.63 -12.24
C ILE F 180 -22.07 33.57 -13.33
N ARG F 181 -23.22 33.11 -13.81
CA ARG F 181 -23.23 32.13 -14.89
C ARG F 181 -22.73 32.70 -16.21
N ALA F 182 -22.46 34.00 -16.26
CA ALA F 182 -21.93 34.60 -17.48
C ALA F 182 -20.62 33.94 -17.88
N VAL F 183 -19.75 33.66 -16.92
CA VAL F 183 -18.50 32.98 -17.20
C VAL F 183 -18.75 31.48 -17.09
N LEU F 184 -20.02 31.09 -17.07
CA LEU F 184 -20.40 29.69 -16.96
C LEU F 184 -21.38 29.29 -18.06
#